data_3I6W
#
_entry.id   3I6W
#
_cell.length_a   76.200
_cell.length_b   114.700
_cell.length_c   123.000
_cell.angle_alpha   84.10
_cell.angle_beta   81.20
_cell.angle_gamma   80.70
#
_symmetry.space_group_name_H-M   'P 1'
#
_entity_poly.entity_id   1
_entity_poly.type   'polypeptide(L)'
_entity_poly.pdbx_seq_one_letter_code
;ELYSIPEDQEPEDQEPEEPTPAPWARLWALQDGFANLECVNDNYWFGRDKSCEYCFDEPLLKRTDKYRTYSKKHFRIFRE
VGPKNSYIAYIEDHSGNGTFVNTELVGKGKRRPLNNNSEIALSLSRNKVFVFFDLTVDDQSVYPKALRDEYIMSKTLGSG
ACGEVKLAFERKTCKKVAIRIISKRKFAIGSAREADPALNVETEIEILKKLNHPCIIKIKNFFDAEDYYIVLELMEGGEL
FDKVVGNKRLKEATCKLYFYQMLLAVQYLHENGIIHRDLKPENVLLSSQEEDCLIKITDFGHSKILGETSLMRTLCGTPT
YLAPEVLVSVGTAGYNRAVDCWSLGVILFICLSGYPPFSEHRTQVSLKDQITSGKYNFIPEVWAEVSEKALDLVKKLLVV
DPKARFTTEEALRHPWLQDEDMKRKFQDLLSEENESTALPQVL
;
_entity_poly.pdbx_strand_id   A,B,C,D,E,F,G,H
#
# COMPACT_ATOMS: atom_id res chain seq x y z
N PRO A 23 29.23 -30.41 0.27
CA PRO A 23 30.12 -31.57 0.39
C PRO A 23 30.27 -32.28 -0.95
N TRP A 24 31.33 -31.94 -1.70
CA TRP A 24 31.51 -32.44 -3.08
C TRP A 24 32.37 -33.69 -3.21
N ALA A 25 33.12 -34.03 -2.16
CA ALA A 25 33.97 -35.22 -2.19
C ALA A 25 34.21 -35.86 -0.82
N ARG A 26 34.35 -37.19 -0.81
CA ARG A 26 34.72 -37.91 0.40
C ARG A 26 36.11 -38.52 0.28
N LEU A 27 36.89 -38.37 1.33
CA LEU A 27 38.15 -39.09 1.45
C LEU A 27 38.02 -40.10 2.55
N TRP A 28 38.26 -41.36 2.19
CA TRP A 28 38.14 -42.44 3.16
C TRP A 28 39.51 -42.98 3.57
N ALA A 29 39.86 -42.76 4.83
CA ALA A 29 41.14 -43.16 5.38
C ALA A 29 41.26 -44.68 5.36
N LEU A 30 42.46 -45.18 5.12
CA LEU A 30 42.69 -46.61 4.98
C LEU A 30 43.77 -47.10 5.93
N GLN A 31 44.32 -46.18 6.73
CA GLN A 31 45.31 -46.52 7.76
C GLN A 31 44.97 -45.80 9.05
N ASP A 32 45.44 -46.35 10.16
CA ASP A 32 45.00 -45.88 11.47
C ASP A 32 45.28 -44.40 11.73
N GLY A 33 46.49 -43.96 11.47
CA GLY A 33 46.87 -42.57 11.73
C GLY A 33 45.98 -41.50 11.09
N PHE A 34 45.29 -41.88 10.01
CA PHE A 34 44.53 -40.94 9.21
C PHE A 34 43.05 -40.93 9.53
N ALA A 35 42.45 -39.75 9.44
CA ALA A 35 41.01 -39.58 9.62
C ALA A 35 40.34 -39.32 8.29
N ASN A 36 39.04 -39.61 8.20
CA ASN A 36 38.29 -39.33 6.97
C ASN A 36 38.15 -37.84 6.73
N LEU A 37 37.98 -37.45 5.47
CA LEU A 37 37.73 -36.04 5.18
C LEU A 37 36.52 -35.85 4.26
N GLU A 38 35.64 -34.95 4.67
CA GLU A 38 34.56 -34.48 3.84
C GLU A 38 35.03 -33.21 3.16
N CYS A 39 34.97 -33.17 1.84
CA CYS A 39 35.43 -31.99 1.12
C CYS A 39 34.28 -31.08 0.78
N VAL A 40 34.22 -29.94 1.46
CA VAL A 40 33.18 -28.96 1.23
C VAL A 40 33.84 -27.74 0.64
N ASN A 41 35.04 -27.47 1.11
CA ASN A 41 35.77 -26.31 0.63
C ASN A 41 36.40 -26.54 -0.73
N ASP A 42 36.78 -25.45 -1.41
CA ASP A 42 37.29 -25.53 -2.77
C ASP A 42 38.71 -26.04 -2.85
N ASN A 43 39.42 -26.03 -1.73
CA ASN A 43 40.81 -26.48 -1.71
C ASN A 43 41.21 -27.12 -0.40
N TYR A 44 42.02 -28.18 -0.46
CA TYR A 44 42.53 -28.84 0.73
C TYR A 44 44.00 -29.24 0.54
N TRP A 45 44.87 -28.71 1.40
CA TRP A 45 46.28 -29.07 1.41
C TRP A 45 46.52 -30.20 2.41
N PHE A 46 47.36 -31.16 2.02
CA PHE A 46 47.74 -32.27 2.88
C PHE A 46 49.24 -32.29 3.11
N GLY A 47 49.65 -32.57 4.34
CA GLY A 47 51.05 -32.56 4.70
C GLY A 47 51.24 -32.37 6.19
N ARG A 48 52.51 -32.34 6.59
CA ARG A 48 52.89 -32.26 8.00
C ARG A 48 52.88 -30.83 8.52
N ASP A 49 52.90 -29.87 7.60
CA ASP A 49 52.88 -28.44 7.94
C ASP A 49 51.57 -28.06 8.62
N LYS A 50 51.69 -27.36 9.74
CA LYS A 50 50.55 -27.01 10.59
C LYS A 50 49.47 -26.20 9.85
N SER A 51 49.87 -25.55 8.76
CA SER A 51 48.97 -24.70 7.97
C SER A 51 48.12 -25.50 6.98
N CYS A 52 48.47 -26.77 6.77
CA CYS A 52 47.67 -27.67 5.92
C CYS A 52 46.31 -27.90 6.52
N GLU A 53 45.28 -27.86 5.67
CA GLU A 53 43.90 -28.08 6.09
C GLU A 53 43.76 -29.48 6.65
N TYR A 54 44.44 -30.41 6.01
CA TYR A 54 44.59 -31.76 6.53
C TYR A 54 46.05 -31.95 6.94
N CYS A 55 46.31 -31.84 8.25
CA CYS A 55 47.66 -31.93 8.78
C CYS A 55 47.97 -33.33 9.30
N PHE A 56 49.17 -33.82 9.01
CA PHE A 56 49.57 -35.17 9.43
C PHE A 56 50.10 -35.23 10.86
N ASP A 57 50.22 -34.08 11.51
CA ASP A 57 50.95 -33.95 12.80
C ASP A 57 50.41 -34.78 13.99
N GLU A 58 49.32 -35.52 13.77
CA GLU A 58 48.74 -36.37 14.80
C GLU A 58 49.72 -37.36 15.40
N PRO A 59 49.71 -37.51 16.73
CA PRO A 59 50.70 -38.28 17.47
C PRO A 59 50.76 -39.76 17.11
N LEU A 60 49.64 -40.36 16.75
CA LEU A 60 49.64 -41.76 16.32
C LEU A 60 50.31 -41.89 14.96
N LEU A 61 50.04 -40.91 14.10
CA LEU A 61 50.59 -40.85 12.76
C LEU A 61 52.09 -40.58 12.80
N LYS A 62 52.56 -39.87 13.83
CA LYS A 62 53.97 -39.49 13.96
C LYS A 62 54.92 -40.66 14.17
N ARG A 63 54.42 -41.77 14.70
CA ARG A 63 55.26 -42.92 14.98
C ARG A 63 55.18 -44.05 13.94
N THR A 64 54.60 -43.76 12.78
CA THR A 64 54.43 -44.78 11.72
C THR A 64 55.66 -44.92 10.82
N ASP A 65 56.80 -44.42 11.29
CA ASP A 65 58.09 -44.38 10.56
C ASP A 65 58.04 -43.82 9.12
N LYS A 66 57.05 -44.26 8.35
CA LYS A 66 56.78 -43.73 7.03
C LYS A 66 56.32 -42.27 7.13
N TYR A 67 56.09 -41.82 8.37
CA TYR A 67 55.72 -40.45 8.66
C TYR A 67 56.78 -39.47 8.15
N ARG A 68 58.04 -39.83 8.36
CA ARG A 68 59.16 -38.98 8.00
C ARG A 68 59.36 -38.89 6.49
N THR A 69 58.72 -39.77 5.75
CA THR A 69 58.81 -39.75 4.29
C THR A 69 57.79 -38.80 3.68
N TYR A 70 56.82 -38.38 4.50
CA TYR A 70 55.79 -37.44 4.05
C TYR A 70 56.33 -36.04 4.05
N SER A 71 55.91 -35.25 3.06
CA SER A 71 56.39 -33.87 2.90
C SER A 71 55.67 -32.89 3.80
N LYS A 72 56.16 -31.66 3.85
CA LYS A 72 55.53 -30.59 4.62
C LYS A 72 54.22 -30.18 3.95
N LYS A 73 54.30 -29.89 2.66
CA LYS A 73 53.11 -29.73 1.82
C LYS A 73 53.15 -30.86 0.82
N HIS A 74 52.59 -32.00 1.19
CA HIS A 74 52.72 -33.24 0.40
C HIS A 74 51.91 -33.23 -0.91
N PHE A 75 50.62 -32.95 -0.82
CA PHE A 75 49.75 -32.84 -2.00
C PHE A 75 48.47 -32.08 -1.70
N ARG A 76 47.81 -31.59 -2.74
CA ARG A 76 46.51 -30.96 -2.54
C ARG A 76 45.45 -31.48 -3.50
N ILE A 77 44.24 -31.60 -2.98
CA ILE A 77 43.07 -31.89 -3.78
C ILE A 77 42.28 -30.60 -3.84
N PHE A 78 41.76 -30.28 -5.03
CA PHE A 78 40.96 -29.07 -5.18
C PHE A 78 39.94 -29.18 -6.30
N ARG A 79 38.91 -28.37 -6.18
CA ARG A 79 37.81 -28.33 -7.12
C ARG A 79 37.98 -27.07 -7.96
N GLU A 80 37.83 -27.23 -9.26
CA GLU A 80 37.96 -26.10 -10.16
C GLU A 80 36.78 -26.11 -11.11
N VAL A 81 36.20 -24.93 -11.30
CA VAL A 81 35.13 -24.79 -12.27
C VAL A 81 35.72 -24.79 -13.68
N GLY A 82 35.50 -25.89 -14.40
CA GLY A 82 35.78 -25.92 -15.84
C GLY A 82 34.70 -25.10 -16.51
N PRO A 83 35.09 -24.22 -17.47
CA PRO A 83 34.20 -23.23 -18.14
C PRO A 83 33.03 -23.84 -18.94
N LYS A 84 32.41 -24.87 -18.37
CA LYS A 84 31.30 -25.61 -18.97
C LYS A 84 30.17 -25.76 -17.93
N ASN A 85 30.28 -24.98 -16.85
CA ASN A 85 29.45 -25.13 -15.66
C ASN A 85 29.61 -26.47 -14.96
N SER A 86 30.74 -27.12 -15.22
CA SER A 86 31.11 -28.38 -14.60
C SER A 86 32.26 -28.17 -13.62
N TYR A 87 32.27 -28.97 -12.56
CA TYR A 87 33.33 -28.90 -11.54
C TYR A 87 34.20 -30.16 -11.55
N ILE A 88 35.49 -29.96 -11.81
CA ILE A 88 36.43 -31.05 -11.95
C ILE A 88 37.34 -31.11 -10.72
N ALA A 89 37.53 -32.31 -10.18
CA ALA A 89 38.47 -32.51 -9.07
C ALA A 89 39.89 -32.78 -9.59
N TYR A 90 40.88 -32.17 -8.97
CA TYR A 90 42.26 -32.43 -9.30
C TYR A 90 43.03 -32.79 -8.06
N ILE A 91 44.03 -33.64 -8.23
CA ILE A 91 45.05 -33.83 -7.21
C ILE A 91 46.34 -33.22 -7.75
N GLU A 92 47.19 -32.73 -6.85
CA GLU A 92 48.42 -32.07 -7.25
C GLU A 92 49.56 -32.47 -6.34
N ASP A 93 50.56 -33.14 -6.91
CA ASP A 93 51.68 -33.66 -6.13
C ASP A 93 52.72 -32.56 -5.90
N HIS A 94 53.12 -32.38 -4.65
CA HIS A 94 54.18 -31.45 -4.28
C HIS A 94 55.25 -32.11 -3.42
N SER A 95 55.09 -33.41 -3.21
CA SER A 95 55.95 -34.18 -2.32
C SER A 95 57.22 -34.57 -3.01
N GLY A 96 58.28 -34.74 -2.21
CA GLY A 96 59.53 -35.31 -2.66
C GLY A 96 59.41 -36.80 -2.94
N ASN A 97 58.68 -37.52 -2.09
CA ASN A 97 58.61 -38.97 -2.21
C ASN A 97 57.46 -39.52 -3.04
N GLY A 98 56.56 -38.63 -3.47
CA GLY A 98 55.51 -39.01 -4.39
C GLY A 98 54.10 -39.13 -3.82
N THR A 99 53.13 -38.71 -4.63
CA THR A 99 51.73 -38.96 -4.40
C THR A 99 51.28 -39.83 -5.54
N PHE A 100 50.66 -40.95 -5.20
CA PHE A 100 50.24 -41.94 -6.19
C PHE A 100 48.72 -42.09 -6.30
N VAL A 101 48.22 -42.05 -7.52
CA VAL A 101 46.81 -42.26 -7.77
C VAL A 101 46.69 -43.60 -8.47
N ASN A 102 46.06 -44.56 -7.78
CA ASN A 102 45.92 -45.93 -8.27
C ASN A 102 47.23 -46.49 -8.78
N THR A 103 48.24 -46.48 -7.90
CA THR A 103 49.60 -46.90 -8.24
C THR A 103 50.38 -45.81 -8.98
N GLU A 104 49.75 -45.20 -9.99
CA GLU A 104 50.43 -44.25 -10.87
C GLU A 104 50.89 -43.02 -10.13
N LEU A 105 52.17 -42.66 -10.32
CA LEU A 105 52.76 -41.51 -9.66
C LEU A 105 52.30 -40.23 -10.33
N VAL A 106 51.83 -39.27 -9.54
CA VAL A 106 51.47 -37.95 -10.07
C VAL A 106 52.73 -37.17 -10.49
N GLY A 107 53.66 -37.03 -9.54
CA GLY A 107 54.93 -36.35 -9.81
C GLY A 107 55.01 -34.95 -9.24
N LYS A 108 56.16 -34.66 -8.65
CA LYS A 108 56.45 -33.35 -8.08
C LYS A 108 56.08 -32.21 -9.04
N GLY A 109 55.11 -31.39 -8.64
CA GLY A 109 54.71 -30.22 -9.42
C GLY A 109 53.66 -30.51 -10.49
N LYS A 110 53.31 -31.79 -10.68
CA LYS A 110 52.28 -32.16 -11.66
C LYS A 110 50.88 -32.20 -11.02
N ARG A 111 49.86 -32.05 -11.86
CA ARG A 111 48.49 -32.26 -11.45
C ARG A 111 47.80 -33.22 -12.38
N ARG A 112 46.67 -33.76 -11.94
CA ARG A 112 45.84 -34.63 -12.77
C ARG A 112 44.43 -34.72 -12.20
N PRO A 113 43.44 -34.94 -13.08
CA PRO A 113 42.07 -35.13 -12.67
C PRO A 113 41.97 -36.25 -11.70
N LEU A 114 41.09 -36.10 -10.73
CA LEU A 114 40.90 -37.09 -9.69
C LEU A 114 39.51 -37.69 -9.84
N ASN A 115 39.44 -38.89 -10.39
CA ASN A 115 38.14 -39.53 -10.63
C ASN A 115 37.55 -40.21 -9.40
N ASN A 116 36.29 -40.65 -9.51
CA ASN A 116 35.63 -41.40 -8.44
C ASN A 116 36.40 -42.67 -8.13
N ASN A 117 36.42 -43.07 -6.87
CA ASN A 117 37.09 -44.30 -6.44
C ASN A 117 38.58 -44.34 -6.78
N SER A 118 39.25 -43.20 -6.67
CA SER A 118 40.69 -43.16 -6.80
C SER A 118 41.35 -43.54 -5.47
N GLU A 119 42.42 -44.31 -5.54
CA GLU A 119 43.18 -44.64 -4.34
C GLU A 119 44.41 -43.75 -4.26
N ILE A 120 44.52 -43.01 -3.17
CA ILE A 120 45.66 -42.12 -2.97
C ILE A 120 46.68 -42.82 -2.06
N ALA A 121 47.89 -42.92 -2.59
CA ALA A 121 48.99 -43.56 -1.90
C ALA A 121 50.08 -42.52 -1.67
N LEU A 122 50.74 -42.61 -0.53
CA LEU A 122 51.81 -41.67 -0.18
C LEU A 122 53.21 -42.31 -0.10
N SER A 123 54.21 -41.63 -0.67
CA SER A 123 55.63 -42.03 -0.62
C SER A 123 55.96 -43.37 -1.29
N LEU A 124 55.11 -44.37 -1.09
CA LEU A 124 55.24 -45.64 -1.80
C LEU A 124 54.00 -45.86 -2.67
N SER A 125 54.20 -46.54 -3.79
CA SER A 125 53.10 -46.90 -4.67
C SER A 125 52.04 -47.74 -3.95
N ARG A 126 52.48 -48.72 -3.16
CA ARG A 126 51.55 -49.62 -2.47
C ARG A 126 50.94 -49.04 -1.18
N ASN A 127 51.51 -47.94 -0.68
CA ASN A 127 51.09 -47.35 0.60
C ASN A 127 49.80 -46.54 0.49
N LYS A 128 48.67 -47.24 0.44
CA LYS A 128 47.35 -46.62 0.27
C LYS A 128 46.92 -45.89 1.55
N VAL A 129 46.49 -44.64 1.39
CA VAL A 129 46.07 -43.85 2.53
C VAL A 129 44.58 -43.46 2.44
N PHE A 130 44.15 -43.03 1.25
CA PHE A 130 42.77 -42.58 1.04
C PHE A 130 42.09 -43.25 -0.13
N VAL A 131 40.77 -43.33 -0.06
CA VAL A 131 39.97 -43.53 -1.27
C VAL A 131 39.19 -42.26 -1.50
N PHE A 132 39.20 -41.79 -2.73
CA PHE A 132 38.50 -40.58 -3.12
C PHE A 132 37.18 -40.91 -3.80
N PHE A 133 36.13 -40.26 -3.36
CA PHE A 133 34.83 -40.45 -3.94
C PHE A 133 34.22 -39.10 -4.33
N ASP A 134 33.82 -39.00 -5.60
CA ASP A 134 33.10 -37.83 -6.09
C ASP A 134 31.67 -37.90 -5.60
N LEU A 135 31.19 -36.83 -4.97
CA LEU A 135 29.83 -36.82 -4.45
C LEU A 135 28.86 -36.10 -5.38
N THR A 136 29.40 -35.43 -6.39
CA THR A 136 28.59 -34.83 -7.43
C THR A 136 28.45 -35.79 -8.61
N VAL A 137 27.71 -36.89 -8.41
CA VAL A 137 27.46 -37.89 -9.44
C VAL A 137 25.95 -37.93 -9.70
N ASP A 138 25.21 -38.47 -8.74
CA ASP A 138 23.77 -38.38 -8.79
C ASP A 138 23.31 -37.37 -7.76
N ASP A 139 23.96 -36.21 -7.77
CA ASP A 139 23.61 -35.10 -6.91
C ASP A 139 22.26 -34.50 -7.34
N GLN A 140 21.33 -34.48 -6.40
CA GLN A 140 19.96 -34.00 -6.68
C GLN A 140 19.84 -32.50 -6.51
N SER A 141 20.86 -31.88 -5.90
CA SER A 141 20.89 -30.43 -5.66
C SER A 141 20.73 -29.61 -6.95
N VAL A 142 21.16 -30.19 -8.07
CA VAL A 142 21.14 -29.53 -9.38
C VAL A 142 19.72 -29.33 -9.83
N TYR A 143 18.97 -30.42 -9.59
CA TYR A 143 17.59 -30.45 -9.96
C TYR A 143 16.77 -29.64 -8.97
N PRO A 144 15.73 -28.96 -9.46
CA PRO A 144 14.85 -28.12 -8.62
C PRO A 144 14.11 -28.89 -7.54
N LYS A 145 13.77 -28.17 -6.46
CA LYS A 145 13.10 -28.76 -5.29
C LYS A 145 11.79 -29.48 -5.64
N ALA A 146 10.92 -28.79 -6.38
CA ALA A 146 9.60 -29.34 -6.74
C ALA A 146 9.64 -30.70 -7.44
N LEU A 147 10.70 -30.94 -8.21
CA LEU A 147 10.90 -32.21 -8.91
C LEU A 147 11.36 -33.31 -7.96
N ARG A 148 12.34 -32.98 -7.12
CA ARG A 148 12.97 -33.93 -6.21
C ARG A 148 11.99 -34.49 -5.19
N ASP A 149 10.87 -33.80 -5.00
CA ASP A 149 9.86 -34.23 -4.04
C ASP A 149 9.01 -35.36 -4.62
N GLU A 150 8.94 -35.42 -5.94
CA GLU A 150 8.14 -36.45 -6.60
C GLU A 150 9.02 -37.51 -7.26
N TYR A 151 10.27 -37.17 -7.52
CA TYR A 151 11.12 -37.99 -8.36
C TYR A 151 12.54 -38.24 -7.86
N ILE A 152 13.01 -39.46 -8.10
CA ILE A 152 14.41 -39.81 -7.89
C ILE A 152 15.04 -39.87 -9.27
N MET A 153 16.15 -39.17 -9.43
CA MET A 153 16.85 -39.11 -10.71
C MET A 153 17.85 -40.23 -10.88
N SER A 154 17.78 -40.90 -12.03
CA SER A 154 18.68 -42.02 -12.29
C SER A 154 19.57 -41.75 -13.52
N LYS A 155 19.84 -42.78 -14.30
CA LYS A 155 20.80 -42.73 -15.41
C LYS A 155 20.36 -41.78 -16.52
N THR A 156 21.33 -41.32 -17.32
CA THR A 156 21.01 -40.65 -18.59
C THR A 156 20.67 -41.73 -19.59
N LEU A 157 19.57 -41.55 -20.29
CA LEU A 157 19.23 -42.43 -21.38
C LEU A 157 19.74 -41.80 -22.68
N GLY A 158 20.80 -41.01 -22.59
CA GLY A 158 21.33 -40.32 -23.76
C GLY A 158 20.30 -39.41 -24.42
N GLU A 164 19.39 -34.94 -24.14
CA GLU A 164 19.52 -34.94 -22.69
C GLU A 164 18.24 -35.45 -21.99
N VAL A 165 18.07 -36.77 -21.97
CA VAL A 165 16.89 -37.40 -21.35
C VAL A 165 17.29 -38.43 -20.30
N LYS A 166 16.74 -38.28 -19.10
CA LYS A 166 17.11 -39.12 -17.98
C LYS A 166 16.00 -40.04 -17.50
N LEU A 167 16.40 -41.21 -17.00
CA LEU A 167 15.50 -42.09 -16.28
C LEU A 167 15.27 -41.53 -14.86
N ALA A 168 14.02 -41.62 -14.41
CA ALA A 168 13.64 -41.19 -13.06
C ALA A 168 12.61 -42.12 -12.46
N PHE A 169 12.44 -42.01 -11.15
CA PHE A 169 11.45 -42.82 -10.44
C PHE A 169 10.51 -41.97 -9.60
N GLU A 170 9.25 -42.35 -9.56
CA GLU A 170 8.29 -41.69 -8.68
C GLU A 170 8.63 -42.05 -7.24
N ARG A 171 8.83 -41.05 -6.39
CA ARG A 171 9.23 -41.29 -5.00
C ARG A 171 8.33 -42.32 -4.33
N LYS A 172 7.03 -42.18 -4.54
CA LYS A 172 6.02 -42.98 -3.86
C LYS A 172 5.84 -44.35 -4.50
N THR A 173 5.40 -44.37 -5.76
CA THR A 173 5.05 -45.63 -6.43
C THR A 173 6.26 -46.39 -6.96
N CYS A 174 7.41 -45.72 -7.02
CA CYS A 174 8.63 -46.28 -7.63
C CYS A 174 8.41 -46.79 -9.06
N LYS A 175 7.87 -45.93 -9.90
CA LYS A 175 7.57 -46.28 -11.26
C LYS A 175 8.54 -45.51 -12.15
N LYS A 176 9.08 -46.19 -13.15
CA LYS A 176 10.01 -45.55 -14.06
C LYS A 176 9.31 -44.46 -14.85
N VAL A 177 9.98 -43.33 -15.02
CA VAL A 177 9.57 -42.30 -15.98
C VAL A 177 10.80 -41.77 -16.75
N ALA A 178 10.55 -41.05 -17.85
CA ALA A 178 11.62 -40.37 -18.56
C ALA A 178 11.47 -38.86 -18.42
N ILE A 179 12.61 -38.15 -18.36
CA ILE A 179 12.60 -36.69 -18.24
C ILE A 179 13.49 -36.02 -19.27
N ARG A 180 12.88 -35.31 -20.21
CA ARG A 180 13.64 -34.48 -21.15
C ARG A 180 14.07 -33.20 -20.42
N ILE A 181 15.32 -32.78 -20.63
CA ILE A 181 15.83 -31.53 -20.07
C ILE A 181 16.35 -30.68 -21.25
N ILE A 182 16.10 -29.37 -21.24
CA ILE A 182 16.38 -28.56 -22.43
C ILE A 182 17.57 -27.56 -22.39
N SER A 183 17.39 -26.37 -21.81
CA SER A 183 18.48 -25.37 -21.65
C SER A 183 18.01 -23.97 -21.24
N LYS A 184 18.90 -22.98 -21.32
CA LYS A 184 18.55 -21.57 -21.07
C LYS A 184 17.69 -20.95 -22.18
N LEU A 199 10.36 -18.21 -23.99
CA LEU A 199 9.14 -17.50 -23.63
C LEU A 199 7.88 -18.18 -24.20
N ASN A 200 7.82 -18.32 -25.53
CA ASN A 200 6.63 -18.84 -26.21
C ASN A 200 6.51 -20.37 -26.27
N VAL A 201 7.63 -21.08 -26.42
CA VAL A 201 7.64 -22.55 -26.41
C VAL A 201 7.48 -23.08 -24.97
N GLU A 202 6.38 -22.66 -24.34
CA GLU A 202 6.09 -22.96 -22.95
C GLU A 202 4.62 -23.37 -22.83
N THR A 203 3.76 -22.69 -23.57
CA THR A 203 2.35 -23.09 -23.68
C THR A 203 2.22 -24.17 -24.75
N GLU A 204 3.26 -24.34 -25.55
CA GLU A 204 3.37 -25.43 -26.51
C GLU A 204 3.41 -26.77 -25.76
N ILE A 205 3.89 -26.71 -24.52
CA ILE A 205 3.93 -27.86 -23.64
C ILE A 205 2.53 -28.19 -23.12
N GLU A 206 1.78 -27.16 -22.74
CA GLU A 206 0.40 -27.32 -22.28
C GLU A 206 -0.44 -28.07 -23.31
N ILE A 207 -0.28 -27.70 -24.58
CA ILE A 207 -1.01 -28.31 -25.69
C ILE A 207 -0.63 -29.78 -25.85
N LEU A 208 0.63 -30.10 -25.57
CA LEU A 208 1.08 -31.49 -25.62
C LEU A 208 0.56 -32.30 -24.44
N LYS A 209 0.37 -31.63 -23.31
CA LYS A 209 -0.17 -32.29 -22.12
C LYS A 209 -1.67 -32.53 -22.25
N LYS A 210 -2.33 -31.72 -23.07
CA LYS A 210 -3.75 -31.93 -23.35
C LYS A 210 -3.98 -33.21 -24.16
N LEU A 211 -3.05 -33.54 -25.04
CA LEU A 211 -3.15 -34.72 -25.87
C LEU A 211 -3.36 -35.97 -25.03
N ASN A 212 -4.45 -36.65 -25.28
CA ASN A 212 -4.76 -37.86 -24.55
C ASN A 212 -5.20 -38.97 -25.49
N HIS A 213 -4.25 -39.82 -25.84
CA HIS A 213 -4.49 -41.00 -26.68
C HIS A 213 -3.59 -42.13 -26.22
N PRO A 214 -4.15 -43.35 -26.12
CA PRO A 214 -3.45 -44.55 -25.64
C PRO A 214 -2.29 -44.99 -26.52
N CYS A 215 -2.29 -44.60 -27.78
CA CYS A 215 -1.18 -44.91 -28.67
C CYS A 215 -0.17 -43.76 -28.79
N ILE A 216 -0.20 -42.86 -27.82
CA ILE A 216 0.61 -41.66 -27.81
C ILE A 216 1.22 -41.42 -26.42
N ILE A 217 2.50 -41.09 -26.40
CA ILE A 217 3.25 -40.84 -25.16
C ILE A 217 2.64 -39.68 -24.40
N LYS A 218 2.34 -39.91 -23.11
CA LYS A 218 1.77 -38.85 -22.25
C LYS A 218 2.85 -37.97 -21.67
N ILE A 219 2.55 -36.67 -21.61
CA ILE A 219 3.42 -35.72 -20.92
C ILE A 219 2.97 -35.68 -19.47
N LYS A 220 3.55 -36.59 -18.70
CA LYS A 220 3.13 -36.89 -17.34
C LYS A 220 3.28 -35.71 -16.38
N ASN A 221 4.27 -34.86 -16.65
CA ASN A 221 4.55 -33.71 -15.80
C ASN A 221 5.56 -32.72 -16.41
N PHE A 222 5.48 -31.46 -15.98
CA PHE A 222 6.35 -30.41 -16.51
C PHE A 222 6.94 -29.52 -15.41
N PHE A 223 8.24 -29.25 -15.51
CA PHE A 223 8.93 -28.38 -14.57
C PHE A 223 9.77 -27.33 -15.26
N ASP A 224 9.43 -26.07 -15.01
CA ASP A 224 10.19 -24.93 -15.50
C ASP A 224 10.93 -24.33 -14.31
N ALA A 225 12.24 -24.56 -14.26
CA ALA A 225 13.04 -24.04 -13.18
C ALA A 225 14.13 -23.20 -13.76
N GLU A 226 14.80 -23.75 -14.78
CA GLU A 226 15.97 -23.13 -15.36
C GLU A 226 16.35 -23.87 -16.63
N ASP A 227 15.84 -25.08 -16.76
CA ASP A 227 16.23 -25.94 -17.85
C ASP A 227 15.07 -26.59 -18.60
N TYR A 228 13.88 -26.53 -18.01
CA TYR A 228 12.72 -27.25 -18.54
C TYR A 228 12.86 -28.72 -18.29
N TYR A 229 11.96 -29.26 -17.48
CA TYR A 229 11.99 -30.68 -17.19
C TYR A 229 10.64 -31.23 -17.57
N ILE A 230 10.60 -31.98 -18.66
CA ILE A 230 9.37 -32.59 -19.15
C ILE A 230 9.38 -34.07 -18.81
N VAL A 231 8.54 -34.44 -17.85
CA VAL A 231 8.40 -35.82 -17.45
C VAL A 231 7.48 -36.53 -18.42
N LEU A 232 7.98 -37.62 -18.98
CA LEU A 232 7.26 -38.39 -19.99
C LEU A 232 7.12 -39.81 -19.53
N GLU A 233 6.37 -40.59 -20.29
CA GLU A 233 5.79 -41.84 -19.82
C GLU A 233 6.75 -43.00 -19.64
N LEU A 234 7.73 -43.17 -20.51
CA LEU A 234 8.73 -44.29 -20.44
C LEU A 234 8.14 -45.66 -20.78
N MET A 235 8.28 -46.05 -22.04
CA MET A 235 7.80 -47.36 -22.46
C MET A 235 8.84 -48.43 -22.20
N GLU A 236 8.39 -49.48 -21.54
CA GLU A 236 9.22 -50.58 -21.08
C GLU A 236 9.68 -51.51 -22.21
N GLY A 237 8.68 -52.00 -23.04
CA GLY A 237 8.90 -52.95 -24.16
C GLY A 237 9.87 -52.46 -25.20
N GLY A 238 10.46 -51.28 -24.95
CA GLY A 238 11.48 -50.69 -25.81
C GLY A 238 10.96 -50.24 -27.16
N GLU A 239 11.87 -50.09 -28.11
CA GLU A 239 11.52 -49.59 -29.45
C GLU A 239 11.04 -50.70 -30.37
N LEU A 240 10.07 -50.35 -31.22
CA LEU A 240 9.61 -51.22 -32.29
C LEU A 240 10.76 -51.52 -33.23
N PHE A 241 11.78 -50.67 -33.20
CA PHE A 241 13.02 -50.85 -33.97
C PHE A 241 13.72 -52.15 -33.61
N ASP A 242 13.92 -52.39 -32.31
CA ASP A 242 14.57 -53.60 -31.83
C ASP A 242 13.82 -54.86 -32.24
N LYS A 243 12.54 -54.72 -32.54
CA LYS A 243 11.70 -55.84 -32.90
C LYS A 243 11.90 -56.27 -34.36
N VAL A 244 12.39 -55.37 -35.20
CA VAL A 244 12.63 -55.68 -36.62
C VAL A 244 14.12 -55.70 -37.02
N VAL A 245 15.00 -55.38 -36.07
CA VAL A 245 16.45 -55.35 -36.29
C VAL A 245 17.00 -56.76 -36.60
N GLY A 246 18.02 -56.82 -37.46
CA GLY A 246 18.64 -58.08 -37.82
C GLY A 246 17.92 -58.82 -38.93
N ASN A 247 17.32 -58.07 -39.85
CA ASN A 247 16.65 -58.60 -41.04
C ASN A 247 15.50 -59.59 -40.79
N LYS A 248 15.00 -59.62 -39.55
CA LYS A 248 13.85 -60.45 -39.18
C LYS A 248 12.54 -59.67 -39.31
N ARG A 249 11.48 -60.37 -39.67
CA ARG A 249 10.18 -59.71 -39.81
C ARG A 249 9.25 -60.13 -38.68
N LEU A 250 8.21 -59.32 -38.50
CA LEU A 250 7.19 -59.57 -37.52
C LEU A 250 6.05 -60.33 -38.15
N LYS A 251 5.37 -61.13 -37.32
CA LYS A 251 4.12 -61.78 -37.65
C LYS A 251 3.14 -60.79 -38.28
N GLU A 252 2.49 -61.18 -39.38
CA GLU A 252 1.59 -60.29 -40.12
C GLU A 252 0.45 -59.81 -39.24
N ALA A 253 -0.06 -60.70 -38.40
CA ALA A 253 -1.10 -60.37 -37.44
C ALA A 253 -0.63 -59.27 -36.49
N THR A 254 0.60 -59.40 -36.00
CA THR A 254 1.17 -58.43 -35.12
C THR A 254 1.35 -57.08 -35.83
N CYS A 255 1.86 -57.10 -37.06
CA CYS A 255 2.00 -55.87 -37.85
C CYS A 255 0.71 -55.09 -37.90
N LYS A 256 -0.35 -55.79 -38.30
CA LYS A 256 -1.68 -55.22 -38.34
C LYS A 256 -2.08 -54.58 -37.00
N LEU A 257 -1.88 -55.30 -35.91
CA LEU A 257 -2.19 -54.79 -34.58
C LEU A 257 -1.42 -53.51 -34.28
N TYR A 258 -0.12 -53.50 -34.55
CA TYR A 258 0.70 -52.31 -34.31
C TYR A 258 0.35 -51.20 -35.31
N PHE A 259 0.18 -51.57 -36.57
CA PHE A 259 -0.06 -50.57 -37.59
C PHE A 259 -1.40 -49.87 -37.42
N TYR A 260 -2.39 -50.61 -36.96
CA TYR A 260 -3.70 -50.05 -36.68
C TYR A 260 -3.48 -48.95 -35.65
N GLN A 261 -2.87 -49.33 -34.51
CA GLN A 261 -2.59 -48.37 -33.45
C GLN A 261 -1.86 -47.15 -33.98
N MET A 262 -0.81 -47.40 -34.75
CA MET A 262 -0.03 -46.33 -35.37
C MET A 262 -0.93 -45.38 -36.15
N LEU A 263 -1.78 -45.95 -37.00
CA LEU A 263 -2.68 -45.15 -37.78
C LEU A 263 -3.54 -44.29 -36.88
N LEU A 264 -4.15 -44.90 -35.87
CA LEU A 264 -5.01 -44.16 -34.97
C LEU A 264 -4.24 -42.96 -34.38
N ALA A 265 -3.07 -43.25 -33.84
CA ALA A 265 -2.26 -42.24 -33.20
C ALA A 265 -1.96 -41.06 -34.13
N VAL A 266 -1.43 -41.36 -35.31
CA VAL A 266 -1.07 -40.32 -36.28
C VAL A 266 -2.30 -39.52 -36.63
N GLN A 267 -3.42 -40.20 -36.88
CA GLN A 267 -4.66 -39.51 -37.20
C GLN A 267 -5.07 -38.52 -36.10
N TYR A 268 -4.99 -38.97 -34.86
CA TYR A 268 -5.31 -38.13 -33.71
C TYR A 268 -4.42 -36.90 -33.70
N LEU A 269 -3.11 -37.13 -33.84
CA LEU A 269 -2.14 -36.04 -33.92
C LEU A 269 -2.54 -35.02 -34.98
N HIS A 270 -2.89 -35.54 -36.16
CA HIS A 270 -3.25 -34.68 -37.25
C HIS A 270 -4.40 -33.79 -36.87
N GLU A 271 -5.49 -34.37 -36.38
CA GLU A 271 -6.65 -33.54 -36.02
C GLU A 271 -6.41 -32.73 -34.76
N ASN A 272 -5.25 -32.93 -34.14
CA ASN A 272 -4.82 -32.02 -33.09
C ASN A 272 -3.71 -31.09 -33.55
N GLY A 273 -3.71 -30.81 -34.85
CA GLY A 273 -2.82 -29.83 -35.46
C GLY A 273 -1.35 -30.17 -35.39
N ILE A 274 -1.03 -31.43 -35.19
CA ILE A 274 0.36 -31.84 -35.13
C ILE A 274 0.68 -32.78 -36.27
N ILE A 275 1.67 -32.39 -37.06
CA ILE A 275 2.25 -33.29 -38.06
C ILE A 275 3.59 -33.81 -37.50
N HIS A 276 3.74 -35.13 -37.38
CA HIS A 276 4.89 -35.71 -36.70
C HIS A 276 6.20 -35.43 -37.41
N ARG A 277 6.17 -35.54 -38.74
CA ARG A 277 7.25 -35.04 -39.59
C ARG A 277 8.51 -35.94 -39.58
N ASP A 278 8.71 -36.73 -38.53
CA ASP A 278 9.78 -37.74 -38.50
C ASP A 278 9.38 -39.03 -37.76
N LEU A 279 8.74 -39.93 -38.49
CA LEU A 279 8.09 -41.08 -37.89
C LEU A 279 8.87 -42.34 -38.24
N LYS A 280 9.36 -43.05 -37.25
CA LYS A 280 10.17 -44.25 -37.54
C LYS A 280 10.11 -45.39 -36.49
N PRO A 281 10.50 -46.62 -36.87
CA PRO A 281 10.58 -47.76 -35.95
C PRO A 281 11.04 -47.41 -34.55
N GLU A 282 12.01 -46.53 -34.41
CA GLU A 282 12.51 -46.18 -33.07
C GLU A 282 11.67 -45.12 -32.37
N ASN A 283 10.76 -44.48 -33.08
CA ASN A 283 9.80 -43.54 -32.49
C ASN A 283 8.56 -44.24 -32.02
N VAL A 284 8.38 -45.49 -32.45
CA VAL A 284 7.25 -46.28 -32.05
C VAL A 284 7.70 -47.13 -30.90
N LEU A 285 7.08 -46.95 -29.74
CA LEU A 285 7.45 -47.70 -28.54
C LEU A 285 6.41 -48.76 -28.20
N LEU A 286 6.87 -49.86 -27.60
CA LEU A 286 5.99 -50.95 -27.22
C LEU A 286 5.79 -50.99 -25.72
N SER A 287 4.55 -51.18 -25.28
CA SER A 287 4.20 -51.10 -23.87
C SER A 287 4.74 -52.23 -22.98
N SER A 288 4.93 -53.42 -23.56
CA SER A 288 5.47 -54.56 -22.81
C SER A 288 6.30 -55.49 -23.68
N GLN A 289 6.84 -56.56 -23.08
CA GLN A 289 7.56 -57.61 -23.80
C GLN A 289 6.65 -58.40 -24.72
N GLU A 290 5.38 -58.54 -24.33
CA GLU A 290 4.41 -59.34 -25.06
C GLU A 290 4.17 -58.83 -26.47
N GLU A 291 3.96 -59.76 -27.40
CA GLU A 291 3.76 -59.41 -28.80
C GLU A 291 2.45 -58.65 -29.01
N ASP A 292 1.40 -59.07 -28.31
CA ASP A 292 0.16 -58.30 -28.26
C ASP A 292 0.28 -57.24 -27.17
N CYS A 293 0.47 -55.99 -27.58
CA CYS A 293 0.62 -54.89 -26.63
C CYS A 293 0.23 -53.56 -27.25
N LEU A 294 0.13 -52.53 -26.42
CA LEU A 294 -0.12 -51.18 -26.90
C LEU A 294 1.14 -50.55 -27.48
N ILE A 295 0.95 -49.79 -28.54
CA ILE A 295 2.01 -49.10 -29.23
C ILE A 295 1.91 -47.63 -28.88
N LYS A 296 3.03 -46.97 -28.65
CA LYS A 296 2.97 -45.54 -28.34
C LYS A 296 4.01 -44.74 -29.13
N ILE A 297 3.61 -43.55 -29.60
CA ILE A 297 4.47 -42.74 -30.45
C ILE A 297 5.14 -41.62 -29.67
N THR A 298 6.41 -41.34 -29.98
CA THR A 298 7.17 -40.28 -29.30
C THR A 298 7.87 -39.36 -30.29
N ASP A 299 8.65 -38.41 -29.76
CA ASP A 299 9.47 -37.48 -30.53
C ASP A 299 8.66 -36.54 -31.42
N PHE A 300 8.27 -35.39 -30.90
CA PHE A 300 7.55 -34.43 -31.74
C PHE A 300 8.43 -33.33 -32.32
N PRO A 319 16.88 -43.99 -41.33
CA PRO A 319 17.32 -42.86 -42.15
C PRO A 319 16.42 -42.60 -43.38
N THR A 320 15.95 -43.68 -43.98
CA THR A 320 15.20 -43.71 -45.24
C THR A 320 13.96 -42.80 -45.25
N TYR A 321 13.18 -42.88 -44.18
CA TYR A 321 11.77 -42.42 -44.07
C TYR A 321 11.44 -40.99 -44.53
N LEU A 322 12.38 -40.33 -45.21
CA LEU A 322 12.14 -39.03 -45.80
C LEU A 322 11.21 -39.18 -47.01
N ALA A 323 10.13 -38.40 -47.04
CA ALA A 323 9.14 -38.48 -48.12
C ALA A 323 9.67 -37.95 -49.46
N PRO A 324 9.14 -38.47 -50.58
CA PRO A 324 9.59 -38.06 -51.89
C PRO A 324 9.36 -36.58 -52.14
N GLU A 325 8.20 -36.08 -51.74
CA GLU A 325 7.86 -34.68 -51.96
C GLU A 325 8.80 -33.78 -51.17
N VAL A 326 9.29 -34.29 -50.04
CA VAL A 326 10.19 -33.51 -49.18
C VAL A 326 11.66 -33.62 -49.61
N LEU A 327 11.91 -33.95 -50.88
CA LEU A 327 13.30 -34.04 -51.39
C LEU A 327 13.56 -33.11 -52.57
N VAL A 328 12.57 -32.96 -53.44
CA VAL A 328 12.71 -32.07 -54.61
C VAL A 328 12.73 -30.60 -54.20
N ALA A 333 4.40 -25.31 -49.06
CA ALA A 333 5.73 -25.56 -48.58
C ALA A 333 6.16 -26.98 -48.89
N GLY A 334 5.25 -27.94 -48.68
CA GLY A 334 5.51 -29.37 -48.86
C GLY A 334 5.63 -30.05 -47.53
N TYR A 335 4.79 -29.60 -46.59
CA TYR A 335 4.87 -29.96 -45.17
C TYR A 335 3.55 -30.54 -44.63
N ASN A 336 2.73 -31.00 -45.57
CA ASN A 336 1.36 -31.47 -45.34
C ASN A 336 1.29 -32.85 -44.61
N ARG A 337 0.09 -33.28 -44.21
CA ARG A 337 -0.10 -34.54 -43.51
C ARG A 337 0.43 -35.74 -44.26
N ALA A 338 0.35 -35.71 -45.58
CA ALA A 338 0.71 -36.85 -46.43
C ALA A 338 2.13 -37.40 -46.19
N VAL A 339 3.01 -36.55 -45.66
CA VAL A 339 4.37 -36.96 -45.34
C VAL A 339 4.36 -38.04 -44.22
N ASP A 340 3.45 -37.92 -43.28
CA ASP A 340 3.32 -38.88 -42.20
C ASP A 340 2.80 -40.20 -42.74
N CYS A 341 1.93 -40.12 -43.75
CA CYS A 341 1.41 -41.32 -44.39
C CYS A 341 2.54 -42.08 -45.09
N TRP A 342 3.34 -41.35 -45.87
CA TRP A 342 4.53 -41.92 -46.48
C TRP A 342 5.35 -42.66 -45.43
N SER A 343 5.63 -41.99 -44.31
CA SER A 343 6.41 -42.60 -43.22
C SER A 343 5.82 -43.91 -42.70
N LEU A 344 4.51 -43.88 -42.41
CA LEU A 344 3.80 -45.08 -41.92
C LEU A 344 3.88 -46.16 -42.96
N GLY A 345 3.84 -45.77 -44.22
CA GLY A 345 4.04 -46.72 -45.32
C GLY A 345 5.37 -47.44 -45.16
N VAL A 346 6.41 -46.66 -44.95
CA VAL A 346 7.75 -47.20 -44.82
C VAL A 346 7.84 -48.10 -43.58
N ILE A 347 7.19 -47.67 -42.49
CA ILE A 347 7.19 -48.48 -41.26
C ILE A 347 6.50 -49.82 -41.52
N LEU A 348 5.32 -49.77 -42.15
CA LEU A 348 4.63 -50.98 -42.49
C LEU A 348 5.52 -51.90 -43.30
N PHE A 349 6.14 -51.35 -44.35
CA PHE A 349 7.01 -52.12 -45.22
C PHE A 349 8.07 -52.87 -44.44
N ILE A 350 8.78 -52.13 -43.59
CA ILE A 350 9.85 -52.74 -42.77
C ILE A 350 9.28 -53.83 -41.88
N CYS A 351 8.10 -53.59 -41.32
CA CYS A 351 7.47 -54.51 -40.38
C CYS A 351 7.12 -55.85 -41.01
N LEU A 352 6.42 -55.77 -42.13
CA LEU A 352 5.98 -56.96 -42.85
C LEU A 352 7.16 -57.75 -43.43
N SER A 353 8.11 -57.03 -44.01
CA SER A 353 9.15 -57.65 -44.78
C SER A 353 10.38 -57.95 -43.94
N GLY A 354 10.71 -57.05 -43.01
CA GLY A 354 11.94 -57.20 -42.20
C GLY A 354 13.17 -56.57 -42.83
N TYR A 355 12.96 -55.87 -43.94
CA TYR A 355 14.01 -55.11 -44.57
C TYR A 355 13.46 -53.77 -45.07
N PRO A 356 14.33 -52.76 -45.24
CA PRO A 356 13.85 -51.45 -45.68
C PRO A 356 13.52 -51.42 -47.18
N PRO A 357 12.54 -50.60 -47.60
CA PRO A 357 12.24 -50.46 -49.01
C PRO A 357 13.32 -49.74 -49.81
N PHE A 358 14.30 -49.10 -49.16
CA PHE A 358 15.38 -48.39 -49.85
C PHE A 358 16.75 -48.52 -49.19
N SER A 359 17.81 -48.72 -50.00
CA SER A 359 19.22 -48.73 -49.53
C SER A 359 20.17 -48.84 -50.74
N GLU A 360 21.32 -48.17 -50.66
CA GLU A 360 22.19 -47.92 -51.84
C GLU A 360 22.81 -49.14 -52.51
N HIS A 361 23.45 -49.99 -51.70
CA HIS A 361 24.26 -51.12 -52.19
C HIS A 361 25.48 -50.69 -53.02
N ARG A 362 25.25 -50.28 -54.28
CA ARG A 362 26.33 -49.84 -55.17
C ARG A 362 25.94 -48.63 -56.02
N THR A 363 26.69 -48.44 -57.12
CA THR A 363 26.40 -47.41 -58.14
C THR A 363 24.95 -47.49 -58.64
N GLN A 364 24.43 -48.72 -58.69
CA GLN A 364 23.03 -49.00 -59.02
C GLN A 364 22.05 -48.08 -58.29
N VAL A 365 21.81 -46.90 -58.88
CA VAL A 365 20.83 -45.90 -58.39
C VAL A 365 21.05 -45.44 -56.94
N SER A 366 21.18 -44.12 -56.78
CA SER A 366 21.28 -43.51 -55.45
C SER A 366 20.01 -43.71 -54.64
N LEU A 367 20.16 -43.74 -53.32
CA LEU A 367 19.01 -43.90 -52.40
C LEU A 367 17.99 -42.77 -52.54
N LYS A 368 18.49 -41.56 -52.69
CA LYS A 368 17.64 -40.39 -52.84
C LYS A 368 16.97 -40.34 -54.21
N ASP A 369 17.50 -41.12 -55.15
CA ASP A 369 16.90 -41.26 -56.49
C ASP A 369 15.84 -42.35 -56.51
N GLN A 370 16.08 -43.43 -55.76
CA GLN A 370 15.14 -44.55 -55.61
C GLN A 370 13.78 -44.06 -55.14
N ILE A 371 13.81 -43.26 -54.08
CA ILE A 371 12.62 -42.75 -53.42
C ILE A 371 11.80 -41.92 -54.40
N THR A 372 12.50 -41.03 -55.10
CA THR A 372 11.86 -40.10 -56.03
C THR A 372 11.15 -40.79 -57.20
N SER A 373 11.78 -41.81 -57.79
CA SER A 373 11.13 -42.60 -58.85
C SER A 373 10.04 -43.52 -58.29
N GLY A 374 10.16 -43.82 -57.00
CA GLY A 374 9.16 -44.61 -56.29
C GLY A 374 9.38 -46.09 -56.38
N LYS A 375 10.39 -46.49 -57.13
CA LYS A 375 10.72 -47.88 -57.34
C LYS A 375 11.40 -48.45 -56.08
N TYR A 376 10.59 -49.05 -55.21
CA TYR A 376 11.07 -49.64 -53.96
C TYR A 376 11.64 -51.03 -54.18
N ASN A 377 12.47 -51.48 -53.25
CA ASN A 377 13.10 -52.80 -53.33
C ASN A 377 12.09 -53.91 -53.04
N PHE A 378 11.87 -54.77 -54.02
CA PHE A 378 10.84 -55.79 -53.89
C PHE A 378 11.41 -57.20 -54.03
N ILE A 379 11.58 -57.89 -52.90
CA ILE A 379 12.07 -59.27 -52.89
C ILE A 379 10.89 -60.22 -52.84
N PRO A 380 10.55 -60.84 -53.98
CA PRO A 380 9.34 -61.65 -54.06
C PRO A 380 9.29 -62.77 -53.03
N GLU A 381 10.44 -63.39 -52.74
CA GLU A 381 10.54 -64.52 -51.82
C GLU A 381 10.12 -64.14 -50.42
N VAL A 382 10.37 -62.89 -50.05
CA VAL A 382 10.00 -62.39 -48.75
C VAL A 382 8.49 -62.09 -48.74
N TRP A 383 8.05 -61.30 -49.72
CA TRP A 383 6.65 -60.90 -49.86
C TRP A 383 5.74 -62.06 -50.27
N ALA A 384 6.34 -63.21 -50.59
CA ALA A 384 5.59 -64.42 -50.92
C ALA A 384 4.74 -64.89 -49.75
N GLU A 385 5.21 -64.66 -48.53
CA GLU A 385 4.39 -64.99 -47.37
C GLU A 385 3.90 -63.75 -46.61
N VAL A 386 3.44 -62.77 -47.37
CA VAL A 386 2.73 -61.62 -46.82
C VAL A 386 1.51 -61.45 -47.71
N SER A 387 0.32 -61.40 -47.09
CA SER A 387 -0.95 -61.32 -47.81
C SER A 387 -0.99 -60.22 -48.88
N GLU A 388 -1.84 -60.43 -49.89
CA GLU A 388 -1.98 -59.47 -50.98
C GLU A 388 -2.41 -58.09 -50.52
N LYS A 389 -3.37 -58.06 -49.60
CA LYS A 389 -3.91 -56.80 -49.09
C LYS A 389 -2.86 -56.02 -48.32
N ALA A 390 -2.05 -56.73 -47.53
CA ALA A 390 -0.98 -56.10 -46.80
C ALA A 390 -0.04 -55.40 -47.78
N LEU A 391 0.40 -56.11 -48.82
CA LEU A 391 1.26 -55.53 -49.87
C LEU A 391 0.56 -54.37 -50.58
N ASP A 392 -0.74 -54.51 -50.78
CA ASP A 392 -1.52 -53.49 -51.46
C ASP A 392 -1.63 -52.20 -50.66
N LEU A 393 -1.78 -52.32 -49.34
CA LEU A 393 -1.85 -51.16 -48.47
C LEU A 393 -0.54 -50.40 -48.57
N VAL A 394 0.57 -51.13 -48.36
CA VAL A 394 1.90 -50.56 -48.46
C VAL A 394 2.08 -49.86 -49.79
N LYS A 395 1.68 -50.53 -50.87
CA LYS A 395 1.72 -49.93 -52.20
C LYS A 395 1.01 -48.56 -52.26
N LYS A 396 -0.25 -48.53 -51.81
CA LYS A 396 -1.11 -47.35 -51.90
C LYS A 396 -0.65 -46.26 -50.97
N LEU A 397 0.19 -46.64 -50.01
CA LEU A 397 0.72 -45.74 -49.03
C LEU A 397 2.03 -45.13 -49.48
N LEU A 398 2.73 -45.81 -50.38
CA LEU A 398 4.05 -45.35 -50.82
C LEU A 398 4.02 -44.70 -52.21
N VAL A 399 2.93 -44.03 -52.52
CA VAL A 399 2.79 -43.33 -53.80
C VAL A 399 3.70 -42.11 -53.84
N VAL A 400 4.43 -41.94 -54.94
CA VAL A 400 5.32 -40.81 -55.14
C VAL A 400 4.56 -39.48 -55.13
N ASP A 401 3.44 -39.42 -55.84
CA ASP A 401 2.59 -38.23 -55.86
C ASP A 401 1.78 -38.15 -54.58
N PRO A 402 1.99 -37.09 -53.78
CA PRO A 402 1.38 -36.96 -52.46
C PRO A 402 -0.14 -36.80 -52.54
N LYS A 403 -0.60 -36.16 -53.62
CA LYS A 403 -2.02 -35.96 -53.89
C LYS A 403 -2.69 -37.34 -54.09
N ALA A 404 -1.91 -38.30 -54.59
CA ALA A 404 -2.41 -39.65 -54.90
C ALA A 404 -2.16 -40.65 -53.77
N ARG A 405 -1.27 -40.29 -52.85
CA ARG A 405 -1.00 -41.14 -51.69
C ARG A 405 -2.25 -41.31 -50.82
N PHE A 406 -2.40 -42.49 -50.21
CA PHE A 406 -3.47 -42.74 -49.25
C PHE A 406 -3.39 -41.81 -48.07
N THR A 407 -4.54 -41.44 -47.53
CA THR A 407 -4.58 -40.71 -46.27
C THR A 407 -4.84 -41.68 -45.11
N THR A 408 -4.65 -41.22 -43.88
CA THR A 408 -4.95 -42.02 -42.70
C THR A 408 -6.39 -42.53 -42.72
N GLU A 409 -7.37 -41.71 -43.10
CA GLU A 409 -8.74 -42.20 -43.19
C GLU A 409 -8.83 -43.31 -44.22
N GLU A 410 -8.26 -43.07 -45.40
CA GLU A 410 -8.29 -44.03 -46.49
C GLU A 410 -7.65 -45.35 -46.09
N ALA A 411 -6.50 -45.25 -45.41
CA ALA A 411 -5.78 -46.41 -44.90
C ALA A 411 -6.62 -47.23 -43.91
N LEU A 412 -7.38 -46.55 -43.05
CA LEU A 412 -8.22 -47.25 -42.11
C LEU A 412 -9.41 -47.95 -42.76
N ARG A 413 -9.77 -47.51 -43.96
CA ARG A 413 -10.84 -48.16 -44.76
C ARG A 413 -10.33 -49.33 -45.58
N HIS A 414 -9.00 -49.47 -45.65
CA HIS A 414 -8.40 -50.47 -46.51
C HIS A 414 -8.74 -51.90 -46.08
N PRO A 415 -9.12 -52.75 -47.04
CA PRO A 415 -9.46 -54.16 -46.82
C PRO A 415 -8.62 -54.85 -45.74
N TRP A 416 -7.30 -54.58 -45.72
CA TRP A 416 -6.39 -55.23 -44.78
C TRP A 416 -6.79 -54.97 -43.33
N LEU A 417 -7.19 -53.74 -43.05
CA LEU A 417 -7.55 -53.35 -41.70
C LEU A 417 -9.03 -53.61 -41.39
N GLN A 418 -9.77 -54.15 -42.35
CA GLN A 418 -11.12 -54.57 -42.11
C GLN A 418 -11.08 -55.90 -41.36
N ASP A 419 -10.74 -55.83 -40.08
CA ASP A 419 -10.45 -57.02 -39.31
C ASP A 419 -10.91 -56.82 -37.86
N GLU A 420 -12.17 -57.15 -37.58
CA GLU A 420 -12.72 -56.96 -36.23
C GLU A 420 -12.12 -57.93 -35.22
N ASP A 421 -11.47 -58.97 -35.72
CA ASP A 421 -10.80 -59.95 -34.89
C ASP A 421 -9.68 -59.28 -34.10
N MET A 422 -8.85 -58.52 -34.80
CA MET A 422 -7.75 -57.78 -34.18
C MET A 422 -8.28 -56.53 -33.47
N LYS A 423 -9.34 -55.94 -34.02
CA LYS A 423 -9.93 -54.73 -33.45
C LYS A 423 -10.44 -55.02 -32.05
N ARG A 424 -10.97 -56.24 -31.86
CA ARG A 424 -11.44 -56.70 -30.57
C ARG A 424 -10.26 -56.89 -29.64
N LYS A 425 -9.16 -57.40 -30.20
CA LYS A 425 -7.89 -57.56 -29.47
C LYS A 425 -7.41 -56.22 -28.94
N PHE A 426 -7.55 -55.19 -29.77
CA PHE A 426 -7.13 -53.83 -29.44
C PHE A 426 -7.97 -53.27 -28.29
N GLN A 427 -9.28 -53.41 -28.40
CA GLN A 427 -10.21 -53.02 -27.33
C GLN A 427 -9.86 -53.67 -26.00
N ASP A 428 -9.56 -54.98 -26.05
CA ASP A 428 -9.09 -55.74 -24.89
C ASP A 428 -7.89 -55.09 -24.24
N LEU A 429 -6.95 -54.63 -25.08
CA LEU A 429 -5.70 -54.06 -24.60
C LEU A 429 -5.94 -52.70 -23.95
N LEU A 430 -6.97 -52.01 -24.41
CA LEU A 430 -7.40 -50.77 -23.78
C LEU A 430 -7.93 -50.99 -22.37
N SER A 431 -8.45 -52.18 -22.11
CA SER A 431 -8.81 -52.58 -20.75
C SER A 431 -7.57 -53.03 -19.97
N GLU A 432 -6.75 -52.04 -19.61
CA GLU A 432 -5.55 -52.23 -18.80
C GLU A 432 -5.10 -50.84 -18.36
N PRO B 23 33.14 -55.69 -9.79
CA PRO B 23 32.83 -54.88 -8.60
C PRO B 23 32.05 -53.62 -8.99
N TRP B 24 30.72 -53.69 -8.91
CA TRP B 24 29.85 -52.60 -9.39
C TRP B 24 29.45 -51.58 -8.34
N ALA B 25 29.65 -51.90 -7.06
CA ALA B 25 29.26 -51.00 -5.96
C ALA B 25 30.07 -51.20 -4.68
N ARG B 26 30.28 -50.11 -3.96
CA ARG B 26 30.93 -50.17 -2.66
C ARG B 26 29.99 -49.78 -1.56
N LEU B 27 30.03 -50.53 -0.47
CA LEU B 27 29.31 -50.17 0.74
C LEU B 27 30.32 -49.85 1.81
N TRP B 28 30.21 -48.64 2.34
CA TRP B 28 31.16 -48.18 3.32
C TRP B 28 30.51 -48.13 4.70
N ALA B 29 30.97 -49.01 5.59
CA ALA B 29 30.45 -49.12 6.93
C ALA B 29 30.72 -47.84 7.71
N LEU B 30 29.76 -47.46 8.55
CA LEU B 30 29.87 -46.22 9.30
C LEU B 30 29.76 -46.43 10.82
N GLN B 31 29.64 -47.70 11.23
CA GLN B 31 29.64 -48.07 12.64
C GLN B 31 30.52 -49.27 12.84
N ASP B 32 31.04 -49.43 14.07
CA ASP B 32 32.06 -50.43 14.36
C ASP B 32 31.66 -51.86 14.03
N GLY B 33 30.44 -52.26 14.42
CA GLY B 33 29.97 -53.63 14.19
C GLY B 33 29.98 -54.10 12.74
N PHE B 34 29.92 -53.14 11.83
CA PHE B 34 29.79 -53.43 10.41
C PHE B 34 31.10 -53.38 9.63
N ALA B 35 31.20 -54.26 8.63
CA ALA B 35 32.36 -54.29 7.73
C ALA B 35 31.96 -53.74 6.37
N ASN B 36 32.93 -53.26 5.60
CA ASN B 36 32.66 -52.77 4.25
C ASN B 36 32.27 -53.89 3.32
N LEU B 37 31.52 -53.57 2.27
CA LEU B 37 31.19 -54.57 1.28
C LEU B 37 31.45 -54.12 -0.14
N GLU B 38 32.18 -54.95 -0.87
CA GLU B 38 32.36 -54.79 -2.30
C GLU B 38 31.27 -55.59 -3.00
N CYS B 39 30.50 -54.95 -3.86
CA CYS B 39 29.43 -55.63 -4.56
C CYS B 39 29.86 -56.07 -5.94
N VAL B 40 30.06 -57.38 -6.09
CA VAL B 40 30.45 -57.97 -7.36
C VAL B 40 29.28 -58.80 -7.86
N ASN B 41 28.61 -59.46 -6.93
CA ASN B 41 27.48 -60.30 -7.27
C ASN B 41 26.22 -59.49 -7.59
N ASP B 42 25.26 -60.12 -8.25
CA ASP B 42 24.06 -59.43 -8.68
C ASP B 42 23.06 -59.15 -7.57
N ASN B 43 23.20 -59.84 -6.43
CA ASN B 43 22.29 -59.67 -5.31
C ASN B 43 22.99 -59.85 -3.97
N TYR B 44 22.60 -59.03 -3.00
CA TYR B 44 23.10 -59.15 -1.63
C TYR B 44 21.99 -58.94 -0.61
N TRP B 45 21.75 -59.94 0.23
CA TRP B 45 20.81 -59.84 1.33
C TRP B 45 21.51 -59.42 2.61
N PHE B 46 20.86 -58.55 3.38
CA PHE B 46 21.39 -58.08 4.66
C PHE B 46 20.42 -58.40 5.78
N GLY B 47 20.97 -58.83 6.91
CA GLY B 47 20.14 -59.20 8.03
C GLY B 47 20.85 -60.13 8.98
N ARG B 48 20.13 -60.56 10.02
CA ARG B 48 20.69 -61.40 11.07
C ARG B 48 20.69 -62.87 10.71
N ASP B 49 19.86 -63.24 9.73
CA ASP B 49 19.74 -64.62 9.27
C ASP B 49 21.05 -65.10 8.65
N LYS B 50 21.50 -66.28 9.06
CA LYS B 50 22.80 -66.83 8.66
C LYS B 50 22.95 -66.98 7.15
N SER B 51 21.82 -67.04 6.44
CA SER B 51 21.79 -67.24 5.00
C SER B 51 22.01 -65.96 4.21
N CYS B 52 21.93 -64.81 4.89
CA CYS B 52 22.19 -63.50 4.28
C CYS B 52 23.63 -63.40 3.85
N GLU B 53 23.87 -62.89 2.65
CA GLU B 53 25.21 -62.72 2.14
C GLU B 53 26.01 -61.79 3.05
N TYR B 54 25.34 -60.75 3.53
CA TYR B 54 25.86 -59.89 4.56
C TYR B 54 25.07 -60.16 5.83
N CYS B 55 25.66 -60.96 6.72
CA CYS B 55 25.03 -61.33 7.98
C CYS B 55 25.46 -60.43 9.15
N PHE B 56 24.50 -60.06 9.99
CA PHE B 56 24.77 -59.17 11.12
C PHE B 56 25.27 -59.92 12.35
N ASP B 57 25.30 -61.25 12.29
CA ASP B 57 25.53 -62.10 13.47
C ASP B 57 26.87 -61.92 14.22
N GLU B 58 27.73 -61.02 13.73
CA GLU B 58 29.01 -60.72 14.36
C GLU B 58 28.88 -60.34 15.83
N PRO B 59 29.76 -60.88 16.69
CA PRO B 59 29.65 -60.75 18.14
C PRO B 59 29.75 -59.32 18.65
N LEU B 60 30.52 -58.47 17.98
CA LEU B 60 30.59 -57.05 18.36
C LEU B 60 29.28 -56.35 18.04
N LEU B 61 28.71 -56.71 16.91
CA LEU B 61 27.44 -56.16 16.43
C LEU B 61 26.28 -56.62 17.31
N LYS B 62 26.40 -57.81 17.89
CA LYS B 62 25.32 -58.41 18.71
C LYS B 62 25.04 -57.66 20.00
N ARG B 63 26.02 -56.91 20.49
CA ARG B 63 25.84 -56.20 21.77
C ARG B 63 25.54 -54.70 21.59
N THR B 64 25.18 -54.27 20.38
CA THR B 64 24.90 -52.84 20.14
C THR B 64 23.46 -52.44 20.46
N ASP B 65 22.77 -53.27 21.26
CA ASP B 65 21.34 -53.11 21.63
C ASP B 65 20.35 -52.85 20.48
N LYS B 66 20.73 -51.94 19.58
CA LYS B 66 19.98 -51.70 18.35
C LYS B 66 20.02 -52.93 17.45
N TYR B 67 20.85 -53.91 17.83
CA TYR B 67 20.98 -55.17 17.13
C TYR B 67 19.64 -55.87 17.06
N ARG B 68 18.93 -55.86 18.18
CA ARG B 68 17.67 -56.57 18.28
C ARG B 68 16.56 -55.91 17.48
N THR B 69 16.81 -54.70 17.00
CA THR B 69 15.82 -53.99 16.19
C THR B 69 15.97 -54.36 14.72
N TYR B 70 17.08 -55.00 14.39
CA TYR B 70 17.36 -55.43 13.02
C TYR B 70 16.59 -56.70 12.70
N SER B 71 16.12 -56.80 11.47
CA SER B 71 15.33 -57.95 11.05
C SER B 71 16.19 -59.14 10.66
N LYS B 72 15.54 -60.30 10.44
CA LYS B 72 16.24 -61.49 9.99
C LYS B 72 16.70 -61.31 8.54
N LYS B 73 15.76 -60.93 7.68
CA LYS B 73 16.09 -60.47 6.34
C LYS B 73 15.72 -58.99 6.29
N HIS B 74 16.66 -58.14 6.66
CA HIS B 74 16.36 -56.71 6.85
C HIS B 74 16.13 -55.95 5.54
N PHE B 75 17.11 -56.03 4.63
CA PHE B 75 17.01 -55.40 3.31
C PHE B 75 17.94 -56.05 2.30
N ARG B 76 17.66 -55.87 1.00
CA ARG B 76 18.59 -56.29 -0.03
C ARG B 76 18.93 -55.21 -1.07
N ILE B 77 20.20 -55.21 -1.48
CA ILE B 77 20.66 -54.39 -2.56
C ILE B 77 20.87 -55.34 -3.71
N PHE B 78 20.47 -54.92 -4.90
CA PHE B 78 20.67 -55.74 -6.08
C PHE B 78 20.76 -54.92 -7.35
N ARG B 79 21.40 -55.53 -8.33
CA ARG B 79 21.64 -54.94 -9.63
C ARG B 79 20.68 -55.60 -10.60
N GLU B 80 20.03 -54.79 -11.42
CA GLU B 80 19.10 -55.32 -12.40
C GLU B 80 19.39 -54.68 -13.74
N VAL B 81 19.43 -55.49 -14.78
CA VAL B 81 19.59 -54.98 -16.12
C VAL B 81 18.27 -54.35 -16.59
N GLY B 82 18.26 -53.02 -16.66
CA GLY B 82 17.18 -52.30 -17.32
C GLY B 82 17.36 -52.52 -18.81
N PRO B 83 16.26 -52.82 -19.54
CA PRO B 83 16.28 -53.20 -20.98
C PRO B 83 16.78 -52.11 -21.94
N LYS B 84 17.86 -51.43 -21.53
CA LYS B 84 18.49 -50.34 -22.27
C LYS B 84 20.01 -50.58 -22.29
N ASN B 85 20.41 -51.79 -21.94
CA ASN B 85 21.81 -52.16 -21.69
C ASN B 85 22.44 -51.39 -20.54
N SER B 86 21.59 -50.87 -19.67
CA SER B 86 22.01 -50.16 -18.46
C SER B 86 21.71 -50.99 -17.22
N TYR B 87 22.55 -50.84 -16.20
CA TYR B 87 22.37 -51.57 -14.94
C TYR B 87 22.01 -50.62 -13.81
N ILE B 88 20.85 -50.85 -13.22
CA ILE B 88 20.32 -49.99 -12.16
C ILE B 88 20.41 -50.69 -10.79
N ALA B 89 20.88 -49.97 -9.80
CA ALA B 89 20.95 -50.49 -8.44
C ALA B 89 19.64 -50.23 -7.74
N TYR B 90 19.14 -51.20 -6.98
CA TYR B 90 17.95 -51.00 -6.16
C TYR B 90 18.23 -51.43 -4.74
N ILE B 91 17.59 -50.77 -3.80
CA ILE B 91 17.51 -51.27 -2.43
C ILE B 91 16.05 -51.70 -2.20
N GLU B 92 15.86 -52.71 -1.36
CA GLU B 92 14.52 -53.23 -1.09
C GLU B 92 14.33 -53.54 0.40
N ASP B 93 13.41 -52.81 1.03
CA ASP B 93 13.22 -52.91 2.46
C ASP B 93 12.32 -54.10 2.76
N HIS B 94 12.76 -54.93 3.69
CA HIS B 94 11.95 -56.06 4.15
C HIS B 94 11.84 -56.09 5.67
N SER B 95 12.43 -55.07 6.29
CA SER B 95 12.51 -54.98 7.74
C SER B 95 11.22 -54.47 8.36
N GLY B 96 10.99 -54.88 9.60
CA GLY B 96 9.89 -54.36 10.40
C GLY B 96 10.15 -52.95 10.86
N ASN B 97 11.40 -52.66 11.23
CA ASN B 97 11.72 -51.36 11.79
C ASN B 97 12.22 -50.31 10.81
N GLY B 98 12.38 -50.70 9.55
CA GLY B 98 12.71 -49.76 8.48
C GLY B 98 14.14 -49.78 7.96
N THR B 99 14.25 -49.60 6.65
CA THR B 99 15.50 -49.30 5.99
C THR B 99 15.36 -47.88 5.41
N PHE B 100 16.32 -47.04 5.74
CA PHE B 100 16.24 -45.64 5.32
C PHE B 100 17.34 -45.24 4.32
N VAL B 101 16.93 -44.61 3.23
CA VAL B 101 17.88 -44.06 2.29
C VAL B 101 17.86 -42.54 2.41
N ASN B 102 18.99 -41.98 2.83
CA ASN B 102 19.12 -40.55 3.11
C ASN B 102 17.96 -40.01 3.95
N THR B 103 17.77 -40.60 5.13
CA THR B 103 16.64 -40.26 5.99
C THR B 103 15.33 -40.91 5.55
N GLU B 104 15.03 -40.85 4.25
CA GLU B 104 13.75 -41.31 3.72
C GLU B 104 13.57 -42.82 3.89
N LEU B 105 12.41 -43.20 4.43
CA LEU B 105 12.10 -44.60 4.68
C LEU B 105 11.71 -45.28 3.40
N VAL B 106 12.31 -46.43 3.12
CA VAL B 106 11.94 -47.22 1.95
C VAL B 106 10.58 -47.87 2.15
N GLY B 107 10.43 -48.60 3.24
CA GLY B 107 9.15 -49.20 3.60
C GLY B 107 9.12 -50.70 3.35
N LYS B 108 8.52 -51.43 4.30
CA LYS B 108 8.33 -52.89 4.23
C LYS B 108 7.75 -53.29 2.89
N GLY B 109 8.52 -54.05 2.11
CA GLY B 109 8.05 -54.58 0.84
C GLY B 109 8.22 -53.65 -0.34
N LYS B 110 8.68 -52.43 -0.09
CA LYS B 110 8.95 -51.47 -1.17
C LYS B 110 10.41 -51.52 -1.67
N ARG B 111 10.60 -51.11 -2.92
CA ARG B 111 11.93 -50.96 -3.46
C ARG B 111 12.12 -49.54 -4.01
N ARG B 112 13.37 -49.14 -4.20
CA ARG B 112 13.68 -47.88 -4.86
C ARG B 112 15.10 -47.87 -5.40
N PRO B 113 15.34 -47.09 -6.47
CA PRO B 113 16.66 -46.95 -7.03
C PRO B 113 17.61 -46.48 -5.98
N LEU B 114 18.83 -46.99 -6.03
CA LEU B 114 19.87 -46.64 -5.08
C LEU B 114 20.97 -45.86 -5.79
N ASN B 115 20.96 -44.54 -5.63
CA ASN B 115 21.93 -43.69 -6.33
C ASN B 115 23.30 -43.64 -5.66
N ASN B 116 24.27 -43.01 -6.33
CA ASN B 116 25.61 -42.85 -5.76
C ASN B 116 25.55 -42.03 -4.49
N ASN B 117 26.42 -42.32 -3.53
CA ASN B 117 26.47 -41.60 -2.26
C ASN B 117 25.13 -41.60 -1.48
N SER B 118 24.45 -42.73 -1.50
CA SER B 118 23.28 -42.92 -0.67
C SER B 118 23.68 -43.38 0.73
N GLU B 119 23.04 -42.83 1.75
CA GLU B 119 23.29 -43.26 3.12
C GLU B 119 22.22 -44.22 3.54
N ILE B 120 22.64 -45.43 3.89
CA ILE B 120 21.70 -46.44 4.36
C ILE B 120 21.66 -46.45 5.90
N ALA B 121 20.45 -46.25 6.42
CA ALA B 121 20.22 -46.23 7.85
C ALA B 121 19.30 -47.39 8.21
N LEU B 122 19.54 -48.01 9.37
CA LEU B 122 18.70 -49.11 9.84
C LEU B 122 17.86 -48.81 11.08
N SER B 123 16.60 -49.24 11.07
CA SER B 123 15.67 -49.13 12.22
C SER B 123 15.33 -47.70 12.67
N LEU B 124 16.34 -46.83 12.69
CA LEU B 124 16.13 -45.41 12.92
C LEU B 124 16.56 -44.61 11.71
N SER B 125 15.87 -43.52 11.45
CA SER B 125 16.24 -42.59 10.40
C SER B 125 17.68 -42.07 10.55
N ARG B 126 18.08 -41.72 11.76
CA ARG B 126 19.41 -41.16 11.99
C ARG B 126 20.53 -42.20 12.10
N ASN B 127 20.16 -43.48 12.26
CA ASN B 127 21.11 -44.57 12.48
C ASN B 127 21.80 -45.01 11.18
N LYS B 128 22.80 -44.24 10.75
CA LYS B 128 23.51 -44.49 9.50
C LYS B 128 24.44 -45.68 9.65
N VAL B 129 24.39 -46.58 8.67
CA VAL B 129 25.19 -47.80 8.73
C VAL B 129 26.15 -47.84 7.53
N PHE B 130 25.63 -47.58 6.34
CA PHE B 130 26.41 -47.65 5.12
C PHE B 130 26.37 -46.38 4.27
N VAL B 131 27.44 -46.15 3.50
CA VAL B 131 27.34 -45.27 2.35
C VAL B 131 27.47 -46.12 1.11
N PHE B 132 26.57 -45.90 0.16
CA PHE B 132 26.56 -46.65 -1.08
C PHE B 132 27.20 -45.82 -2.18
N PHE B 133 28.13 -46.45 -2.89
CA PHE B 133 28.79 -45.83 -4.02
C PHE B 133 28.69 -46.68 -5.29
N ASP B 134 28.17 -46.07 -6.35
CA ASP B 134 28.11 -46.69 -7.66
C ASP B 134 29.50 -46.66 -8.27
N LEU B 135 29.98 -47.82 -8.71
CA LEU B 135 31.32 -47.90 -9.28
C LEU B 135 31.30 -47.91 -10.80
N THR B 136 30.10 -48.06 -11.37
CA THR B 136 29.94 -47.92 -12.81
C THR B 136 29.51 -46.47 -13.08
N VAL B 137 30.38 -45.49 -12.71
CA VAL B 137 30.10 -44.04 -12.85
C VAL B 137 31.09 -43.43 -13.82
N ASP B 138 32.33 -43.27 -13.39
CA ASP B 138 33.40 -42.89 -14.30
C ASP B 138 34.28 -44.09 -14.59
N ASP B 139 33.63 -45.20 -14.90
CA ASP B 139 34.30 -46.43 -15.24
C ASP B 139 34.96 -46.29 -16.60
N GLN B 140 36.26 -46.51 -16.62
CA GLN B 140 37.07 -46.36 -17.83
C GLN B 140 37.07 -47.63 -18.70
N SER B 141 36.60 -48.74 -18.13
CA SER B 141 36.53 -50.03 -18.81
C SER B 141 35.74 -49.96 -20.11
N VAL B 142 34.77 -49.03 -20.17
CA VAL B 142 33.91 -48.86 -21.34
C VAL B 142 34.68 -48.44 -22.60
N TYR B 143 35.70 -47.60 -22.43
CA TYR B 143 36.49 -47.07 -23.52
C TYR B 143 37.58 -48.03 -23.96
N PRO B 144 38.00 -47.97 -25.25
CA PRO B 144 39.08 -48.78 -25.81
C PRO B 144 40.45 -48.43 -25.23
N LYS B 145 41.29 -49.45 -25.08
CA LYS B 145 42.60 -49.31 -24.45
C LYS B 145 43.43 -48.20 -25.09
N ALA B 146 43.44 -48.16 -26.42
CA ALA B 146 44.18 -47.14 -27.18
C ALA B 146 43.87 -45.72 -26.69
N LEU B 147 42.62 -45.48 -26.32
CA LEU B 147 42.18 -44.19 -25.85
C LEU B 147 42.61 -43.95 -24.43
N ARG B 148 42.38 -44.95 -23.59
CA ARG B 148 42.69 -44.86 -22.17
C ARG B 148 44.17 -44.70 -21.90
N ASP B 149 45.00 -45.18 -22.83
CA ASP B 149 46.45 -45.06 -22.69
C ASP B 149 46.88 -43.60 -22.74
N GLU B 150 46.14 -42.79 -23.50
CA GLU B 150 46.48 -41.39 -23.68
C GLU B 150 45.58 -40.39 -22.98
N TYR B 151 44.36 -40.82 -22.66
CA TYR B 151 43.33 -39.91 -22.16
C TYR B 151 42.58 -40.41 -20.93
N ILE B 152 42.39 -39.52 -19.96
CA ILE B 152 41.48 -39.73 -18.85
C ILE B 152 40.16 -39.07 -19.25
N MET B 153 39.09 -39.85 -19.31
CA MET B 153 37.79 -39.30 -19.72
C MET B 153 37.13 -38.63 -18.55
N SER B 154 36.53 -37.47 -18.81
CA SER B 154 35.87 -36.70 -17.74
C SER B 154 34.38 -36.50 -18.00
N LYS B 155 33.88 -35.32 -17.65
CA LYS B 155 32.44 -35.01 -17.70
C LYS B 155 31.94 -34.87 -19.12
N THR B 156 30.66 -35.17 -19.31
CA THR B 156 30.02 -35.02 -20.62
C THR B 156 29.74 -33.55 -20.85
N LEU B 157 29.59 -33.15 -22.11
CA LEU B 157 29.22 -31.79 -22.48
C LEU B 157 28.15 -31.90 -23.57
N GLY B 158 27.43 -33.03 -23.54
CA GLY B 158 26.22 -33.29 -24.33
C GLY B 158 26.46 -33.79 -25.74
N GLU B 164 27.14 -37.33 -28.51
CA GLU B 164 27.77 -37.17 -27.19
C GLU B 164 29.24 -36.67 -27.25
N VAL B 165 29.48 -35.50 -26.65
CA VAL B 165 30.85 -34.96 -26.60
C VAL B 165 31.34 -34.79 -25.16
N LYS B 166 32.22 -35.70 -24.74
CA LYS B 166 32.78 -35.72 -23.39
C LYS B 166 34.12 -34.99 -23.27
N LEU B 167 34.38 -34.46 -22.08
CA LEU B 167 35.65 -33.85 -21.76
C LEU B 167 36.61 -34.96 -21.43
N ALA B 168 37.89 -34.73 -21.74
CA ALA B 168 38.94 -35.70 -21.43
C ALA B 168 40.22 -34.97 -21.20
N PHE B 169 41.16 -35.66 -20.57
CA PHE B 169 42.45 -35.08 -20.25
C PHE B 169 43.58 -35.90 -20.84
N GLU B 170 44.48 -35.22 -21.56
CA GLU B 170 45.73 -35.83 -22.00
C GLU B 170 46.45 -36.31 -20.77
N ARG B 171 46.83 -37.58 -20.78
CA ARG B 171 47.38 -38.23 -19.59
C ARG B 171 48.66 -37.56 -19.08
N LYS B 172 49.56 -37.24 -20.01
CA LYS B 172 50.86 -36.66 -19.66
C LYS B 172 50.81 -35.16 -19.40
N THR B 173 50.27 -34.39 -20.35
CA THR B 173 50.23 -32.93 -20.22
C THR B 173 49.12 -32.44 -19.30
N CYS B 174 48.02 -33.19 -19.25
CA CYS B 174 46.79 -32.79 -18.56
C CYS B 174 46.06 -31.66 -19.33
N LYS B 175 46.29 -31.63 -20.64
CA LYS B 175 45.62 -30.67 -21.50
C LYS B 175 44.18 -31.13 -21.69
N LYS B 176 43.24 -30.22 -21.41
CA LYS B 176 41.83 -30.50 -21.63
C LYS B 176 41.58 -30.61 -23.13
N VAL B 177 40.93 -31.69 -23.55
CA VAL B 177 40.49 -31.83 -24.92
C VAL B 177 39.05 -32.31 -24.97
N ALA B 178 38.43 -32.17 -26.14
CA ALA B 178 37.05 -32.66 -26.32
C ALA B 178 37.07 -33.97 -27.11
N ILE B 179 36.24 -34.93 -26.71
CA ILE B 179 36.17 -36.19 -27.44
C ILE B 179 34.75 -36.46 -27.90
N ARG B 180 34.54 -36.40 -29.22
CA ARG B 180 33.23 -36.67 -29.76
C ARG B 180 33.10 -38.17 -29.93
N ILE B 181 32.09 -38.75 -29.28
CA ILE B 181 31.80 -40.19 -29.41
C ILE B 181 30.56 -40.38 -30.28
N ILE B 182 30.56 -41.35 -31.22
CA ILE B 182 29.38 -41.55 -32.11
C ILE B 182 28.57 -42.86 -31.89
N SER B 183 28.54 -43.79 -32.86
CA SER B 183 27.59 -44.93 -32.78
C SER B 183 28.02 -46.23 -33.51
N LYS B 184 27.04 -47.08 -33.86
CA LYS B 184 27.32 -48.28 -34.66
C LYS B 184 27.64 -47.96 -36.13
N LEU B 199 31.56 -47.19 -43.48
CA LEU B 199 32.82 -47.90 -43.44
C LEU B 199 33.97 -46.91 -43.58
N ASN B 200 33.93 -46.10 -44.64
CA ASN B 200 34.99 -45.11 -44.98
C ASN B 200 34.89 -43.75 -44.27
N VAL B 201 34.20 -43.73 -43.12
CA VAL B 201 33.96 -42.52 -42.33
C VAL B 201 35.14 -42.34 -41.38
N GLU B 202 36.30 -42.10 -41.98
CA GLU B 202 37.58 -42.38 -41.36
C GLU B 202 38.60 -41.71 -42.26
N THR B 203 38.41 -41.89 -43.56
CA THR B 203 39.06 -41.09 -44.59
C THR B 203 38.64 -39.65 -44.35
N GLU B 204 37.34 -39.42 -44.16
CA GLU B 204 36.80 -38.10 -43.86
C GLU B 204 37.57 -37.50 -42.72
N ILE B 205 37.72 -38.26 -41.65
CA ILE B 205 38.49 -37.81 -40.49
C ILE B 205 39.92 -37.44 -40.89
N GLU B 206 40.56 -38.28 -41.70
CA GLU B 206 41.92 -38.04 -42.11
C GLU B 206 42.02 -36.76 -42.91
N ILE B 207 40.99 -36.48 -43.69
CA ILE B 207 40.93 -35.28 -44.49
C ILE B 207 40.80 -34.09 -43.55
N LEU B 208 39.83 -34.12 -42.64
CA LEU B 208 39.61 -33.02 -41.73
C LEU B 208 40.89 -32.80 -40.90
N LYS B 209 41.65 -33.86 -40.75
CA LYS B 209 42.87 -33.80 -39.99
C LYS B 209 43.92 -33.05 -40.80
N LYS B 210 43.79 -33.06 -42.12
CA LYS B 210 44.74 -32.37 -43.00
C LYS B 210 44.63 -30.84 -42.86
N LEU B 211 43.45 -30.36 -42.45
CA LEU B 211 43.18 -28.93 -42.31
C LEU B 211 44.08 -28.30 -41.27
N ASN B 212 44.83 -27.30 -41.66
CA ASN B 212 45.78 -26.71 -40.74
C ASN B 212 45.81 -25.19 -40.80
N HIS B 213 44.87 -24.57 -40.10
CA HIS B 213 44.69 -23.14 -40.05
C HIS B 213 44.41 -22.78 -38.61
N PRO B 214 45.03 -21.69 -38.11
CA PRO B 214 44.82 -21.24 -36.74
C PRO B 214 43.37 -20.83 -36.38
N CYS B 215 42.52 -20.64 -37.38
CA CYS B 215 41.14 -20.22 -37.14
C CYS B 215 40.15 -21.37 -37.32
N ILE B 216 40.67 -22.58 -37.32
CA ILE B 216 39.88 -23.78 -37.58
C ILE B 216 40.27 -24.86 -36.58
N ILE B 217 39.27 -25.41 -35.91
CA ILE B 217 39.46 -26.39 -34.84
C ILE B 217 40.35 -27.55 -35.28
N LYS B 218 41.43 -27.80 -34.53
CA LYS B 218 42.31 -28.92 -34.86
C LYS B 218 41.71 -30.26 -34.41
N ILE B 219 41.73 -31.24 -35.29
CA ILE B 219 41.35 -32.59 -34.92
C ILE B 219 42.58 -33.31 -34.42
N LYS B 220 42.69 -33.35 -33.10
CA LYS B 220 43.86 -33.82 -32.42
C LYS B 220 44.08 -35.35 -32.55
N ASN B 221 43.01 -36.09 -32.83
CA ASN B 221 43.10 -37.56 -32.82
C ASN B 221 41.79 -38.26 -33.18
N PHE B 222 41.88 -39.57 -33.42
CA PHE B 222 40.75 -40.40 -33.82
C PHE B 222 40.93 -41.82 -33.37
N PHE B 223 39.82 -42.46 -33.00
CA PHE B 223 39.80 -43.88 -32.62
C PHE B 223 38.59 -44.58 -33.20
N ASP B 224 38.83 -45.57 -34.06
CA ASP B 224 37.76 -46.40 -34.59
C ASP B 224 37.75 -47.71 -33.79
N ALA B 225 36.75 -47.87 -32.94
CA ALA B 225 36.61 -49.10 -32.19
C ALA B 225 35.15 -49.43 -31.95
N GLU B 226 34.70 -49.13 -30.73
CA GLU B 226 33.33 -49.37 -30.30
C GLU B 226 32.38 -48.39 -30.97
N ASP B 227 32.80 -47.13 -31.07
CA ASP B 227 31.86 -46.03 -31.33
C ASP B 227 32.36 -44.91 -32.23
N TYR B 228 33.64 -44.93 -32.61
CA TYR B 228 34.26 -43.75 -33.22
C TYR B 228 34.46 -42.66 -32.18
N TYR B 229 35.72 -42.38 -31.89
CA TYR B 229 36.08 -41.34 -30.96
C TYR B 229 36.92 -40.34 -31.72
N ILE B 230 36.55 -39.07 -31.63
CA ILE B 230 37.27 -38.01 -32.31
C ILE B 230 37.77 -36.97 -31.31
N VAL B 231 39.09 -36.95 -31.08
CA VAL B 231 39.68 -36.03 -30.12
C VAL B 231 39.90 -34.67 -30.76
N LEU B 232 39.32 -33.63 -30.16
CA LEU B 232 39.36 -32.27 -30.70
C LEU B 232 39.96 -31.30 -29.69
N GLU B 233 40.39 -30.15 -30.19
CA GLU B 233 41.12 -29.15 -29.43
C GLU B 233 40.48 -28.70 -28.12
N LEU B 234 39.19 -28.36 -28.16
CA LEU B 234 38.46 -27.77 -26.99
C LEU B 234 38.90 -26.36 -26.61
N MET B 235 38.16 -25.38 -27.10
CA MET B 235 38.42 -23.98 -26.80
C MET B 235 37.94 -23.66 -25.39
N GLU B 236 38.71 -22.82 -24.71
CA GLU B 236 38.37 -22.45 -23.34
C GLU B 236 37.23 -21.38 -23.28
N GLY B 237 36.95 -20.61 -24.37
CA GLY B 237 35.98 -19.47 -24.37
C GLY B 237 34.54 -19.75 -24.82
N GLY B 238 34.25 -21.02 -25.06
CA GLY B 238 32.90 -21.45 -25.42
C GLY B 238 32.45 -20.96 -26.78
N GLU B 239 31.14 -20.99 -27.00
CA GLU B 239 30.56 -20.64 -28.30
C GLU B 239 30.35 -19.15 -28.46
N LEU B 240 30.57 -18.66 -29.67
CA LEU B 240 30.26 -17.28 -30.02
C LEU B 240 28.77 -17.05 -29.85
N PHE B 241 28.00 -18.13 -29.81
CA PHE B 241 26.57 -18.08 -29.56
C PHE B 241 26.23 -17.48 -28.19
N ASP B 242 26.91 -17.96 -27.16
CA ASP B 242 26.70 -17.48 -25.79
C ASP B 242 27.03 -16.01 -25.66
N LYS B 243 27.84 -15.50 -26.59
CA LYS B 243 28.27 -14.12 -26.56
C LYS B 243 27.18 -13.15 -27.08
N VAL B 244 26.28 -13.66 -27.91
CA VAL B 244 25.20 -12.83 -28.46
C VAL B 244 23.80 -13.19 -27.94
N VAL B 245 23.72 -14.24 -27.12
CA VAL B 245 22.45 -14.71 -26.54
C VAL B 245 21.85 -13.66 -25.59
N GLY B 246 20.52 -13.59 -25.58
CA GLY B 246 19.81 -12.66 -24.71
C GLY B 246 19.65 -11.25 -25.30
N ASN B 247 19.53 -11.20 -26.63
CA ASN B 247 19.30 -9.95 -27.40
C ASN B 247 20.38 -8.85 -27.23
N LYS B 248 21.54 -9.23 -26.70
CA LYS B 248 22.65 -8.29 -26.54
C LYS B 248 23.59 -8.37 -27.75
N ARG B 249 24.17 -7.24 -28.11
CA ARG B 249 25.10 -7.19 -29.23
C ARG B 249 26.53 -7.04 -28.77
N LEU B 250 27.44 -7.39 -29.66
CA LEU B 250 28.86 -7.25 -29.42
C LEU B 250 29.35 -5.91 -29.93
N LYS B 251 30.40 -5.42 -29.28
CA LYS B 251 31.17 -4.27 -29.71
C LYS B 251 31.52 -4.39 -31.20
N GLU B 252 31.33 -3.30 -31.96
CA GLU B 252 31.56 -3.33 -33.41
C GLU B 252 33.00 -3.70 -33.73
N ALA B 253 33.94 -3.18 -32.94
CA ALA B 253 35.35 -3.50 -33.07
C ALA B 253 35.58 -4.99 -32.93
N THR B 254 34.93 -5.59 -31.93
CA THR B 254 35.03 -7.02 -31.68
C THR B 254 34.45 -7.83 -32.84
N CYS B 255 33.28 -7.41 -33.33
CA CYS B 255 32.65 -8.07 -34.48
C CYS B 255 33.62 -8.18 -35.64
N LYS B 256 34.22 -7.04 -36.00
CA LYS B 256 35.20 -6.97 -37.06
C LYS B 256 36.35 -7.94 -36.83
N LEU B 257 36.90 -7.95 -35.62
CA LEU B 257 37.98 -8.87 -35.26
C LEU B 257 37.57 -10.32 -35.48
N TYR B 258 36.38 -10.70 -34.99
CA TYR B 258 35.89 -12.07 -35.14
C TYR B 258 35.52 -12.37 -36.59
N PHE B 259 34.85 -11.42 -37.23
CA PHE B 259 34.39 -11.65 -38.58
C PHE B 259 35.54 -11.75 -39.59
N TYR B 260 36.60 -10.99 -39.36
CA TYR B 260 37.80 -11.09 -40.17
C TYR B 260 38.27 -12.53 -40.10
N GLN B 261 38.50 -13.00 -38.87
CA GLN B 261 38.96 -14.35 -38.65
C GLN B 261 38.06 -15.34 -39.35
N MET B 262 36.75 -15.19 -39.13
CA MET B 262 35.77 -16.04 -39.76
C MET B 262 35.94 -16.10 -41.27
N LEU B 263 36.08 -14.93 -41.90
CA LEU B 263 36.31 -14.84 -43.32
C LEU B 263 37.54 -15.61 -43.74
N LEU B 264 38.65 -15.38 -43.06
CA LEU B 264 39.88 -16.09 -43.37
C LEU B 264 39.66 -17.59 -43.33
N ALA B 265 39.10 -18.08 -42.21
CA ALA B 265 38.84 -19.49 -42.03
C ALA B 265 38.01 -20.09 -43.17
N VAL B 266 36.85 -19.50 -43.43
CA VAL B 266 35.97 -19.99 -44.49
C VAL B 266 36.68 -20.01 -45.84
N GLN B 267 37.39 -18.92 -46.15
CA GLN B 267 38.16 -18.86 -47.39
C GLN B 267 39.15 -20.02 -47.50
N TYR B 268 39.90 -20.26 -46.42
CA TYR B 268 40.85 -21.35 -46.39
C TYR B 268 40.17 -22.67 -46.67
N LEU B 269 39.08 -22.94 -45.95
CA LEU B 269 38.27 -24.13 -46.16
C LEU B 269 37.89 -24.29 -47.64
N HIS B 270 37.44 -23.18 -48.24
CA HIS B 270 37.02 -23.19 -49.61
C HIS B 270 38.14 -23.66 -50.51
N GLU B 271 39.30 -23.03 -50.39
CA GLU B 271 40.40 -23.42 -51.25
C GLU B 271 41.03 -24.77 -50.83
N ASN B 272 40.52 -25.34 -49.77
CA ASN B 272 40.87 -26.71 -49.51
C ASN B 272 39.70 -27.66 -49.78
N GLY B 273 38.89 -27.26 -50.75
CA GLY B 273 37.79 -28.10 -51.23
C GLY B 273 36.71 -28.46 -50.22
N ILE B 274 36.59 -27.64 -49.16
CA ILE B 274 35.54 -27.84 -48.17
C ILE B 274 34.59 -26.67 -48.15
N ILE B 275 33.31 -26.99 -48.38
CA ILE B 275 32.22 -26.05 -48.16
C ILE B 275 31.52 -26.42 -46.84
N HIS B 276 31.52 -25.49 -45.88
CA HIS B 276 31.05 -25.75 -44.52
C HIS B 276 29.58 -26.12 -44.46
N ARG B 277 28.77 -25.40 -45.23
CA ARG B 277 27.40 -25.80 -45.52
C ARG B 277 26.44 -25.57 -44.33
N ASP B 278 26.96 -25.52 -43.10
CA ASP B 278 26.14 -25.15 -41.93
C ASP B 278 26.92 -24.32 -40.90
N LEU B 279 26.95 -23.01 -41.14
CA LEU B 279 27.84 -22.12 -40.41
C LEU B 279 27.03 -21.22 -39.47
N LYS B 280 27.28 -21.32 -38.16
CA LYS B 280 26.46 -20.57 -37.20
C LYS B 280 27.18 -20.15 -35.90
N PRO B 281 26.65 -19.13 -35.19
CA PRO B 281 27.19 -18.69 -33.90
C PRO B 281 27.72 -19.80 -33.02
N GLU B 282 27.05 -20.95 -32.97
CA GLU B 282 27.50 -22.03 -32.10
C GLU B 282 28.59 -22.91 -32.73
N ASN B 283 28.83 -22.72 -34.02
CA ASN B 283 29.94 -23.36 -34.71
C ASN B 283 31.20 -22.56 -34.64
N VAL B 284 31.07 -21.30 -34.25
CA VAL B 284 32.22 -20.43 -34.07
C VAL B 284 32.60 -20.49 -32.61
N LEU B 285 33.82 -20.92 -32.33
CA LEU B 285 34.29 -21.02 -30.95
C LEU B 285 35.32 -19.95 -30.63
N LEU B 286 35.35 -19.54 -29.37
CA LEU B 286 36.28 -18.50 -28.92
C LEU B 286 37.38 -19.11 -28.07
N SER B 287 38.62 -18.71 -28.32
CA SER B 287 39.79 -19.33 -27.67
C SER B 287 39.93 -19.04 -26.16
N SER B 288 39.41 -17.89 -25.70
CA SER B 288 39.49 -17.54 -24.28
C SER B 288 38.29 -16.68 -23.83
N GLN B 289 38.26 -16.32 -22.55
CA GLN B 289 37.24 -15.43 -21.99
C GLN B 289 37.37 -14.01 -22.54
N GLU B 290 38.60 -13.62 -22.86
CA GLU B 290 38.90 -12.26 -23.32
C GLU B 290 38.18 -11.92 -24.61
N GLU B 291 37.75 -10.66 -24.72
CA GLU B 291 37.03 -10.20 -25.89
C GLU B 291 37.92 -10.21 -27.15
N ASP B 292 39.18 -9.80 -27.00
CA ASP B 292 40.17 -9.95 -28.05
C ASP B 292 40.76 -11.36 -27.96
N CYS B 293 40.33 -12.23 -28.86
CA CYS B 293 40.82 -13.61 -28.88
C CYS B 293 40.73 -14.22 -30.26
N LEU B 294 41.32 -15.41 -30.42
CA LEU B 294 41.21 -16.15 -31.68
C LEU B 294 39.86 -16.86 -31.76
N ILE B 295 39.34 -16.90 -32.99
CA ILE B 295 38.06 -17.52 -33.29
C ILE B 295 38.35 -18.82 -34.00
N LYS B 296 37.64 -19.89 -33.67
CA LYS B 296 37.86 -21.14 -34.37
C LYS B 296 36.56 -21.78 -34.85
N ILE B 297 36.57 -22.36 -36.05
CA ILE B 297 35.36 -22.94 -36.63
C ILE B 297 35.34 -24.47 -36.48
N THR B 298 34.16 -25.02 -36.21
CA THR B 298 33.99 -26.47 -36.06
C THR B 298 32.79 -26.99 -36.86
N ASP B 299 32.52 -28.29 -36.71
CA ASP B 299 31.38 -28.99 -37.33
C ASP B 299 31.41 -29.03 -38.82
N PHE B 300 31.96 -30.13 -39.30
CA PHE B 300 31.97 -30.37 -40.70
C PHE B 300 31.03 -31.54 -40.92
N GLY B 301 30.06 -31.65 -40.03
CA GLY B 301 29.08 -32.73 -40.11
C GLY B 301 28.04 -32.54 -41.19
N HIS B 302 27.95 -31.31 -41.70
CA HIS B 302 27.01 -30.97 -42.74
C HIS B 302 27.75 -30.64 -44.02
N SER B 303 29.03 -30.34 -43.86
CA SER B 303 29.87 -29.90 -44.96
C SER B 303 30.05 -30.96 -46.03
N LYS B 304 30.43 -30.50 -47.22
CA LYS B 304 30.75 -31.42 -48.29
C LYS B 304 32.26 -31.37 -48.60
N ILE B 305 32.88 -32.51 -48.36
CA ILE B 305 34.32 -32.63 -48.30
C ILE B 305 34.84 -33.25 -49.57
N LEU B 306 35.66 -32.47 -50.28
CA LEU B 306 36.05 -32.73 -51.66
C LEU B 306 34.78 -32.93 -52.46
N GLY B 307 34.60 -34.09 -53.06
CA GLY B 307 33.37 -34.33 -53.80
C GLY B 307 32.13 -34.44 -52.94
N GLU B 308 32.21 -35.23 -51.88
CA GLU B 308 31.03 -35.79 -51.23
C GLU B 308 30.59 -35.10 -49.94
N THR B 309 29.39 -35.45 -49.49
CA THR B 309 28.86 -35.01 -48.21
C THR B 309 29.50 -35.87 -47.14
N SER B 310 29.84 -35.23 -46.03
CA SER B 310 30.50 -35.91 -44.93
C SER B 310 29.68 -37.10 -44.48
N LEU B 311 30.34 -38.23 -44.30
CA LEU B 311 29.68 -39.47 -43.98
C LEU B 311 29.22 -39.47 -42.54
N MET B 312 29.39 -38.34 -41.85
CA MET B 312 28.87 -38.19 -40.49
C MET B 312 27.40 -37.90 -40.55
N ARG B 313 26.96 -37.36 -41.67
CA ARG B 313 25.55 -37.16 -41.91
C ARG B 313 25.00 -38.47 -42.43
N PRO B 319 18.89 -22.19 -36.58
CA PRO B 319 18.12 -22.92 -37.59
C PRO B 319 17.98 -22.14 -38.93
N THR B 320 18.08 -20.82 -38.83
CA THR B 320 17.76 -19.86 -39.90
C THR B 320 18.71 -19.86 -41.12
N TYR B 321 19.88 -20.48 -40.97
CA TYR B 321 21.02 -20.26 -41.87
C TYR B 321 20.93 -20.95 -43.26
N LEU B 322 19.69 -21.15 -43.71
CA LEU B 322 19.40 -21.73 -45.03
C LEU B 322 19.38 -20.69 -46.13
N ALA B 323 20.18 -20.91 -47.16
CA ALA B 323 20.27 -19.98 -48.29
C ALA B 323 19.00 -19.98 -49.15
N PRO B 324 18.67 -18.82 -49.75
CA PRO B 324 17.50 -18.62 -50.62
C PRO B 324 17.43 -19.56 -51.81
N GLU B 325 18.58 -19.79 -52.44
CA GLU B 325 18.66 -20.69 -53.60
C GLU B 325 18.43 -22.14 -53.20
N VAL B 326 18.86 -22.49 -52.00
CA VAL B 326 18.73 -23.85 -51.48
C VAL B 326 17.34 -24.10 -50.90
N LEU B 327 16.39 -23.19 -51.17
CA LEU B 327 14.99 -23.37 -50.75
C LEU B 327 14.09 -23.60 -51.95
N VAL B 328 14.37 -22.89 -53.03
CA VAL B 328 13.61 -23.03 -54.27
C VAL B 328 14.02 -24.31 -55.00
N ALA B 333 23.75 -28.17 -58.71
CA ALA B 333 22.99 -28.70 -57.59
C ALA B 333 22.45 -27.58 -56.71
N GLY B 334 23.29 -26.56 -56.49
CA GLY B 334 22.98 -25.42 -55.62
C GLY B 334 23.73 -25.54 -54.31
N TYR B 335 24.97 -26.02 -54.41
CA TYR B 335 25.78 -26.44 -53.26
C TYR B 335 27.14 -25.75 -53.24
N ASN B 336 27.20 -24.61 -53.96
CA ASN B 336 28.41 -23.84 -54.21
C ASN B 336 28.91 -23.06 -52.99
N ARG B 337 30.08 -22.44 -53.10
CA ARG B 337 30.68 -21.70 -51.99
C ARG B 337 29.79 -20.59 -51.46
N ALA B 338 29.00 -19.99 -52.35
CA ALA B 338 28.22 -18.80 -52.01
C ALA B 338 27.25 -18.99 -50.85
N VAL B 339 26.90 -20.24 -50.56
CA VAL B 339 26.05 -20.58 -49.42
C VAL B 339 26.74 -20.26 -48.08
N ASP B 340 28.04 -20.46 -48.02
CA ASP B 340 28.82 -20.12 -46.84
C ASP B 340 28.89 -18.61 -46.65
N CYS B 341 28.95 -17.88 -47.77
CA CYS B 341 28.95 -16.44 -47.71
C CYS B 341 27.64 -15.96 -47.12
N TRP B 342 26.53 -16.47 -47.64
CA TRP B 342 25.23 -16.16 -47.08
C TRP B 342 25.23 -16.36 -45.58
N SER B 343 25.71 -17.51 -45.15
CA SER B 343 25.77 -17.83 -43.71
C SER B 343 26.57 -16.80 -42.91
N LEU B 344 27.77 -16.47 -43.39
CA LEU B 344 28.63 -15.47 -42.73
C LEU B 344 27.93 -14.13 -42.67
N GLY B 345 27.16 -13.83 -43.70
CA GLY B 345 26.33 -12.63 -43.74
C GLY B 345 25.39 -12.63 -42.55
N VAL B 346 24.69 -13.75 -42.37
CA VAL B 346 23.73 -13.90 -41.28
C VAL B 346 24.42 -13.81 -39.93
N ILE B 347 25.62 -14.40 -39.82
CA ILE B 347 26.36 -14.32 -38.57
C ILE B 347 26.75 -12.88 -38.28
N LEU B 348 27.27 -12.18 -39.28
CA LEU B 348 27.62 -10.78 -39.12
C LEU B 348 26.42 -9.98 -38.64
N PHE B 349 25.29 -10.16 -39.33
CA PHE B 349 24.04 -9.49 -38.98
C PHE B 349 23.71 -9.66 -37.50
N ILE B 350 23.67 -10.90 -37.04
CA ILE B 350 23.37 -11.20 -35.64
C ILE B 350 24.37 -10.55 -34.68
N CYS B 351 25.64 -10.57 -35.07
CA CYS B 351 26.71 -10.02 -34.24
C CYS B 351 26.57 -8.52 -34.02
N LEU B 352 26.43 -7.79 -35.12
CA LEU B 352 26.34 -6.34 -35.07
C LEU B 352 25.06 -5.88 -34.39
N SER B 353 23.95 -6.53 -34.72
CA SER B 353 22.63 -6.07 -34.30
C SER B 353 22.19 -6.68 -32.98
N GLY B 354 22.49 -7.97 -32.77
CA GLY B 354 22.07 -8.66 -31.55
C GLY B 354 20.72 -9.34 -31.72
N TYR B 355 20.20 -9.31 -32.94
CA TYR B 355 18.96 -10.02 -33.28
C TYR B 355 19.09 -10.64 -34.67
N PRO B 356 18.30 -11.70 -34.95
CA PRO B 356 18.41 -12.38 -36.24
C PRO B 356 17.74 -11.60 -37.35
N PRO B 357 18.24 -11.71 -38.59
CA PRO B 357 17.59 -11.03 -39.70
C PRO B 357 16.23 -11.60 -40.11
N PHE B 358 15.89 -12.79 -39.60
CA PHE B 358 14.60 -13.43 -39.92
C PHE B 358 13.96 -14.16 -38.74
N SER B 359 12.63 -14.00 -38.60
CA SER B 359 11.81 -14.73 -37.60
C SER B 359 10.32 -14.43 -37.83
N GLU B 360 9.47 -15.44 -37.61
CA GLU B 360 8.05 -15.43 -38.06
C GLU B 360 7.15 -14.38 -37.43
N HIS B 361 7.14 -14.31 -36.10
CA HIS B 361 6.21 -13.48 -35.32
C HIS B 361 4.74 -13.89 -35.49
N ARG B 362 4.14 -13.54 -36.64
CA ARG B 362 2.74 -13.87 -36.92
C ARG B 362 2.52 -14.31 -38.37
N THR B 363 1.25 -14.22 -38.81
CA THR B 363 0.84 -14.48 -40.20
C THR B 363 1.65 -13.62 -41.19
N GLN B 364 2.03 -12.43 -40.75
CA GLN B 364 2.92 -11.51 -41.49
C GLN B 364 4.14 -12.22 -42.07
N VAL B 365 3.97 -12.80 -43.27
CA VAL B 365 5.04 -13.46 -44.04
C VAL B 365 5.77 -14.60 -43.31
N SER B 366 5.77 -15.78 -43.92
CA SER B 366 6.51 -16.93 -43.40
C SER B 366 8.01 -16.66 -43.41
N LEU B 367 8.73 -17.33 -42.49
CA LEU B 367 10.19 -17.19 -42.39
C LEU B 367 10.90 -17.64 -43.66
N LYS B 368 10.42 -18.74 -44.24
CA LYS B 368 10.99 -19.29 -45.46
C LYS B 368 10.65 -18.43 -46.68
N ASP B 369 9.65 -17.56 -46.54
CA ASP B 369 9.30 -16.60 -47.58
C ASP B 369 10.12 -15.31 -47.47
N GLN B 370 10.38 -14.88 -46.23
CA GLN B 370 11.21 -13.71 -45.95
C GLN B 370 12.58 -13.80 -46.61
N ILE B 371 13.22 -14.95 -46.41
CA ILE B 371 14.56 -15.22 -46.90
C ILE B 371 14.59 -15.13 -48.43
N THR B 372 13.61 -15.77 -49.07
CA THR B 372 13.53 -15.85 -50.52
C THR B 372 13.36 -14.48 -51.19
N SER B 373 12.51 -13.63 -50.63
CA SER B 373 12.34 -12.27 -51.15
C SER B 373 13.54 -11.40 -50.78
N GLY B 374 14.26 -11.80 -49.73
CA GLY B 374 15.49 -11.13 -49.31
C GLY B 374 15.25 -9.97 -48.38
N LYS B 375 13.98 -9.68 -48.11
CA LYS B 375 13.60 -8.59 -47.23
C LYS B 375 13.85 -8.99 -45.77
N TYR B 376 15.02 -8.62 -45.27
CA TYR B 376 15.42 -8.91 -43.90
C TYR B 376 14.82 -7.90 -42.91
N ASN B 377 14.77 -8.30 -41.64
CA ASN B 377 14.23 -7.44 -40.58
C ASN B 377 15.21 -6.31 -40.26
N PHE B 378 14.78 -5.08 -40.47
CA PHE B 378 15.65 -3.93 -40.28
C PHE B 378 15.12 -2.94 -39.24
N ILE B 379 15.67 -3.00 -38.03
CA ILE B 379 15.30 -2.07 -36.95
C ILE B 379 16.26 -0.88 -36.94
N PRO B 380 15.80 0.28 -37.44
CA PRO B 380 16.70 1.43 -37.62
C PRO B 380 17.39 1.86 -36.33
N GLU B 381 16.67 1.79 -35.21
CA GLU B 381 17.17 2.22 -33.90
C GLU B 381 18.39 1.40 -33.47
N VAL B 382 18.41 0.13 -33.84
CA VAL B 382 19.53 -0.74 -33.53
C VAL B 382 20.69 -0.41 -34.46
N TRP B 383 20.42 -0.43 -35.76
CA TRP B 383 21.43 -0.15 -36.78
C TRP B 383 21.89 1.31 -36.80
N ALA B 384 21.22 2.15 -36.02
CA ALA B 384 21.59 3.55 -35.85
C ALA B 384 22.99 3.70 -35.29
N GLU B 385 23.38 2.78 -34.41
CA GLU B 385 24.75 2.80 -33.89
C GLU B 385 25.59 1.64 -34.40
N VAL B 386 25.48 1.38 -35.69
CA VAL B 386 26.38 0.48 -36.40
C VAL B 386 26.80 1.21 -37.68
N SER B 387 28.10 1.29 -37.91
CA SER B 387 28.65 2.06 -39.04
C SER B 387 28.02 1.70 -40.38
N GLU B 388 28.03 2.65 -41.31
CA GLU B 388 27.49 2.45 -42.65
C GLU B 388 28.11 1.29 -43.39
N LYS B 389 29.45 1.20 -43.33
CA LYS B 389 30.19 0.15 -44.03
C LYS B 389 29.85 -1.22 -43.49
N ALA B 390 29.70 -1.33 -42.18
CA ALA B 390 29.29 -2.58 -41.55
C ALA B 390 27.94 -3.05 -42.10
N LEU B 391 26.96 -2.14 -42.11
CA LEU B 391 25.65 -2.43 -42.69
C LEU B 391 25.75 -2.75 -44.17
N ASP B 392 26.65 -2.07 -44.87
CA ASP B 392 26.83 -2.27 -46.30
C ASP B 392 27.42 -3.64 -46.61
N LEU B 393 28.37 -4.10 -45.80
CA LEU B 393 28.96 -5.41 -45.99
C LEU B 393 27.88 -6.48 -45.85
N VAL B 394 27.16 -6.44 -44.73
CA VAL B 394 26.04 -7.35 -44.46
C VAL B 394 25.05 -7.35 -45.65
N LYS B 395 24.72 -6.16 -46.13
CA LYS B 395 23.85 -6.01 -47.30
C LYS B 395 24.39 -6.81 -48.49
N LYS B 396 25.64 -6.55 -48.85
CA LYS B 396 26.25 -7.13 -50.05
C LYS B 396 26.47 -8.64 -49.90
N LEU B 397 26.41 -9.09 -48.66
CA LEU B 397 26.61 -10.47 -48.32
C LEU B 397 25.29 -11.24 -48.29
N LEU B 398 24.18 -10.51 -48.10
CA LEU B 398 22.88 -11.16 -48.00
C LEU B 398 22.03 -11.02 -49.27
N VAL B 399 22.69 -11.01 -50.42
CA VAL B 399 22.00 -10.91 -51.70
C VAL B 399 21.27 -12.22 -52.01
N VAL B 400 20.02 -12.09 -52.45
CA VAL B 400 19.19 -13.25 -52.80
C VAL B 400 19.80 -14.04 -53.96
N ASP B 401 20.23 -13.34 -55.00
CA ASP B 401 20.89 -13.96 -56.14
C ASP B 401 22.33 -14.33 -55.79
N PRO B 402 22.65 -15.64 -55.83
CA PRO B 402 23.97 -16.13 -55.39
C PRO B 402 25.10 -15.67 -56.29
N LYS B 403 24.79 -15.50 -57.58
CA LYS B 403 25.72 -14.98 -58.58
C LYS B 403 26.12 -13.54 -58.24
N ALA B 404 25.20 -12.82 -57.59
CA ALA B 404 25.40 -11.42 -57.21
C ALA B 404 25.91 -11.24 -55.77
N ARG B 405 25.79 -12.29 -54.96
CA ARG B 405 26.30 -12.27 -53.58
C ARG B 405 27.82 -12.09 -53.57
N PHE B 406 28.30 -11.33 -52.58
CA PHE B 406 29.74 -11.19 -52.33
C PHE B 406 30.42 -12.54 -52.11
N THR B 407 31.66 -12.65 -52.55
CA THR B 407 32.46 -13.81 -52.24
C THR B 407 33.38 -13.47 -51.07
N THR B 408 34.04 -14.49 -50.51
CA THR B 408 34.99 -14.29 -49.42
C THR B 408 36.11 -13.32 -49.82
N GLU B 409 36.63 -13.46 -51.04
CA GLU B 409 37.65 -12.50 -51.50
C GLU B 409 37.08 -11.09 -51.50
N GLU B 410 35.92 -10.94 -52.12
CA GLU B 410 35.25 -9.64 -52.22
C GLU B 410 35.00 -9.03 -50.86
N ALA B 411 34.55 -9.87 -49.92
CA ALA B 411 34.27 -9.45 -48.56
C ALA B 411 35.53 -8.93 -47.88
N LEU B 412 36.66 -9.58 -48.14
CA LEU B 412 37.92 -9.16 -47.54
C LEU B 412 38.45 -7.84 -48.11
N ARG B 413 37.99 -7.48 -49.31
CA ARG B 413 38.32 -6.20 -49.93
C ARG B 413 37.41 -5.08 -49.47
N HIS B 414 36.33 -5.42 -48.76
CA HIS B 414 35.30 -4.45 -48.41
C HIS B 414 35.84 -3.40 -47.47
N PRO B 415 35.53 -2.10 -47.75
CA PRO B 415 35.93 -0.96 -46.94
C PRO B 415 35.92 -1.22 -45.43
N TRP B 416 34.92 -1.92 -44.93
CA TRP B 416 34.80 -2.18 -43.50
C TRP B 416 36.01 -2.92 -42.95
N LEU B 417 36.51 -3.89 -43.71
CA LEU B 417 37.63 -4.70 -43.26
C LEU B 417 38.98 -4.10 -43.65
N GLN B 418 38.96 -2.94 -44.29
CA GLN B 418 40.18 -2.19 -44.58
C GLN B 418 40.61 -1.48 -43.29
N ASP B 419 41.13 -2.25 -42.35
CA ASP B 419 41.39 -1.77 -41.01
C ASP B 419 42.64 -2.43 -40.44
N GLU B 420 43.81 -1.83 -40.71
CA GLU B 420 45.08 -2.43 -40.26
C GLU B 420 45.23 -2.38 -38.74
N ASP B 421 44.41 -1.53 -38.12
CA ASP B 421 44.41 -1.39 -36.68
C ASP B 421 44.02 -2.72 -36.02
N MET B 422 42.93 -3.31 -36.49
CA MET B 422 42.47 -4.61 -36.01
C MET B 422 43.32 -5.73 -36.58
N LYS B 423 43.83 -5.55 -37.80
CA LYS B 423 44.64 -6.56 -38.45
C LYS B 423 45.93 -6.78 -37.67
N ARG B 424 46.45 -5.71 -37.09
CA ARG B 424 47.61 -5.78 -36.23
C ARG B 424 47.26 -6.51 -34.95
N LYS B 425 46.06 -6.25 -34.44
CA LYS B 425 45.52 -6.96 -33.27
C LYS B 425 45.47 -8.45 -33.49
N PHE B 426 45.07 -8.82 -34.70
CA PHE B 426 44.95 -10.23 -35.10
C PHE B 426 46.32 -10.89 -35.11
N GLN B 427 47.29 -10.23 -35.75
CA GLN B 427 48.66 -10.70 -35.81
C GLN B 427 49.21 -10.94 -34.40
N ASP B 428 48.96 -9.98 -33.51
CA ASP B 428 49.30 -10.08 -32.09
C ASP B 428 48.77 -11.37 -31.47
N LEU B 429 47.51 -11.70 -31.80
CA LEU B 429 46.85 -12.85 -31.21
C LEU B 429 47.43 -14.14 -31.74
N LEU B 430 47.97 -14.08 -32.95
CA LEU B 430 48.69 -15.22 -33.53
C LEU B 430 49.97 -15.51 -32.76
N SER B 431 50.55 -14.49 -32.14
CA SER B 431 51.67 -14.66 -31.24
C SER B 431 51.18 -15.13 -29.87
N GLU B 432 50.77 -16.39 -29.82
CA GLU B 432 50.34 -17.08 -28.61
C GLU B 432 50.26 -18.57 -28.97
N PRO C 23 26.12 -25.18 16.13
CA PRO C 23 25.49 -26.20 16.97
C PRO C 23 25.37 -25.69 18.41
N TRP C 24 24.20 -25.13 18.74
CA TRP C 24 23.99 -24.47 20.05
C TRP C 24 23.41 -25.36 21.13
N ALA C 25 22.83 -26.51 20.77
CA ALA C 25 22.21 -27.44 21.73
C ALA C 25 22.23 -28.90 21.31
N ARG C 26 22.37 -29.79 22.27
CA ARG C 26 22.28 -31.23 22.03
C ARG C 26 21.04 -31.81 22.69
N LEU C 27 20.33 -32.65 21.95
CA LEU C 27 19.28 -33.45 22.51
C LEU C 27 19.70 -34.88 22.52
N TRP C 28 19.70 -35.48 23.71
CA TRP C 28 20.13 -36.87 23.85
C TRP C 28 18.95 -37.81 24.09
N ALA C 29 18.69 -38.66 23.12
CA ALA C 29 17.54 -39.58 23.16
C ALA C 29 17.73 -40.57 24.30
N LEU C 30 16.62 -40.93 24.94
CA LEU C 30 16.66 -41.81 26.10
C LEU C 30 15.77 -43.03 25.92
N GLN C 31 15.10 -43.14 24.77
CA GLN C 31 14.33 -44.33 24.40
C GLN C 31 14.62 -44.74 22.98
N ASP C 32 14.40 -46.02 22.67
CA ASP C 32 14.87 -46.62 21.41
C ASP C 32 14.36 -45.92 20.16
N GLY C 33 13.05 -45.65 20.15
CA GLY C 33 12.44 -45.02 18.98
C GLY C 33 13.04 -43.70 18.53
N PHE C 34 13.67 -42.99 19.48
CA PHE C 34 14.16 -41.65 19.26
C PHE C 34 15.62 -41.59 18.90
N ALA C 35 15.97 -40.64 18.04
CA ALA C 35 17.37 -40.39 17.66
C ALA C 35 17.83 -39.10 18.30
N ASN C 36 19.15 -38.95 18.46
CA ASN C 36 19.72 -37.71 19.00
C ASN C 36 19.57 -36.53 18.04
N LEU C 37 19.49 -35.31 18.57
CA LEU C 37 19.44 -34.16 17.72
C LEU C 37 20.48 -33.10 18.09
N GLU C 38 21.21 -32.65 17.08
CA GLU C 38 22.09 -31.52 17.20
C GLU C 38 21.30 -30.30 16.75
N CYS C 39 21.24 -29.28 17.58
CA CYS C 39 20.49 -28.08 17.25
C CYS C 39 21.40 -27.02 16.72
N VAL C 40 21.29 -26.78 15.42
CA VAL C 40 22.10 -25.74 14.76
C VAL C 40 21.14 -24.65 14.31
N ASN C 41 19.96 -25.06 13.89
CA ASN C 41 18.97 -24.11 13.41
C ASN C 41 18.27 -23.39 14.55
N ASP C 42 17.62 -22.28 14.23
CA ASP C 42 17.00 -21.43 15.24
C ASP C 42 15.72 -21.99 15.81
N ASN C 43 15.12 -22.95 15.12
CA ASN C 43 13.86 -23.54 15.57
C ASN C 43 13.72 -25.00 15.17
N TYR C 44 13.14 -25.80 16.06
CA TYR C 44 12.88 -27.22 15.80
C TYR C 44 11.54 -27.64 16.36
N TRP C 45 10.65 -28.11 15.47
CA TRP C 45 9.34 -28.63 15.86
C TRP C 45 9.41 -30.14 16.02
N PHE C 46 8.75 -30.65 17.05
CA PHE C 46 8.72 -32.09 17.32
C PHE C 46 7.29 -32.59 17.31
N GLY C 47 7.08 -33.76 16.75
CA GLY C 47 5.73 -34.28 16.64
C GLY C 47 5.64 -35.30 15.53
N ARG C 48 4.41 -35.82 15.33
CA ARG C 48 4.17 -36.88 14.35
C ARG C 48 3.94 -36.31 12.96
N ASP C 49 3.63 -35.03 12.88
CA ASP C 49 3.40 -34.36 11.59
C ASP C 49 4.66 -34.36 10.74
N LYS C 50 4.52 -34.77 9.49
CA LYS C 50 5.65 -34.94 8.56
C LYS C 50 6.45 -33.66 8.37
N SER C 51 5.82 -32.51 8.67
CA SER C 51 6.45 -31.21 8.49
C SER C 51 7.35 -30.80 9.66
N CYS C 52 7.26 -31.55 10.75
CA CYS C 52 8.13 -31.33 11.93
C CYS C 52 9.58 -31.64 11.58
N GLU C 53 10.48 -30.78 12.02
CA GLU C 53 11.90 -30.95 11.77
C GLU C 53 12.37 -32.23 12.42
N TYR C 54 11.83 -32.50 13.60
CA TYR C 54 12.01 -33.78 14.25
C TYR C 54 10.66 -34.51 14.24
N CYS C 55 10.51 -35.45 13.33
CA CYS C 55 9.26 -36.17 13.17
C CYS C 55 9.30 -37.51 13.89
N PHE C 56 8.20 -37.87 14.52
CA PHE C 56 8.12 -39.13 15.26
C PHE C 56 7.73 -40.32 14.39
N ASP C 57 7.40 -40.08 13.13
CA ASP C 57 6.81 -41.11 12.25
C ASP C 57 7.62 -42.41 12.03
N GLU C 58 8.82 -42.50 12.59
CA GLU C 58 9.66 -43.68 12.46
C GLU C 58 8.95 -44.97 12.88
N PRO C 59 9.12 -46.05 12.11
CA PRO C 59 8.38 -47.28 12.28
C PRO C 59 8.58 -47.97 13.62
N LEU C 60 9.78 -47.86 14.19
CA LEU C 60 10.02 -48.43 15.51
C LEU C 60 9.29 -47.67 16.59
N LEU C 61 9.27 -46.35 16.43
CA LEU C 61 8.57 -45.44 17.31
C LEU C 61 7.03 -45.59 17.23
N LYS C 62 6.52 -45.99 16.06
CA LYS C 62 5.10 -46.12 15.81
C LYS C 62 4.46 -47.24 16.62
N ARG C 63 5.24 -48.24 17.02
CA ARG C 63 4.67 -49.36 17.76
C ARG C 63 4.86 -49.29 19.30
N THR C 64 5.22 -48.12 19.81
CA THR C 64 5.50 -47.99 21.24
C THR C 64 4.26 -47.68 22.07
N ASP C 65 3.08 -47.95 21.47
CA ASP C 65 1.75 -47.64 22.05
C ASP C 65 1.56 -46.22 22.61
N LYS C 66 2.55 -45.74 23.35
CA LYS C 66 2.59 -44.35 23.81
C LYS C 66 2.72 -43.40 22.63
N TYR C 67 2.94 -43.97 21.45
CA TYR C 67 3.07 -43.23 20.20
C TYR C 67 1.81 -42.43 19.93
N ARG C 68 0.67 -43.08 20.17
CA ARG C 68 -0.62 -42.50 19.86
C ARG C 68 -0.99 -41.39 20.84
N THR C 69 -0.22 -41.26 21.92
CA THR C 69 -0.46 -40.18 22.88
C THR C 69 0.29 -38.91 22.49
N TYR C 70 1.20 -39.03 21.52
CA TYR C 70 1.98 -37.90 21.09
C TYR C 70 1.17 -37.11 20.11
N SER C 71 1.33 -35.79 20.14
CA SER C 71 0.57 -34.89 19.26
C SER C 71 1.18 -34.77 17.87
N LYS C 72 0.44 -34.14 16.97
CA LYS C 72 0.93 -33.86 15.62
C LYS C 72 2.07 -32.81 15.65
N LYS C 73 1.82 -31.68 16.30
CA LYS C 73 2.86 -30.74 16.63
C LYS C 73 2.94 -30.74 18.15
N HIS C 74 3.78 -31.62 18.70
CA HIS C 74 3.80 -31.86 20.15
C HIS C 74 4.44 -30.74 20.95
N PHE C 75 5.66 -30.37 20.57
CA PHE C 75 6.39 -29.25 21.22
C PHE C 75 7.50 -28.72 20.34
N ARG C 76 7.94 -27.49 20.61
CA ARG C 76 9.10 -26.94 19.90
C ARG C 76 10.17 -26.37 20.83
N ILE C 77 11.43 -26.60 20.44
CA ILE C 77 12.56 -25.97 21.11
C ILE C 77 13.05 -24.92 20.14
N PHE C 78 13.39 -23.73 20.65
CA PHE C 78 13.90 -22.68 19.80
C PHE C 78 14.82 -21.72 20.55
N ARG C 79 15.67 -21.08 19.78
CA ARG C 79 16.65 -20.14 20.28
C ARG C 79 16.12 -18.77 19.92
N GLU C 80 16.18 -17.87 20.90
CA GLU C 80 15.76 -16.49 20.69
C GLU C 80 16.82 -15.56 21.21
N VAL C 81 17.14 -14.53 20.43
CA VAL C 81 18.07 -13.52 20.88
C VAL C 81 17.35 -12.60 21.87
N GLY C 82 17.74 -12.72 23.14
CA GLY C 82 17.34 -11.74 24.14
C GLY C 82 18.15 -10.49 23.89
N PRO C 83 17.50 -9.30 23.94
CA PRO C 83 18.12 -8.00 23.57
C PRO C 83 19.30 -7.55 24.47
N LYS C 84 20.17 -8.51 24.77
CA LYS C 84 21.34 -8.31 25.63
C LYS C 84 22.56 -8.95 24.95
N ASN C 85 22.39 -9.27 23.66
CA ASN C 85 23.35 -10.07 22.90
C ASN C 85 23.53 -11.49 23.44
N SER C 86 22.54 -11.93 24.20
CA SER C 86 22.49 -13.29 24.74
C SER C 86 21.40 -14.11 24.04
N TYR C 87 21.65 -15.42 23.93
CA TYR C 87 20.69 -16.33 23.28
C TYR C 87 20.10 -17.29 24.28
N ILE C 88 18.78 -17.25 24.40
CA ILE C 88 18.06 -18.05 25.39
C ILE C 88 17.30 -19.18 24.71
N ALA C 89 17.40 -20.39 25.25
CA ALA C 89 16.65 -21.53 24.71
C ALA C 89 15.28 -21.59 25.38
N TYR C 90 14.25 -21.89 24.59
CA TYR C 90 12.91 -22.06 25.14
C TYR C 90 12.35 -23.37 24.65
N ILE C 91 11.52 -24.00 25.48
CA ILE C 91 10.67 -25.08 25.01
C ILE C 91 9.25 -24.54 25.00
N GLU C 92 8.41 -25.05 24.12
CA GLU C 92 7.02 -24.60 24.04
C GLU C 92 6.07 -25.76 23.81
N ASP C 93 5.17 -25.99 24.76
CA ASP C 93 4.29 -27.13 24.72
C ASP C 93 3.09 -26.82 23.86
N HIS C 94 2.78 -27.70 22.93
CA HIS C 94 1.60 -27.57 22.09
C HIS C 94 0.75 -28.85 22.10
N SER C 95 1.20 -29.82 22.88
CA SER C 95 0.59 -31.14 22.94
C SER C 95 -0.64 -31.14 23.80
N GLY C 96 -1.55 -32.06 23.48
CA GLY C 96 -2.70 -32.32 24.32
C GLY C 96 -2.31 -33.06 25.59
N ASN C 97 -1.37 -33.99 25.49
CA ASN C 97 -1.03 -34.83 26.61
C ASN C 97 0.12 -34.36 27.47
N GLY C 98 0.75 -33.26 27.06
CA GLY C 98 1.77 -32.62 27.88
C GLY C 98 3.21 -32.84 27.46
N THR C 99 4.00 -31.77 27.59
CA THR C 99 5.45 -31.82 27.50
C THR C 99 5.96 -31.45 28.86
N PHE C 100 6.86 -32.28 29.39
CA PHE C 100 7.35 -32.13 30.77
C PHE C 100 8.84 -31.83 30.81
N VAL C 101 9.21 -30.80 31.57
CA VAL C 101 10.61 -30.48 31.77
C VAL C 101 10.93 -30.80 33.21
N ASN C 102 11.79 -31.79 33.40
CA ASN C 102 12.16 -32.29 34.73
C ASN C 102 10.93 -32.55 35.58
N THR C 103 10.01 -33.38 35.09
CA THR C 103 8.75 -33.68 35.75
C THR C 103 7.74 -32.59 35.54
N GLU C 104 8.14 -31.33 35.68
CA GLU C 104 7.21 -30.20 35.62
C GLU C 104 6.56 -30.03 34.25
N LEU C 105 5.22 -29.91 34.23
CA LEU C 105 4.47 -29.80 32.99
C LEU C 105 4.61 -28.39 32.46
N VAL C 106 4.95 -28.25 31.19
CA VAL C 106 4.98 -26.92 30.55
C VAL C 106 3.55 -26.38 30.36
N GLY C 107 2.71 -27.16 29.70
CA GLY C 107 1.31 -26.78 29.49
C GLY C 107 1.02 -26.36 28.06
N LYS C 108 -0.13 -26.83 27.54
CA LYS C 108 -0.62 -26.45 26.22
C LYS C 108 -0.58 -24.94 26.00
N GLY C 109 0.23 -24.50 25.04
CA GLY C 109 0.33 -23.10 24.69
C GLY C 109 1.29 -22.28 25.55
N LYS C 110 1.87 -22.89 26.56
CA LYS C 110 2.86 -22.20 27.40
C LYS C 110 4.30 -22.41 26.88
N ARG C 111 5.18 -21.48 27.25
CA ARG C 111 6.62 -21.65 26.98
C ARG C 111 7.39 -21.47 28.27
N ARG C 112 8.65 -21.90 28.27
CA ARG C 112 9.54 -21.66 29.39
C ARG C 112 10.99 -21.84 28.95
N PRO C 113 11.92 -21.13 29.61
CA PRO C 113 13.33 -21.28 29.37
C PRO C 113 13.76 -22.70 29.55
N LEU C 114 14.66 -23.15 28.72
CA LEU C 114 15.13 -24.52 28.75
C LEU C 114 16.60 -24.50 29.16
N ASN C 115 16.88 -24.86 30.40
CA ASN C 115 18.24 -24.84 30.92
C ASN C 115 19.07 -26.07 30.58
N ASN C 116 20.35 -26.00 30.87
CA ASN C 116 21.23 -27.14 30.62
C ASN C 116 20.77 -28.35 31.42
N ASN C 117 20.95 -29.54 30.88
CA ASN C 117 20.61 -30.78 31.55
C ASN C 117 19.12 -30.88 31.94
N SER C 118 18.26 -30.36 31.07
CA SER C 118 16.82 -30.51 31.24
C SER C 118 16.37 -31.86 30.67
N GLU C 119 15.48 -32.53 31.39
CA GLU C 119 14.91 -33.79 30.89
C GLU C 119 13.57 -33.53 30.29
N ILE C 120 13.40 -33.86 29.03
CA ILE C 120 12.13 -33.66 28.36
C ILE C 120 11.38 -34.98 28.34
N ALA C 121 10.16 -34.92 28.87
CA ALA C 121 9.30 -36.08 28.98
C ALA C 121 8.03 -35.81 28.17
N LEU C 122 7.48 -36.86 27.55
CA LEU C 122 6.29 -36.69 26.71
C LEU C 122 5.09 -37.45 27.24
N SER C 123 3.92 -36.79 27.22
CA SER C 123 2.62 -37.37 27.60
C SER C 123 2.51 -37.80 29.05
N LEU C 124 3.56 -38.42 29.58
CA LEU C 124 3.61 -38.74 31.01
C LEU C 124 4.79 -38.05 31.65
N SER C 125 4.61 -37.66 32.90
CA SER C 125 5.67 -37.02 33.66
C SER C 125 6.97 -37.87 33.68
N ARG C 126 6.82 -39.17 33.87
CA ARG C 126 7.97 -40.07 34.04
C ARG C 126 8.55 -40.53 32.73
N ASN C 127 7.83 -40.30 31.62
CA ASN C 127 8.23 -40.79 30.28
C ASN C 127 9.31 -39.92 29.64
N LYS C 128 10.57 -40.12 30.06
CA LYS C 128 11.72 -39.30 29.63
C LYS C 128 12.09 -39.68 28.24
N VAL C 129 12.26 -38.68 27.39
CA VAL C 129 12.60 -38.91 26.00
C VAL C 129 13.97 -38.31 25.65
N PHE C 130 14.18 -37.07 26.06
CA PHE C 130 15.42 -36.36 25.77
C PHE C 130 16.12 -35.81 27.00
N VAL C 131 17.43 -35.64 26.91
CA VAL C 131 18.11 -34.68 27.78
C VAL C 131 18.59 -33.52 26.91
N PHE C 132 18.35 -32.30 27.40
CA PHE C 132 18.77 -31.12 26.70
C PHE C 132 20.06 -30.55 27.29
N PHE C 133 21.02 -30.25 26.42
CA PHE C 133 22.27 -29.67 26.84
C PHE C 133 22.54 -28.41 26.06
N ASP C 134 22.79 -27.33 26.79
CA ASP C 134 23.23 -26.06 26.20
C ASP C 134 24.70 -26.16 25.80
N LEU C 135 25.01 -25.83 24.55
CA LEU C 135 26.37 -25.94 24.06
C LEU C 135 27.08 -24.59 24.07
N THR C 136 26.30 -23.54 24.28
CA THR C 136 26.86 -22.19 24.43
C THR C 136 27.03 -21.85 25.86
N VAL C 137 28.05 -22.39 26.35
CA VAL C 137 28.33 -22.15 27.68
C VAL C 137 29.73 -21.58 27.58
N ASP C 138 30.66 -22.40 27.15
CA ASP C 138 31.98 -21.92 26.89
C ASP C 138 32.19 -21.91 25.38
N ASP C 139 31.22 -21.31 24.69
CA ASP C 139 31.30 -21.13 23.25
C ASP C 139 32.36 -20.08 22.91
N GLN C 140 33.33 -20.47 22.09
CA GLN C 140 34.45 -19.61 21.72
C GLN C 140 34.13 -18.72 20.52
N SER C 141 33.03 -19.03 19.84
CA SER C 141 32.57 -18.28 18.66
C SER C 141 32.38 -16.80 18.97
N VAL C 142 32.10 -16.48 20.23
CA VAL C 142 31.88 -15.10 20.66
C VAL C 142 33.09 -14.11 20.45
N TYR C 143 34.36 -14.54 20.34
CA TYR C 143 35.60 -13.72 20.51
C TYR C 143 36.51 -13.70 19.26
N PRO C 144 37.36 -12.65 19.08
CA PRO C 144 38.25 -12.55 17.91
C PRO C 144 39.27 -13.69 17.77
N LYS C 145 39.67 -13.95 16.53
CA LYS C 145 40.61 -15.04 16.21
C LYS C 145 41.92 -14.95 17.01
N ALA C 146 42.55 -13.78 16.97
CA ALA C 146 43.86 -13.57 17.62
C ALA C 146 43.89 -13.94 19.11
N LEU C 147 42.76 -13.76 19.78
CA LEU C 147 42.62 -14.10 21.20
C LEU C 147 42.48 -15.60 21.41
N ARG C 148 41.63 -16.22 20.60
CA ARG C 148 41.31 -17.63 20.72
C ARG C 148 42.52 -18.53 20.49
N ASP C 149 43.54 -17.98 19.83
CA ASP C 149 44.75 -18.74 19.55
C ASP C 149 45.63 -18.86 20.78
N GLU C 150 45.50 -17.91 21.69
CA GLU C 150 46.30 -17.91 22.90
C GLU C 150 45.50 -18.27 24.14
N TYR C 151 44.16 -18.15 24.04
CA TYR C 151 43.32 -18.24 25.22
C TYR C 151 42.05 -19.07 25.09
N ILE C 152 41.73 -19.79 26.15
CA ILE C 152 40.45 -20.46 26.27
C ILE C 152 39.61 -19.63 27.22
N MET C 153 38.41 -19.27 26.79
CA MET C 153 37.50 -18.46 27.58
C MET C 153 36.64 -19.27 28.54
N SER C 154 36.61 -18.84 29.79
CA SER C 154 35.86 -19.55 30.83
C SER C 154 34.76 -18.66 31.40
N LYS C 155 34.52 -18.81 32.71
CA LYS C 155 33.40 -18.17 33.38
C LYS C 155 33.50 -16.65 33.40
N THR C 156 32.36 -15.97 33.57
CA THR C 156 32.35 -14.56 33.88
C THR C 156 32.66 -14.44 35.34
N LEU C 157 33.58 -13.56 35.68
CA LEU C 157 33.84 -13.23 37.06
C LEU C 157 33.05 -11.98 37.38
N GLU C 164 32.19 -6.44 33.18
CA GLU C 164 32.30 -7.54 32.23
C GLU C 164 33.75 -8.09 32.17
N VAL C 165 34.09 -8.93 33.16
CA VAL C 165 35.44 -9.53 33.25
C VAL C 165 35.38 -11.07 33.34
N LYS C 166 36.09 -11.75 32.43
CA LYS C 166 36.02 -13.19 32.32
C LYS C 166 37.31 -13.88 32.71
N LEU C 167 37.19 -15.08 33.29
CA LEU C 167 38.34 -15.96 33.48
C LEU C 167 38.71 -16.61 32.17
N ALA C 168 40.02 -16.69 31.93
CA ALA C 168 40.54 -17.33 30.72
C ALA C 168 41.76 -18.17 31.02
N PHE C 169 42.12 -19.04 30.09
CA PHE C 169 43.31 -19.87 30.23
C PHE C 169 44.25 -19.72 29.04
N GLU C 170 45.56 -19.72 29.30
CA GLU C 170 46.53 -19.76 28.24
C GLU C 170 46.50 -21.13 27.57
N ARG C 171 46.32 -21.15 26.25
CA ARG C 171 46.18 -22.42 25.52
C ARG C 171 47.31 -23.38 25.85
N LYS C 172 48.54 -22.84 25.88
CA LYS C 172 49.74 -23.64 26.04
C LYS C 172 50.03 -24.01 27.50
N THR C 173 50.25 -23.00 28.34
CA THR C 173 50.63 -23.22 29.74
C THR C 173 49.46 -23.58 30.67
N CYS C 174 48.24 -23.35 30.20
CA CYS C 174 47.02 -23.53 31.01
C CYS C 174 47.09 -22.76 32.34
N LYS C 175 47.38 -21.47 32.24
CA LYS C 175 47.48 -20.61 33.39
C LYS C 175 46.29 -19.67 33.40
N LYS C 176 45.67 -19.49 34.56
CA LYS C 176 44.50 -18.62 34.66
C LYS C 176 44.90 -17.18 34.35
N VAL C 177 44.05 -16.48 33.61
CA VAL C 177 44.16 -15.03 33.46
C VAL C 177 42.77 -14.40 33.53
N ALA C 178 42.73 -13.08 33.73
CA ALA C 178 41.46 -12.35 33.68
C ALA C 178 41.42 -11.47 32.45
N ILE C 179 40.22 -11.30 31.88
CA ILE C 179 40.06 -10.46 30.69
C ILE C 179 38.93 -9.44 30.85
N ARG C 180 39.26 -8.15 30.94
CA ARG C 180 38.25 -7.10 30.93
C ARG C 180 37.78 -6.91 29.48
N ILE C 181 36.46 -6.76 29.30
CA ILE C 181 35.87 -6.49 27.99
C ILE C 181 35.05 -5.21 28.10
N ILE C 182 35.12 -4.32 27.11
CA ILE C 182 34.53 -2.98 27.28
C ILE C 182 33.22 -2.65 26.48
N SER C 183 33.33 -2.27 25.19
CA SER C 183 32.16 -1.98 24.34
C SER C 183 32.49 -1.28 23.00
N LYS C 184 31.46 -0.77 22.30
CA LYS C 184 31.65 0.02 21.08
C LYS C 184 32.23 1.43 21.33
N LEU C 199 38.70 6.11 20.49
CA LEU C 199 39.85 6.55 19.72
C LEU C 199 41.09 6.80 20.61
N ASN C 200 40.94 7.70 21.59
CA ASN C 200 42.07 8.13 22.43
C ASN C 200 42.39 7.23 23.63
N VAL C 201 41.36 6.65 24.25
CA VAL C 201 41.55 5.70 25.37
C VAL C 201 42.03 4.33 24.82
N GLU C 202 43.15 4.37 24.10
CA GLU C 202 43.71 3.22 23.41
C GLU C 202 45.22 3.18 23.64
N THR C 203 45.84 4.35 23.63
CA THR C 203 47.26 4.49 24.01
C THR C 203 47.35 4.61 25.53
N GLU C 204 46.23 4.89 26.18
CA GLU C 204 46.12 4.86 27.64
C GLU C 204 46.36 3.44 28.16
N ILE C 205 46.11 2.46 27.31
CA ILE C 205 46.38 1.06 27.60
C ILE C 205 47.87 0.78 27.50
N GLU C 206 48.52 1.33 26.47
CA GLU C 206 49.98 1.19 26.30
C GLU C 206 50.74 1.64 27.54
N ILE C 207 50.33 2.79 28.09
CA ILE C 207 50.93 3.37 29.28
C ILE C 207 50.74 2.47 30.52
N LEU C 208 49.61 1.78 30.59
CA LEU C 208 49.35 0.83 31.66
C LEU C 208 50.18 -0.44 31.50
N LYS C 209 50.46 -0.82 30.25
CA LYS C 209 51.26 -2.00 29.97
C LYS C 209 52.73 -1.74 30.25
N LYS C 210 53.13 -0.48 30.17
CA LYS C 210 54.50 -0.08 30.51
C LYS C 210 54.77 -0.23 31.99
N LEU C 211 53.75 0.00 32.82
CA LEU C 211 53.89 -0.11 34.27
C LEU C 211 54.38 -1.49 34.66
N ASN C 212 55.50 -1.52 35.37
CA ASN C 212 56.10 -2.77 35.78
C ASN C 212 56.55 -2.72 37.24
N HIS C 213 55.68 -3.21 38.12
CA HIS C 213 55.96 -3.29 39.54
C HIS C 213 55.29 -4.54 40.09
N PRO C 214 56.01 -5.29 40.94
CA PRO C 214 55.59 -6.56 41.54
C PRO C 214 54.33 -6.44 42.43
N CYS C 215 54.04 -5.25 42.95
CA CYS C 215 52.88 -5.05 43.78
C CYS C 215 51.74 -4.43 43.00
N ILE C 216 51.83 -4.55 41.68
CA ILE C 216 50.87 -3.95 40.75
C ILE C 216 50.46 -4.96 39.66
N ILE C 217 49.15 -5.05 39.43
CA ILE C 217 48.58 -5.94 38.40
C ILE C 217 49.16 -5.65 37.01
N LYS C 218 49.72 -6.66 36.34
CA LYS C 218 50.26 -6.50 35.00
C LYS C 218 49.18 -6.62 33.94
N ILE C 219 49.28 -5.76 32.92
CA ILE C 219 48.41 -5.84 31.75
C ILE C 219 49.11 -6.79 30.78
N LYS C 220 48.80 -8.07 30.97
CA LYS C 220 49.48 -9.17 30.31
C LYS C 220 49.32 -9.14 28.78
N ASN C 221 48.19 -8.62 28.30
CA ASN C 221 47.90 -8.58 26.86
C ASN C 221 46.69 -7.71 26.52
N PHE C 222 46.66 -7.22 25.28
CA PHE C 222 45.57 -6.35 24.83
C PHE C 222 45.04 -6.72 23.44
N PHE C 223 43.72 -6.76 23.29
CA PHE C 223 43.07 -7.05 22.02
C PHE C 223 41.99 -6.05 21.68
N ASP C 224 42.20 -5.34 20.57
CA ASP C 224 41.20 -4.43 20.02
C ASP C 224 40.62 -5.09 18.79
N ALA C 225 39.39 -5.57 18.92
CA ALA C 225 38.69 -6.21 17.81
C ALA C 225 37.40 -5.47 17.54
N GLU C 226 36.67 -5.22 18.62
CA GLU C 226 35.34 -4.64 18.52
C GLU C 226 34.87 -4.25 19.91
N ASP C 227 35.51 -4.83 20.92
CA ASP C 227 35.07 -4.65 22.30
C ASP C 227 36.17 -4.27 23.28
N TYR C 228 37.44 -4.37 22.86
CA TYR C 228 38.57 -4.19 23.75
C TYR C 228 38.67 -5.36 24.71
N TYR C 229 39.73 -6.14 24.57
CA TYR C 229 39.97 -7.26 25.46
C TYR C 229 41.31 -7.03 26.13
N ILE C 230 41.25 -6.69 27.42
CA ILE C 230 42.47 -6.45 28.19
C ILE C 230 42.73 -7.65 29.08
N VAL C 231 43.77 -8.40 28.74
CA VAL C 231 44.15 -9.56 29.53
C VAL C 231 44.98 -9.09 30.72
N LEU C 232 44.54 -9.48 31.90
CA LEU C 232 45.18 -9.07 33.14
C LEU C 232 45.60 -10.29 33.92
N GLU C 233 46.32 -10.06 35.01
CA GLU C 233 47.13 -11.08 35.65
C GLU C 233 46.39 -12.18 36.40
N LEU C 234 45.30 -11.84 37.09
CA LEU C 234 44.50 -12.82 37.89
C LEU C 234 45.20 -13.30 39.15
N MET C 235 44.90 -12.66 40.27
CA MET C 235 45.49 -13.08 41.54
C MET C 235 44.65 -14.20 42.17
N GLU C 236 45.33 -15.27 42.54
CA GLU C 236 44.69 -16.48 43.03
C GLU C 236 43.95 -16.33 44.40
N GLY C 237 44.17 -15.32 45.22
CA GLY C 237 43.68 -15.26 46.62
C GLY C 237 42.56 -14.28 46.92
N GLY C 238 41.93 -13.76 45.87
CA GLY C 238 40.81 -12.83 46.00
C GLY C 238 41.16 -11.50 46.63
N GLU C 239 40.15 -10.81 47.15
CA GLU C 239 40.33 -9.45 47.67
C GLU C 239 40.78 -9.49 49.10
N LEU C 240 41.62 -8.54 49.46
CA LEU C 240 42.03 -8.28 50.85
C LEU C 240 40.83 -7.94 51.68
N PHE C 241 39.76 -7.53 51.00
CA PHE C 241 38.47 -7.21 51.63
C PHE C 241 37.89 -8.44 52.34
N ASP C 242 37.86 -9.56 51.63
CA ASP C 242 37.30 -10.80 52.16
C ASP C 242 38.08 -11.25 53.39
N LYS C 243 39.31 -10.78 53.51
CA LYS C 243 40.18 -11.20 54.59
C LYS C 243 39.85 -10.47 55.89
N VAL C 244 39.22 -9.29 55.80
CA VAL C 244 38.88 -8.50 56.99
C VAL C 244 37.37 -8.41 57.24
N VAL C 245 36.58 -8.97 56.33
CA VAL C 245 35.11 -8.95 56.43
C VAL C 245 34.62 -9.74 57.64
N GLY C 246 33.55 -9.27 58.26
CA GLY C 246 32.96 -9.95 59.41
C GLY C 246 33.61 -9.57 60.73
N ASN C 247 34.07 -8.31 60.81
CA ASN C 247 34.65 -7.72 62.03
C ASN C 247 35.88 -8.45 62.61
N LYS C 248 36.49 -9.32 61.80
CA LYS C 248 37.71 -10.02 62.20
C LYS C 248 38.95 -9.23 61.73
N ARG C 249 40.01 -9.30 62.52
CA ARG C 249 41.25 -8.61 62.17
C ARG C 249 42.32 -9.60 61.74
N LEU C 250 43.30 -9.09 61.03
CA LEU C 250 44.43 -9.85 60.58
C LEU C 250 45.55 -9.75 61.60
N LYS C 251 46.34 -10.82 61.65
CA LYS C 251 47.62 -10.89 62.37
C LYS C 251 48.45 -9.64 62.08
N GLU C 252 49.03 -9.06 63.13
CA GLU C 252 49.81 -7.80 62.99
C GLU C 252 51.00 -7.95 62.07
N ALA C 253 51.65 -9.10 62.15
CA ALA C 253 52.73 -9.47 61.27
C ALA C 253 52.29 -9.47 59.82
N THR C 254 51.13 -10.06 59.55
CA THR C 254 50.58 -10.10 58.20
C THR C 254 50.24 -8.70 57.70
N CYS C 255 49.62 -7.87 58.54
CA CYS C 255 49.31 -6.50 58.17
C CYS C 255 50.55 -5.81 57.68
N LYS C 256 51.61 -5.88 58.47
CA LYS C 256 52.90 -5.28 58.12
C LYS C 256 53.37 -5.76 56.75
N LEU C 257 53.36 -7.06 56.54
CA LEU C 257 53.75 -7.66 55.27
C LEU C 257 52.94 -7.08 54.11
N TYR C 258 51.62 -7.01 54.26
CA TYR C 258 50.75 -6.49 53.20
C TYR C 258 50.89 -4.99 53.07
N PHE C 259 50.97 -4.30 54.21
CA PHE C 259 51.05 -2.85 54.17
C PHE C 259 52.36 -2.36 53.56
N TYR C 260 53.45 -3.08 53.83
CA TYR C 260 54.73 -2.76 53.24
C TYR C 260 54.53 -2.79 51.75
N GLN C 261 54.04 -3.92 51.26
CA GLN C 261 53.86 -4.08 49.83
C GLN C 261 53.02 -2.94 49.27
N MET C 262 51.90 -2.68 49.94
CA MET C 262 51.00 -1.62 49.56
C MET C 262 51.73 -0.28 49.40
N LEU C 263 52.56 0.05 50.40
CA LEU C 263 53.33 1.29 50.39
C LEU C 263 54.21 1.32 49.17
N LEU C 264 54.94 0.22 48.93
CA LEU C 264 55.84 0.15 47.79
C LEU C 264 55.05 0.45 46.50
N ALA C 265 53.98 -0.29 46.30
CA ALA C 265 53.18 -0.16 45.11
C ALA C 265 52.70 1.29 44.90
N VAL C 266 52.08 1.86 45.92
CA VAL C 266 51.57 3.25 45.80
C VAL C 266 52.70 4.21 45.47
N GLN C 267 53.82 4.08 46.18
CA GLN C 267 54.99 4.89 45.90
C GLN C 267 55.43 4.80 44.43
N TYR C 268 55.52 3.59 43.93
CA TYR C 268 55.90 3.36 42.55
C TYR C 268 54.94 4.08 41.63
N LEU C 269 53.64 3.88 41.88
CA LEU C 269 52.60 4.56 41.11
C LEU C 269 52.82 6.06 41.08
N HIS C 270 53.10 6.61 42.26
CA HIS C 270 53.30 8.03 42.39
C HIS C 270 54.41 8.50 41.50
N GLU C 271 55.59 7.88 41.61
CA GLU C 271 56.71 8.33 40.77
C GLU C 271 56.56 7.90 39.32
N ASN C 272 55.47 7.21 39.00
CA ASN C 272 55.12 7.02 37.60
C ASN C 272 53.92 7.86 37.21
N GLY C 273 53.76 8.98 37.91
CA GLY C 273 52.75 9.98 37.61
C GLY C 273 51.30 9.53 37.73
N ILE C 274 51.07 8.48 38.54
CA ILE C 274 49.71 7.99 38.77
C ILE C 274 49.34 8.14 40.22
N ILE C 275 48.25 8.89 40.46
CA ILE C 275 47.63 8.93 41.77
C ILE C 275 46.40 8.03 41.75
N HIS C 276 46.37 7.02 42.64
CA HIS C 276 45.33 5.98 42.59
C HIS C 276 43.93 6.53 42.84
N ARG C 277 43.83 7.41 43.82
CA ARG C 277 42.65 8.26 44.03
C ARG C 277 41.48 7.50 44.66
N ASP C 278 41.43 6.18 44.50
CA ASP C 278 40.41 5.35 45.18
C ASP C 278 40.96 3.99 45.64
N LEU C 279 41.54 3.97 46.82
CA LEU C 279 42.35 2.84 47.25
C LEU C 279 41.64 2.15 48.40
N LYS C 280 41.29 0.88 48.24
CA LYS C 280 40.51 0.20 49.29
C LYS C 280 40.76 -1.30 49.39
N PRO C 281 40.44 -1.93 50.55
CA PRO C 281 40.53 -3.38 50.75
C PRO C 281 40.18 -4.20 49.54
N GLU C 282 39.16 -3.82 48.78
CA GLU C 282 38.77 -4.62 47.60
C GLU C 282 39.61 -4.33 46.35
N ASN C 283 40.40 -3.26 46.40
CA ASN C 283 41.36 -2.95 45.33
C ASN C 283 42.69 -3.63 45.55
N VAL C 284 42.91 -4.12 46.76
CA VAL C 284 44.11 -4.83 47.09
C VAL C 284 43.82 -6.32 46.92
N LEU C 285 44.54 -6.96 46.02
CA LEU C 285 44.33 -8.37 45.75
C LEU C 285 45.46 -9.21 46.33
N LEU C 286 45.15 -10.45 46.69
CA LEU C 286 46.14 -11.35 47.27
C LEU C 286 46.47 -12.46 46.29
N SER C 287 47.76 -12.76 46.16
CA SER C 287 48.24 -13.69 45.14
C SER C 287 47.89 -15.16 45.36
N SER C 288 47.69 -15.56 46.61
CA SER C 288 47.30 -16.94 46.92
C SER C 288 46.46 -17.03 48.20
N GLN C 289 46.06 -18.26 48.55
CA GLN C 289 45.33 -18.52 49.79
C GLN C 289 46.18 -18.30 51.03
N GLU C 290 47.49 -18.50 50.88
CA GLU C 290 48.42 -18.42 52.00
C GLU C 290 48.49 -17.02 52.58
N GLU C 291 48.67 -16.95 53.89
CA GLU C 291 48.71 -15.67 54.59
C GLU C 291 49.94 -14.85 54.19
N ASP C 292 51.09 -15.51 54.07
CA ASP C 292 52.27 -14.87 53.50
C ASP C 292 52.19 -14.97 51.99
N CYS C 293 51.86 -13.84 51.35
CA CYS C 293 51.75 -13.81 49.89
C CYS C 293 51.98 -12.42 49.33
N LEU C 294 52.09 -12.32 48.02
CA LEU C 294 52.23 -11.03 47.38
C LEU C 294 50.89 -10.33 47.29
N ILE C 295 50.91 -9.03 47.46
CA ILE C 295 49.74 -8.18 47.38
C ILE C 295 49.79 -7.42 46.06
N LYS C 296 48.66 -7.27 45.39
CA LYS C 296 48.68 -6.51 44.14
C LYS C 296 47.54 -5.52 44.07
N ILE C 297 47.82 -4.34 43.52
CA ILE C 297 46.82 -3.26 43.47
C ILE C 297 46.13 -3.16 42.10
N THR C 298 44.83 -2.89 42.09
CA THR C 298 44.07 -2.75 40.84
C THR C 298 43.20 -1.49 40.84
N ASP C 299 42.46 -1.31 39.75
CA ASP C 299 41.51 -0.21 39.57
C ASP C 299 42.15 1.19 39.55
N PHE C 300 42.40 1.80 38.39
CA PHE C 300 42.59 3.27 38.40
C PHE C 300 41.53 4.07 37.58
N PRO C 319 33.77 2.84 51.47
CA PRO C 319 33.11 4.14 51.33
C PRO C 319 33.86 5.28 52.04
N THR C 320 34.44 4.95 53.19
CA THR C 320 35.10 5.89 54.10
C THR C 320 36.17 6.76 53.44
N TYR C 321 37.04 6.10 52.66
CA TYR C 321 38.37 6.57 52.20
C TYR C 321 38.46 7.98 51.57
N LEU C 322 37.40 8.77 51.71
CA LEU C 322 37.41 10.16 51.27
C LEU C 322 38.27 10.99 52.25
N ALA C 323 39.25 11.72 51.70
CA ALA C 323 40.17 12.52 52.51
C ALA C 323 39.47 13.72 53.18
N PRO C 324 39.98 14.15 54.34
CA PRO C 324 39.41 15.26 55.08
C PRO C 324 39.42 16.56 54.28
N GLU C 325 40.53 16.84 53.59
CA GLU C 325 40.66 18.06 52.80
C GLU C 325 39.65 18.05 51.65
N VAL C 326 39.30 16.86 51.15
CA VAL C 326 38.37 16.73 50.05
C VAL C 326 36.88 16.71 50.51
N LEU C 327 36.60 17.28 51.68
CA LEU C 327 35.22 17.36 52.18
C LEU C 327 34.77 18.77 52.45
N VAL C 328 35.67 19.61 52.97
CA VAL C 328 35.33 21.01 53.26
C VAL C 328 35.12 21.81 51.97
N ALA C 333 43.98 22.24 43.49
CA ALA C 333 42.69 21.58 43.34
C ALA C 333 42.33 20.79 44.58
N GLY C 334 43.31 20.08 45.16
CA GLY C 334 43.13 19.22 46.32
C GLY C 334 43.16 17.77 45.89
N TYR C 335 44.04 17.48 44.93
CA TYR C 335 44.08 16.20 44.22
C TYR C 335 45.48 15.56 44.29
N ASN C 336 46.25 16.01 45.28
CA ASN C 336 47.65 15.64 45.49
C ASN C 336 47.86 14.19 46.00
N ARG C 337 49.12 13.73 46.05
CA ARG C 337 49.44 12.38 46.48
C ARG C 337 48.91 12.04 47.87
N ALA C 338 48.86 13.03 48.74
CA ALA C 338 48.52 12.82 50.15
C ALA C 338 47.15 12.18 50.38
N VAL C 339 46.27 12.27 49.39
CA VAL C 339 44.98 11.60 49.46
C VAL C 339 45.12 10.07 49.47
N ASP C 340 46.11 9.55 48.73
CA ASP C 340 46.40 8.13 48.72
C ASP C 340 46.94 7.68 50.07
N CYS C 341 47.71 8.56 50.70
CA CYS C 341 48.26 8.24 52.00
C CYS C 341 47.13 8.10 53.00
N TRP C 342 46.24 9.09 53.00
CA TRP C 342 45.03 9.02 53.83
C TRP C 342 44.34 7.67 53.65
N SER C 343 44.12 7.29 52.40
CA SER C 343 43.46 6.02 52.08
C SER C 343 44.19 4.82 52.69
N LEU C 344 45.51 4.77 52.50
CA LEU C 344 46.32 3.68 53.03
C LEU C 344 46.23 3.65 54.54
N GLY C 345 46.13 4.84 55.12
CA GLY C 345 45.91 4.94 56.56
C GLY C 345 44.63 4.22 56.96
N VAL C 346 43.57 4.49 56.23
CA VAL C 346 42.28 3.90 56.53
C VAL C 346 42.34 2.40 56.33
N ILE C 347 43.08 1.97 55.30
CA ILE C 347 43.23 0.51 55.04
C ILE C 347 43.97 -0.17 56.17
N LEU C 348 45.08 0.44 56.59
CA LEU C 348 45.81 -0.05 57.74
C LEU C 348 44.92 -0.17 58.98
N PHE C 349 44.19 0.90 59.28
CA PHE C 349 43.29 0.94 60.42
C PHE C 349 42.34 -0.25 60.38
N ILE C 350 41.65 -0.45 59.27
CA ILE C 350 40.71 -1.54 59.14
C ILE C 350 41.40 -2.88 59.33
N CYS C 351 42.61 -2.99 58.79
CA CYS C 351 43.35 -4.25 58.84
C CYS C 351 43.72 -4.68 60.24
N LEU C 352 44.32 -3.74 60.97
CA LEU C 352 44.78 -4.00 62.32
C LEU C 352 43.63 -4.21 63.28
N SER C 353 42.59 -3.39 63.14
CA SER C 353 41.51 -3.38 64.11
C SER C 353 40.38 -4.30 63.75
N GLY C 354 40.06 -4.38 62.47
CA GLY C 354 38.93 -5.20 62.03
C GLY C 354 37.61 -4.43 61.98
N TYR C 355 37.69 -3.13 62.23
CA TYR C 355 36.54 -2.25 62.09
C TYR C 355 36.97 -0.93 61.47
N PRO C 356 36.02 -0.20 60.84
CA PRO C 356 36.39 1.04 60.17
C PRO C 356 36.60 2.19 61.16
N PRO C 357 37.49 3.14 60.83
CA PRO C 357 37.67 4.27 61.71
C PRO C 357 36.48 5.25 61.76
N PHE C 358 35.52 5.11 60.84
CA PHE C 358 34.35 6.01 60.79
C PHE C 358 33.05 5.30 60.42
N SER C 359 31.96 5.65 61.10
CA SER C 359 30.59 5.18 60.78
C SER C 359 29.56 5.88 61.67
N GLU C 360 28.38 6.17 61.11
CA GLU C 360 27.42 7.11 61.71
C GLU C 360 26.82 6.69 63.05
N HIS C 361 26.29 5.46 63.12
CA HIS C 361 25.51 4.97 64.28
C HIS C 361 24.19 5.75 64.51
N ARG C 362 24.31 6.96 65.08
CA ARG C 362 23.13 7.80 65.36
C ARG C 362 23.39 9.29 65.07
N THR C 363 22.54 10.15 65.66
CA THR C 363 22.68 11.62 65.61
C THR C 363 24.10 12.06 66.03
N GLN C 364 24.69 11.32 66.97
CA GLN C 364 26.07 11.50 67.41
C GLN C 364 27.06 11.70 66.26
N VAL C 365 27.18 12.95 65.80
CA VAL C 365 28.14 13.37 64.75
C VAL C 365 27.99 12.63 63.41
N SER C 366 27.81 13.39 62.34
CA SER C 366 27.77 12.83 60.98
C SER C 366 29.11 12.22 60.58
N LEU C 367 29.07 11.23 59.70
CA LEU C 367 30.28 10.56 59.20
C LEU C 367 31.23 11.53 58.49
N LYS C 368 30.64 12.41 57.70
CA LYS C 368 31.40 13.41 56.96
C LYS C 368 31.95 14.50 57.88
N ASP C 369 31.40 14.60 59.08
CA ASP C 369 31.90 15.52 60.10
C ASP C 369 33.02 14.89 60.93
N GLN C 370 32.91 13.59 61.19
CA GLN C 370 33.92 12.83 61.92
C GLN C 370 35.28 12.93 61.26
N ILE C 371 35.30 12.71 59.94
CA ILE C 371 36.51 12.71 59.13
C ILE C 371 37.18 14.07 59.20
N THR C 372 36.39 15.13 59.01
CA THR C 372 36.90 16.48 58.98
C THR C 372 37.56 16.92 60.29
N SER C 373 36.96 16.58 61.43
CA SER C 373 37.55 16.88 62.75
C SER C 373 38.72 15.97 63.04
N GLY C 374 38.72 14.81 62.37
CA GLY C 374 39.81 13.85 62.45
C GLY C 374 39.69 12.89 63.61
N LYS C 375 38.65 13.08 64.42
CA LYS C 375 38.38 12.23 65.57
C LYS C 375 37.83 10.87 65.10
N TYR C 376 38.74 9.91 64.93
CA TYR C 376 38.40 8.55 64.51
C TYR C 376 37.89 7.71 65.68
N ASN C 377 37.20 6.62 65.37
CA ASN C 377 36.64 5.73 66.37
C ASN C 377 37.73 4.90 67.00
N PHE C 378 37.92 5.03 68.29
CA PHE C 378 39.02 4.34 68.97
C PHE C 378 38.53 3.42 70.08
N ILE C 379 38.50 2.12 69.81
CA ILE C 379 38.08 1.12 70.80
C ILE C 379 39.32 0.55 71.49
N PRO C 380 39.58 0.97 72.75
CA PRO C 380 40.82 0.60 73.40
C PRO C 380 41.04 -0.90 73.51
N GLU C 381 39.95 -1.63 73.76
CA GLU C 381 39.99 -3.09 73.93
C GLU C 381 40.51 -3.79 72.69
N VAL C 382 40.22 -3.22 71.53
CA VAL C 382 40.66 -3.78 70.27
C VAL C 382 42.12 -3.43 70.07
N TRP C 383 42.42 -2.15 70.16
CA TRP C 383 43.79 -1.65 69.99
C TRP C 383 44.74 -2.06 71.11
N ALA C 384 44.18 -2.65 72.18
CA ALA C 384 44.96 -3.18 73.28
C ALA C 384 45.91 -4.26 72.82
N GLU C 385 45.51 -5.04 71.82
CA GLU C 385 46.41 -6.01 71.27
C GLU C 385 46.89 -5.67 69.86
N VAL C 386 47.25 -4.41 69.67
CA VAL C 386 47.97 -3.98 68.48
C VAL C 386 49.12 -3.11 68.97
N SER C 387 50.33 -3.40 68.50
CA SER C 387 51.52 -2.70 68.95
C SER C 387 51.41 -1.16 68.89
N GLU C 388 52.18 -0.47 69.74
CA GLU C 388 52.19 0.98 69.78
C GLU C 388 52.59 1.59 68.45
N LYS C 389 53.62 1.02 67.82
CA LYS C 389 54.12 1.57 66.57
C LYS C 389 53.10 1.45 65.46
N ALA C 390 52.39 0.33 65.44
CA ALA C 390 51.34 0.13 64.46
C ALA C 390 50.28 1.23 64.62
N LEU C 391 49.81 1.44 65.84
CA LEU C 391 48.85 2.52 66.12
C LEU C 391 49.41 3.89 65.76
N ASP C 392 50.71 4.07 66.00
CA ASP C 392 51.37 5.34 65.74
C ASP C 392 51.47 5.64 64.25
N LEU C 393 51.74 4.61 63.46
CA LEU C 393 51.79 4.78 62.01
C LEU C 393 50.43 5.25 61.50
N VAL C 394 49.40 4.48 61.84
CA VAL C 394 48.02 4.84 61.49
C VAL C 394 47.69 6.28 61.89
N LYS C 395 48.07 6.65 63.11
CA LYS C 395 47.88 8.00 63.61
C LYS C 395 48.50 9.02 62.66
N LYS C 396 49.78 8.81 62.33
CA LYS C 396 50.56 9.78 61.56
C LYS C 396 50.10 9.82 60.11
N LEU C 397 49.37 8.80 59.74
CA LEU C 397 48.87 8.67 58.39
C LEU C 397 47.47 9.27 58.25
N LEU C 398 46.75 9.38 59.36
CA LEU C 398 45.39 9.89 59.32
C LEU C 398 45.26 11.33 59.81
N VAL C 399 46.29 12.13 59.55
CA VAL C 399 46.28 13.55 59.92
C VAL C 399 45.30 14.33 59.04
N VAL C 400 44.50 15.18 59.67
CA VAL C 400 43.52 16.00 58.96
C VAL C 400 44.20 16.95 57.99
N ASP C 401 45.26 17.63 58.44
CA ASP C 401 46.01 18.54 57.59
C ASP C 401 46.91 17.74 56.65
N PRO C 402 46.70 17.85 55.33
CA PRO C 402 47.41 17.05 54.34
C PRO C 402 48.90 17.37 54.28
N LYS C 403 49.24 18.64 54.57
CA LYS C 403 50.62 19.10 54.64
C LYS C 403 51.36 18.39 55.77
N ALA C 404 50.62 18.02 56.83
CA ALA C 404 51.17 17.36 58.02
C ALA C 404 51.07 15.84 57.96
N ARG C 405 50.24 15.32 57.07
CA ARG C 405 50.09 13.87 56.89
C ARG C 405 51.40 13.25 56.42
N PHE C 406 51.69 12.05 56.90
CA PHE C 406 52.83 11.28 56.41
C PHE C 406 52.78 11.05 54.90
N THR C 407 53.96 11.01 54.28
CA THR C 407 54.03 10.60 52.88
C THR C 407 54.42 9.13 52.82
N THR C 408 54.35 8.55 51.62
CA THR C 408 54.78 7.16 51.42
C THR C 408 56.25 6.96 51.82
N GLU C 409 57.13 7.89 51.47
CA GLU C 409 58.51 7.74 51.91
C GLU C 409 58.60 7.74 53.42
N GLU C 410 57.95 8.71 54.05
CA GLU C 410 57.94 8.84 55.50
C GLU C 410 57.40 7.58 56.19
N ALA C 411 56.31 7.04 55.62
CA ALA C 411 55.70 5.84 56.13
C ALA C 411 56.65 4.65 56.05
N LEU C 412 57.42 4.57 54.97
CA LEU C 412 58.39 3.49 54.84
C LEU C 412 59.56 3.58 55.83
N ARG C 413 59.82 4.79 56.35
CA ARG C 413 60.86 5.00 57.36
C ARG C 413 60.34 4.75 58.76
N HIS C 414 59.02 4.55 58.90
CA HIS C 414 58.40 4.46 60.23
C HIS C 414 58.88 3.23 60.97
N PRO C 415 59.23 3.38 62.25
CA PRO C 415 59.66 2.28 63.14
C PRO C 415 58.94 0.95 62.91
N TRP C 416 57.63 1.00 62.68
CA TRP C 416 56.85 -0.23 62.51
C TRP C 416 57.35 -1.06 61.34
N LEU C 417 57.71 -0.39 60.24
CA LEU C 417 58.13 -1.07 59.03
C LEU C 417 59.64 -1.31 59.01
N GLN C 418 60.31 -0.91 60.07
CA GLN C 418 61.72 -1.24 60.24
C GLN C 418 61.82 -2.69 60.68
N ASP C 419 61.58 -3.61 59.75
CA ASP C 419 61.42 -5.01 60.09
C ASP C 419 61.97 -5.90 58.97
N GLU C 420 63.26 -6.20 59.05
CA GLU C 420 63.90 -6.99 57.98
C GLU C 420 63.41 -8.42 57.97
N ASP C 421 62.81 -8.84 59.08
CA ASP C 421 62.27 -10.18 59.20
C ASP C 421 61.17 -10.40 58.17
N MET C 422 60.24 -9.45 58.09
CA MET C 422 59.16 -9.50 57.09
C MET C 422 59.65 -9.10 55.74
N LYS C 423 60.66 -8.22 55.69
CA LYS C 423 61.24 -7.76 54.42
C LYS C 423 61.89 -8.91 53.68
N ARG C 424 62.46 -9.82 54.45
CA ARG C 424 63.04 -11.04 53.90
C ARG C 424 61.95 -11.93 53.37
N LYS C 425 60.84 -11.97 54.11
CA LYS C 425 59.64 -12.74 53.71
C LYS C 425 59.12 -12.27 52.38
N PHE C 426 59.10 -10.96 52.21
CA PHE C 426 58.66 -10.31 50.98
C PHE C 426 59.54 -10.70 49.80
N GLN C 427 60.86 -10.59 49.99
CA GLN C 427 61.84 -10.98 48.99
C GLN C 427 61.64 -12.43 48.55
N ASP C 428 61.45 -13.32 49.52
CA ASP C 428 61.13 -14.71 49.28
C ASP C 428 59.93 -14.84 48.34
N LEU C 429 58.90 -14.02 48.55
CA LEU C 429 57.67 -14.13 47.81
C LEU C 429 57.89 -13.66 46.39
N LEU C 430 58.84 -12.75 46.21
CA LEU C 430 59.22 -12.29 44.88
C LEU C 430 59.88 -13.40 44.09
N SER C 431 60.49 -14.37 44.77
CA SER C 431 60.96 -15.59 44.13
C SER C 431 59.81 -16.60 43.92
N GLU C 432 58.95 -16.26 42.95
CA GLU C 432 57.83 -17.08 42.53
C GLU C 432 57.33 -16.49 41.22
N PRO D 23 26.90 -35.30 42.19
CA PRO D 23 27.16 -35.70 40.79
C PRO D 23 27.36 -34.48 39.89
N TRP D 24 28.60 -34.07 39.68
CA TRP D 24 28.91 -32.83 38.97
C TRP D 24 29.15 -32.98 37.47
N ALA D 25 29.36 -34.22 37.01
CA ALA D 25 29.63 -34.47 35.59
C ALA D 25 29.23 -35.86 35.12
N ARG D 26 28.80 -35.95 33.87
CA ARG D 26 28.52 -37.23 33.24
C ARG D 26 29.48 -37.54 32.13
N LEU D 27 29.95 -38.78 32.12
CA LEU D 27 30.73 -39.28 31.00
C LEU D 27 29.92 -40.32 30.27
N TRP D 28 29.70 -40.08 28.98
CA TRP D 28 28.89 -40.98 28.19
C TRP D 28 29.75 -41.79 27.22
N ALA D 29 29.82 -43.10 27.46
CA ALA D 29 30.63 -44.01 26.66
C ALA D 29 30.10 -44.07 25.24
N LEU D 30 31.02 -44.17 24.28
CA LEU D 30 30.67 -44.16 22.86
C LEU D 30 31.16 -45.39 22.12
N GLN D 31 31.81 -46.29 22.86
CA GLN D 31 32.25 -47.59 22.33
C GLN D 31 31.89 -48.70 23.31
N ASP D 32 31.76 -49.92 22.79
CA ASP D 32 31.24 -51.05 23.56
C ASP D 32 32.03 -51.35 24.83
N GLY D 33 33.35 -51.42 24.72
CA GLY D 33 34.22 -51.75 25.86
C GLY D 33 34.05 -50.86 27.09
N PHE D 34 33.57 -49.64 26.86
CA PHE D 34 33.49 -48.63 27.91
C PHE D 34 32.11 -48.51 28.55
N ALA D 35 32.11 -48.22 29.85
CA ALA D 35 30.88 -47.95 30.61
C ALA D 35 30.77 -46.46 30.91
N ASN D 36 29.54 -45.99 31.14
CA ASN D 36 29.32 -44.60 31.50
C ASN D 36 29.87 -44.30 32.89
N LEU D 37 30.23 -43.04 33.12
CA LEU D 37 30.68 -42.63 34.44
C LEU D 37 29.96 -41.38 34.96
N GLU D 38 29.44 -41.51 36.17
CA GLU D 38 28.91 -40.39 36.93
C GLU D 38 30.03 -39.86 37.81
N CYS D 39 30.32 -38.57 37.69
CA CYS D 39 31.41 -37.98 38.46
C CYS D 39 30.86 -37.29 39.69
N VAL D 40 31.10 -37.91 40.83
CA VAL D 40 30.67 -37.35 42.10
C VAL D 40 31.92 -36.95 42.86
N ASN D 41 32.98 -37.75 42.71
CA ASN D 41 34.23 -37.48 43.39
C ASN D 41 35.03 -36.37 42.74
N ASP D 42 35.98 -35.81 43.47
CA ASP D 42 36.75 -34.68 42.99
C ASP D 42 37.78 -35.03 41.93
N ASN D 43 38.13 -36.31 41.84
CA ASN D 43 39.15 -36.75 40.89
C ASN D 43 38.87 -38.14 40.37
N TYR D 44 39.15 -38.34 39.09
CA TYR D 44 39.02 -39.65 38.43
C TYR D 44 40.17 -39.93 37.48
N TRP D 45 40.92 -40.99 37.74
CA TRP D 45 42.00 -41.43 36.86
C TRP D 45 41.48 -42.48 35.88
N PHE D 46 41.93 -42.39 34.64
CA PHE D 46 41.56 -43.34 33.59
C PHE D 46 42.80 -44.02 33.03
N GLY D 47 42.70 -45.31 32.78
CA GLY D 47 43.83 -46.07 32.28
C GLY D 47 43.69 -47.55 32.58
N ARG D 48 44.71 -48.29 32.19
CA ARG D 48 44.71 -49.74 32.33
C ARG D 48 45.17 -50.21 33.70
N ASP D 49 45.84 -49.32 34.44
CA ASP D 49 46.32 -49.61 35.78
C ASP D 49 45.15 -49.86 36.73
N LYS D 50 45.26 -50.95 37.50
CA LYS D 50 44.19 -51.42 38.38
C LYS D 50 43.79 -50.38 39.44
N SER D 51 44.70 -49.44 39.73
CA SER D 51 44.47 -48.39 40.73
C SER D 51 43.66 -47.20 40.19
N CYS D 52 43.47 -47.14 38.88
CA CYS D 52 42.64 -46.12 38.25
C CYS D 52 41.18 -46.28 38.66
N GLU D 53 40.54 -45.17 39.02
CA GLU D 53 39.13 -45.17 39.40
C GLU D 53 38.29 -45.70 38.25
N TYR D 54 38.65 -45.32 37.04
CA TYR D 54 38.09 -45.89 35.84
C TYR D 54 39.18 -46.71 35.17
N CYS D 55 39.10 -48.02 35.33
CA CYS D 55 40.09 -48.93 34.80
C CYS D 55 39.63 -49.54 33.48
N PHE D 56 40.57 -49.66 32.52
CA PHE D 56 40.25 -50.20 31.20
C PHE D 56 40.31 -51.72 31.14
N ASP D 57 40.75 -52.35 32.22
CA ASP D 57 41.07 -53.80 32.25
C ASP D 57 39.95 -54.79 31.88
N GLU D 58 38.74 -54.28 31.63
CA GLU D 58 37.60 -55.10 31.22
C GLU D 58 37.89 -56.00 30.03
N PRO D 59 37.46 -57.28 30.09
CA PRO D 59 37.82 -58.29 29.10
C PRO D 59 37.34 -57.98 27.68
N LEU D 60 36.20 -57.32 27.52
CA LEU D 60 35.72 -56.93 26.20
C LEU D 60 36.60 -55.84 25.61
N LEU D 61 37.01 -54.92 26.48
CA LEU D 61 37.88 -53.81 26.13
C LEU D 61 39.31 -54.26 25.77
N LYS D 62 39.74 -55.36 26.38
CA LYS D 62 41.08 -55.93 26.20
C LYS D 62 41.37 -56.45 24.78
N ARG D 63 40.31 -56.82 24.06
CA ARG D 63 40.49 -57.37 22.72
C ARG D 63 40.21 -56.37 21.59
N THR D 64 40.13 -55.08 21.90
CA THR D 64 39.85 -54.05 20.89
C THR D 64 41.09 -53.55 20.15
N ASP D 65 42.17 -54.34 20.21
CA ASP D 65 43.49 -54.01 19.63
C ASP D 65 44.06 -52.61 19.95
N LYS D 66 43.20 -51.60 19.85
CA LYS D 66 43.55 -50.25 20.25
C LYS D 66 43.74 -50.18 21.75
N TYR D 67 43.41 -51.29 22.42
CA TYR D 67 43.59 -51.42 23.87
C TYR D 67 45.04 -51.22 24.26
N ARG D 68 45.93 -51.80 23.47
CA ARG D 68 47.36 -51.77 23.75
C ARG D 68 47.98 -50.40 23.53
N THR D 69 47.23 -49.51 22.88
CA THR D 69 47.69 -48.15 22.65
C THR D 69 47.38 -47.25 23.85
N TYR D 70 46.49 -47.73 24.73
CA TYR D 70 46.10 -46.97 25.91
C TYR D 70 47.16 -47.09 26.97
N SER D 71 47.40 -46.01 27.71
CA SER D 71 48.42 -45.98 28.74
C SER D 71 47.96 -46.61 30.05
N LYS D 72 48.89 -46.77 30.98
CA LYS D 72 48.59 -47.29 32.33
C LYS D 72 47.80 -46.24 33.12
N LYS D 73 48.33 -45.02 33.17
CA LYS D 73 47.58 -43.86 33.64
C LYS D 73 47.41 -42.95 32.43
N HIS D 74 46.33 -43.16 31.69
CA HIS D 74 46.13 -42.48 30.42
C HIS D 74 45.79 -40.99 30.55
N PHE D 75 44.74 -40.68 31.30
CA PHE D 75 44.35 -39.30 31.58
C PHE D 75 43.48 -39.19 32.83
N ARG D 76 43.39 -37.99 33.40
CA ARG D 76 42.46 -37.76 34.50
C ARG D 76 41.56 -36.56 34.29
N ILE D 77 40.33 -36.71 34.74
CA ILE D 77 39.38 -35.61 34.83
C ILE D 77 39.27 -35.26 36.30
N PHE D 78 39.25 -33.98 36.62
CA PHE D 78 39.10 -33.55 38.00
C PHE D 78 38.46 -32.18 38.13
N ARG D 79 37.87 -31.97 39.29
CA ARG D 79 37.18 -30.76 39.64
C ARG D 79 38.07 -29.98 40.59
N GLU D 80 38.22 -28.68 40.33
CA GLU D 80 39.04 -27.84 41.17
C GLU D 80 38.26 -26.60 41.49
N VAL D 81 38.29 -26.21 42.75
CA VAL D 81 37.67 -24.97 43.17
C VAL D 81 38.57 -23.80 42.73
N GLY D 82 38.11 -23.06 41.72
CA GLY D 82 38.70 -21.77 41.37
C GLY D 82 38.29 -20.79 42.45
N PRO D 83 39.24 -19.97 42.94
CA PRO D 83 39.04 -19.04 44.09
C PRO D 83 38.00 -17.93 43.88
N LYS D 84 36.86 -18.32 43.29
CA LYS D 84 35.75 -17.43 42.97
C LYS D 84 34.44 -18.10 43.40
N ASN D 85 34.58 -19.14 44.22
CA ASN D 85 33.49 -20.04 44.60
C ASN D 85 32.89 -20.78 43.41
N SER D 86 33.67 -20.89 42.35
CA SER D 86 33.29 -21.61 41.14
C SER D 86 34.12 -22.89 41.01
N TYR D 87 33.52 -23.93 40.44
CA TYR D 87 34.22 -25.21 40.24
C TYR D 87 34.45 -25.48 38.76
N ILE D 88 35.73 -25.60 38.40
CA ILE D 88 36.14 -25.80 37.02
C ILE D 88 36.59 -27.23 36.77
N ALA D 89 36.11 -27.82 35.68
CA ALA D 89 36.53 -29.16 35.30
C ALA D 89 37.78 -29.10 34.43
N TYR D 90 38.72 -30.00 34.69
CA TYR D 90 39.92 -30.09 33.87
C TYR D 90 40.11 -31.52 33.40
N ILE D 91 40.69 -31.67 32.22
CA ILE D 91 41.21 -32.95 31.79
C ILE D 91 42.73 -32.80 31.75
N GLU D 92 43.45 -33.89 32.01
CA GLU D 92 44.90 -33.85 32.04
C GLU D 92 45.48 -35.09 31.37
N ASP D 93 46.20 -34.88 30.28
CA ASP D 93 46.73 -35.97 29.49
C ASP D 93 48.03 -36.46 30.10
N HIS D 94 48.12 -37.78 30.29
CA HIS D 94 49.34 -38.41 30.78
C HIS D 94 49.78 -39.56 29.88
N SER D 95 49.03 -39.75 28.80
CA SER D 95 49.25 -40.84 27.89
C SER D 95 50.38 -40.58 26.92
N GLY D 96 51.00 -41.67 26.47
CA GLY D 96 51.98 -41.61 25.40
C GLY D 96 51.32 -41.35 24.06
N ASN D 97 50.17 -41.96 23.82
CA ASN D 97 49.53 -41.87 22.50
C ASN D 97 48.51 -40.76 22.34
N GLY D 98 48.24 -40.05 23.43
CA GLY D 98 47.40 -38.85 23.38
C GLY D 98 45.98 -38.99 23.89
N THR D 99 45.54 -37.92 24.56
CA THR D 99 44.14 -37.74 24.92
C THR D 99 43.66 -36.53 24.15
N PHE D 100 42.55 -36.68 23.45
CA PHE D 100 42.06 -35.64 22.54
C PHE D 100 40.72 -35.09 22.97
N VAL D 101 40.63 -33.77 23.04
CA VAL D 101 39.38 -33.10 23.36
C VAL D 101 38.88 -32.43 22.10
N ASN D 102 37.77 -32.93 21.58
CA ASN D 102 37.19 -32.48 20.32
C ASN D 102 38.24 -32.39 19.22
N THR D 103 38.89 -33.53 18.94
CA THR D 103 39.97 -33.62 17.98
C THR D 103 41.29 -33.10 18.54
N GLU D 104 41.27 -31.93 19.18
CA GLU D 104 42.48 -31.28 19.67
C GLU D 104 43.21 -32.10 20.73
N LEU D 105 44.53 -32.28 20.52
CA LEU D 105 45.36 -33.06 21.43
C LEU D 105 45.67 -32.26 22.67
N VAL D 106 45.45 -32.85 23.85
CA VAL D 106 45.83 -32.20 25.11
C VAL D 106 47.35 -32.18 25.27
N GLY D 107 47.97 -33.34 25.15
CA GLY D 107 49.42 -33.45 25.23
C GLY D 107 49.92 -34.00 26.55
N LYS D 108 50.89 -34.90 26.47
CA LYS D 108 51.54 -35.51 27.62
C LYS D 108 51.94 -34.45 28.66
N GLY D 109 51.34 -34.53 29.85
CA GLY D 109 51.67 -33.63 30.95
C GLY D 109 50.95 -32.30 30.93
N LYS D 110 50.15 -32.04 29.91
CA LYS D 110 49.35 -30.81 29.82
C LYS D 110 47.95 -31.00 30.41
N ARG D 111 47.35 -29.90 30.84
CA ARG D 111 45.96 -29.90 31.25
C ARG D 111 45.21 -28.81 30.50
N ARG D 112 43.88 -28.89 30.53
CA ARG D 112 43.02 -27.88 29.96
C ARG D 112 41.61 -27.99 30.51
N PRO D 113 40.90 -26.86 30.57
CA PRO D 113 39.51 -26.86 30.99
C PRO D 113 38.69 -27.80 30.13
N LEU D 114 37.72 -28.46 30.76
CA LEU D 114 36.88 -29.42 30.10
C LEU D 114 35.46 -28.88 30.07
N ASN D 115 35.05 -28.36 28.93
CA ASN D 115 33.71 -27.76 28.82
C ASN D 115 32.58 -28.76 28.60
N ASN D 116 31.34 -28.29 28.69
CA ASN D 116 30.20 -29.14 28.45
C ASN D 116 30.26 -29.69 27.03
N ASN D 117 29.79 -30.91 26.84
CA ASN D 117 29.72 -31.57 25.52
C ASN D 117 31.08 -31.70 24.84
N SER D 118 32.10 -31.97 25.63
CA SER D 118 33.43 -32.26 25.09
C SER D 118 33.49 -33.74 24.69
N GLU D 119 34.12 -34.00 23.55
CA GLU D 119 34.33 -35.37 23.13
C GLU D 119 35.76 -35.79 23.45
N ILE D 120 35.88 -36.83 24.25
CA ILE D 120 37.18 -37.34 24.64
C ILE D 120 37.54 -38.52 23.74
N ALA D 121 38.69 -38.40 23.08
CA ALA D 121 39.17 -39.40 22.17
C ALA D 121 40.47 -39.92 22.72
N LEU D 122 40.72 -41.22 22.52
CA LEU D 122 41.97 -41.83 23.00
C LEU D 122 42.91 -42.34 21.88
N SER D 123 44.21 -42.09 22.04
CA SER D 123 45.26 -42.57 21.12
C SER D 123 45.18 -42.06 19.68
N LEU D 124 43.96 -42.01 19.14
CA LEU D 124 43.72 -41.40 17.84
C LEU D 124 42.79 -40.22 18.00
N SER D 125 42.95 -39.23 17.14
CA SER D 125 42.08 -38.06 17.13
C SER D 125 40.61 -38.44 16.90
N ARG D 126 40.37 -39.35 15.96
CA ARG D 126 39.01 -39.75 15.60
C ARG D 126 38.37 -40.79 16.54
N ASN D 127 39.19 -41.43 17.38
CA ASN D 127 38.75 -42.52 18.26
C ASN D 127 38.02 -41.99 19.48
N LYS D 128 36.74 -41.63 19.29
CA LYS D 128 35.89 -41.05 20.35
C LYS D 128 35.51 -42.11 21.37
N VAL D 129 35.66 -41.80 22.64
CA VAL D 129 35.36 -42.76 23.70
C VAL D 129 34.27 -42.22 24.61
N PHE D 130 34.39 -40.96 25.03
CA PHE D 130 33.43 -40.33 25.93
C PHE D 130 32.85 -39.02 25.40
N VAL D 131 31.66 -38.69 25.87
CA VAL D 131 31.19 -37.33 25.83
C VAL D 131 31.10 -36.83 27.26
N PHE D 132 31.64 -35.65 27.51
CA PHE D 132 31.62 -35.06 28.83
C PHE D 132 30.52 -34.02 28.95
N PHE D 133 29.75 -34.12 30.01
CA PHE D 133 28.69 -33.17 30.28
C PHE D 133 28.81 -32.59 31.67
N ASP D 134 28.86 -31.25 31.73
CA ASP D 134 28.84 -30.55 32.99
C ASP D 134 27.44 -30.57 33.58
N LEU D 135 27.30 -31.01 34.81
CA LEU D 135 25.98 -31.11 35.44
C LEU D 135 25.66 -29.92 36.34
N THR D 136 26.67 -29.08 36.58
CA THR D 136 26.48 -27.83 37.31
C THR D 136 26.41 -26.62 36.36
N VAL D 137 25.38 -26.28 35.65
CA VAL D 137 25.56 -25.13 34.75
C VAL D 137 24.50 -24.12 35.06
N ASP D 138 23.25 -24.48 34.76
CA ASP D 138 22.13 -23.69 35.18
C ASP D 138 21.42 -24.43 36.31
N ASP D 139 22.21 -24.89 37.27
CA ASP D 139 21.69 -25.55 38.45
C ASP D 139 20.96 -24.54 39.33
N GLN D 140 19.69 -24.84 39.60
CA GLN D 140 18.83 -23.97 40.39
C GLN D 140 18.97 -24.19 41.90
N SER D 141 19.61 -25.29 42.28
CA SER D 141 19.84 -25.66 43.68
C SER D 141 20.56 -24.58 44.46
N VAL D 142 21.36 -23.78 43.75
CA VAL D 142 22.12 -22.68 44.35
C VAL D 142 21.22 -21.61 45.07
N TYR D 143 19.92 -21.57 44.78
CA TYR D 143 18.91 -20.59 45.26
C TYR D 143 17.95 -21.15 46.31
N PRO D 144 17.36 -20.27 47.16
CA PRO D 144 16.40 -20.67 48.20
C PRO D 144 15.08 -21.19 47.62
N LYS D 145 14.47 -22.16 48.30
CA LYS D 145 13.25 -22.83 47.85
C LYS D 145 12.13 -21.84 47.53
N ALA D 146 11.94 -20.86 48.40
CA ALA D 146 10.93 -19.83 48.21
C ALA D 146 10.99 -19.18 46.83
N LEU D 147 12.22 -18.98 46.34
CA LEU D 147 12.47 -18.35 45.04
C LEU D 147 12.18 -19.32 43.91
N ARG D 148 12.73 -20.54 44.05
CA ARG D 148 12.60 -21.59 43.04
C ARG D 148 11.18 -22.03 42.83
N ASP D 149 10.34 -21.87 43.85
CA ASP D 149 8.95 -22.23 43.74
C ASP D 149 8.23 -21.33 42.74
N GLU D 150 8.70 -20.09 42.61
CA GLU D 150 8.04 -19.12 41.75
C GLU D 150 8.82 -18.78 40.49
N TYR D 151 10.13 -19.00 40.52
CA TYR D 151 11.00 -18.51 39.46
C TYR D 151 12.01 -19.54 38.94
N ILE D 152 12.16 -19.59 37.62
CA ILE D 152 13.24 -20.32 36.97
C ILE D 152 14.33 -19.30 36.70
N MET D 153 15.50 -19.50 37.26
CA MET D 153 16.61 -18.56 37.06
C MET D 153 17.29 -18.80 35.74
N SER D 154 17.62 -17.73 35.03
CA SER D 154 18.24 -17.86 33.71
C SER D 154 19.61 -17.21 33.65
N LYS D 155 19.92 -16.55 32.54
CA LYS D 155 21.23 -15.96 32.29
C LYS D 155 21.50 -14.73 33.15
N THR D 156 22.76 -14.48 33.44
CA THR D 156 23.16 -13.29 34.17
C THR D 156 23.14 -12.08 33.23
N LEU D 157 23.03 -10.88 33.80
CA LEU D 157 23.07 -9.64 33.04
C LEU D 157 23.94 -8.65 33.83
N GLY D 158 24.69 -9.20 34.79
CA GLY D 158 25.60 -8.42 35.64
C GLY D 158 24.95 -7.35 36.51
N GLU D 164 25.31 -8.43 41.07
CA GLU D 164 24.86 -9.43 40.09
C GLU D 164 23.35 -9.42 39.83
N VAL D 165 22.96 -9.12 38.59
CA VAL D 165 21.54 -9.13 38.21
C VAL D 165 21.21 -10.18 37.14
N LYS D 166 20.59 -11.27 37.57
CA LYS D 166 20.26 -12.39 36.70
C LYS D 166 18.85 -12.31 36.16
N LEU D 167 18.64 -12.88 34.98
CA LEU D 167 17.33 -13.02 34.36
C LEU D 167 16.67 -14.21 35.01
N ALA D 168 15.34 -14.19 35.08
CA ALA D 168 14.57 -15.28 35.65
C ALA D 168 13.22 -15.26 35.02
N PHE D 169 12.51 -16.38 35.14
CA PHE D 169 11.19 -16.52 34.58
C PHE D 169 10.18 -16.89 35.63
N GLU D 170 9.07 -16.15 35.67
CA GLU D 170 7.91 -16.52 36.48
C GLU D 170 7.46 -17.90 36.02
N ARG D 171 7.39 -18.82 36.96
CA ARG D 171 7.14 -20.22 36.65
C ARG D 171 5.82 -20.42 35.89
N LYS D 172 4.75 -19.76 36.34
CA LYS D 172 3.41 -19.95 35.78
C LYS D 172 3.20 -19.16 34.49
N THR D 173 3.42 -17.84 34.55
CA THR D 173 3.20 -16.96 33.39
C THR D 173 4.33 -17.03 32.35
N CYS D 174 5.55 -17.28 32.82
CA CYS D 174 6.76 -17.23 31.98
C CYS D 174 7.13 -15.79 31.64
N LYS D 175 6.71 -14.88 32.50
CA LYS D 175 7.07 -13.47 32.36
C LYS D 175 8.53 -13.29 32.76
N LYS D 176 9.29 -12.67 31.87
CA LYS D 176 10.70 -12.37 32.16
C LYS D 176 10.77 -11.29 33.25
N VAL D 177 11.54 -11.57 34.28
CA VAL D 177 11.81 -10.57 35.30
C VAL D 177 13.30 -10.52 35.60
N ALA D 178 13.74 -9.45 36.27
CA ALA D 178 15.12 -9.30 36.67
C ALA D 178 15.23 -9.60 38.15
N ILE D 179 16.29 -10.31 38.55
CA ILE D 179 16.50 -10.58 39.97
C ILE D 179 17.87 -10.09 40.41
N ARG D 180 17.88 -9.04 41.22
CA ARG D 180 19.13 -8.52 41.76
C ARG D 180 19.51 -9.35 42.98
N ILE D 181 20.68 -9.99 42.91
CA ILE D 181 21.23 -10.76 44.04
C ILE D 181 22.34 -9.94 44.69
N ILE D 182 22.40 -9.91 46.03
CA ILE D 182 23.48 -9.14 46.72
C ILE D 182 24.59 -9.95 47.48
N SER D 183 24.68 -9.86 48.81
CA SER D 183 25.82 -10.42 49.55
C SER D 183 25.55 -10.84 51.01
N LYS D 184 26.61 -10.89 51.83
CA LYS D 184 26.48 -11.20 53.27
C LYS D 184 25.90 -10.02 54.06
N LEU D 199 20.96 -5.18 58.69
CA LEU D 199 19.84 -5.94 59.24
C LEU D 199 18.50 -5.45 58.67
N ASN D 200 18.24 -4.15 58.80
CA ASN D 200 16.99 -3.51 58.36
C ASN D 200 16.93 -3.08 56.88
N VAL D 201 17.74 -3.73 56.04
CA VAL D 201 17.84 -3.45 54.61
C VAL D 201 16.80 -4.29 53.90
N GLU D 202 15.54 -3.98 54.19
CA GLU D 202 14.45 -4.92 54.04
C GLU D 202 13.21 -4.07 54.20
N THR D 203 13.27 -3.20 55.20
CA THR D 203 12.35 -2.09 55.37
C THR D 203 12.47 -1.24 54.13
N GLU D 204 13.72 -0.91 53.78
CA GLU D 204 14.01 -0.13 52.58
C GLU D 204 13.32 -0.75 51.39
N ILE D 205 13.46 -2.08 51.22
CA ILE D 205 12.78 -2.80 50.16
C ILE D 205 11.27 -2.60 50.23
N GLU D 206 10.70 -2.71 51.44
CA GLU D 206 9.27 -2.57 51.63
C GLU D 206 8.80 -1.20 51.26
N ILE D 207 9.66 -0.22 51.51
CA ILE D 207 9.40 1.17 51.15
C ILE D 207 9.39 1.30 49.63
N LEU D 208 10.47 0.87 48.98
CA LEU D 208 10.57 0.96 47.55
C LEU D 208 9.43 0.19 46.91
N LYS D 209 8.91 -0.78 47.63
CA LYS D 209 7.79 -1.58 47.14
C LYS D 209 6.52 -0.75 47.20
N LYS D 210 6.47 0.23 48.11
CA LYS D 210 5.31 1.10 48.22
C LYS D 210 5.13 2.02 47.02
N LEU D 211 6.23 2.33 46.33
CA LEU D 211 6.21 3.21 45.15
C LEU D 211 5.38 2.64 44.02
N ASN D 212 4.38 3.39 43.59
CA ASN D 212 3.48 2.88 42.58
C ASN D 212 3.13 3.90 41.51
N HIS D 213 4.03 4.02 40.54
CA HIS D 213 3.89 4.97 39.45
C HIS D 213 4.30 4.26 38.20
N PRO D 214 3.55 4.46 37.10
CA PRO D 214 3.85 3.79 35.82
C PRO D 214 5.23 4.13 35.20
N CYS D 215 5.87 5.20 35.68
CA CYS D 215 7.16 5.63 35.14
C CYS D 215 8.33 5.25 36.04
N ILE D 216 8.05 4.33 36.96
CA ILE D 216 9.00 3.92 37.98
C ILE D 216 8.98 2.40 38.10
N ILE D 217 10.15 1.78 37.95
CA ILE D 217 10.32 0.32 38.00
C ILE D 217 9.65 -0.32 39.20
N LYS D 218 8.76 -1.26 38.94
CA LYS D 218 8.07 -1.95 40.04
C LYS D 218 8.99 -3.00 40.66
N ILE D 219 9.02 -3.01 42.00
CA ILE D 219 9.72 -4.08 42.72
C ILE D 219 8.72 -5.20 42.97
N LYS D 220 8.80 -6.19 42.10
CA LYS D 220 7.86 -7.29 42.03
C LYS D 220 7.96 -8.22 43.24
N ASN D 221 9.08 -8.27 43.92
CA ASN D 221 9.27 -9.24 45.00
C ASN D 221 10.63 -9.13 45.69
N PHE D 222 10.76 -9.83 46.83
CA PHE D 222 11.97 -9.81 47.66
C PHE D 222 12.16 -11.12 48.41
N PHE D 223 13.41 -11.55 48.57
CA PHE D 223 13.77 -12.74 49.32
C PHE D 223 15.01 -12.49 50.15
N ASP D 224 14.84 -12.58 51.47
CA ASP D 224 15.98 -12.50 52.39
C ASP D 224 16.36 -13.93 52.79
N ALA D 225 17.47 -14.42 52.27
CA ALA D 225 17.96 -15.73 52.65
C ALA D 225 19.48 -15.77 52.65
N GLU D 226 20.02 -16.33 51.58
CA GLU D 226 21.46 -16.46 51.38
C GLU D 226 22.10 -15.12 51.09
N ASP D 227 21.42 -14.32 50.26
CA ASP D 227 22.08 -13.19 49.59
C ASP D 227 21.24 -11.92 49.40
N TYR D 228 19.96 -11.97 49.74
CA TYR D 228 19.03 -10.89 49.34
C TYR D 228 18.77 -10.99 47.85
N TYR D 229 17.54 -11.32 47.51
CA TYR D 229 17.11 -11.42 46.13
C TYR D 229 15.99 -10.39 45.95
N ILE D 230 16.11 -9.54 44.92
CA ILE D 230 15.10 -8.52 44.67
C ILE D 230 14.56 -8.68 43.27
N VAL D 231 13.30 -9.12 43.16
CA VAL D 231 12.68 -9.36 41.85
C VAL D 231 12.10 -8.07 41.31
N LEU D 232 12.51 -7.70 40.10
CA LEU D 232 12.15 -6.42 39.49
C LEU D 232 11.57 -6.64 38.12
N GLU D 233 10.90 -5.61 37.61
CA GLU D 233 10.06 -5.71 36.43
C GLU D 233 10.77 -6.23 35.18
N LEU D 234 11.94 -5.68 34.90
CA LEU D 234 12.66 -5.96 33.63
C LEU D 234 12.00 -5.41 32.36
N MET D 235 12.46 -4.24 31.93
CA MET D 235 11.98 -3.62 30.70
C MET D 235 12.58 -4.32 29.49
N GLU D 236 11.78 -4.46 28.46
CA GLU D 236 12.21 -5.16 27.27
C GLU D 236 13.00 -4.25 26.34
N GLY D 237 12.60 -2.98 26.31
CA GLY D 237 13.18 -2.03 25.37
C GLY D 237 14.57 -1.55 25.73
N GLY D 238 15.14 -2.11 26.80
CA GLY D 238 16.49 -1.76 27.22
C GLY D 238 16.64 -0.33 27.71
N GLU D 239 17.87 0.17 27.72
CA GLU D 239 18.16 1.49 28.27
C GLU D 239 17.93 2.58 27.25
N LEU D 240 17.45 3.72 27.74
CA LEU D 240 17.34 4.94 26.95
C LEU D 240 18.73 5.37 26.48
N PHE D 241 19.76 4.88 27.16
CA PHE D 241 21.16 5.11 26.78
C PHE D 241 21.46 4.58 25.40
N ASP D 242 21.07 3.34 25.13
CA ASP D 242 21.32 2.69 23.84
C ASP D 242 20.63 3.44 22.71
N LYS D 243 19.62 4.22 23.06
CA LYS D 243 18.82 4.96 22.08
C LYS D 243 19.54 6.22 21.60
N VAL D 244 20.44 6.77 22.41
CA VAL D 244 21.19 7.98 22.06
C VAL D 244 22.68 7.76 21.81
N VAL D 245 23.14 6.52 22.01
CA VAL D 245 24.55 6.15 21.81
C VAL D 245 24.97 6.28 20.34
N GLY D 246 26.22 6.69 20.13
CA GLY D 246 26.77 6.83 18.78
C GLY D 246 26.45 8.18 18.15
N ASN D 247 26.38 9.21 18.99
CA ASN D 247 26.18 10.61 18.57
C ASN D 247 24.89 10.89 17.78
N LYS D 248 23.94 9.96 17.84
CA LYS D 248 22.65 10.12 17.17
C LYS D 248 21.63 10.72 18.15
N ARG D 249 20.73 11.53 17.62
CA ARG D 249 19.69 12.12 18.46
C ARG D 249 18.34 11.49 18.20
N LEU D 250 17.43 11.68 19.16
CA LEU D 250 16.07 11.21 19.06
C LEU D 250 15.18 12.29 18.47
N LYS D 251 14.13 11.84 17.80
CA LYS D 251 13.04 12.67 17.34
C LYS D 251 12.55 13.57 18.47
N GLU D 252 12.35 14.86 18.18
CA GLU D 252 11.95 15.84 19.21
C GLU D 252 10.63 15.45 19.87
N ALA D 253 9.71 14.95 19.07
CA ALA D 253 8.43 14.46 19.55
C ALA D 253 8.63 13.35 20.55
N THR D 254 9.53 12.42 20.24
CA THR D 254 9.83 11.31 21.14
C THR D 254 10.47 11.80 22.44
N CYS D 255 11.42 12.73 22.34
CA CYS D 255 12.05 13.34 23.53
C CYS D 255 11.00 13.84 24.49
N LYS D 256 10.09 14.67 23.96
CA LYS D 256 9.00 15.22 24.74
C LYS D 256 8.19 14.12 25.42
N LEU D 257 7.83 13.08 24.68
CA LEU D 257 7.09 11.95 25.23
C LEU D 257 7.84 11.30 26.40
N TYR D 258 9.14 11.03 26.21
CA TYR D 258 9.94 10.40 27.26
C TYR D 258 10.19 11.37 28.41
N PHE D 259 10.48 12.62 28.06
CA PHE D 259 10.82 13.60 29.08
C PHE D 259 9.64 13.95 29.97
N TYR D 260 8.45 13.99 29.39
CA TYR D 260 7.24 14.18 30.16
C TYR D 260 7.18 13.09 31.22
N GLN D 261 7.24 11.85 30.75
CA GLN D 261 7.19 10.69 31.63
C GLN D 261 8.22 10.83 32.71
N MET D 262 9.45 11.12 32.31
CA MET D 262 10.54 11.31 33.25
C MET D 262 10.20 12.32 34.33
N LEU D 263 9.67 13.47 33.92
CA LEU D 263 9.28 14.52 34.85
C LEU D 263 8.26 13.99 35.84
N LEU D 264 7.21 13.35 35.33
CA LEU D 264 6.19 12.79 36.18
C LEU D 264 6.83 11.89 37.24
N ALA D 265 7.61 10.92 36.77
CA ALA D 265 8.24 9.95 37.65
C ALA D 265 9.04 10.63 38.76
N VAL D 266 9.96 11.51 38.37
CA VAL D 266 10.81 12.21 39.34
C VAL D 266 9.96 12.97 40.34
N GLN D 267 8.96 13.69 39.84
CA GLN D 267 8.07 14.43 40.71
C GLN D 267 7.42 13.52 41.75
N TYR D 268 6.92 12.37 41.28
CA TYR D 268 6.28 11.41 42.16
C TYR D 268 7.25 10.98 43.24
N LEU D 269 8.46 10.60 42.82
CA LEU D 269 9.53 10.21 43.75
C LEU D 269 9.74 11.28 44.81
N HIS D 270 9.79 12.53 44.36
CA HIS D 270 10.01 13.64 45.25
C HIS D 270 8.96 13.71 46.31
N GLU D 271 7.69 13.72 45.92
CA GLU D 271 6.64 13.79 46.91
C GLU D 271 6.45 12.48 47.67
N ASN D 272 7.21 11.46 47.31
CA ASN D 272 7.30 10.28 48.17
C ASN D 272 8.63 10.21 48.92
N GLY D 273 9.19 11.39 49.20
CA GLY D 273 10.40 11.54 50.01
C GLY D 273 11.66 10.91 49.44
N ILE D 274 11.67 10.69 48.12
CA ILE D 274 12.84 10.09 47.50
C ILE D 274 13.47 11.04 46.50
N ILE D 275 14.74 11.35 46.74
CA ILE D 275 15.55 12.09 45.77
C ILE D 275 16.46 11.08 45.09
N HIS D 276 16.35 10.99 43.76
CA HIS D 276 17.03 9.95 42.98
C HIS D 276 18.54 10.07 43.05
N ARG D 277 19.03 11.31 42.97
CA ARG D 277 20.42 11.63 43.29
C ARG D 277 21.43 11.18 42.20
N ASP D 278 21.08 10.18 41.39
CA ASP D 278 21.89 9.78 40.23
C ASP D 278 21.06 9.34 39.02
N LEU D 279 20.65 10.31 38.22
CA LEU D 279 19.66 10.10 37.19
C LEU D 279 20.30 10.20 35.82
N LYS D 280 20.24 9.13 35.03
CA LYS D 280 20.94 9.13 33.72
C LYS D 280 20.29 8.25 32.64
N PRO D 281 20.62 8.50 31.35
CA PRO D 281 20.16 7.71 30.23
C PRO D 281 20.07 6.23 30.50
N GLU D 282 21.03 5.66 31.22
CA GLU D 282 20.98 4.22 31.48
C GLU D 282 20.08 3.82 32.66
N ASN D 283 19.65 4.82 33.43
CA ASN D 283 18.69 4.62 34.51
C ASN D 283 17.26 4.72 34.03
N VAL D 284 17.11 5.26 32.82
CA VAL D 284 15.81 5.35 32.19
C VAL D 284 15.65 4.17 31.28
N LEU D 285 14.63 3.35 31.54
CA LEU D 285 14.39 2.17 30.75
C LEU D 285 13.17 2.34 29.88
N LEU D 286 13.17 1.68 28.73
CA LEU D 286 12.05 1.75 27.79
C LEU D 286 11.28 0.44 27.80
N SER D 287 9.95 0.55 27.82
CA SER D 287 9.08 -0.63 27.96
C SER D 287 9.05 -1.59 26.74
N SER D 288 9.29 -1.08 25.53
CA SER D 288 9.32 -1.91 24.32
C SER D 288 10.29 -1.38 23.27
N GLN D 289 10.38 -2.07 22.13
CA GLN D 289 11.17 -1.64 20.98
C GLN D 289 10.61 -0.38 20.33
N GLU D 290 9.29 -0.23 20.40
CA GLU D 290 8.58 0.88 19.75
C GLU D 290 9.01 2.23 20.28
N GLU D 291 9.08 3.21 19.39
CA GLU D 291 9.49 4.56 19.76
C GLU D 291 8.50 5.23 20.73
N ASP D 292 7.21 5.04 20.47
CA ASP D 292 6.18 5.44 21.43
C ASP D 292 6.00 4.34 22.46
N CYS D 293 6.52 4.55 23.66
CA CYS D 293 6.42 3.55 24.73
C CYS D 293 6.51 4.20 26.10
N LEU D 294 6.22 3.42 27.14
CA LEU D 294 6.37 3.87 28.51
C LEU D 294 7.83 3.85 28.93
N ILE D 295 8.20 4.87 29.72
CA ILE D 295 9.55 5.05 30.22
C ILE D 295 9.53 4.68 31.69
N LYS D 296 10.55 3.97 32.17
CA LYS D 296 10.57 3.62 33.60
C LYS D 296 11.92 3.91 34.23
N ILE D 297 11.91 4.43 35.45
CA ILE D 297 13.15 4.80 36.12
C ILE D 297 13.61 3.73 37.11
N THR D 298 14.93 3.49 37.17
CA THR D 298 15.50 2.53 38.12
C THR D 298 16.67 3.11 38.91
N ASP D 299 17.29 2.25 39.74
CA ASP D 299 18.48 2.58 40.53
C ASP D 299 18.20 3.64 41.55
N PHE D 300 17.58 3.21 42.61
CA PHE D 300 17.48 4.05 43.74
C PHE D 300 18.65 3.70 44.64
N GLY D 301 19.72 3.22 44.02
CA GLY D 301 20.93 2.83 44.73
C GLY D 301 21.76 4.00 45.21
N HIS D 302 21.48 5.17 44.65
CA HIS D 302 22.19 6.38 45.00
C HIS D 302 21.26 7.33 45.68
N SER D 303 19.97 7.09 45.51
CA SER D 303 18.94 7.98 46.01
C SER D 303 18.92 8.07 47.53
N LYS D 304 18.29 9.13 48.02
CA LYS D 304 18.10 9.25 49.45
C LYS D 304 16.60 9.14 49.81
N ILE D 305 16.31 8.07 50.56
CA ILE D 305 14.96 7.58 50.77
C ILE D 305 14.48 8.00 52.14
N LEU D 306 13.42 8.80 52.12
CA LEU D 306 12.97 9.55 53.29
C LEU D 306 14.16 10.35 53.81
N GLY D 307 14.56 10.10 55.04
CA GLY D 307 15.70 10.80 55.60
C GLY D 307 17.02 10.43 54.94
N GLU D 308 17.26 9.13 54.81
CA GLU D 308 18.61 8.59 54.65
C GLU D 308 19.00 8.18 53.25
N THR D 309 20.30 7.92 53.07
CA THR D 309 20.82 7.39 51.81
C THR D 309 20.53 5.90 51.81
N SER D 310 20.15 5.38 50.64
CA SER D 310 19.80 3.98 50.48
C SER D 310 20.94 3.12 50.95
N LEU D 311 20.60 2.11 51.73
CA LEU D 311 21.59 1.25 52.35
C LEU D 311 22.21 0.30 51.34
N MET D 312 21.83 0.46 50.07
CA MET D 312 22.43 -0.31 48.98
C MET D 312 23.79 0.28 48.65
N ARG D 313 23.95 1.57 48.93
CA ARG D 313 25.22 2.23 48.80
C ARG D 313 26.02 1.91 50.06
N PRO D 319 29.07 10.23 33.42
CA PRO D 319 29.91 10.83 34.47
C PRO D 319 29.54 12.29 34.78
N THR D 320 28.93 12.95 33.79
CA THR D 320 28.66 14.40 33.78
C THR D 320 27.61 14.92 34.80
N TYR D 321 26.83 14.02 35.37
CA TYR D 321 25.57 14.36 36.05
C TYR D 321 25.73 15.00 37.46
N LEU D 322 26.86 15.69 37.65
CA LEU D 322 27.16 16.41 38.89
C LEU D 322 26.60 17.82 38.89
N ALA D 323 25.81 18.14 39.90
CA ALA D 323 25.20 19.45 40.03
C ALA D 323 26.23 20.57 40.35
N PRO D 324 25.96 21.80 39.86
CA PRO D 324 26.82 22.98 40.05
C PRO D 324 27.06 23.34 41.50
N GLU D 325 26.02 23.23 42.34
CA GLU D 325 26.13 23.51 43.77
C GLU D 325 27.00 22.47 44.48
N VAL D 326 26.92 21.23 44.00
CA VAL D 326 27.66 20.11 44.59
C VAL D 326 29.12 20.06 44.09
N LEU D 327 29.55 21.14 43.43
CA LEU D 327 30.95 21.28 43.01
C LEU D 327 31.69 22.36 43.79
N VAL D 328 30.99 23.45 44.06
CA VAL D 328 31.55 24.56 44.84
C VAL D 328 31.59 24.20 46.31
N ALA D 333 23.13 20.75 53.31
CA ALA D 333 24.14 19.82 52.85
C ALA D 333 24.46 20.03 51.39
N GLY D 334 23.41 20.28 50.60
CA GLY D 334 23.52 20.44 49.15
C GLY D 334 22.99 19.20 48.44
N TYR D 335 21.93 18.62 49.01
CA TYR D 335 21.42 17.29 48.64
C TYR D 335 19.93 17.36 48.28
N ASN D 336 19.47 18.57 47.96
CA ASN D 336 18.07 18.90 47.72
C ASN D 336 17.53 18.35 46.40
N ARG D 337 16.22 18.49 46.16
CA ARG D 337 15.58 17.99 44.93
C ARG D 337 16.18 18.54 43.66
N ALA D 338 16.64 19.79 43.72
CA ALA D 338 17.12 20.51 42.54
C ALA D 338 18.24 19.80 41.78
N VAL D 339 18.95 18.90 42.46
CA VAL D 339 20.00 18.11 41.83
C VAL D 339 19.42 17.17 40.77
N ASP D 340 18.23 16.63 41.04
CA ASP D 340 17.56 15.76 40.08
C ASP D 340 17.10 16.54 38.87
N CYS D 341 16.69 17.79 39.10
CA CYS D 341 16.30 18.67 37.99
C CYS D 341 17.49 18.93 37.08
N TRP D 342 18.62 19.30 37.65
CA TRP D 342 19.85 19.45 36.91
C TRP D 342 20.08 18.22 36.04
N SER D 343 19.98 17.03 36.66
CA SER D 343 20.19 15.78 35.94
C SER D 343 19.26 15.61 34.75
N LEU D 344 17.97 15.84 34.97
CA LEU D 344 16.98 15.72 33.91
C LEU D 344 17.29 16.71 32.81
N GLY D 345 17.81 17.88 33.20
CA GLY D 345 18.24 18.88 32.24
C GLY D 345 19.30 18.29 31.31
N VAL D 346 20.29 17.66 31.90
CA VAL D 346 21.37 17.05 31.15
C VAL D 346 20.84 15.93 30.27
N ILE D 347 19.90 15.14 30.77
CA ILE D 347 19.32 14.06 29.97
C ILE D 347 18.59 14.64 28.78
N LEU D 348 17.77 15.67 29.00
CA LEU D 348 17.07 16.35 27.92
C LEU D 348 18.06 16.82 26.87
N PHE D 349 19.10 17.51 27.33
CA PHE D 349 20.14 18.04 26.44
C PHE D 349 20.68 16.96 25.52
N ILE D 350 21.12 15.85 26.12
CA ILE D 350 21.67 14.72 25.35
C ILE D 350 20.65 14.17 24.37
N CYS D 351 19.40 14.07 24.81
CA CYS D 351 18.34 13.53 23.98
C CYS D 351 18.07 14.34 22.73
N LEU D 352 17.87 15.64 22.91
CA LEU D 352 17.57 16.54 21.81
C LEU D 352 18.75 16.69 20.86
N SER D 353 19.94 16.82 21.42
CA SER D 353 21.13 17.16 20.63
C SER D 353 21.87 15.94 20.13
N GLY D 354 21.95 14.90 20.97
CA GLY D 354 22.71 13.70 20.62
C GLY D 354 24.17 13.76 21.04
N TYR D 355 24.51 14.82 21.78
CA TYR D 355 25.83 14.96 22.37
C TYR D 355 25.71 15.53 23.78
N PRO D 356 26.72 15.29 24.64
CA PRO D 356 26.65 15.80 26.02
C PRO D 356 26.93 17.30 26.11
N PRO D 357 26.33 17.98 27.09
CA PRO D 357 26.62 19.40 27.26
C PRO D 357 28.03 19.70 27.79
N PHE D 358 28.75 18.68 28.27
CA PHE D 358 30.10 18.87 28.80
C PHE D 358 31.07 17.73 28.45
N SER D 359 32.31 18.09 28.08
CA SER D 359 33.42 17.14 27.83
C SER D 359 34.73 17.89 27.59
N GLU D 360 35.85 17.34 28.06
CA GLU D 360 37.14 18.07 28.19
C GLU D 360 37.79 18.53 26.88
N HIS D 361 37.94 17.60 25.93
CA HIS D 361 38.70 17.82 24.68
C HIS D 361 40.18 18.09 24.92
N ARG D 362 40.51 19.31 25.36
CA ARG D 362 41.91 19.69 25.63
C ARG D 362 42.06 20.54 26.89
N THR D 363 43.19 21.28 26.97
CA THR D 363 43.48 22.24 28.04
C THR D 363 42.34 23.26 28.19
N GLN D 364 41.71 23.60 27.07
CA GLN D 364 40.52 24.46 27.01
C GLN D 364 39.48 24.09 28.08
N VAL D 365 39.65 24.65 29.29
CA VAL D 365 38.71 24.51 30.42
C VAL D 365 38.43 23.05 30.83
N SER D 366 38.67 22.76 32.12
CA SER D 366 38.36 21.45 32.69
C SER D 366 36.85 21.20 32.69
N LEU D 367 36.46 19.92 32.63
CA LEU D 367 35.05 19.52 32.66
C LEU D 367 34.33 19.98 33.93
N LYS D 368 35.03 19.83 35.06
CA LYS D 368 34.49 20.22 36.35
C LYS D 368 34.43 21.74 36.51
N ASP D 369 35.15 22.47 35.65
CA ASP D 369 35.09 23.92 35.61
C ASP D 369 33.98 24.43 34.70
N GLN D 370 33.75 23.72 33.60
CA GLN D 370 32.68 24.02 32.66
C GLN D 370 31.32 24.06 33.35
N ILE D 371 31.05 23.02 34.12
CA ILE D 371 29.78 22.84 34.81
C ILE D 371 29.54 23.99 35.76
N THR D 372 30.58 24.33 36.54
CA THR D 372 30.49 25.35 37.57
C THR D 372 30.20 26.75 37.02
N SER D 373 30.84 27.13 35.91
CA SER D 373 30.55 28.40 35.24
C SER D 373 29.22 28.35 34.50
N GLY D 374 28.77 27.13 34.18
CA GLY D 374 27.47 26.91 33.57
C GLY D 374 27.49 27.03 32.07
N LYS D 375 28.65 27.36 31.52
CA LYS D 375 28.83 27.51 30.08
C LYS D 375 28.88 26.13 29.41
N TYR D 376 27.72 25.67 28.93
CA TYR D 376 27.59 24.38 28.28
C TYR D 376 28.00 24.46 26.82
N ASN D 377 28.32 23.31 26.23
CA ASN D 377 28.72 23.22 24.83
C ASN D 377 27.53 23.42 23.91
N PHE D 378 27.58 24.47 23.09
CA PHE D 378 26.45 24.82 22.24
C PHE D 378 26.82 24.82 20.76
N ILE D 379 26.45 23.75 20.05
CA ILE D 379 26.68 23.65 18.60
C ILE D 379 25.44 24.12 17.85
N PRO D 380 25.48 25.34 17.28
CA PRO D 380 24.29 25.94 16.69
C PRO D 380 23.67 25.07 15.60
N GLU D 381 24.52 24.41 14.82
CA GLU D 381 24.08 23.59 13.68
C GLU D 381 23.20 22.43 14.11
N VAL D 382 23.49 21.91 15.29
CA VAL D 382 22.71 20.82 15.84
C VAL D 382 21.38 21.39 16.37
N TRP D 383 21.49 22.40 17.24
CA TRP D 383 20.33 23.04 17.85
C TRP D 383 19.49 23.83 16.86
N ALA D 384 19.99 23.97 15.64
CA ALA D 384 19.26 24.63 14.56
C ALA D 384 17.96 23.92 14.24
N GLU D 385 17.95 22.60 14.37
CA GLU D 385 16.72 21.85 14.19
C GLU D 385 16.15 21.25 15.46
N VAL D 386 16.16 22.07 16.51
CA VAL D 386 15.47 21.77 17.76
C VAL D 386 14.71 23.04 18.14
N SER D 387 13.42 22.90 18.38
CA SER D 387 12.55 24.05 18.66
C SER D 387 13.09 24.97 19.75
N GLU D 388 12.70 26.24 19.69
CA GLU D 388 13.12 27.25 20.68
C GLU D 388 12.73 26.88 22.10
N LYS D 389 11.50 26.42 22.29
CA LYS D 389 10.99 26.06 23.61
C LYS D 389 11.76 24.90 24.21
N ALA D 390 12.09 23.92 23.38
CA ALA D 390 12.91 22.79 23.81
C ALA D 390 14.25 23.28 24.36
N LEU D 391 14.94 24.11 23.59
CA LEU D 391 16.21 24.71 24.03
C LEU D 391 16.02 25.56 25.28
N ASP D 392 14.88 26.26 25.36
CA ASP D 392 14.59 27.12 26.50
C ASP D 392 14.36 26.32 27.78
N LEU D 393 13.69 25.18 27.68
CA LEU D 393 13.47 24.32 28.82
C LEU D 393 14.80 23.86 29.38
N VAL D 394 15.63 23.27 28.50
CA VAL D 394 16.98 22.83 28.85
C VAL D 394 17.76 23.95 29.53
N LYS D 395 17.70 25.14 28.94
CA LYS D 395 18.34 26.33 29.51
C LYS D 395 17.90 26.55 30.97
N LYS D 396 16.60 26.62 31.19
CA LYS D 396 16.03 26.97 32.49
C LYS D 396 16.25 25.85 33.51
N LEU D 397 16.59 24.69 32.99
CA LEU D 397 16.81 23.50 33.79
C LEU D 397 18.28 23.37 34.16
N LEU D 398 19.16 23.99 33.38
CA LEU D 398 20.60 23.88 33.61
C LEU D 398 21.21 25.13 34.25
N VAL D 399 20.43 25.79 35.10
CA VAL D 399 20.90 26.97 35.83
C VAL D 399 21.92 26.58 36.90
N VAL D 400 23.03 27.32 36.96
CA VAL D 400 24.10 27.08 37.93
C VAL D 400 23.60 27.27 39.36
N ASP D 401 22.84 28.34 39.60
CA ASP D 401 22.26 28.59 40.92
C ASP D 401 21.05 27.71 41.11
N PRO D 402 21.09 26.80 42.13
CA PRO D 402 20.02 25.81 42.35
C PRO D 402 18.70 26.45 42.76
N LYS D 403 18.78 27.58 43.47
CA LYS D 403 17.63 28.38 43.88
C LYS D 403 16.90 28.91 42.64
N ALA D 404 17.65 29.16 41.58
CA ALA D 404 17.13 29.71 40.32
C ALA D 404 16.77 28.64 39.30
N ARG D 405 17.26 27.41 39.50
CA ARG D 405 16.95 26.29 38.62
C ARG D 405 15.46 25.98 38.65
N PHE D 406 14.92 25.58 37.49
CA PHE D 406 13.54 25.10 37.41
C PHE D 406 13.30 23.90 38.31
N THR D 407 12.10 23.81 38.86
CA THR D 407 11.67 22.63 39.59
C THR D 407 10.85 21.73 38.67
N THR D 408 10.58 20.49 39.10
CA THR D 408 9.74 19.57 38.34
C THR D 408 8.37 20.16 38.06
N GLU D 409 7.76 20.83 39.03
CA GLU D 409 6.46 21.47 38.77
C GLU D 409 6.61 22.51 37.69
N GLU D 410 7.61 23.39 37.85
CA GLU D 410 7.86 24.47 36.90
C GLU D 410 8.11 23.94 35.50
N ALA D 411 8.88 22.86 35.42
CA ALA D 411 9.20 22.20 34.15
C ALA D 411 7.94 21.67 33.46
N LEU D 412 7.02 21.12 34.25
CA LEU D 412 5.76 20.61 33.70
C LEU D 412 4.83 21.73 33.19
N ARG D 413 5.03 22.95 33.68
CA ARG D 413 4.28 24.12 33.22
C ARG D 413 4.89 24.75 31.98
N HIS D 414 6.09 24.33 31.62
CA HIS D 414 6.85 24.96 30.55
C HIS D 414 6.16 24.78 29.20
N PRO D 415 6.07 25.87 28.42
CA PRO D 415 5.47 25.89 27.08
C PRO D 415 5.72 24.64 26.26
N TRP D 416 6.94 24.10 26.32
CA TRP D 416 7.32 22.93 25.52
C TRP D 416 6.42 21.73 25.83
N LEU D 417 6.13 21.53 27.11
CA LEU D 417 5.34 20.39 27.54
C LEU D 417 3.83 20.67 27.53
N GLN D 418 3.46 21.89 27.13
CA GLN D 418 2.06 22.22 26.92
C GLN D 418 1.60 21.62 25.59
N ASP D 419 1.44 20.30 25.59
CA ASP D 419 1.23 19.55 24.36
C ASP D 419 0.29 18.37 24.61
N GLU D 420 -1.02 18.61 24.49
CA GLU D 420 -2.01 17.56 24.78
C GLU D 420 -1.98 16.46 23.74
N ASP D 421 -1.35 16.75 22.61
CA ASP D 421 -1.21 15.79 21.53
C ASP D 421 -0.40 14.60 22.00
N MET D 422 0.74 14.87 22.63
CA MET D 422 1.60 13.83 23.18
C MET D 422 1.03 13.31 24.49
N LYS D 423 0.35 14.18 25.24
CA LYS D 423 -0.23 13.79 26.52
C LYS D 423 -1.30 12.72 26.32
N ARG D 424 -2.01 12.83 25.20
CA ARG D 424 -3.00 11.84 24.81
C ARG D 424 -2.30 10.54 24.44
N LYS D 425 -1.16 10.67 23.76
CA LYS D 425 -0.32 9.53 23.40
C LYS D 425 0.12 8.76 24.65
N PHE D 426 0.46 9.51 25.69
CA PHE D 426 0.90 8.96 26.95
C PHE D 426 -0.22 8.17 27.63
N GLN D 427 -1.40 8.77 27.69
CA GLN D 427 -2.59 8.14 28.24
C GLN D 427 -2.88 6.81 27.53
N ASP D 428 -2.79 6.84 26.20
CA ASP D 428 -2.91 5.65 25.36
C ASP D 428 -1.96 4.55 25.82
N LEU D 429 -0.72 4.93 26.11
CA LEU D 429 0.30 3.97 26.47
C LEU D 429 0.04 3.37 27.84
N LEU D 430 -0.64 4.14 28.69
CA LEU D 430 -1.08 3.65 30.00
C LEU D 430 -2.14 2.55 29.85
N SER D 431 -2.90 2.58 28.76
CA SER D 431 -3.80 1.49 28.42
C SER D 431 -3.03 0.35 27.77
N GLU D 432 -2.28 -0.37 28.61
CA GLU D 432 -1.53 -1.56 28.23
C GLU D 432 -1.08 -2.22 29.52
N PRO E 23 -20.84 20.41 -11.99
CA PRO E 23 -19.38 20.44 -12.14
C PRO E 23 -18.91 19.58 -13.32
N TRP E 24 -18.73 20.20 -14.48
CA TRP E 24 -18.43 19.46 -15.72
C TRP E 24 -16.94 19.30 -16.03
N ALA E 25 -16.08 20.08 -15.36
CA ALA E 25 -14.64 20.02 -15.63
C ALA E 25 -13.77 20.44 -14.45
N ARG E 26 -12.62 19.80 -14.33
CA ARG E 26 -11.64 20.18 -13.31
C ARG E 26 -10.40 20.76 -13.93
N LEU E 27 -9.92 21.86 -13.34
CA LEU E 27 -8.63 22.41 -13.70
C LEU E 27 -7.68 22.21 -12.54
N TRP E 28 -6.58 21.54 -12.81
CA TRP E 28 -5.62 21.25 -11.78
C TRP E 28 -4.36 22.10 -11.95
N ALA E 29 -4.16 23.02 -11.01
CA ALA E 29 -3.02 23.94 -11.02
C ALA E 29 -1.72 23.16 -10.88
N LEU E 30 -0.70 23.62 -11.58
CA LEU E 30 0.59 22.96 -11.61
C LEU E 30 1.74 23.87 -11.16
N GLN E 31 1.40 25.10 -10.80
CA GLN E 31 2.37 26.06 -10.26
C GLN E 31 1.78 26.77 -9.06
N ASP E 32 2.66 27.24 -8.17
CA ASP E 32 2.24 27.77 -6.87
C ASP E 32 1.23 28.89 -6.96
N GLY E 33 1.50 29.89 -7.80
CA GLY E 33 0.62 31.06 -7.94
C GLY E 33 -0.84 30.77 -8.25
N PHE E 34 -1.08 29.60 -8.85
CA PHE E 34 -2.41 29.24 -9.34
C PHE E 34 -3.18 28.32 -8.40
N ALA E 35 -4.49 28.52 -8.37
CA ALA E 35 -5.41 27.67 -7.62
C ALA E 35 -6.19 26.78 -8.56
N ASN E 36 -6.68 25.65 -8.04
CA ASN E 36 -7.51 24.74 -8.84
C ASN E 36 -8.85 25.37 -9.19
N LEU E 37 -9.45 24.94 -10.28
CA LEU E 37 -10.78 25.40 -10.63
C LEU E 37 -11.74 24.26 -10.94
N GLU E 38 -12.90 24.32 -10.29
CA GLU E 38 -14.02 23.45 -10.61
C GLU E 38 -14.89 24.22 -11.58
N CYS E 39 -15.17 23.62 -12.74
CA CYS E 39 -15.99 24.28 -13.76
C CYS E 39 -17.42 23.81 -13.67
N VAL E 40 -18.29 24.70 -13.17
CA VAL E 40 -19.71 24.41 -13.06
C VAL E 40 -20.43 25.32 -14.04
N ASN E 41 -19.94 26.54 -14.18
CA ASN E 41 -20.55 27.50 -15.07
C ASN E 41 -20.21 27.22 -16.52
N ASP E 42 -20.99 27.81 -17.43
CA ASP E 42 -20.83 27.56 -18.86
C ASP E 42 -19.63 28.23 -19.50
N ASN E 43 -19.09 29.23 -18.82
CA ASN E 43 -17.95 29.97 -19.35
C ASN E 43 -17.01 30.46 -18.25
N TYR E 44 -15.72 30.44 -18.54
CA TYR E 44 -14.70 30.93 -17.61
C TYR E 44 -13.59 31.66 -18.36
N TRP E 45 -13.41 32.94 -18.04
CA TRP E 45 -12.32 33.75 -18.59
C TRP E 45 -11.11 33.73 -17.66
N PHE E 46 -9.92 33.65 -18.25
CA PHE E 46 -8.68 33.64 -17.48
C PHE E 46 -7.81 34.79 -17.93
N GLY E 47 -7.16 35.42 -16.97
CA GLY E 47 -6.33 36.57 -17.27
C GLY E 47 -6.15 37.47 -16.07
N ARG E 48 -5.43 38.58 -16.27
CA ARG E 48 -5.08 39.51 -15.19
C ARG E 48 -6.17 40.53 -14.91
N ASP E 49 -7.08 40.68 -15.87
CA ASP E 49 -8.22 41.60 -15.74
C ASP E 49 -9.14 41.17 -14.62
N LYS E 50 -9.48 42.12 -13.75
CA LYS E 50 -10.27 41.87 -12.54
C LYS E 50 -11.65 41.25 -12.84
N SER E 51 -12.12 41.42 -14.07
CA SER E 51 -13.43 40.91 -14.49
C SER E 51 -13.40 39.44 -14.91
N CYS E 52 -12.19 38.88 -15.09
CA CYS E 52 -12.02 37.45 -15.38
C CYS E 52 -12.51 36.60 -14.22
N GLU E 53 -13.25 35.54 -14.54
CA GLU E 53 -13.76 34.63 -13.52
C GLU E 53 -12.59 33.99 -12.78
N TYR E 54 -11.55 33.68 -13.53
CA TYR E 54 -10.29 33.26 -12.96
C TYR E 54 -9.28 34.38 -13.20
N CYS E 55 -9.02 35.16 -12.17
CA CYS E 55 -8.11 36.29 -12.26
C CYS E 55 -6.73 35.94 -11.75
N PHE E 56 -5.71 36.41 -12.46
CA PHE E 56 -4.32 36.12 -12.08
C PHE E 56 -3.76 37.06 -11.02
N ASP E 57 -4.53 38.10 -10.67
CA ASP E 57 -4.04 39.22 -9.86
C ASP E 57 -3.48 38.88 -8.46
N GLU E 58 -3.51 37.61 -8.08
CA GLU E 58 -2.98 37.14 -6.80
C GLU E 58 -1.53 37.56 -6.55
N PRO E 59 -1.22 38.03 -5.33
CA PRO E 59 0.08 38.63 -5.01
C PRO E 59 1.27 37.70 -5.16
N LEU E 60 1.08 36.41 -4.92
CA LEU E 60 2.15 35.44 -5.13
C LEU E 60 2.44 35.24 -6.62
N LEU E 61 1.36 35.23 -7.39
CA LEU E 61 1.42 35.10 -8.84
C LEU E 61 2.03 36.33 -9.52
N LYS E 62 1.86 37.49 -8.89
CA LYS E 62 2.35 38.79 -9.42
C LYS E 62 3.87 38.89 -9.50
N ARG E 63 4.57 38.14 -8.65
CA ARG E 63 6.03 38.21 -8.61
C ARG E 63 6.74 37.07 -9.36
N THR E 64 6.01 36.33 -10.19
CA THR E 64 6.59 35.19 -10.92
C THR E 64 7.25 35.60 -12.24
N ASP E 65 7.57 36.89 -12.38
CA ASP E 65 8.14 37.51 -13.60
C ASP E 65 7.45 37.18 -14.94
N LYS E 66 7.12 35.90 -15.14
CA LYS E 66 6.34 35.45 -16.28
C LYS E 66 4.91 35.99 -16.17
N TYR E 67 4.59 36.58 -15.02
CA TYR E 67 3.30 37.22 -14.77
C TYR E 67 3.01 38.28 -15.81
N ARG E 68 4.03 39.06 -16.12
CA ARG E 68 3.88 40.18 -17.03
C ARG E 68 3.70 39.74 -18.48
N THR E 69 3.96 38.46 -18.74
CA THR E 69 3.79 37.90 -20.09
C THR E 69 2.34 37.47 -20.31
N TYR E 70 1.59 37.37 -19.22
CA TYR E 70 0.19 36.98 -19.29
C TYR E 70 -0.66 38.15 -19.71
N SER E 71 -1.69 37.87 -20.51
CA SER E 71 -2.57 38.91 -21.04
C SER E 71 -3.65 39.31 -20.04
N LYS E 72 -4.37 40.37 -20.38
CA LYS E 72 -5.49 40.85 -19.55
C LYS E 72 -6.67 39.87 -19.64
N LYS E 73 -7.04 39.53 -20.87
CA LYS E 73 -7.95 38.42 -21.12
C LYS E 73 -7.14 37.38 -21.89
N HIS E 74 -6.49 36.49 -21.16
CA HIS E 74 -5.52 35.56 -21.75
C HIS E 74 -6.17 34.44 -22.58
N PHE E 75 -7.09 33.70 -21.95
CA PHE E 75 -7.83 32.64 -22.65
C PHE E 75 -9.13 32.31 -21.93
N ARG E 76 -10.06 31.68 -22.64
CA ARG E 76 -11.26 31.19 -21.98
C ARG E 76 -11.56 29.73 -22.29
N ILE E 77 -12.05 29.03 -21.28
CA ILE E 77 -12.59 27.69 -21.45
C ILE E 77 -14.09 27.84 -21.37
N PHE E 78 -14.81 27.13 -22.22
CA PHE E 78 -16.26 27.16 -22.18
C PHE E 78 -16.90 25.89 -22.71
N ARG E 79 -18.12 25.67 -22.25
CA ARG E 79 -18.91 24.51 -22.60
C ARG E 79 -19.97 24.96 -23.58
N GLU E 80 -20.12 24.21 -24.66
CA GLU E 80 -21.10 24.55 -25.66
C GLU E 80 -21.90 23.29 -25.98
N VAL E 81 -23.21 23.45 -26.06
CA VAL E 81 -24.07 22.36 -26.48
C VAL E 81 -23.96 22.18 -27.99
N GLY E 82 -23.30 21.11 -28.40
CA GLY E 82 -23.32 20.66 -29.78
C GLY E 82 -24.71 20.07 -30.03
N PRO E 83 -25.35 20.41 -31.17
CA PRO E 83 -26.75 20.05 -31.50
C PRO E 83 -27.00 18.54 -31.64
N LYS E 84 -26.43 17.76 -30.72
CA LYS E 84 -26.52 16.30 -30.69
C LYS E 84 -26.85 15.87 -29.25
N ASN E 85 -27.27 16.84 -28.44
CA ASN E 85 -27.44 16.69 -26.99
C ASN E 85 -26.14 16.35 -26.25
N SER E 86 -25.02 16.67 -26.91
CA SER E 86 -23.69 16.49 -26.34
C SER E 86 -23.08 17.85 -26.00
N TYR E 87 -22.25 17.87 -24.96
CA TYR E 87 -21.59 19.09 -24.53
C TYR E 87 -20.09 19.00 -24.76
N ILE E 88 -19.58 19.93 -25.57
CA ILE E 88 -18.16 19.94 -25.96
C ILE E 88 -17.42 21.09 -25.27
N ALA E 89 -16.26 20.78 -24.71
CA ALA E 89 -15.41 21.81 -24.09
C ALA E 89 -14.50 22.43 -25.13
N TYR E 90 -14.35 23.75 -25.08
CA TYR E 90 -13.42 24.45 -25.97
C TYR E 90 -12.52 25.33 -25.15
N ILE E 91 -11.29 25.49 -25.62
CA ILE E 91 -10.42 26.54 -25.11
C ILE E 91 -10.28 27.57 -26.23
N GLU E 92 -10.09 28.82 -25.86
CA GLU E 92 -9.99 29.89 -26.84
C GLU E 92 -8.89 30.89 -26.47
N ASP E 93 -7.87 30.96 -27.32
CA ASP E 93 -6.71 31.80 -27.03
C ASP E 93 -7.01 33.24 -27.44
N HIS E 94 -6.74 34.17 -26.51
CA HIS E 94 -6.87 35.60 -26.79
C HIS E 94 -5.61 36.36 -26.40
N SER E 95 -4.60 35.60 -25.96
CA SER E 95 -3.36 36.17 -25.46
C SER E 95 -2.43 36.58 -26.57
N GLY E 96 -1.59 37.55 -26.29
CA GLY E 96 -0.51 37.93 -27.18
C GLY E 96 0.61 36.90 -27.19
N ASN E 97 0.92 36.35 -26.03
CA ASN E 97 2.06 35.44 -25.90
C ASN E 97 1.75 33.95 -26.05
N GLY E 98 0.47 33.62 -26.17
CA GLY E 98 0.05 32.27 -26.50
C GLY E 98 -0.54 31.46 -25.37
N THR E 99 -1.57 30.69 -25.71
CA THR E 99 -2.10 29.63 -24.86
C THR E 99 -1.80 28.30 -25.57
N PHE E 100 -1.21 27.37 -24.83
CA PHE E 100 -0.74 26.12 -25.41
C PHE E 100 -1.48 24.92 -24.83
N VAL E 101 -1.98 24.06 -25.71
CA VAL E 101 -2.62 22.83 -25.30
C VAL E 101 -1.70 21.69 -25.69
N ASN E 102 -1.16 21.00 -24.67
CA ASN E 102 -0.19 19.94 -24.87
C ASN E 102 0.92 20.34 -25.82
N THR E 103 1.61 21.44 -25.49
CA THR E 103 2.66 22.02 -26.33
C THR E 103 2.10 22.85 -27.49
N GLU E 104 1.08 22.32 -28.17
CA GLU E 104 0.54 22.95 -29.37
C GLU E 104 -0.10 24.29 -29.08
N LEU E 105 0.29 25.32 -29.84
CA LEU E 105 -0.23 26.66 -29.67
C LEU E 105 -1.63 26.77 -30.23
N VAL E 106 -2.55 27.32 -29.45
CA VAL E 106 -3.91 27.56 -29.94
C VAL E 106 -3.92 28.72 -30.94
N GLY E 107 -3.37 29.86 -30.54
CA GLY E 107 -3.26 31.03 -31.41
C GLY E 107 -4.28 32.10 -31.11
N LYS E 108 -3.81 33.35 -31.12
CA LYS E 108 -4.64 34.53 -30.92
C LYS E 108 -5.92 34.48 -31.76
N GLY E 109 -7.06 34.43 -31.09
CA GLY E 109 -8.36 34.46 -31.78
C GLY E 109 -8.87 33.11 -32.25
N LYS E 110 -8.05 32.06 -32.08
CA LYS E 110 -8.45 30.69 -32.45
C LYS E 110 -9.09 29.95 -31.26
N ARG E 111 -9.90 28.95 -31.58
CA ARG E 111 -10.44 28.05 -30.58
C ARG E 111 -10.15 26.61 -30.99
N ARG E 112 -10.28 25.70 -30.04
CA ARG E 112 -10.16 24.27 -30.31
C ARG E 112 -10.78 23.46 -29.18
N PRO E 113 -11.27 22.25 -29.51
CA PRO E 113 -11.82 21.35 -28.52
C PRO E 113 -10.79 21.07 -27.46
N LEU E 114 -11.27 20.95 -26.23
CA LEU E 114 -10.40 20.70 -25.09
C LEU E 114 -10.70 19.31 -24.53
N ASN E 115 -9.84 18.35 -24.85
CA ASN E 115 -10.07 16.97 -24.42
C ASN E 115 -9.64 16.70 -22.99
N ASN E 116 -10.01 15.52 -22.47
CA ASN E 116 -9.60 15.11 -21.13
C ASN E 116 -8.09 15.06 -21.04
N ASN E 117 -7.57 15.39 -19.87
CA ASN E 117 -6.13 15.36 -19.61
C ASN E 117 -5.31 16.26 -20.55
N SER E 118 -5.86 17.42 -20.87
CA SER E 118 -5.12 18.42 -21.64
C SER E 118 -4.26 19.25 -20.71
N GLU E 119 -3.03 19.53 -21.12
CA GLU E 119 -2.16 20.40 -20.36
C GLU E 119 -2.18 21.80 -20.94
N ILE E 120 -2.58 22.76 -20.11
CA ILE E 120 -2.65 24.15 -20.54
C ILE E 120 -1.38 24.87 -20.10
N ALA E 121 -0.69 25.42 -21.08
CA ALA E 121 0.54 26.16 -20.85
C ALA E 121 0.34 27.61 -21.26
N LEU E 122 0.96 28.52 -20.52
CA LEU E 122 0.82 29.97 -20.80
C LEU E 122 2.13 30.63 -21.24
N SER E 123 2.03 31.48 -22.26
CA SER E 123 3.15 32.29 -22.80
C SER E 123 4.34 31.49 -23.38
N LEU E 124 4.71 30.41 -22.70
CA LEU E 124 5.71 29.48 -23.21
C LEU E 124 5.09 28.11 -23.39
N SER E 125 5.57 27.39 -24.40
CA SER E 125 5.13 26.04 -24.66
C SER E 125 5.33 25.11 -23.46
N ARG E 126 6.47 25.23 -22.80
CA ARG E 126 6.81 24.35 -21.67
C ARG E 126 6.21 24.80 -20.33
N ASN E 127 5.72 26.04 -20.27
CA ASN E 127 5.18 26.62 -19.03
C ASN E 127 3.79 26.10 -18.68
N LYS E 128 3.74 24.89 -18.13
CA LYS E 128 2.47 24.22 -17.79
C LYS E 128 1.83 24.87 -16.57
N VAL E 129 0.54 25.17 -16.68
CA VAL E 129 -0.19 25.81 -15.60
C VAL E 129 -1.33 24.93 -15.10
N PHE E 130 -2.10 24.39 -16.01
CA PHE E 130 -3.26 23.56 -15.65
C PHE E 130 -3.26 22.19 -16.32
N VAL E 131 -3.92 21.24 -15.67
CA VAL E 131 -4.39 20.06 -16.35
C VAL E 131 -5.91 20.10 -16.38
N PHE E 132 -6.46 19.85 -17.56
CA PHE E 132 -7.89 19.87 -17.74
C PHE E 132 -8.44 18.46 -17.75
N PHE E 133 -9.50 18.27 -16.98
CA PHE E 133 -10.17 17.00 -16.90
C PHE E 133 -11.65 17.15 -17.16
N ASP E 134 -12.14 16.37 -18.12
CA ASP E 134 -13.57 16.28 -18.40
C ASP E 134 -14.23 15.41 -17.33
N LEU E 135 -15.28 15.93 -16.71
CA LEU E 135 -15.97 15.21 -15.64
C LEU E 135 -17.24 14.52 -16.13
N THR E 136 -17.65 14.85 -17.34
CA THR E 136 -18.76 14.16 -17.98
C THR E 136 -18.14 13.05 -18.84
N VAL E 137 -17.37 12.16 -18.16
CA VAL E 137 -16.56 11.12 -18.81
C VAL E 137 -16.99 9.76 -18.32
N ASP E 138 -16.62 9.42 -17.10
CA ASP E 138 -17.14 8.23 -16.47
C ASP E 138 -18.15 8.63 -15.40
N ASP E 139 -19.06 9.51 -15.80
CA ASP E 139 -20.14 9.95 -14.95
C ASP E 139 -21.14 8.83 -14.75
N GLN E 140 -21.37 8.49 -13.48
CA GLN E 140 -22.25 7.38 -13.11
C GLN E 140 -23.72 7.82 -13.01
N SER E 141 -23.96 9.13 -13.00
CA SER E 141 -25.30 9.72 -12.90
C SER E 141 -26.22 9.23 -14.01
N VAL E 142 -25.63 8.89 -15.15
CA VAL E 142 -26.37 8.41 -16.33
C VAL E 142 -27.19 7.11 -16.03
N TYR E 143 -26.80 6.33 -15.03
CA TYR E 143 -27.45 5.03 -14.81
C TYR E 143 -28.41 5.00 -13.61
N PRO E 144 -29.51 4.23 -13.71
CA PRO E 144 -30.51 4.13 -12.63
C PRO E 144 -29.96 3.57 -11.31
N LYS E 145 -30.60 3.95 -10.21
CA LYS E 145 -30.19 3.55 -8.86
C LYS E 145 -30.09 2.03 -8.68
N ALA E 146 -31.14 1.32 -9.06
CA ALA E 146 -31.22 -0.15 -8.89
C ALA E 146 -30.05 -0.92 -9.51
N LEU E 147 -29.52 -0.38 -10.61
CA LEU E 147 -28.38 -0.98 -11.30
C LEU E 147 -27.07 -0.71 -10.56
N ARG E 148 -26.88 0.55 -10.15
CA ARG E 148 -25.66 1.00 -9.51
C ARG E 148 -25.40 0.31 -8.18
N ASP E 149 -26.44 -0.27 -7.59
CA ASP E 149 -26.32 -0.97 -6.33
C ASP E 149 -25.69 -2.36 -6.51
N GLU E 150 -25.83 -2.92 -7.70
CA GLU E 150 -25.28 -4.24 -7.99
C GLU E 150 -24.07 -4.18 -8.89
N TYR E 151 -23.91 -3.06 -9.61
CA TYR E 151 -22.93 -3.01 -10.68
C TYR E 151 -22.09 -1.73 -10.76
N ILE E 152 -20.82 -1.92 -11.10
CA ILE E 152 -19.94 -0.81 -11.42
C ILE E 152 -19.79 -0.78 -12.94
N MET E 153 -20.03 0.39 -13.52
CA MET E 153 -19.98 0.54 -14.98
C MET E 153 -18.59 0.85 -15.47
N SER E 154 -18.15 0.13 -16.49
CA SER E 154 -16.82 0.32 -17.03
C SER E 154 -16.87 0.76 -18.51
N LYS E 155 -15.91 0.28 -19.29
CA LYS E 155 -15.74 0.73 -20.69
C LYS E 155 -16.90 0.35 -21.59
N THR E 156 -17.04 1.07 -22.70
CA THR E 156 -17.93 0.65 -23.77
C THR E 156 -17.23 -0.44 -24.53
N LEU E 157 -17.92 -1.54 -24.78
CA LEU E 157 -17.40 -2.57 -25.65
C LEU E 157 -17.94 -2.33 -27.05
N GLU E 164 -24.49 -0.32 -28.51
CA GLU E 164 -24.25 0.29 -27.21
C GLU E 164 -24.22 -0.77 -26.07
N VAL E 165 -23.08 -1.45 -25.95
CA VAL E 165 -22.87 -2.47 -24.91
C VAL E 165 -21.64 -2.18 -24.05
N LYS E 166 -21.84 -2.18 -22.72
CA LYS E 166 -20.79 -1.80 -21.79
C LYS E 166 -20.33 -2.94 -20.89
N LEU E 167 -19.05 -2.91 -20.55
CA LEU E 167 -18.50 -3.78 -19.52
C LEU E 167 -18.91 -3.26 -18.16
N ALA E 168 -19.28 -4.18 -17.27
CA ALA E 168 -19.65 -3.84 -15.89
C ALA E 168 -19.12 -4.88 -14.91
N PHE E 169 -19.11 -4.53 -13.64
CA PHE E 169 -18.67 -5.44 -12.59
C PHE E 169 -19.72 -5.56 -11.50
N GLU E 170 -19.87 -6.77 -10.97
CA GLU E 170 -20.71 -6.99 -9.80
C GLU E 170 -20.06 -6.36 -8.59
N ARG E 171 -20.79 -5.47 -7.91
CA ARG E 171 -20.25 -4.74 -6.76
C ARG E 171 -19.58 -5.68 -5.77
N LYS E 172 -20.26 -6.79 -5.48
CA LYS E 172 -19.83 -7.73 -4.46
C LYS E 172 -18.73 -8.68 -4.94
N THR E 173 -19.05 -9.51 -5.93
CA THR E 173 -18.12 -10.54 -6.40
C THR E 173 -17.01 -10.03 -7.32
N CYS E 174 -17.19 -8.82 -7.84
CA CYS E 174 -16.27 -8.22 -8.81
C CYS E 174 -16.06 -9.13 -10.03
N LYS E 175 -17.18 -9.53 -10.63
CA LYS E 175 -17.16 -10.40 -11.79
C LYS E 175 -17.60 -9.59 -13.00
N LYS E 176 -16.88 -9.76 -14.11
CA LYS E 176 -17.21 -9.04 -15.33
C LYS E 176 -18.59 -9.45 -15.84
N VAL E 177 -19.38 -8.47 -16.28
CA VAL E 177 -20.60 -8.74 -17.05
C VAL E 177 -20.72 -7.75 -18.21
N ALA E 178 -21.59 -8.05 -19.16
CA ALA E 178 -21.87 -7.13 -20.26
C ALA E 178 -23.27 -6.58 -20.12
N ILE E 179 -23.48 -5.33 -20.52
CA ILE E 179 -24.80 -4.70 -20.44
C ILE E 179 -25.19 -4.02 -21.76
N ARG E 180 -26.19 -4.58 -22.43
CA ARG E 180 -26.77 -3.92 -23.61
C ARG E 180 -27.68 -2.79 -23.12
N ILE E 181 -27.61 -1.65 -23.80
CA ILE E 181 -28.46 -0.50 -23.52
C ILE E 181 -29.16 -0.11 -24.81
N ILE E 182 -30.47 0.21 -24.75
CA ILE E 182 -31.27 0.35 -25.99
C ILE E 182 -31.70 1.78 -26.42
N SER E 183 -32.79 2.33 -25.86
CA SER E 183 -33.25 3.71 -26.15
C SER E 183 -34.67 4.02 -25.64
N LYS E 184 -35.23 5.15 -26.09
CA LYS E 184 -36.63 5.52 -25.76
C LYS E 184 -37.67 4.66 -26.48
N LEU E 199 -43.26 -1.02 -25.52
CA LEU E 199 -44.34 -1.63 -24.73
C LEU E 199 -44.28 -3.17 -24.78
N ASN E 200 -44.34 -3.75 -25.97
CA ASN E 200 -44.41 -5.20 -26.14
C ASN E 200 -43.07 -5.96 -26.11
N VAL E 201 -42.01 -5.35 -26.65
CA VAL E 201 -40.66 -5.95 -26.61
C VAL E 201 -40.06 -5.79 -25.19
N GLU E 202 -40.79 -6.31 -24.21
CA GLU E 202 -40.46 -6.20 -22.79
C GLU E 202 -40.64 -7.55 -22.12
N THR E 203 -41.69 -8.28 -22.52
CA THR E 203 -41.89 -9.66 -22.07
C THR E 203 -41.10 -10.60 -22.99
N GLU E 204 -40.64 -10.07 -24.12
CA GLU E 204 -39.72 -10.77 -25.02
C GLU E 204 -38.39 -11.01 -24.30
N ILE E 205 -38.09 -10.15 -23.33
CA ILE E 205 -36.91 -10.28 -22.49
C ILE E 205 -37.09 -11.40 -21.47
N GLU E 206 -38.29 -11.47 -20.88
CA GLU E 206 -38.64 -12.54 -19.93
C GLU E 206 -38.41 -13.92 -20.54
N ILE E 207 -38.85 -14.09 -21.79
CA ILE E 207 -38.72 -15.34 -22.53
C ILE E 207 -37.24 -15.69 -22.78
N LEU E 208 -36.41 -14.68 -22.99
CA LEU E 208 -34.98 -14.89 -23.17
C LEU E 208 -34.30 -15.24 -21.84
N LYS E 209 -34.82 -14.71 -20.74
CA LYS E 209 -34.28 -14.99 -19.42
C LYS E 209 -34.66 -16.41 -18.97
N LYS E 210 -35.76 -16.92 -19.50
CA LYS E 210 -36.19 -18.30 -19.23
C LYS E 210 -35.23 -19.31 -19.85
N LEU E 211 -34.67 -18.97 -21.01
CA LEU E 211 -33.74 -19.85 -21.72
C LEU E 211 -32.57 -20.22 -20.81
N ASN E 212 -32.40 -21.52 -20.62
CA ASN E 212 -31.33 -22.02 -19.78
C ASN E 212 -30.60 -23.19 -20.43
N HIS E 213 -29.48 -22.87 -21.07
CA HIS E 213 -28.62 -23.85 -21.73
C HIS E 213 -27.17 -23.36 -21.62
N PRO E 214 -26.26 -24.28 -21.27
CA PRO E 214 -24.83 -24.03 -21.06
C PRO E 214 -24.09 -23.55 -22.29
N CYS E 215 -24.61 -23.82 -23.49
CA CYS E 215 -24.01 -23.33 -24.72
C CYS E 215 -24.68 -22.06 -25.24
N ILE E 216 -25.39 -21.37 -24.33
CA ILE E 216 -26.20 -20.21 -24.66
C ILE E 216 -25.99 -19.11 -23.61
N ILE E 217 -25.77 -17.89 -24.10
CA ILE E 217 -25.57 -16.70 -23.25
C ILE E 217 -26.77 -16.48 -22.33
N LYS E 218 -26.52 -16.38 -21.03
CA LYS E 218 -27.58 -16.11 -20.05
C LYS E 218 -27.88 -14.62 -19.93
N ILE E 219 -29.18 -14.32 -19.81
CA ILE E 219 -29.62 -12.96 -19.53
C ILE E 219 -29.64 -12.84 -18.01
N LYS E 220 -28.49 -12.46 -17.49
CA LYS E 220 -28.21 -12.45 -16.06
C LYS E 220 -29.12 -11.49 -15.28
N ASN E 221 -29.55 -10.40 -15.92
CA ASN E 221 -30.36 -9.38 -15.27
C ASN E 221 -30.96 -8.35 -16.25
N PHE E 222 -32.08 -7.74 -15.85
CA PHE E 222 -32.76 -6.77 -16.70
C PHE E 222 -33.19 -5.53 -15.93
N PHE E 223 -32.95 -4.35 -16.52
CA PHE E 223 -33.34 -3.07 -15.92
C PHE E 223 -34.06 -2.18 -16.91
N ASP E 224 -35.31 -1.87 -16.60
CA ASP E 224 -36.11 -0.92 -17.37
C ASP E 224 -36.21 0.35 -16.55
N ALA E 225 -35.47 1.37 -16.97
CA ALA E 225 -35.49 2.66 -16.30
C ALA E 225 -35.92 3.72 -17.27
N GLU E 226 -35.28 3.71 -18.44
CA GLU E 226 -35.48 4.73 -19.44
C GLU E 226 -34.83 4.30 -20.74
N ASP E 227 -33.92 3.33 -20.63
CA ASP E 227 -33.12 2.90 -21.77
C ASP E 227 -33.07 1.40 -22.00
N TYR E 228 -33.54 0.62 -21.02
CA TYR E 228 -33.40 -0.83 -21.07
C TYR E 228 -31.95 -1.21 -20.84
N TYR E 229 -31.70 -1.89 -19.73
CA TYR E 229 -30.37 -2.36 -19.41
C TYR E 229 -30.46 -3.87 -19.24
N ILE E 230 -29.93 -4.59 -20.23
CA ILE E 230 -29.94 -6.04 -20.21
C ILE E 230 -28.54 -6.53 -19.83
N VAL E 231 -28.42 -7.04 -18.61
CA VAL E 231 -27.15 -7.59 -18.15
C VAL E 231 -26.98 -9.00 -18.70
N LEU E 232 -25.86 -9.23 -19.38
CA LEU E 232 -25.56 -10.50 -20.03
C LEU E 232 -24.27 -11.05 -19.49
N GLU E 233 -23.98 -12.28 -19.89
CA GLU E 233 -22.99 -13.09 -19.22
C GLU E 233 -21.51 -12.68 -19.35
N LEU E 234 -21.09 -12.22 -20.54
CA LEU E 234 -19.69 -11.84 -20.82
C LEU E 234 -18.72 -13.02 -20.87
N MET E 235 -18.45 -13.51 -22.08
CA MET E 235 -17.49 -14.59 -22.24
C MET E 235 -16.08 -14.05 -22.34
N GLU E 236 -15.22 -14.60 -21.51
CA GLU E 236 -13.85 -14.12 -21.33
C GLU E 236 -13.01 -14.37 -22.57
N GLY E 237 -13.43 -15.34 -23.32
CA GLY E 237 -12.61 -15.71 -24.44
C GLY E 237 -12.89 -14.96 -25.72
N GLY E 238 -13.77 -13.96 -25.67
CA GLY E 238 -14.10 -13.16 -26.85
C GLY E 238 -14.82 -13.95 -27.94
N GLU E 239 -14.78 -13.41 -29.16
CA GLU E 239 -15.50 -14.03 -30.28
C GLU E 239 -14.71 -15.14 -30.94
N LEU E 240 -15.41 -16.17 -31.39
CA LEU E 240 -14.84 -17.22 -32.22
C LEU E 240 -14.30 -16.64 -33.51
N PHE E 241 -14.77 -15.45 -33.86
CA PHE E 241 -14.28 -14.72 -35.02
C PHE E 241 -12.80 -14.39 -34.90
N ASP E 242 -12.38 -13.86 -33.77
CA ASP E 242 -10.99 -13.49 -33.54
C ASP E 242 -10.08 -14.70 -33.63
N LYS E 243 -10.66 -15.88 -33.47
CA LYS E 243 -9.90 -17.11 -33.46
C LYS E 243 -9.56 -17.57 -34.87
N VAL E 244 -10.35 -17.16 -35.86
CA VAL E 244 -10.13 -17.55 -37.26
C VAL E 244 -9.68 -16.39 -38.15
N VAL E 245 -9.63 -15.18 -37.59
CA VAL E 245 -9.23 -13.99 -38.33
C VAL E 245 -7.76 -14.06 -38.77
N GLY E 246 -7.46 -13.49 -39.94
CA GLY E 246 -6.11 -13.47 -40.48
C GLY E 246 -5.75 -14.74 -41.25
N ASN E 247 -6.74 -15.34 -41.91
CA ASN E 247 -6.57 -16.53 -42.76
C ASN E 247 -5.97 -17.78 -42.09
N LYS E 248 -5.98 -17.79 -40.76
CA LYS E 248 -5.50 -18.95 -39.98
C LYS E 248 -6.68 -19.87 -39.65
N ARG E 249 -6.40 -21.17 -39.61
CA ARG E 249 -7.43 -22.13 -39.27
C ARG E 249 -7.23 -22.70 -37.88
N LEU E 250 -8.30 -23.27 -37.36
CA LEU E 250 -8.29 -23.92 -36.07
C LEU E 250 -7.98 -25.40 -36.21
N LYS E 251 -7.36 -25.96 -35.19
CA LYS E 251 -7.15 -27.39 -35.02
C LYS E 251 -8.45 -28.15 -35.27
N GLU E 252 -8.39 -29.24 -36.04
CA GLU E 252 -9.60 -29.97 -36.43
C GLU E 252 -10.33 -30.49 -35.21
N ALA E 253 -9.57 -30.94 -34.22
CA ALA E 253 -10.12 -31.42 -32.95
C ALA E 253 -10.91 -30.32 -32.26
N THR E 254 -10.36 -29.12 -32.26
CA THR E 254 -11.01 -27.98 -31.65
C THR E 254 -12.29 -27.63 -32.40
N CYS E 255 -12.23 -27.63 -33.73
CA CYS E 255 -13.42 -27.36 -34.54
C CYS E 255 -14.57 -28.26 -34.13
N LYS E 256 -14.29 -29.56 -34.11
CA LYS E 256 -15.26 -30.56 -33.69
C LYS E 256 -15.85 -30.24 -32.31
N LEU E 257 -14.99 -29.94 -31.34
CA LEU E 257 -15.43 -29.58 -30.00
C LEU E 257 -16.39 -28.38 -30.04
N TYR E 258 -16.01 -27.32 -30.76
CA TYR E 258 -16.85 -26.11 -30.85
C TYR E 258 -18.10 -26.36 -31.67
N PHE E 259 -17.94 -27.09 -32.78
CA PHE E 259 -19.05 -27.34 -33.67
C PHE E 259 -20.12 -28.24 -33.05
N TYR E 260 -19.69 -29.21 -32.26
CA TYR E 260 -20.60 -30.04 -31.51
C TYR E 260 -21.46 -29.13 -30.63
N GLN E 261 -20.79 -28.35 -29.81
CA GLN E 261 -21.49 -27.43 -28.94
C GLN E 261 -22.48 -26.58 -29.74
N MET E 262 -21.98 -26.00 -30.82
CA MET E 262 -22.81 -25.15 -31.67
C MET E 262 -24.07 -25.87 -32.13
N LEU E 263 -23.89 -27.11 -32.58
CA LEU E 263 -25.01 -27.94 -33.00
C LEU E 263 -26.01 -28.12 -31.88
N LEU E 264 -25.52 -28.51 -30.70
CA LEU E 264 -26.40 -28.66 -29.55
C LEU E 264 -27.22 -27.39 -29.30
N ALA E 265 -26.51 -26.27 -29.19
CA ALA E 265 -27.15 -25.00 -28.93
C ALA E 265 -28.24 -24.68 -29.94
N VAL E 266 -27.91 -24.73 -31.22
CA VAL E 266 -28.88 -24.43 -32.27
C VAL E 266 -30.09 -25.35 -32.19
N GLN E 267 -29.83 -26.64 -32.01
CA GLN E 267 -30.90 -27.62 -31.86
C GLN E 267 -31.84 -27.24 -30.71
N TYR E 268 -31.25 -26.90 -29.57
CA TYR E 268 -32.02 -26.51 -28.40
C TYR E 268 -32.91 -25.33 -28.74
N LEU E 269 -32.31 -24.30 -29.34
CA LEU E 269 -33.02 -23.11 -29.78
C LEU E 269 -34.21 -23.49 -30.66
N HIS E 270 -33.97 -24.38 -31.60
CA HIS E 270 -35.01 -24.81 -32.52
C HIS E 270 -36.19 -25.39 -31.77
N GLU E 271 -35.93 -26.37 -30.91
CA GLU E 271 -37.04 -26.98 -30.16
C GLU E 271 -37.60 -26.07 -29.07
N ASN E 272 -37.02 -24.89 -28.92
CA ASN E 272 -37.63 -23.86 -28.10
C ASN E 272 -38.19 -22.74 -28.96
N GLY E 273 -38.58 -23.12 -30.18
CA GLY E 273 -39.28 -22.22 -31.10
C GLY E 273 -38.50 -20.98 -31.55
N ILE E 274 -37.18 -21.06 -31.46
CA ILE E 274 -36.33 -19.96 -31.89
C ILE E 274 -35.45 -20.38 -33.05
N ILE E 275 -35.58 -19.65 -34.16
CA ILE E 275 -34.67 -19.77 -35.29
C ILE E 275 -33.72 -18.58 -35.24
N HIS E 276 -32.43 -18.85 -35.12
CA HIS E 276 -31.41 -17.82 -34.92
C HIS E 276 -31.34 -16.82 -36.07
N ARG E 277 -31.41 -17.34 -37.29
CA ARG E 277 -31.61 -16.53 -38.49
C ARG E 277 -30.36 -15.70 -38.93
N ASP E 278 -29.45 -15.42 -37.99
CA ASP E 278 -28.16 -14.79 -38.33
C ASP E 278 -26.99 -15.32 -37.48
N LEU E 279 -26.41 -16.43 -37.91
CA LEU E 279 -25.47 -17.18 -37.10
C LEU E 279 -24.08 -17.05 -37.68
N LYS E 280 -23.14 -16.49 -36.92
CA LYS E 280 -21.79 -16.27 -37.45
C LYS E 280 -20.64 -16.34 -36.42
N PRO E 281 -19.39 -16.51 -36.88
CA PRO E 281 -18.20 -16.51 -36.04
C PRO E 281 -18.24 -15.50 -34.90
N GLU E 282 -18.75 -14.31 -35.13
CA GLU E 282 -18.78 -13.30 -34.08
C GLU E 282 -19.96 -13.45 -33.13
N ASN E 283 -20.94 -14.29 -33.49
CA ASN E 283 -22.07 -14.60 -32.62
C ASN E 283 -21.76 -15.77 -31.72
N VAL E 284 -20.70 -16.49 -32.04
CA VAL E 284 -20.23 -17.60 -31.23
C VAL E 284 -19.15 -17.08 -30.29
N LEU E 285 -19.40 -17.16 -28.99
CA LEU E 285 -18.45 -16.67 -28.00
C LEU E 285 -17.76 -17.81 -27.29
N LEU E 286 -16.52 -17.57 -26.87
CA LEU E 286 -15.72 -18.58 -26.18
C LEU E 286 -15.60 -18.24 -24.70
N SER E 287 -15.77 -19.24 -23.85
CA SER E 287 -15.81 -19.01 -22.41
C SER E 287 -14.47 -18.60 -21.75
N SER E 288 -13.34 -19.00 -22.34
CA SER E 288 -12.02 -18.64 -21.81
C SER E 288 -10.99 -18.53 -22.91
N GLN E 289 -9.75 -18.22 -22.52
CA GLN E 289 -8.60 -18.18 -23.44
C GLN E 289 -8.22 -19.55 -23.94
N GLU E 290 -8.46 -20.58 -23.12
CA GLU E 290 -8.09 -21.96 -23.44
C GLU E 290 -8.79 -22.48 -24.68
N GLU E 291 -8.07 -23.29 -25.45
CA GLU E 291 -8.62 -23.83 -26.68
C GLU E 291 -9.77 -24.81 -26.40
N ASP E 292 -9.63 -25.63 -25.37
CA ASP E 292 -10.73 -26.46 -24.92
C ASP E 292 -11.58 -25.62 -23.97
N CYS E 293 -12.74 -25.17 -24.45
CA CYS E 293 -13.64 -24.36 -23.62
C CYS E 293 -15.08 -24.48 -24.08
N LEU E 294 -16.00 -23.93 -23.29
CA LEU E 294 -17.40 -23.88 -23.68
C LEU E 294 -17.66 -22.76 -24.67
N ILE E 295 -18.57 -23.04 -25.59
CA ILE E 295 -18.94 -22.13 -26.65
C ILE E 295 -20.31 -21.63 -26.31
N LYS E 296 -20.58 -20.34 -26.51
CA LYS E 296 -21.91 -19.81 -26.23
C LYS E 296 -22.41 -18.92 -27.36
N ILE E 297 -23.70 -19.04 -27.68
CA ILE E 297 -24.29 -18.30 -28.80
C ILE E 297 -25.05 -17.07 -28.33
N THR E 298 -24.93 -15.97 -29.07
CA THR E 298 -25.63 -14.71 -28.76
C THR E 298 -26.36 -14.15 -29.96
N ASP E 299 -26.98 -12.98 -29.77
CA ASP E 299 -27.68 -12.21 -30.82
C ASP E 299 -28.93 -12.85 -31.42
N PHE E 300 -30.11 -12.34 -31.03
CA PHE E 300 -31.38 -12.68 -31.69
C PHE E 300 -32.20 -11.42 -32.06
N PRO E 319 -20.55 -11.81 -43.34
CA PRO E 319 -21.45 -11.27 -44.37
C PRO E 319 -22.03 -12.38 -45.27
N THR E 320 -21.21 -13.39 -45.54
CA THR E 320 -21.50 -14.49 -46.48
C THR E 320 -22.82 -15.22 -46.21
N TYR E 321 -23.02 -15.54 -44.92
CA TYR E 321 -23.99 -16.55 -44.41
C TYR E 321 -25.45 -16.48 -44.90
N LEU E 322 -25.70 -15.69 -45.93
CA LEU E 322 -27.01 -15.64 -46.57
C LEU E 322 -27.22 -16.93 -47.38
N ALA E 323 -28.35 -17.60 -47.13
CA ALA E 323 -28.68 -18.87 -47.80
C ALA E 323 -28.98 -18.68 -49.30
N PRO E 324 -28.70 -19.72 -50.12
CA PRO E 324 -28.93 -19.66 -51.56
C PRO E 324 -30.39 -19.42 -51.90
N GLU E 325 -31.30 -20.11 -51.20
CA GLU E 325 -32.73 -19.96 -51.45
C GLU E 325 -33.21 -18.55 -51.13
N VAL E 326 -32.54 -17.91 -50.17
CA VAL E 326 -32.91 -16.55 -49.75
C VAL E 326 -32.24 -15.46 -50.62
N LEU E 327 -31.86 -15.81 -51.86
CA LEU E 327 -31.27 -14.83 -52.78
C LEU E 327 -32.05 -14.68 -54.07
N VAL E 328 -32.57 -15.80 -54.60
CA VAL E 328 -33.36 -15.76 -55.82
C VAL E 328 -34.73 -15.07 -55.62
N ALA E 333 -42.47 -18.86 -46.58
CA ALA E 333 -41.75 -17.60 -46.62
C ALA E 333 -40.30 -17.81 -47.06
N GLY E 334 -39.68 -18.86 -46.53
CA GLY E 334 -38.26 -19.18 -46.76
C GLY E 334 -37.43 -18.84 -45.53
N TYR E 335 -38.02 -19.09 -44.36
CA TYR E 335 -37.51 -18.62 -43.07
C TYR E 335 -37.33 -19.79 -42.09
N ASN E 336 -37.26 -20.99 -42.65
CA ASN E 336 -37.22 -22.25 -41.92
C ASN E 336 -35.89 -22.52 -41.20
N ARG E 337 -35.83 -23.58 -40.39
CA ARG E 337 -34.61 -23.92 -39.62
C ARG E 337 -33.39 -24.12 -40.48
N ALA E 338 -33.58 -24.62 -41.69
CA ALA E 338 -32.49 -25.00 -42.59
C ALA E 338 -31.52 -23.87 -42.89
N VAL E 339 -31.97 -22.62 -42.75
CA VAL E 339 -31.10 -21.47 -42.94
C VAL E 339 -29.97 -21.44 -41.89
N ASP E 340 -30.28 -21.85 -40.67
CA ASP E 340 -29.29 -21.92 -39.60
C ASP E 340 -28.26 -23.00 -39.89
N CYS E 341 -28.73 -24.09 -40.50
CA CYS E 341 -27.85 -25.17 -40.88
C CYS E 341 -26.85 -24.69 -41.92
N TRP E 342 -27.36 -24.02 -42.95
CA TRP E 342 -26.51 -23.40 -43.95
C TRP E 342 -25.43 -22.55 -43.27
N SER E 343 -25.85 -21.69 -42.33
CA SER E 343 -24.91 -20.83 -41.60
C SER E 343 -23.84 -21.61 -40.89
N LEU E 344 -24.24 -22.63 -40.13
CA LEU E 344 -23.29 -23.48 -39.40
C LEU E 344 -22.32 -24.14 -40.36
N GLY E 345 -22.83 -24.51 -41.52
CA GLY E 345 -22.01 -25.05 -42.59
C GLY E 345 -20.90 -24.08 -42.94
N VAL E 346 -21.27 -22.81 -43.14
CA VAL E 346 -20.32 -21.78 -43.51
C VAL E 346 -19.32 -21.54 -42.37
N ILE E 347 -19.80 -21.59 -41.13
CA ILE E 347 -18.91 -21.42 -39.98
C ILE E 347 -17.89 -22.56 -39.94
N LEU E 348 -18.38 -23.80 -40.10
CA LEU E 348 -17.51 -24.95 -40.13
C LEU E 348 -16.46 -24.78 -41.20
N PHE E 349 -16.90 -24.42 -42.41
CA PHE E 349 -15.99 -24.22 -43.52
C PHE E 349 -14.86 -23.26 -43.17
N ILE E 350 -15.22 -22.08 -42.66
CA ILE E 350 -14.24 -21.08 -42.27
C ILE E 350 -13.29 -21.59 -41.21
N CYS E 351 -13.84 -22.34 -40.24
CA CYS E 351 -13.06 -22.88 -39.14
C CYS E 351 -11.98 -23.85 -39.58
N LEU E 352 -12.38 -24.84 -40.38
CA LEU E 352 -11.49 -25.88 -40.84
C LEU E 352 -10.45 -25.34 -41.82
N SER E 353 -10.89 -24.47 -42.71
CA SER E 353 -10.05 -24.04 -43.81
C SER E 353 -9.27 -22.77 -43.48
N GLY E 354 -9.92 -21.84 -42.78
CA GLY E 354 -9.30 -20.55 -42.45
C GLY E 354 -9.57 -19.49 -43.50
N TYR E 355 -10.43 -19.83 -44.46
CA TYR E 355 -10.87 -18.89 -45.47
C TYR E 355 -12.36 -19.10 -45.75
N PRO E 356 -13.06 -18.05 -46.25
CA PRO E 356 -14.49 -18.18 -46.50
C PRO E 356 -14.79 -18.98 -47.76
N PRO E 357 -15.93 -19.68 -47.79
CA PRO E 357 -16.29 -20.41 -49.00
C PRO E 357 -16.70 -19.52 -50.19
N PHE E 358 -16.93 -18.23 -49.96
CA PHE E 358 -17.33 -17.29 -51.02
C PHE E 358 -16.70 -15.91 -50.88
N SER E 359 -16.25 -15.35 -52.02
CA SER E 359 -15.74 -13.96 -52.13
C SER E 359 -15.48 -13.60 -53.60
N GLU E 360 -15.75 -12.34 -53.97
CA GLU E 360 -15.83 -11.91 -55.38
C GLU E 360 -14.55 -12.01 -56.21
N HIS E 361 -13.46 -11.46 -55.69
CA HIS E 361 -12.19 -11.30 -56.43
C HIS E 361 -12.30 -10.39 -57.65
N ARG E 362 -12.89 -10.89 -58.73
CA ARG E 362 -13.06 -10.13 -59.97
C ARG E 362 -14.42 -10.36 -60.64
N THR E 363 -14.49 -10.04 -61.94
CA THR E 363 -15.66 -10.30 -62.79
C THR E 363 -16.09 -11.78 -62.72
N GLN E 364 -15.11 -12.66 -62.55
CA GLN E 364 -15.33 -14.10 -62.34
C GLN E 364 -16.43 -14.40 -61.33
N VAL E 365 -17.68 -14.42 -61.80
CA VAL E 365 -18.86 -14.76 -61.00
C VAL E 365 -19.09 -13.88 -59.74
N SER E 366 -20.27 -13.28 -59.65
CA SER E 366 -20.66 -12.51 -58.48
C SER E 366 -20.79 -13.40 -57.24
N LEU E 367 -20.56 -12.82 -56.06
CA LEU E 367 -20.68 -13.53 -54.80
C LEU E 367 -22.08 -14.10 -54.57
N LYS E 368 -23.08 -13.30 -54.91
CA LYS E 368 -24.48 -13.71 -54.76
C LYS E 368 -24.88 -14.77 -55.80
N ASP E 369 -24.07 -14.90 -56.84
CA ASP E 369 -24.27 -15.94 -57.85
C ASP E 369 -23.58 -17.24 -57.46
N GLN E 370 -22.42 -17.12 -56.84
CA GLN E 370 -21.65 -18.27 -56.33
C GLN E 370 -22.48 -19.13 -55.39
N ILE E 371 -23.10 -18.46 -54.43
CA ILE E 371 -23.90 -19.11 -53.39
C ILE E 371 -25.05 -19.87 -54.00
N THR E 372 -25.75 -19.23 -54.94
CA THR E 372 -26.93 -19.80 -55.58
C THR E 372 -26.64 -21.07 -56.39
N SER E 373 -25.54 -21.08 -57.13
CA SER E 373 -25.11 -22.27 -57.88
C SER E 373 -24.53 -23.32 -56.93
N GLY E 374 -24.07 -22.87 -55.77
CA GLY E 374 -23.58 -23.75 -54.72
C GLY E 374 -22.12 -24.10 -54.87
N LYS E 375 -21.51 -23.61 -55.95
CA LYS E 375 -20.10 -23.85 -56.23
C LYS E 375 -19.21 -23.00 -55.30
N TYR E 376 -18.81 -23.60 -54.18
CA TYR E 376 -17.97 -22.94 -53.19
C TYR E 376 -16.50 -22.98 -53.59
N ASN E 377 -15.71 -22.09 -53.02
CA ASN E 377 -14.28 -22.00 -53.30
C ASN E 377 -13.54 -23.15 -52.65
N PHE E 378 -12.90 -23.99 -53.45
CA PHE E 378 -12.24 -25.18 -52.92
C PHE E 378 -10.75 -25.21 -53.24
N ILE E 379 -9.92 -24.87 -52.24
CA ILE E 379 -8.46 -24.91 -52.39
C ILE E 379 -7.93 -26.26 -51.89
N PRO E 380 -7.56 -27.17 -52.82
CA PRO E 380 -7.20 -28.53 -52.43
C PRO E 380 -6.06 -28.58 -51.42
N GLU E 381 -5.09 -27.69 -51.57
CA GLU E 381 -3.89 -27.65 -50.73
C GLU E 381 -4.25 -27.39 -49.27
N VAL E 382 -5.30 -26.63 -49.05
CA VAL E 382 -5.77 -26.31 -47.70
C VAL E 382 -6.53 -27.51 -47.15
N TRP E 383 -7.50 -27.98 -47.92
CA TRP E 383 -8.33 -29.12 -47.54
C TRP E 383 -7.57 -30.45 -47.56
N ALA E 384 -6.35 -30.42 -48.08
CA ALA E 384 -5.46 -31.58 -48.06
C ALA E 384 -5.18 -32.07 -46.65
N GLU E 385 -5.10 -31.13 -45.70
CA GLU E 385 -4.93 -31.51 -44.31
C GLU E 385 -6.16 -31.23 -43.44
N VAL E 386 -7.32 -31.60 -43.98
CA VAL E 386 -8.57 -31.68 -43.22
C VAL E 386 -9.24 -33.01 -43.61
N SER E 387 -9.61 -33.78 -42.60
CA SER E 387 -10.15 -35.13 -42.80
C SER E 387 -11.31 -35.18 -43.80
N GLU E 388 -11.48 -36.34 -44.42
CA GLU E 388 -12.55 -36.55 -45.41
C GLU E 388 -13.94 -36.29 -44.81
N LYS E 389 -14.17 -36.79 -43.59
CA LYS E 389 -15.46 -36.67 -42.96
C LYS E 389 -15.77 -35.24 -42.64
N ALA E 390 -14.76 -34.49 -42.20
CA ALA E 390 -14.95 -33.06 -41.95
C ALA E 390 -15.41 -32.34 -43.22
N LEU E 391 -14.72 -32.57 -44.33
CA LEU E 391 -15.10 -32.01 -45.62
C LEU E 391 -16.46 -32.49 -46.05
N ASP E 392 -16.79 -33.75 -45.74
CA ASP E 392 -18.08 -34.32 -46.11
C ASP E 392 -19.23 -33.69 -45.34
N LEU E 393 -19.02 -33.40 -44.06
CA LEU E 393 -20.05 -32.77 -43.26
C LEU E 393 -20.38 -31.41 -43.83
N VAL E 394 -19.33 -30.59 -44.03
CA VAL E 394 -19.45 -29.27 -44.64
C VAL E 394 -20.20 -29.35 -45.97
N LYS E 395 -19.83 -30.31 -46.81
CA LYS E 395 -20.50 -30.57 -48.08
C LYS E 395 -22.01 -30.76 -47.88
N LYS E 396 -22.38 -31.70 -47.00
CA LYS E 396 -23.78 -32.08 -46.78
C LYS E 396 -24.58 -30.97 -46.11
N LEU E 397 -23.86 -30.02 -45.53
CA LEU E 397 -24.45 -28.90 -44.82
C LEU E 397 -24.62 -27.70 -45.74
N LEU E 398 -23.85 -27.64 -46.82
CA LEU E 398 -23.91 -26.50 -47.75
C LEU E 398 -24.67 -26.81 -49.04
N VAL E 399 -25.69 -27.65 -48.93
CA VAL E 399 -26.52 -27.99 -50.09
C VAL E 399 -27.40 -26.80 -50.49
N VAL E 400 -27.43 -26.51 -51.78
CA VAL E 400 -28.25 -25.41 -52.32
C VAL E 400 -29.74 -25.62 -52.05
N ASP E 401 -30.23 -26.84 -52.29
CA ASP E 401 -31.62 -27.18 -52.01
C ASP E 401 -31.81 -27.40 -50.51
N PRO E 402 -32.66 -26.57 -49.87
CA PRO E 402 -32.84 -26.61 -48.42
C PRO E 402 -33.49 -27.91 -47.93
N LYS E 403 -34.34 -28.48 -48.77
CA LYS E 403 -35.00 -29.76 -48.51
C LYS E 403 -33.97 -30.87 -48.43
N ALA E 404 -32.87 -30.70 -49.17
CA ALA E 404 -31.77 -31.68 -49.24
C ALA E 404 -30.63 -31.40 -48.26
N ARG E 405 -30.57 -30.17 -47.74
CA ARG E 405 -29.57 -29.80 -46.75
C ARG E 405 -29.71 -30.64 -45.47
N PHE E 406 -28.58 -30.96 -44.85
CA PHE E 406 -28.57 -31.62 -43.55
C PHE E 406 -29.31 -30.82 -42.49
N THR E 407 -29.98 -31.50 -41.57
CA THR E 407 -30.54 -30.86 -40.39
C THR E 407 -29.58 -31.00 -39.22
N THR E 408 -29.85 -30.26 -38.14
CA THR E 408 -29.05 -30.37 -36.91
C THR E 408 -29.00 -31.81 -36.39
N GLU E 409 -30.15 -32.51 -36.39
CA GLU E 409 -30.11 -33.90 -35.94
C GLU E 409 -29.21 -34.72 -36.84
N GLU E 410 -29.39 -34.58 -38.15
CA GLU E 410 -28.60 -35.32 -39.15
C GLU E 410 -27.11 -35.03 -38.99
N ALA E 411 -26.78 -33.76 -38.78
CA ALA E 411 -25.41 -33.34 -38.57
C ALA E 411 -24.80 -33.98 -37.33
N LEU E 412 -25.59 -34.12 -36.27
CA LEU E 412 -25.09 -34.76 -35.05
C LEU E 412 -24.88 -36.27 -35.19
N ARG E 413 -25.52 -36.88 -36.19
CA ARG E 413 -25.33 -38.30 -36.52
C ARG E 413 -24.15 -38.51 -37.45
N HIS E 414 -23.59 -37.44 -37.99
CA HIS E 414 -22.55 -37.54 -39.01
C HIS E 414 -21.29 -38.15 -38.47
N PRO E 415 -20.71 -39.12 -39.21
CA PRO E 415 -19.47 -39.81 -38.85
C PRO E 415 -18.42 -38.93 -38.17
N TRP E 416 -18.26 -37.69 -38.63
CA TRP E 416 -17.25 -36.79 -38.07
C TRP E 416 -17.47 -36.53 -36.58
N LEU E 417 -18.72 -36.37 -36.20
CA LEU E 417 -19.04 -36.07 -34.80
C LEU E 417 -19.23 -37.32 -33.95
N GLN E 418 -19.08 -38.49 -34.57
CA GLN E 418 -19.08 -39.75 -33.85
C GLN E 418 -17.74 -39.90 -33.16
N ASP E 419 -17.54 -39.11 -32.10
CA ASP E 419 -16.24 -39.01 -31.46
C ASP E 419 -16.40 -38.83 -29.94
N GLU E 420 -16.45 -39.93 -29.21
CA GLU E 420 -16.69 -39.86 -27.76
C GLU E 420 -15.50 -39.28 -27.03
N ASP E 421 -14.36 -39.25 -27.72
CA ASP E 421 -13.13 -38.69 -27.18
C ASP E 421 -13.31 -37.21 -26.88
N MET E 422 -13.85 -36.48 -27.85
CA MET E 422 -14.14 -35.06 -27.67
C MET E 422 -15.39 -34.86 -26.85
N LYS E 423 -16.34 -35.80 -26.96
CA LYS E 423 -17.60 -35.71 -26.24
C LYS E 423 -17.37 -35.76 -24.74
N ARG E 424 -16.36 -36.55 -24.36
CA ARG E 424 -15.93 -36.64 -22.97
C ARG E 424 -15.27 -35.33 -22.55
N LYS E 425 -14.50 -34.74 -23.46
CA LYS E 425 -13.89 -33.44 -23.26
C LYS E 425 -14.94 -32.38 -22.97
N PHE E 426 -16.04 -32.46 -23.70
CA PHE E 426 -17.16 -31.52 -23.57
C PHE E 426 -17.81 -31.64 -22.20
N GLN E 427 -18.12 -32.87 -21.81
CA GLN E 427 -18.65 -33.18 -20.49
C GLN E 427 -17.78 -32.61 -19.37
N ASP E 428 -16.47 -32.82 -19.50
CA ASP E 428 -15.48 -32.26 -18.60
C ASP E 428 -15.64 -30.74 -18.46
N LEU E 429 -15.85 -30.07 -19.58
CA LEU E 429 -15.95 -28.62 -19.60
C LEU E 429 -17.22 -28.15 -18.95
N LEU E 430 -18.26 -28.99 -18.99
CA LEU E 430 -19.50 -28.71 -18.29
C LEU E 430 -19.30 -28.74 -16.77
N SER E 431 -18.31 -29.50 -16.30
CA SER E 431 -17.91 -29.46 -14.91
C SER E 431 -17.00 -28.26 -14.64
N GLU E 432 -17.63 -27.09 -14.65
CA GLU E 432 -17.00 -25.82 -14.33
C GLU E 432 -18.12 -24.80 -14.12
N PRO F 23 2.03 5.94 -21.08
CA PRO F 23 1.44 6.53 -19.88
C PRO F 23 -0.08 6.36 -19.86
N TRP F 24 -0.56 5.29 -19.20
CA TRP F 24 -1.97 4.92 -19.22
C TRP F 24 -2.83 5.49 -18.07
N ALA F 25 -2.17 5.98 -17.02
CA ALA F 25 -2.88 6.52 -15.85
C ALA F 25 -2.09 7.57 -15.07
N ARG F 26 -2.82 8.53 -14.52
CA ARG F 26 -2.23 9.53 -13.64
C ARG F 26 -2.71 9.38 -12.23
N LEU F 27 -1.78 9.47 -11.29
CA LEU F 27 -2.13 9.56 -9.88
C LEU F 27 -1.78 10.93 -9.38
N TRP F 28 -2.78 11.62 -8.84
CA TRP F 28 -2.58 12.96 -8.37
C TRP F 28 -2.59 13.01 -6.84
N ALA F 29 -1.43 13.32 -6.27
CA ALA F 29 -1.25 13.39 -4.83
C ALA F 29 -2.11 14.49 -4.24
N LEU F 30 -2.64 14.25 -3.05
CA LEU F 30 -3.55 15.19 -2.39
C LEU F 30 -3.06 15.59 -1.00
N GLN F 31 -1.92 15.06 -0.60
CA GLN F 31 -1.27 15.42 0.66
C GLN F 31 0.22 15.65 0.44
N ASP F 32 0.82 16.46 1.30
CA ASP F 32 2.20 16.92 1.10
C ASP F 32 3.22 15.80 0.95
N GLY F 33 3.17 14.81 1.84
CA GLY F 33 4.14 13.71 1.83
C GLY F 33 4.24 12.94 0.52
N PHE F 34 3.17 12.99 -0.26
CA PHE F 34 3.05 12.18 -1.48
C PHE F 34 3.39 12.95 -2.75
N ALA F 35 3.99 12.24 -3.71
CA ALA F 35 4.30 12.77 -5.02
C ALA F 35 3.34 12.18 -6.06
N ASN F 36 3.15 12.89 -7.17
CA ASN F 36 2.32 12.38 -8.27
C ASN F 36 2.95 11.18 -8.93
N LEU F 37 2.13 10.33 -9.53
CA LEU F 37 2.65 9.20 -10.29
C LEU F 37 2.04 9.09 -11.68
N GLU F 38 2.92 8.98 -12.66
CA GLU F 38 2.55 8.65 -14.01
C GLU F 38 2.68 7.14 -14.17
N CYS F 39 1.59 6.50 -14.59
CA CYS F 39 1.60 5.05 -14.74
C CYS F 39 1.86 4.66 -16.18
N VAL F 40 3.06 4.16 -16.42
CA VAL F 40 3.45 3.70 -17.73
C VAL F 40 3.60 2.18 -17.67
N ASN F 41 4.12 1.70 -16.54
CA ASN F 41 4.32 0.28 -16.36
C ASN F 41 3.02 -0.47 -16.06
N ASP F 42 3.05 -1.78 -16.24
CA ASP F 42 1.85 -2.60 -16.07
C ASP F 42 1.43 -2.82 -14.64
N ASN F 43 2.35 -2.58 -13.71
CA ASN F 43 2.07 -2.79 -12.29
C ASN F 43 2.81 -1.80 -11.40
N TYR F 44 2.14 -1.36 -10.34
CA TYR F 44 2.74 -0.48 -9.34
C TYR F 44 2.29 -0.87 -7.93
N TRP F 45 3.27 -1.20 -7.09
CA TRP F 45 3.03 -1.49 -5.68
C TRP F 45 3.23 -0.23 -4.84
N PHE F 46 2.35 -0.05 -3.85
CA PHE F 46 2.44 1.09 -2.95
C PHE F 46 2.57 0.60 -1.52
N GLY F 47 3.41 1.28 -0.75
CA GLY F 47 3.66 0.88 0.63
C GLY F 47 4.98 1.39 1.14
N ARG F 48 5.29 1.03 2.39
CA ARG F 48 6.50 1.50 3.05
C ARG F 48 7.73 0.65 2.72
N ASP F 49 7.49 -0.56 2.21
CA ASP F 49 8.57 -1.48 1.82
C ASP F 49 9.39 -0.89 0.67
N LYS F 50 10.71 -0.92 0.85
CA LYS F 50 11.65 -0.31 -0.10
C LYS F 50 11.53 -0.86 -1.53
N SER F 51 10.97 -2.07 -1.65
CA SER F 51 10.81 -2.74 -2.94
C SER F 51 9.57 -2.27 -3.73
N CYS F 52 8.69 -1.52 -3.06
CA CYS F 52 7.50 -0.92 -3.70
C CYS F 52 7.92 0.11 -4.74
N GLU F 53 7.30 0.06 -5.91
CA GLU F 53 7.58 1.01 -6.99
C GLU F 53 7.28 2.42 -6.52
N TYR F 54 6.19 2.55 -5.75
CA TYR F 54 5.89 3.77 -5.04
C TYR F 54 6.07 3.52 -3.55
N CYS F 55 7.20 3.99 -3.03
CA CYS F 55 7.54 3.77 -1.63
C CYS F 55 7.18 4.98 -0.78
N PHE F 56 6.62 4.72 0.41
CA PHE F 56 6.21 5.80 1.32
C PHE F 56 7.35 6.32 2.20
N ASP F 57 8.52 5.70 2.12
CA ASP F 57 9.64 5.94 3.06
C ASP F 57 10.20 7.38 3.13
N GLU F 58 9.66 8.28 2.31
CA GLU F 58 10.05 9.69 2.31
C GLU F 58 9.98 10.34 3.69
N PRO F 59 11.01 11.12 4.06
CA PRO F 59 11.16 11.67 5.41
C PRO F 59 10.04 12.61 5.85
N LEU F 60 9.45 13.36 4.91
CA LEU F 60 8.32 14.22 5.24
C LEU F 60 7.08 13.39 5.55
N LEU F 61 6.93 12.32 4.77
CA LEU F 61 5.82 11.38 4.93
C LEU F 61 5.93 10.57 6.22
N LYS F 62 7.16 10.34 6.68
CA LYS F 62 7.43 9.54 7.88
C LYS F 62 6.91 10.16 9.18
N ARG F 63 6.76 11.47 9.19
CA ARG F 63 6.34 12.17 10.40
C ARG F 63 4.85 12.56 10.42
N THR F 64 4.07 12.01 9.50
CA THR F 64 2.64 12.34 9.41
C THR F 64 1.76 11.51 10.35
N ASP F 65 2.38 10.88 11.36
CA ASP F 65 1.74 9.97 12.34
C ASP F 65 0.85 8.86 11.76
N LYS F 66 0.02 9.22 10.79
CA LYS F 66 -0.79 8.27 10.04
C LYS F 66 0.13 7.38 9.18
N TYR F 67 1.41 7.74 9.14
CA TYR F 67 2.43 6.97 8.43
C TYR F 67 2.49 5.54 8.95
N ARG F 68 2.42 5.40 10.26
CA ARG F 68 2.55 4.12 10.92
C ARG F 68 1.33 3.22 10.71
N THR F 69 0.25 3.80 10.21
CA THR F 69 -0.96 3.04 9.92
C THR F 69 -0.89 2.42 8.51
N TYR F 70 0.06 2.90 7.71
CA TYR F 70 0.25 2.37 6.36
C TYR F 70 1.00 1.05 6.41
N SER F 71 0.63 0.13 5.52
CA SER F 71 1.24 -1.19 5.49
C SER F 71 2.56 -1.20 4.73
N LYS F 72 3.26 -2.33 4.80
CA LYS F 72 4.51 -2.52 4.06
C LYS F 72 4.23 -2.64 2.57
N LYS F 73 3.31 -3.54 2.21
CA LYS F 73 2.74 -3.58 0.87
C LYS F 73 1.27 -3.22 1.02
N HIS F 74 0.98 -1.92 0.95
CA HIS F 74 -0.36 -1.40 1.27
C HIS F 74 -1.40 -1.74 0.20
N PHE F 75 -1.13 -1.37 -1.06
CA PHE F 75 -2.02 -1.68 -2.17
C PHE F 75 -1.29 -1.60 -3.50
N ARG F 76 -1.85 -2.23 -4.52
CA ARG F 76 -1.30 -2.09 -5.88
C ARG F 76 -2.35 -1.72 -6.92
N ILE F 77 -1.93 -0.87 -7.85
CA ILE F 77 -2.70 -0.57 -9.03
C ILE F 77 -2.03 -1.28 -10.17
N PHE F 78 -2.82 -1.89 -11.04
CA PHE F 78 -2.26 -2.56 -12.21
C PHE F 78 -3.22 -2.61 -13.39
N ARG F 79 -2.62 -2.74 -14.56
CA ARG F 79 -3.33 -2.79 -15.81
C ARG F 79 -3.34 -4.23 -16.27
N GLU F 80 -4.50 -4.71 -16.70
CA GLU F 80 -4.64 -6.06 -17.17
C GLU F 80 -5.38 -6.05 -18.49
N VAL F 81 -4.87 -6.79 -19.45
CA VAL F 81 -5.56 -6.94 -20.72
C VAL F 81 -6.76 -7.88 -20.53
N GLY F 82 -7.95 -7.31 -20.57
CA GLY F 82 -9.19 -8.08 -20.67
C GLY F 82 -9.25 -8.63 -22.09
N PRO F 83 -9.58 -9.92 -22.25
CA PRO F 83 -9.56 -10.64 -23.55
C PRO F 83 -10.53 -10.10 -24.62
N LYS F 84 -10.59 -8.77 -24.73
CA LYS F 84 -11.46 -8.04 -25.65
C LYS F 84 -10.64 -6.95 -26.36
N ASN F 85 -9.31 -7.07 -26.23
CA ASN F 85 -8.36 -6.03 -26.64
C ASN F 85 -8.52 -4.73 -25.88
N SER F 86 -9.14 -4.82 -24.72
CA SER F 86 -9.34 -3.68 -23.82
C SER F 86 -8.46 -3.83 -22.59
N TYR F 87 -8.02 -2.70 -22.04
CA TYR F 87 -7.18 -2.69 -20.85
C TYR F 87 -7.91 -2.09 -19.67
N ILE F 88 -8.06 -2.89 -18.62
CA ILE F 88 -8.81 -2.51 -17.42
C ILE F 88 -7.86 -2.24 -16.26
N ALA F 89 -8.08 -1.14 -15.55
CA ALA F 89 -7.30 -0.80 -14.38
C ALA F 89 -7.93 -1.43 -13.15
N TYR F 90 -7.10 -2.00 -12.27
CA TYR F 90 -7.57 -2.54 -11.01
C TYR F 90 -6.77 -1.97 -9.85
N ILE F 91 -7.44 -1.80 -8.72
CA ILE F 91 -6.73 -1.57 -7.48
C ILE F 91 -6.90 -2.83 -6.63
N GLU F 92 -5.90 -3.12 -5.79
CA GLU F 92 -5.93 -4.32 -4.97
C GLU F 92 -5.42 -4.03 -3.56
N ASP F 93 -6.30 -4.17 -2.58
CA ASP F 93 -5.98 -3.85 -1.21
C ASP F 93 -5.24 -5.01 -0.54
N HIS F 94 -4.11 -4.69 0.09
CA HIS F 94 -3.33 -5.68 0.83
C HIS F 94 -3.02 -5.18 2.24
N SER F 95 -3.55 -4.00 2.56
CA SER F 95 -3.27 -3.33 3.82
C SER F 95 -4.13 -3.87 4.95
N GLY F 96 -3.58 -3.77 6.16
CA GLY F 96 -4.33 -4.09 7.37
C GLY F 96 -5.38 -3.04 7.66
N ASN F 97 -5.03 -1.78 7.46
CA ASN F 97 -5.93 -0.67 7.83
C ASN F 97 -6.87 -0.18 6.74
N GLY F 98 -6.72 -0.71 5.53
CA GLY F 98 -7.66 -0.45 4.45
C GLY F 98 -7.20 0.49 3.35
N THR F 99 -7.59 0.14 2.13
CA THR F 99 -7.47 1.03 0.98
C THR F 99 -8.90 1.34 0.54
N PHE F 100 -9.19 2.62 0.39
CA PHE F 100 -10.55 3.07 0.11
C PHE F 100 -10.65 3.75 -1.25
N VAL F 101 -11.63 3.32 -2.04
CA VAL F 101 -11.91 3.95 -3.31
C VAL F 101 -13.23 4.68 -3.18
N ASN F 102 -13.16 6.01 -3.26
CA ASN F 102 -14.31 6.88 -3.07
C ASN F 102 -15.10 6.52 -1.81
N THR F 103 -14.40 6.52 -0.68
CA THR F 103 -14.98 6.14 0.61
C THR F 103 -15.04 4.63 0.77
N GLU F 104 -15.51 3.93 -0.25
CA GLU F 104 -15.74 2.48 -0.15
C GLU F 104 -14.45 1.69 0.04
N LEU F 105 -14.46 0.81 1.04
CA LEU F 105 -13.30 0.00 1.39
C LEU F 105 -13.15 -1.12 0.39
N VAL F 106 -11.94 -1.29 -0.14
CA VAL F 106 -11.65 -2.41 -1.02
C VAL F 106 -11.61 -3.72 -0.23
N GLY F 107 -10.78 -3.75 0.81
CA GLY F 107 -10.68 -4.91 1.68
C GLY F 107 -9.43 -5.75 1.45
N LYS F 108 -8.81 -6.16 2.55
CA LYS F 108 -7.62 -7.01 2.55
C LYS F 108 -7.79 -8.20 1.60
N GLY F 109 -6.97 -8.24 0.55
CA GLY F 109 -6.97 -9.37 -0.38
C GLY F 109 -7.98 -9.26 -1.51
N LYS F 110 -8.81 -8.21 -1.49
CA LYS F 110 -9.80 -7.97 -2.55
C LYS F 110 -9.25 -7.04 -3.64
N ARG F 111 -9.82 -7.16 -4.83
CA ARG F 111 -9.52 -6.25 -5.92
C ARG F 111 -10.81 -5.68 -6.47
N ARG F 112 -10.69 -4.58 -7.21
CA ARG F 112 -11.83 -4.00 -7.91
C ARG F 112 -11.36 -3.08 -9.02
N PRO F 113 -12.18 -2.93 -10.08
CA PRO F 113 -11.89 -2.03 -11.17
C PRO F 113 -11.69 -0.63 -10.64
N LEU F 114 -10.75 0.08 -11.25
CA LEU F 114 -10.42 1.43 -10.84
C LEU F 114 -10.83 2.39 -11.95
N ASN F 115 -11.95 3.08 -11.78
CA ASN F 115 -12.45 3.97 -12.82
C ASN F 115 -11.79 5.35 -12.83
N ASN F 116 -12.06 6.13 -13.87
CA ASN F 116 -11.55 7.50 -13.95
C ASN F 116 -12.04 8.32 -12.77
N ASN F 117 -11.21 9.24 -12.30
CA ASN F 117 -11.56 10.13 -11.18
C ASN F 117 -11.91 9.38 -9.88
N SER F 118 -11.20 8.29 -9.61
CA SER F 118 -11.35 7.60 -8.35
C SER F 118 -10.47 8.26 -7.30
N GLU F 119 -11.00 8.40 -6.08
CA GLU F 119 -10.22 8.92 -4.97
C GLU F 119 -9.72 7.78 -4.11
N ILE F 120 -8.41 7.69 -3.99
CA ILE F 120 -7.79 6.65 -3.18
C ILE F 120 -7.47 7.21 -1.81
N ALA F 121 -8.02 6.54 -0.80
CA ALA F 121 -7.83 6.94 0.59
C ALA F 121 -7.11 5.80 1.31
N LEU F 122 -6.24 6.15 2.26
CA LEU F 122 -5.48 5.16 3.02
C LEU F 122 -5.81 5.13 4.51
N SER F 123 -5.95 3.93 5.06
CA SER F 123 -6.18 3.67 6.50
C SER F 123 -7.49 4.23 7.06
N LEU F 124 -7.84 5.45 6.66
CA LEU F 124 -9.13 6.04 6.98
C LEU F 124 -9.92 6.31 5.72
N SER F 125 -11.24 6.18 5.83
CA SER F 125 -12.15 6.47 4.73
C SER F 125 -11.97 7.90 4.19
N ARG F 126 -11.85 8.87 5.09
CA ARG F 126 -11.74 10.28 4.71
C ARG F 126 -10.32 10.71 4.31
N ASN F 127 -9.32 9.88 4.62
CA ASN F 127 -7.92 10.22 4.37
C ASN F 127 -7.52 10.07 2.89
N LYS F 128 -7.89 11.06 2.08
CA LYS F 128 -7.64 11.03 0.64
C LYS F 128 -6.17 11.26 0.34
N VAL F 129 -5.60 10.40 -0.51
CA VAL F 129 -4.19 10.49 -0.85
C VAL F 129 -4.00 10.76 -2.34
N PHE F 130 -4.72 10.01 -3.18
CA PHE F 130 -4.61 10.14 -4.63
C PHE F 130 -5.94 10.36 -5.34
N VAL F 131 -5.87 11.00 -6.51
CA VAL F 131 -6.93 10.89 -7.48
C VAL F 131 -6.40 10.12 -8.67
N PHE F 132 -7.18 9.14 -9.10
CA PHE F 132 -6.79 8.32 -10.23
C PHE F 132 -7.49 8.78 -11.50
N PHE F 133 -6.71 8.93 -12.56
CA PHE F 133 -7.25 9.31 -13.85
C PHE F 133 -6.81 8.34 -14.93
N ASP F 134 -7.80 7.80 -15.64
CA ASP F 134 -7.55 6.95 -16.81
C ASP F 134 -7.13 7.84 -17.98
N LEU F 135 -6.00 7.52 -18.60
CA LEU F 135 -5.49 8.32 -19.71
C LEU F 135 -5.82 7.71 -21.07
N THR F 136 -6.30 6.47 -21.05
CA THR F 136 -6.76 5.81 -22.25
C THR F 136 -8.23 6.09 -22.38
N VAL F 137 -8.41 7.40 -22.66
CA VAL F 137 -9.70 8.02 -22.87
C VAL F 137 -9.63 8.83 -24.15
N ASP F 138 -8.95 9.97 -24.12
CA ASP F 138 -8.69 10.73 -25.33
C ASP F 138 -7.24 10.56 -25.72
N ASP F 139 -6.79 9.31 -25.71
CA ASP F 139 -5.44 8.96 -26.12
C ASP F 139 -5.29 9.14 -27.63
N GLN F 140 -4.32 9.96 -28.02
CA GLN F 140 -4.09 10.29 -29.44
C GLN F 140 -3.17 9.28 -30.14
N SER F 141 -2.53 8.42 -29.33
CA SER F 141 -1.63 7.38 -29.83
C SER F 141 -2.30 6.46 -30.84
N VAL F 142 -3.61 6.30 -30.69
CA VAL F 142 -4.40 5.41 -31.55
C VAL F 142 -4.39 5.88 -32.99
N TYR F 143 -4.32 7.21 -33.15
CA TYR F 143 -4.54 7.71 -34.50
C TYR F 143 -3.24 7.89 -35.26
N PRO F 144 -3.28 7.65 -36.59
CA PRO F 144 -2.14 7.82 -37.51
C PRO F 144 -1.75 9.28 -37.66
N LYS F 145 -0.45 9.52 -37.82
CA LYS F 145 0.10 10.87 -37.92
C LYS F 145 -0.58 11.72 -38.99
N ALA F 146 -0.80 11.13 -40.16
CA ALA F 146 -1.45 11.82 -41.28
C ALA F 146 -2.78 12.48 -40.87
N LEU F 147 -3.51 11.80 -39.98
CA LEU F 147 -4.80 12.28 -39.48
C LEU F 147 -4.62 13.37 -38.46
N ARG F 148 -3.72 13.12 -37.52
CA ARG F 148 -3.45 14.04 -36.42
C ARG F 148 -2.88 15.36 -36.89
N ASP F 149 -2.21 15.34 -38.05
CA ASP F 149 -1.65 16.55 -38.63
C ASP F 149 -2.75 17.52 -39.04
N GLU F 150 -3.89 16.99 -39.42
CA GLU F 150 -4.99 17.83 -39.90
C GLU F 150 -6.18 17.92 -38.93
N TYR F 151 -6.31 16.94 -38.04
CA TYR F 151 -7.50 16.82 -37.22
C TYR F 151 -7.24 16.60 -35.75
N ILE F 152 -8.00 17.31 -34.92
CA ILE F 152 -8.08 17.04 -33.47
C ILE F 152 -9.31 16.16 -33.26
N MET F 153 -9.11 14.96 -32.73
CA MET F 153 -10.22 14.04 -32.53
C MET F 153 -10.96 14.39 -31.26
N SER F 154 -12.28 14.34 -31.31
CA SER F 154 -13.10 14.71 -30.15
C SER F 154 -13.99 13.55 -29.69
N LYS F 155 -15.22 13.88 -29.28
CA LYS F 155 -16.14 12.92 -28.70
C LYS F 155 -16.68 11.94 -29.72
N THR F 156 -17.02 10.74 -29.26
CA THR F 156 -17.64 9.72 -30.12
C THR F 156 -19.12 10.08 -30.34
N LEU F 157 -19.70 9.56 -31.42
CA LEU F 157 -21.11 9.75 -31.70
C LEU F 157 -21.68 8.40 -32.13
N GLY F 158 -21.12 7.33 -31.56
CA GLY F 158 -21.52 5.95 -31.84
C GLY F 158 -20.47 5.21 -32.65
N GLU F 164 -18.01 2.86 -35.42
CA GLU F 164 -17.68 4.00 -34.58
C GLU F 164 -17.48 5.30 -35.38
N VAL F 165 -18.31 6.30 -35.12
CA VAL F 165 -18.16 7.62 -35.77
C VAL F 165 -17.88 8.73 -34.74
N LYS F 166 -16.62 9.18 -34.71
CA LYS F 166 -16.17 10.20 -33.77
C LYS F 166 -16.20 11.60 -34.38
N LEU F 167 -16.39 12.60 -33.51
CA LEU F 167 -16.30 14.00 -33.89
C LEU F 167 -14.83 14.35 -33.94
N ALA F 168 -14.48 15.29 -34.82
CA ALA F 168 -13.12 15.78 -34.93
C ALA F 168 -13.16 17.20 -35.40
N PHE F 169 -12.03 17.89 -35.22
CA PHE F 169 -11.91 19.28 -35.64
C PHE F 169 -10.75 19.49 -36.61
N GLU F 170 -11.05 20.16 -37.72
CA GLU F 170 -10.01 20.61 -38.64
C GLU F 170 -9.07 21.51 -37.85
N ARG F 171 -7.79 21.19 -37.89
CA ARG F 171 -6.81 21.86 -37.05
C ARG F 171 -6.75 23.36 -37.28
N LYS F 172 -6.75 23.76 -38.56
CA LYS F 172 -6.60 25.19 -38.93
C LYS F 172 -7.91 25.98 -38.82
N THR F 173 -8.96 25.49 -39.50
CA THR F 173 -10.26 26.18 -39.52
C THR F 173 -11.08 25.98 -38.23
N CYS F 174 -10.91 24.83 -37.59
CA CYS F 174 -11.74 24.41 -36.45
C CYS F 174 -13.16 24.02 -36.89
N LYS F 175 -13.28 23.61 -38.15
CA LYS F 175 -14.54 23.14 -38.69
C LYS F 175 -14.82 21.74 -38.13
N LYS F 176 -16.00 21.58 -37.55
CA LYS F 176 -16.42 20.30 -37.05
C LYS F 176 -16.67 19.35 -38.23
N VAL F 177 -16.06 18.16 -38.16
CA VAL F 177 -16.31 17.12 -39.15
C VAL F 177 -16.54 15.80 -38.45
N ALA F 178 -17.10 14.85 -39.20
CA ALA F 178 -17.33 13.50 -38.68
C ALA F 178 -16.27 12.54 -39.24
N ILE F 179 -15.76 11.66 -38.39
CA ILE F 179 -14.79 10.69 -38.86
C ILE F 179 -15.26 9.27 -38.56
N ARG F 180 -15.62 8.54 -39.62
CA ARG F 180 -16.03 7.15 -39.47
C ARG F 180 -14.76 6.30 -39.43
N ILE F 181 -14.59 5.57 -38.32
CA ILE F 181 -13.48 4.62 -38.14
C ILE F 181 -14.03 3.21 -38.32
N ILE F 182 -13.31 2.33 -39.03
CA ILE F 182 -13.78 0.92 -39.21
C ILE F 182 -12.97 -0.22 -38.48
N SER F 183 -12.32 -1.12 -39.21
CA SER F 183 -11.74 -2.33 -38.59
C SER F 183 -10.51 -2.92 -39.31
N LYS F 184 -10.25 -4.23 -39.08
CA LYS F 184 -9.16 -4.94 -39.77
C LYS F 184 -9.50 -5.23 -41.24
N LEU F 199 -9.40 -5.32 -49.56
CA LEU F 199 -8.21 -4.66 -50.08
C LEU F 199 -8.60 -3.40 -50.86
N ASN F 200 -9.47 -3.55 -51.84
CA ASN F 200 -9.91 -2.46 -52.73
C ASN F 200 -11.07 -1.60 -52.21
N VAL F 201 -11.24 -1.58 -50.89
CA VAL F 201 -12.31 -0.82 -50.21
C VAL F 201 -11.79 0.59 -49.96
N GLU F 202 -11.55 1.29 -51.05
CA GLU F 202 -10.64 2.42 -51.09
C GLU F 202 -10.93 3.09 -52.41
N THR F 203 -11.04 2.25 -53.43
CA THR F 203 -11.57 2.62 -54.72
C THR F 203 -13.00 3.10 -54.47
N GLU F 204 -13.76 2.30 -53.74
CA GLU F 204 -15.12 2.66 -53.38
C GLU F 204 -15.13 4.07 -52.79
N ILE F 205 -14.23 4.32 -51.84
CA ILE F 205 -14.11 5.63 -51.22
C ILE F 205 -13.84 6.71 -52.27
N GLU F 206 -12.93 6.42 -53.20
CA GLU F 206 -12.59 7.36 -54.25
C GLU F 206 -13.78 7.65 -55.13
N ILE F 207 -14.61 6.64 -55.34
CA ILE F 207 -15.82 6.79 -56.12
C ILE F 207 -16.80 7.68 -55.37
N LEU F 208 -17.10 7.34 -54.13
CA LEU F 208 -18.02 8.14 -53.33
C LEU F 208 -17.50 9.58 -53.22
N LYS F 209 -16.19 9.74 -53.35
CA LYS F 209 -15.58 11.04 -53.28
C LYS F 209 -15.88 11.82 -54.55
N LYS F 210 -16.11 11.09 -55.64
CA LYS F 210 -16.44 11.73 -56.93
C LYS F 210 -17.82 12.39 -56.92
N LEU F 211 -18.71 11.91 -56.07
CA LEU F 211 -20.07 12.45 -55.94
C LEU F 211 -20.07 13.91 -55.51
N ASN F 212 -20.65 14.77 -56.33
CA ASN F 212 -20.62 16.18 -56.04
C ASN F 212 -21.95 16.88 -56.26
N HIS F 213 -22.82 16.76 -55.26
CA HIS F 213 -24.15 17.32 -55.27
C HIS F 213 -24.41 17.96 -53.90
N PRO F 214 -25.00 19.17 -53.89
CA PRO F 214 -25.28 19.86 -52.63
C PRO F 214 -26.25 19.14 -51.68
N CYS F 215 -26.96 18.11 -52.18
CA CYS F 215 -27.93 17.35 -51.37
C CYS F 215 -27.40 16.00 -50.92
N ILE F 216 -26.09 15.83 -51.06
CA ILE F 216 -25.43 14.56 -50.77
C ILE F 216 -24.16 14.82 -49.97
N ILE F 217 -24.04 14.11 -48.85
CA ILE F 217 -22.92 14.28 -47.93
C ILE F 217 -21.56 14.20 -48.61
N LYS F 218 -20.75 15.24 -48.44
CA LYS F 218 -19.42 15.25 -49.04
C LYS F 218 -18.46 14.40 -48.21
N ILE F 219 -17.70 13.56 -48.90
CA ILE F 219 -16.63 12.82 -48.24
C ILE F 219 -15.37 13.65 -48.32
N LYS F 220 -15.11 14.33 -47.22
CA LYS F 220 -14.06 15.31 -47.11
C LYS F 220 -12.65 14.71 -47.13
N ASN F 221 -12.51 13.43 -46.79
CA ASN F 221 -11.18 12.82 -46.69
C ASN F 221 -11.20 11.33 -46.32
N PHE F 222 -10.05 10.68 -46.48
CA PHE F 222 -9.89 9.25 -46.21
C PHE F 222 -8.47 8.93 -45.72
N PHE F 223 -8.38 7.97 -44.80
CA PHE F 223 -7.09 7.48 -44.31
C PHE F 223 -7.10 5.97 -44.17
N ASP F 224 -6.24 5.29 -44.92
CA ASP F 224 -6.07 3.85 -44.81
C ASP F 224 -4.81 3.62 -43.97
N ALA F 225 -5.01 3.17 -42.72
CA ALA F 225 -3.88 2.85 -41.87
C ALA F 225 -4.22 1.71 -40.93
N GLU F 226 -4.52 2.07 -39.69
CA GLU F 226 -4.89 1.12 -38.65
C GLU F 226 -6.27 0.54 -38.91
N ASP F 227 -7.20 1.40 -39.31
CA ASP F 227 -8.61 1.07 -39.22
C ASP F 227 -9.51 1.55 -40.35
N TYR F 228 -8.97 2.33 -41.29
CA TYR F 228 -9.81 3.06 -42.26
C TYR F 228 -10.54 4.20 -41.56
N TYR F 229 -10.17 5.42 -41.93
CA TYR F 229 -10.78 6.60 -41.37
C TYR F 229 -11.39 7.36 -42.54
N ILE F 230 -12.66 7.72 -42.40
CA ILE F 230 -13.37 8.44 -43.46
C ILE F 230 -13.90 9.76 -42.92
N VAL F 231 -13.30 10.86 -43.35
CA VAL F 231 -13.72 12.19 -42.88
C VAL F 231 -14.90 12.68 -43.69
N LEU F 232 -15.97 13.02 -43.00
CA LEU F 232 -17.22 13.42 -43.63
C LEU F 232 -17.67 14.79 -43.13
N GLU F 233 -18.58 15.40 -43.89
CA GLU F 233 -19.01 16.77 -43.66
C GLU F 233 -19.50 17.09 -42.27
N LEU F 234 -20.38 16.26 -41.72
CA LEU F 234 -21.07 16.53 -40.44
C LEU F 234 -22.07 17.69 -40.47
N MET F 235 -23.35 17.36 -40.65
CA MET F 235 -24.40 18.35 -40.63
C MET F 235 -24.69 18.78 -39.20
N GLU F 236 -24.96 20.07 -39.03
CA GLU F 236 -25.19 20.63 -37.71
C GLU F 236 -26.60 20.35 -37.28
N GLY F 237 -27.45 20.20 -38.26
CA GLY F 237 -28.84 20.10 -37.95
C GLY F 237 -29.28 18.70 -37.53
N GLY F 238 -28.34 17.76 -37.43
CA GLY F 238 -28.66 16.39 -37.03
C GLY F 238 -29.52 15.65 -38.02
N GLU F 239 -30.18 14.59 -37.55
CA GLU F 239 -30.98 13.72 -38.41
C GLU F 239 -32.38 14.27 -38.61
N LEU F 240 -32.91 14.09 -39.81
CA LEU F 240 -34.31 14.34 -40.12
C LEU F 240 -35.20 13.47 -39.25
N PHE F 241 -34.63 12.38 -38.72
CA PHE F 241 -35.32 11.50 -37.79
C PHE F 241 -35.76 12.23 -36.53
N ASP F 242 -34.85 12.99 -35.91
CA ASP F 242 -35.12 13.73 -34.69
C ASP F 242 -36.23 14.76 -34.89
N LYS F 243 -36.44 15.13 -36.15
CA LYS F 243 -37.41 16.16 -36.51
C LYS F 243 -38.84 15.60 -36.53
N VAL F 244 -38.98 14.29 -36.72
CA VAL F 244 -40.31 13.65 -36.76
C VAL F 244 -40.57 12.72 -35.57
N VAL F 245 -39.58 12.55 -34.71
CA VAL F 245 -39.69 11.69 -33.52
C VAL F 245 -40.73 12.23 -32.52
N GLY F 246 -41.44 11.32 -31.85
CA GLY F 246 -42.44 11.69 -30.86
C GLY F 246 -43.80 11.98 -31.46
N ASN F 247 -44.13 11.28 -32.55
CA ASN F 247 -45.45 11.37 -33.22
C ASN F 247 -45.84 12.76 -33.73
N LYS F 248 -44.87 13.67 -33.83
CA LYS F 248 -45.11 15.02 -34.35
C LYS F 248 -44.81 15.06 -35.84
N ARG F 249 -45.56 15.88 -36.57
CA ARG F 249 -45.33 16.01 -38.00
C ARG F 249 -44.69 17.35 -38.33
N LEU F 250 -44.09 17.41 -39.52
CA LEU F 250 -43.50 18.61 -40.05
C LEU F 250 -44.50 19.38 -40.88
N LYS F 251 -44.31 20.69 -40.90
CA LYS F 251 -45.01 21.60 -41.78
C LYS F 251 -44.98 21.08 -43.23
N GLU F 252 -46.14 21.10 -43.89
CA GLU F 252 -46.24 20.56 -45.26
C GLU F 252 -45.27 21.24 -46.23
N ALA F 253 -45.14 22.55 -46.07
CA ALA F 253 -44.20 23.36 -46.86
C ALA F 253 -42.78 22.88 -46.67
N THR F 254 -42.42 22.59 -45.42
CA THR F 254 -41.10 22.07 -45.10
C THR F 254 -40.87 20.68 -45.71
N CYS F 255 -41.87 19.80 -45.60
CA CYS F 255 -41.80 18.46 -46.19
C CYS F 255 -41.44 18.54 -47.66
N LYS F 256 -42.21 19.36 -48.38
CA LYS F 256 -41.97 19.60 -49.81
C LYS F 256 -40.54 20.06 -50.07
N LEU F 257 -40.07 21.04 -49.30
CA LEU F 257 -38.69 21.52 -49.42
C LEU F 257 -37.66 20.39 -49.24
N TYR F 258 -37.83 19.60 -48.18
CA TYR F 258 -36.91 18.49 -47.92
C TYR F 258 -37.08 17.38 -48.93
N PHE F 259 -38.33 17.07 -49.27
CA PHE F 259 -38.60 15.97 -50.18
C PHE F 259 -38.12 16.24 -51.59
N TYR F 260 -38.22 17.50 -52.02
CA TYR F 260 -37.68 17.90 -53.30
C TYR F 260 -36.20 17.58 -53.33
N GLN F 261 -35.48 18.11 -52.34
CA GLN F 261 -34.05 17.87 -52.22
C GLN F 261 -33.75 16.39 -52.25
N MET F 262 -34.46 15.62 -51.42
CA MET F 262 -34.32 14.17 -51.37
C MET F 262 -34.44 13.54 -52.75
N LEU F 263 -35.49 13.91 -53.47
CA LEU F 263 -35.69 13.41 -54.83
C LEU F 263 -34.51 13.72 -55.73
N LEU F 264 -34.06 14.97 -55.71
CA LEU F 264 -32.91 15.37 -56.51
C LEU F 264 -31.73 14.46 -56.20
N ALA F 265 -31.39 14.37 -54.91
CA ALA F 265 -30.26 13.58 -54.46
C ALA F 265 -30.34 12.14 -54.95
N VAL F 266 -31.45 11.47 -54.67
CA VAL F 266 -31.63 10.08 -55.08
C VAL F 266 -31.48 9.92 -56.59
N GLN F 267 -32.13 10.82 -57.34
CA GLN F 267 -32.02 10.81 -58.79
C GLN F 267 -30.57 10.88 -59.25
N TYR F 268 -29.83 11.82 -58.67
CA TYR F 268 -28.43 12.00 -59.00
C TYR F 268 -27.68 10.71 -58.75
N LEU F 269 -27.88 10.13 -57.57
CA LEU F 269 -27.27 8.84 -57.20
C LEU F 269 -27.56 7.79 -58.25
N HIS F 270 -28.82 7.72 -58.66
CA HIS F 270 -29.22 6.74 -59.63
C HIS F 270 -28.45 6.89 -60.92
N GLU F 271 -28.44 8.09 -61.49
CA GLU F 271 -27.68 8.28 -62.74
C GLU F 271 -26.16 8.28 -62.54
N ASN F 272 -25.72 8.13 -61.30
CA ASN F 272 -24.32 7.83 -61.06
C ASN F 272 -24.14 6.39 -60.61
N GLY F 273 -25.04 5.53 -61.08
CA GLY F 273 -24.93 4.09 -60.86
C GLY F 273 -25.01 3.62 -59.43
N ILE F 274 -25.58 4.44 -58.55
CA ILE F 274 -25.71 4.08 -57.16
C ILE F 274 -27.18 3.98 -56.76
N ILE F 275 -27.56 2.80 -56.29
CA ILE F 275 -28.85 2.60 -55.68
C ILE F 275 -28.64 2.56 -54.17
N HIS F 276 -29.31 3.48 -53.45
CA HIS F 276 -29.07 3.67 -52.01
C HIS F 276 -29.44 2.44 -51.18
N ARG F 277 -30.57 1.83 -51.53
CA ARG F 277 -30.94 0.52 -51.03
C ARG F 277 -31.41 0.52 -49.55
N ASP F 278 -31.00 1.51 -48.75
CA ASP F 278 -31.51 1.69 -47.39
C ASP F 278 -31.67 3.16 -47.00
N LEU F 279 -32.81 3.72 -47.36
CA LEU F 279 -33.03 5.15 -47.27
C LEU F 279 -34.03 5.45 -46.15
N LYS F 280 -33.63 6.24 -45.15
CA LYS F 280 -34.51 6.50 -44.00
C LYS F 280 -34.29 7.84 -43.30
N PRO F 281 -35.31 8.32 -42.54
CA PRO F 281 -35.22 9.55 -41.75
C PRO F 281 -33.86 9.81 -41.12
N GLU F 282 -33.21 8.78 -40.61
CA GLU F 282 -31.90 8.99 -39.99
C GLU F 282 -30.73 9.05 -40.99
N ASN F 283 -30.99 8.67 -42.23
CA ASN F 283 -30.00 8.80 -43.31
C ASN F 283 -30.06 10.17 -43.96
N VAL F 284 -31.15 10.88 -43.71
CA VAL F 284 -31.33 12.23 -44.21
C VAL F 284 -30.86 13.19 -43.13
N LEU F 285 -29.84 13.97 -43.43
CA LEU F 285 -29.30 14.92 -42.48
C LEU F 285 -29.68 16.35 -42.85
N LEU F 286 -29.81 17.19 -41.83
CA LEU F 286 -30.18 18.60 -42.04
C LEU F 286 -28.98 19.50 -41.79
N SER F 287 -28.78 20.47 -42.67
CA SER F 287 -27.59 21.32 -42.63
C SER F 287 -27.50 22.29 -41.43
N SER F 288 -28.65 22.72 -40.91
CA SER F 288 -28.68 23.64 -39.76
C SER F 288 -29.91 23.41 -38.88
N GLN F 289 -30.02 24.19 -37.80
CA GLN F 289 -31.19 24.18 -36.92
C GLN F 289 -32.44 24.71 -37.62
N GLU F 290 -32.25 25.64 -38.55
CA GLU F 290 -33.35 26.31 -39.25
C GLU F 290 -34.20 25.34 -40.05
N GLU F 291 -35.51 25.60 -40.07
CA GLU F 291 -36.45 24.75 -40.77
C GLU F 291 -36.22 24.77 -42.28
N ASP F 292 -35.93 25.94 -42.82
CA ASP F 292 -35.51 26.05 -44.21
C ASP F 292 -34.00 25.83 -44.27
N CYS F 293 -33.61 24.65 -44.73
CA CYS F 293 -32.19 24.29 -44.83
C CYS F 293 -31.93 23.24 -45.90
N LEU F 294 -30.65 23.01 -46.20
CA LEU F 294 -30.28 21.97 -47.13
C LEU F 294 -30.33 20.61 -46.45
N ILE F 295 -30.76 19.62 -47.23
CA ILE F 295 -30.88 18.25 -46.80
C ILE F 295 -29.75 17.46 -47.43
N LYS F 296 -29.12 16.57 -46.67
CA LYS F 296 -28.04 15.77 -47.23
C LYS F 296 -28.19 14.29 -46.90
N ILE F 297 -27.91 13.43 -47.87
CA ILE F 297 -28.08 11.99 -47.70
C ILE F 297 -26.76 11.28 -47.37
N THR F 298 -26.81 10.30 -46.47
CA THR F 298 -25.61 9.52 -46.10
C THR F 298 -25.88 8.02 -46.14
N ASP F 299 -24.86 7.25 -45.75
CA ASP F 299 -24.91 5.79 -45.63
C ASP F 299 -25.10 5.07 -46.95
N PHE F 300 -23.97 4.75 -47.56
CA PHE F 300 -23.99 3.94 -48.75
C PHE F 300 -23.41 2.59 -48.36
N GLY F 301 -23.57 2.26 -47.07
CA GLY F 301 -23.09 1.00 -46.54
C GLY F 301 -23.93 -0.19 -46.96
N HIS F 302 -25.13 0.09 -47.43
CA HIS F 302 -26.05 -0.95 -47.85
C HIS F 302 -26.26 -0.89 -49.36
N SER F 303 -25.91 0.27 -49.92
CA SER F 303 -26.16 0.56 -51.31
C SER F 303 -25.38 -0.36 -52.23
N LYS F 304 -25.83 -0.42 -53.47
CA LYS F 304 -25.09 -1.17 -54.47
C LYS F 304 -24.51 -0.21 -55.54
N ILE F 305 -23.18 -0.19 -55.57
CA ILE F 305 -22.41 0.83 -56.25
C ILE F 305 -21.91 0.29 -57.56
N LEU F 306 -22.35 0.93 -58.64
CA LEU F 306 -22.22 0.39 -59.99
C LEU F 306 -22.80 -1.03 -60.00
N GLY F 307 -21.98 -2.02 -60.31
CA GLY F 307 -22.44 -3.40 -60.33
C GLY F 307 -22.75 -3.93 -58.94
N GLU F 308 -21.82 -3.74 -58.02
CA GLU F 308 -21.75 -4.55 -56.80
C GLU F 308 -22.29 -3.90 -55.53
N THR F 309 -22.43 -4.71 -54.49
CA THR F 309 -22.80 -4.24 -53.16
C THR F 309 -21.54 -3.66 -52.51
N SER F 310 -21.72 -2.54 -51.81
CA SER F 310 -20.62 -1.85 -51.17
C SER F 310 -19.86 -2.81 -50.26
N LEU F 311 -18.54 -2.79 -50.38
CA LEU F 311 -17.70 -3.72 -49.65
C LEU F 311 -17.61 -3.35 -48.17
N MET F 312 -18.37 -2.34 -47.77
CA MET F 312 -18.48 -1.98 -46.35
C MET F 312 -19.41 -2.94 -45.64
N ARG F 313 -20.32 -3.53 -46.41
CA ARG F 313 -21.17 -4.59 -45.91
C ARG F 313 -20.36 -5.90 -45.96
N PRO F 319 -37.61 1.00 -39.49
CA PRO F 319 -37.54 -0.44 -39.83
C PRO F 319 -38.42 -0.81 -41.04
N THR F 320 -39.46 0.00 -41.26
CA THR F 320 -40.56 -0.27 -42.22
C THR F 320 -40.20 -0.22 -43.72
N TYR F 321 -39.03 0.35 -44.05
CA TYR F 321 -38.71 0.79 -45.42
C TYR F 321 -38.36 -0.34 -46.42
N LEU F 322 -38.89 -1.53 -46.16
CA LEU F 322 -38.74 -2.70 -47.02
C LEU F 322 -39.76 -2.75 -48.15
N ALA F 323 -39.26 -2.83 -49.39
CA ALA F 323 -40.11 -2.88 -50.58
C ALA F 323 -40.91 -4.19 -50.70
N PRO F 324 -42.14 -4.11 -51.27
CA PRO F 324 -43.03 -5.26 -51.46
C PRO F 324 -42.42 -6.39 -52.27
N GLU F 325 -41.70 -6.05 -53.32
CA GLU F 325 -41.05 -7.03 -54.18
C GLU F 325 -39.91 -7.75 -53.44
N VAL F 326 -39.24 -7.02 -52.56
CA VAL F 326 -38.11 -7.54 -51.81
C VAL F 326 -38.58 -8.34 -50.58
N LEU F 327 -39.88 -8.63 -50.53
CA LEU F 327 -40.43 -9.49 -49.46
C LEU F 327 -40.87 -10.85 -49.99
N VAL F 328 -41.46 -10.84 -51.19
CA VAL F 328 -41.89 -12.07 -51.84
C VAL F 328 -40.69 -12.81 -52.44
N ALA F 333 -32.92 -9.87 -60.37
CA ALA F 333 -32.67 -10.15 -58.96
C ALA F 333 -33.76 -9.55 -58.09
N GLY F 334 -34.17 -8.33 -58.43
CA GLY F 334 -35.15 -7.56 -57.66
C GLY F 334 -34.46 -6.44 -56.88
N TYR F 335 -33.44 -5.86 -57.52
CA TYR F 335 -32.48 -4.95 -56.88
C TYR F 335 -32.41 -3.60 -57.62
N ASN F 336 -33.45 -3.33 -58.39
CA ASN F 336 -33.53 -2.19 -59.31
C ASN F 336 -33.74 -0.85 -58.59
N ARG F 337 -33.69 0.25 -59.33
CA ARG F 337 -33.85 1.60 -58.75
C ARG F 337 -35.15 1.78 -58.02
N ALA F 338 -36.20 1.12 -58.48
CA ALA F 338 -37.56 1.31 -57.95
C ALA F 338 -37.69 1.08 -56.44
N VAL F 339 -36.76 0.32 -55.87
CA VAL F 339 -36.73 0.08 -54.43
C VAL F 339 -36.47 1.37 -53.65
N ASP F 340 -35.62 2.24 -54.21
CA ASP F 340 -35.32 3.53 -53.61
C ASP F 340 -36.53 4.44 -53.67
N CYS F 341 -37.30 4.33 -54.75
CA CYS F 341 -38.54 5.10 -54.89
C CYS F 341 -39.53 4.71 -53.81
N TRP F 342 -39.74 3.40 -53.66
CA TRP F 342 -40.57 2.88 -52.58
C TRP F 342 -40.15 3.50 -51.25
N SER F 343 -38.85 3.46 -50.96
CA SER F 343 -38.32 4.02 -49.71
C SER F 343 -38.66 5.49 -49.53
N LEU F 344 -38.42 6.30 -50.57
CA LEU F 344 -38.72 7.72 -50.54
C LEU F 344 -40.19 7.95 -50.33
N GLY F 345 -41.00 7.07 -50.92
CA GLY F 345 -42.44 7.08 -50.67
C GLY F 345 -42.75 6.97 -49.18
N VAL F 346 -42.13 5.98 -48.54
CA VAL F 346 -42.33 5.75 -47.13
C VAL F 346 -41.85 6.96 -46.31
N ILE F 347 -40.72 7.55 -46.73
CA ILE F 347 -40.19 8.69 -46.01
C ILE F 347 -41.17 9.85 -46.12
N LEU F 348 -41.67 10.10 -47.32
CA LEU F 348 -42.64 11.16 -47.54
C LEU F 348 -43.84 10.93 -46.64
N PHE F 349 -44.36 9.70 -46.66
CA PHE F 349 -45.52 9.33 -45.85
C PHE F 349 -45.32 9.71 -44.38
N ILE F 350 -44.21 9.25 -43.80
CA ILE F 350 -43.89 9.56 -42.41
C ILE F 350 -43.77 11.06 -42.16
N CYS F 351 -43.19 11.76 -43.11
CA CYS F 351 -42.98 13.20 -42.99
C CYS F 351 -44.29 13.99 -42.92
N LEU F 352 -45.16 13.74 -43.89
CA LEU F 352 -46.42 14.44 -44.00
C LEU F 352 -47.36 14.10 -42.84
N SER F 353 -47.42 12.81 -42.50
CA SER F 353 -48.40 12.30 -41.56
C SER F 353 -47.90 12.31 -40.12
N GLY F 354 -46.62 11.99 -39.92
CA GLY F 354 -46.05 11.88 -38.58
C GLY F 354 -46.18 10.49 -37.97
N TYR F 355 -46.64 9.54 -38.79
CA TYR F 355 -46.73 8.14 -38.39
C TYR F 355 -46.35 7.25 -39.57
N PRO F 356 -45.89 6.01 -39.30
CA PRO F 356 -45.47 5.13 -40.39
C PRO F 356 -46.66 4.52 -41.13
N PRO F 357 -46.50 4.23 -42.42
CA PRO F 357 -47.60 3.59 -43.16
C PRO F 357 -47.86 2.13 -42.76
N PHE F 358 -46.94 1.52 -41.99
CA PHE F 358 -47.09 0.11 -41.58
C PHE F 358 -46.60 -0.16 -40.14
N SER F 359 -47.38 -0.95 -39.40
CA SER F 359 -47.02 -1.43 -38.05
C SER F 359 -48.06 -2.47 -37.55
N GLU F 360 -47.60 -3.48 -36.81
CA GLU F 360 -48.39 -4.70 -36.53
C GLU F 360 -49.66 -4.50 -35.68
N HIS F 361 -49.50 -3.83 -34.54
CA HIS F 361 -50.55 -3.70 -33.52
C HIS F 361 -50.97 -5.05 -32.90
N ARG F 362 -51.75 -5.84 -33.65
CA ARG F 362 -52.22 -7.15 -33.17
C ARG F 362 -52.20 -8.23 -34.26
N THR F 363 -52.98 -9.29 -34.04
CA THR F 363 -53.19 -10.38 -35.01
C THR F 363 -53.66 -9.83 -36.37
N GLN F 364 -54.42 -8.74 -36.32
CA GLN F 364 -54.85 -8.00 -37.51
C GLN F 364 -53.74 -7.76 -38.52
N VAL F 365 -53.52 -8.75 -39.39
CA VAL F 365 -52.54 -8.69 -40.50
C VAL F 365 -51.08 -8.41 -40.07
N SER F 366 -50.17 -9.30 -40.47
CA SER F 366 -48.74 -9.12 -40.21
C SER F 366 -48.21 -7.92 -40.98
N LEU F 367 -47.15 -7.30 -40.45
CA LEU F 367 -46.51 -6.15 -41.09
C LEU F 367 -45.96 -6.47 -42.48
N LYS F 368 -45.36 -7.66 -42.60
CA LYS F 368 -44.81 -8.11 -43.86
C LYS F 368 -45.90 -8.50 -44.86
N ASP F 369 -47.13 -8.71 -44.37
CA ASP F 369 -48.29 -8.95 -45.23
C ASP F 369 -48.96 -7.66 -45.70
N GLN F 370 -48.97 -6.65 -44.81
CA GLN F 370 -49.51 -5.33 -45.11
C GLN F 370 -48.83 -4.73 -46.34
N ILE F 371 -47.50 -4.77 -46.33
CA ILE F 371 -46.68 -4.18 -47.37
C ILE F 371 -46.98 -4.83 -48.72
N THR F 372 -47.02 -6.16 -48.70
CA THR F 372 -47.24 -6.96 -49.91
C THR F 372 -48.59 -6.71 -50.59
N SER F 373 -49.67 -6.62 -49.81
CA SER F 373 -50.99 -6.27 -50.34
C SER F 373 -51.06 -4.79 -50.72
N GLY F 374 -50.19 -3.98 -50.12
CA GLY F 374 -50.06 -2.56 -50.43
C GLY F 374 -51.02 -1.69 -49.65
N LYS F 375 -51.87 -2.33 -48.85
CA LYS F 375 -52.85 -1.61 -48.04
C LYS F 375 -52.17 -0.95 -46.85
N TYR F 376 -51.83 0.34 -47.03
CA TYR F 376 -51.15 1.13 -46.01
C TYR F 376 -52.15 1.68 -45.00
N ASN F 377 -51.65 2.04 -43.82
CA ASN F 377 -52.46 2.61 -42.74
C ASN F 377 -52.89 4.04 -43.09
N PHE F 378 -54.19 4.26 -43.21
CA PHE F 378 -54.69 5.56 -43.63
C PHE F 378 -55.62 6.20 -42.58
N ILE F 379 -55.11 7.14 -41.80
CA ILE F 379 -55.90 7.85 -40.81
C ILE F 379 -56.43 9.14 -41.42
N PRO F 380 -57.72 9.18 -41.78
CA PRO F 380 -58.26 10.34 -42.52
C PRO F 380 -58.09 11.66 -41.80
N GLU F 381 -58.22 11.65 -40.47
CA GLU F 381 -58.13 12.85 -39.64
C GLU F 381 -56.76 13.51 -39.75
N VAL F 382 -55.73 12.69 -39.92
CA VAL F 382 -54.37 13.18 -40.08
C VAL F 382 -54.21 13.74 -41.48
N TRP F 383 -54.55 12.93 -42.48
CA TRP F 383 -54.44 13.30 -43.88
C TRP F 383 -55.44 14.36 -44.32
N ALA F 384 -56.37 14.68 -43.41
CA ALA F 384 -57.35 15.74 -43.65
C ALA F 384 -56.68 17.09 -43.85
N GLU F 385 -55.55 17.30 -43.17
CA GLU F 385 -54.77 18.52 -43.37
C GLU F 385 -53.43 18.31 -44.07
N VAL F 386 -53.48 17.49 -45.12
CA VAL F 386 -52.38 17.32 -46.06
C VAL F 386 -52.99 17.39 -47.44
N SER F 387 -52.46 18.26 -48.29
CA SER F 387 -53.01 18.50 -49.63
C SER F 387 -53.23 17.22 -50.44
N GLU F 388 -54.17 17.28 -51.38
CA GLU F 388 -54.50 16.14 -52.24
C GLU F 388 -53.31 15.64 -53.03
N LYS F 389 -52.56 16.58 -53.62
CA LYS F 389 -51.40 16.24 -54.45
C LYS F 389 -50.31 15.55 -53.64
N ALA F 390 -50.09 16.03 -52.42
CA ALA F 390 -49.13 15.39 -51.51
C ALA F 390 -49.52 13.93 -51.28
N LEU F 391 -50.78 13.68 -50.93
CA LEU F 391 -51.29 12.31 -50.75
C LEU F 391 -51.20 11.52 -52.04
N ASP F 392 -51.45 12.17 -53.17
CA ASP F 392 -51.40 11.49 -54.47
C ASP F 392 -49.99 11.07 -54.85
N LEU F 393 -48.99 11.91 -54.55
CA LEU F 393 -47.60 11.57 -54.82
C LEU F 393 -47.22 10.31 -54.04
N VAL F 394 -47.45 10.36 -52.73
CA VAL F 394 -47.21 9.22 -51.85
C VAL F 394 -47.87 7.96 -52.39
N LYS F 395 -49.14 8.09 -52.80
CA LYS F 395 -49.88 6.99 -53.40
C LYS F 395 -49.15 6.38 -54.60
N LYS F 396 -48.77 7.23 -55.55
CA LYS F 396 -48.16 6.80 -56.80
C LYS F 396 -46.74 6.26 -56.58
N LEU F 397 -46.18 6.60 -55.43
CA LEU F 397 -44.85 6.19 -55.07
C LEU F 397 -44.86 4.86 -54.29
N LEU F 398 -45.99 4.54 -53.68
CA LEU F 398 -46.10 3.33 -52.87
C LEU F 398 -46.85 2.20 -53.58
N VAL F 399 -46.70 2.12 -54.91
CA VAL F 399 -47.33 1.07 -55.69
C VAL F 399 -46.65 -0.27 -55.43
N VAL F 400 -47.46 -1.32 -55.24
CA VAL F 400 -46.95 -2.68 -54.97
C VAL F 400 -46.15 -3.21 -56.16
N ASP F 401 -46.70 -3.03 -57.36
CA ASP F 401 -46.01 -3.43 -58.59
C ASP F 401 -44.90 -2.41 -58.94
N PRO F 402 -43.64 -2.87 -58.95
CA PRO F 402 -42.50 -1.97 -59.14
C PRO F 402 -42.47 -1.36 -60.55
N LYS F 403 -42.97 -2.11 -61.52
CA LYS F 403 -43.08 -1.65 -62.90
C LYS F 403 -44.05 -0.46 -62.98
N ALA F 404 -45.02 -0.44 -62.07
CA ALA F 404 -46.07 0.60 -62.02
C ALA F 404 -45.72 1.74 -61.06
N ARG F 405 -44.75 1.50 -60.16
CA ARG F 405 -44.32 2.52 -59.22
C ARG F 405 -43.72 3.72 -59.97
N PHE F 406 -43.94 4.93 -59.45
CA PHE F 406 -43.29 6.14 -59.96
C PHE F 406 -41.77 6.04 -59.92
N THR F 407 -41.12 6.64 -60.90
CA THR F 407 -39.68 6.79 -60.86
C THR F 407 -39.32 8.18 -60.33
N THR F 408 -38.05 8.38 -60.02
CA THR F 408 -37.57 9.69 -59.58
C THR F 408 -37.90 10.79 -60.59
N GLU F 409 -37.71 10.52 -61.88
CA GLU F 409 -38.07 11.52 -62.89
C GLU F 409 -39.56 11.83 -62.81
N GLU F 410 -40.38 10.78 -62.79
CA GLU F 410 -41.83 10.94 -62.74
C GLU F 410 -42.26 11.71 -61.51
N ALA F 411 -41.63 11.40 -60.38
CA ALA F 411 -41.92 12.07 -59.11
C ALA F 411 -41.61 13.57 -59.19
N LEU F 412 -40.52 13.90 -59.88
CA LEU F 412 -40.15 15.32 -60.04
C LEU F 412 -41.10 16.09 -60.95
N ARG F 413 -41.84 15.37 -61.80
CA ARG F 413 -42.86 15.96 -62.68
C ARG F 413 -44.19 16.10 -61.99
N HIS F 414 -44.31 15.50 -60.82
CA HIS F 414 -45.60 15.44 -60.14
C HIS F 414 -46.09 16.83 -59.73
N PRO F 415 -47.38 17.12 -59.98
CA PRO F 415 -48.03 18.38 -59.61
C PRO F 415 -47.57 18.97 -58.28
N TRP F 416 -47.40 18.12 -57.26
CA TRP F 416 -47.01 18.59 -55.92
C TRP F 416 -45.69 19.35 -55.95
N LEU F 417 -44.73 18.84 -56.71
CA LEU F 417 -43.39 19.44 -56.79
C LEU F 417 -43.28 20.52 -57.86
N GLN F 418 -44.39 20.79 -58.55
CA GLN F 418 -44.48 21.92 -59.47
C GLN F 418 -44.65 23.20 -58.67
N ASP F 419 -43.58 23.63 -58.02
CA ASP F 419 -43.65 24.70 -57.04
C ASP F 419 -42.36 25.51 -57.06
N GLU F 420 -42.32 26.53 -57.93
CA GLU F 420 -41.11 27.34 -58.09
C GLU F 420 -40.84 28.21 -56.86
N ASP F 421 -41.86 28.35 -56.02
CA ASP F 421 -41.76 29.11 -54.79
C ASP F 421 -40.74 28.47 -53.86
N MET F 422 -40.85 27.16 -53.67
CA MET F 422 -39.90 26.41 -52.86
C MET F 422 -38.60 26.16 -53.62
N LYS F 423 -38.70 26.03 -54.94
CA LYS F 423 -37.53 25.78 -55.78
C LYS F 423 -36.57 26.95 -55.72
N ARG F 424 -37.13 28.16 -55.61
CA ARG F 424 -36.35 29.36 -55.41
C ARG F 424 -35.70 29.34 -54.03
N LYS F 425 -36.46 28.87 -53.04
CA LYS F 425 -35.95 28.70 -51.67
C LYS F 425 -34.73 27.78 -51.66
N PHE F 426 -34.80 26.72 -52.45
CA PHE F 426 -33.74 25.72 -52.56
C PHE F 426 -32.49 26.35 -53.15
N GLN F 427 -32.66 27.09 -54.25
CA GLN F 427 -31.57 27.81 -54.91
C GLN F 427 -30.87 28.75 -53.95
N ASP F 428 -31.68 29.48 -53.16
CA ASP F 428 -31.19 30.34 -52.10
C ASP F 428 -30.28 29.60 -51.14
N LEU F 429 -30.69 28.39 -50.76
CA LEU F 429 -29.96 27.60 -49.80
C LEU F 429 -28.64 27.11 -50.36
N LEU F 430 -28.60 26.93 -51.68
CA LEU F 430 -27.37 26.58 -52.39
C LEU F 430 -26.35 27.71 -52.31
N SER F 431 -26.84 28.95 -52.18
CA SER F 431 -25.96 30.10 -51.92
C SER F 431 -25.60 30.17 -50.44
N GLU F 432 -24.73 29.24 -50.03
CA GLU F 432 -24.19 29.16 -48.68
C GLU F 432 -23.02 28.17 -48.75
N PRO G 23 -24.09 23.62 4.67
CA PRO G 23 -23.20 23.11 5.72
C PRO G 23 -23.41 23.87 7.03
N TRP G 24 -24.26 23.35 7.91
CA TRP G 24 -24.64 24.04 9.14
C TRP G 24 -23.80 23.73 10.37
N ALA G 25 -23.02 22.64 10.32
CA ALA G 25 -22.19 22.23 11.46
C ALA G 25 -20.95 21.44 11.08
N ARG G 26 -19.87 21.62 11.85
CA ARG G 26 -18.66 20.85 11.69
C ARG G 26 -18.43 19.91 12.86
N LEU G 27 -18.06 18.68 12.56
CA LEU G 27 -17.59 17.77 13.58
C LEU G 27 -16.12 17.51 13.36
N TRP G 28 -15.34 17.80 14.39
CA TRP G 28 -13.90 17.64 14.30
C TRP G 28 -13.43 16.43 15.10
N ALA G 29 -12.95 15.41 14.38
CA ALA G 29 -12.48 14.17 14.98
C ALA G 29 -11.27 14.44 15.85
N LEU G 30 -11.19 13.73 16.97
CA LEU G 30 -10.13 13.91 17.96
C LEU G 30 -9.34 12.61 18.24
N GLN G 31 -9.71 11.54 17.56
CA GLN G 31 -9.00 10.27 17.62
C GLN G 31 -8.82 9.71 16.24
N ASP G 32 -7.78 8.88 16.06
CA ASP G 32 -7.36 8.41 14.74
C ASP G 32 -8.44 7.70 13.94
N GLY G 33 -9.15 6.76 14.58
CA GLY G 33 -10.20 5.97 13.92
C GLY G 33 -11.31 6.78 13.26
N PHE G 34 -11.51 8.01 13.74
CA PHE G 34 -12.61 8.84 13.29
C PHE G 34 -12.22 9.87 12.23
N ALA G 35 -13.15 10.12 11.32
CA ALA G 35 -12.99 11.15 10.30
C ALA G 35 -13.87 12.37 10.64
N ASN G 36 -13.51 13.55 10.13
CA ASN G 36 -14.32 14.75 10.33
C ASN G 36 -15.64 14.65 9.60
N LEU G 37 -16.65 15.36 10.09
CA LEU G 37 -17.93 15.40 9.40
C LEU G 37 -18.44 16.83 9.19
N GLU G 38 -18.80 17.10 7.95
CA GLU G 38 -19.51 18.32 7.59
C GLU G 38 -20.99 17.99 7.63
N CYS G 39 -21.76 18.76 8.40
CA CYS G 39 -23.20 18.52 8.49
C CYS G 39 -23.96 19.44 7.56
N VAL G 40 -24.48 18.85 6.50
CA VAL G 40 -25.28 19.59 5.53
C VAL G 40 -26.71 19.09 5.63
N ASN G 41 -26.85 17.78 5.86
CA ASN G 41 -28.16 17.17 5.99
C ASN G 41 -28.83 17.46 7.33
N ASP G 42 -30.13 17.26 7.39
CA ASP G 42 -30.90 17.58 8.58
C ASP G 42 -30.72 16.61 9.72
N ASN G 43 -30.20 15.42 9.41
CA ASN G 43 -30.02 14.38 10.43
C ASN G 43 -28.81 13.51 10.15
N TYR G 44 -28.11 13.12 11.21
CA TYR G 44 -26.97 12.22 11.12
C TYR G 44 -26.95 11.23 12.28
N TRP G 45 -27.01 9.94 11.95
CA TRP G 45 -26.90 8.87 12.93
C TRP G 45 -25.46 8.38 13.03
N PHE G 46 -25.02 8.13 14.26
CA PHE G 46 -23.67 7.63 14.53
C PHE G 46 -23.73 6.29 15.23
N GLY G 47 -22.85 5.39 14.85
CA GLY G 47 -22.86 4.06 15.42
C GLY G 47 -22.20 3.05 14.50
N ARG G 48 -22.19 1.80 14.95
CA ARG G 48 -21.53 0.70 14.23
C ARG G 48 -22.41 0.09 13.13
N ASP G 49 -23.71 0.34 13.22
CA ASP G 49 -24.67 -0.15 12.23
C ASP G 49 -24.41 0.46 10.86
N LYS G 50 -24.37 -0.40 9.84
CA LYS G 50 -24.03 0.00 8.48
C LYS G 50 -24.96 1.07 7.89
N SER G 51 -26.16 1.19 8.47
CA SER G 51 -27.17 2.15 8.01
C SER G 51 -26.96 3.56 8.58
N CYS G 52 -26.08 3.70 9.58
CA CYS G 52 -25.71 4.99 10.15
C CYS G 52 -24.99 5.84 9.12
N GLU G 53 -25.38 7.12 9.03
CA GLU G 53 -24.78 8.06 8.10
C GLU G 53 -23.29 8.18 8.41
N TYR G 54 -22.98 8.18 9.70
CA TYR G 54 -21.62 8.09 10.18
C TYR G 54 -21.44 6.74 10.83
N CYS G 55 -20.82 5.82 10.10
CA CYS G 55 -20.64 4.46 10.57
C CYS G 55 -19.23 4.27 11.17
N PHE G 56 -19.16 3.55 12.29
CA PHE G 56 -17.89 3.30 12.97
C PHE G 56 -17.11 2.11 12.41
N ASP G 57 -17.72 1.38 11.47
CA ASP G 57 -17.19 0.09 10.99
C ASP G 57 -15.77 0.09 10.38
N GLU G 58 -15.15 1.25 10.28
CA GLU G 58 -13.79 1.38 9.75
C GLU G 58 -12.78 0.48 10.46
N PRO G 59 -11.90 -0.19 9.68
CA PRO G 59 -11.00 -1.21 10.19
C PRO G 59 -10.00 -0.72 11.23
N LEU G 60 -9.57 0.54 11.13
CA LEU G 60 -8.67 1.11 12.15
C LEU G 60 -9.41 1.32 13.45
N LEU G 61 -10.66 1.77 13.32
CA LEU G 61 -11.53 2.00 14.45
C LEU G 61 -11.96 0.70 15.15
N LYS G 62 -12.03 -0.39 14.39
CA LYS G 62 -12.44 -1.70 14.91
C LYS G 62 -11.50 -2.30 15.95
N ARG G 63 -10.22 -1.91 15.91
CA ARG G 63 -9.24 -2.48 16.81
C ARG G 63 -8.89 -1.59 18.01
N THR G 64 -9.71 -0.57 18.27
CA THR G 64 -9.43 0.36 19.37
C THR G 64 -9.99 -0.12 20.72
N ASP G 65 -10.29 -1.42 20.80
CA ASP G 65 -10.91 -2.08 21.98
C ASP G 65 -12.16 -1.40 22.56
N LYS G 66 -12.11 -0.07 22.70
CA LYS G 66 -13.26 0.73 23.11
C LYS G 66 -14.32 0.70 22.01
N TYR G 67 -13.96 0.12 20.87
CA TYR G 67 -14.87 -0.05 19.75
C TYR G 67 -16.09 -0.85 20.16
N ARG G 68 -15.85 -1.90 20.92
CA ARG G 68 -16.91 -2.83 21.34
C ARG G 68 -17.84 -2.21 22.37
N THR G 69 -17.45 -1.06 22.92
CA THR G 69 -18.30 -0.36 23.89
C THR G 69 -19.27 0.57 23.17
N TYR G 70 -19.03 0.81 21.89
CA TYR G 70 -19.91 1.65 21.10
C TYR G 70 -21.15 0.89 20.68
N SER G 71 -22.29 1.58 20.65
CA SER G 71 -23.54 0.94 20.29
C SER G 71 -23.74 0.84 18.79
N LYS G 72 -24.79 0.12 18.38
CA LYS G 72 -25.15 -0.02 16.96
C LYS G 72 -25.68 1.31 16.43
N LYS G 73 -26.67 1.87 17.13
CA LYS G 73 -27.09 3.24 16.90
C LYS G 73 -26.73 4.01 18.17
N HIS G 74 -25.51 4.54 18.20
CA HIS G 74 -24.97 5.15 19.42
C HIS G 74 -25.60 6.50 19.79
N PHE G 75 -25.60 7.44 18.84
CA PHE G 75 -26.22 8.74 19.04
C PHE G 75 -26.51 9.43 17.71
N ARG G 76 -27.41 10.42 17.73
CA ARG G 76 -27.64 11.24 16.54
C ARG G 76 -27.60 12.73 16.82
N ILE G 77 -27.04 13.46 15.86
CA ILE G 77 -27.07 14.90 15.86
C ILE G 77 -28.07 15.27 14.78
N PHE G 78 -28.92 16.26 15.06
CA PHE G 78 -29.87 16.72 14.06
C PHE G 78 -30.26 18.18 14.25
N ARG G 79 -30.70 18.76 13.15
CA ARG G 79 -31.12 20.14 13.10
C ARG G 79 -32.63 20.16 13.07
N GLU G 80 -33.22 21.02 13.88
CA GLU G 80 -34.67 21.13 13.93
C GLU G 80 -35.04 22.60 13.85
N VAL G 81 -36.02 22.91 13.02
CA VAL G 81 -36.54 24.26 12.95
C VAL G 81 -37.41 24.54 14.17
N GLY G 82 -36.90 25.36 15.08
CA GLY G 82 -37.70 25.92 16.16
C GLY G 82 -38.61 26.97 15.53
N PRO G 83 -39.92 26.96 15.90
CA PRO G 83 -40.96 27.81 15.29
C PRO G 83 -40.76 29.32 15.48
N LYS G 84 -39.51 29.76 15.30
CA LYS G 84 -39.10 31.16 15.43
C LYS G 84 -38.23 31.54 14.23
N ASN G 85 -38.27 30.70 13.20
CA ASN G 85 -37.37 30.77 12.04
C ASN G 85 -35.91 30.58 12.41
N SER G 86 -35.69 29.95 13.56
CA SER G 86 -34.35 29.61 14.04
C SER G 86 -34.14 28.11 13.98
N TYR G 87 -32.89 27.71 13.75
CA TYR G 87 -32.53 26.30 13.67
C TYR G 87 -31.63 25.89 14.82
N ILE G 88 -32.11 24.92 15.60
CA ILE G 88 -31.43 24.46 16.81
C ILE G 88 -30.83 23.08 16.59
N ALA G 89 -29.57 22.91 16.99
CA ALA G 89 -28.90 21.62 16.92
C ALA G 89 -29.18 20.82 18.18
N TYR G 90 -29.46 19.53 18.02
CA TYR G 90 -29.64 18.64 19.17
C TYR G 90 -28.77 17.42 19.02
N ILE G 91 -28.30 16.90 20.14
CA ILE G 91 -27.71 15.58 20.17
C ILE G 91 -28.67 14.69 20.92
N GLU G 92 -28.69 13.40 20.58
CA GLU G 92 -29.63 12.46 21.20
C GLU G 92 -28.94 11.13 21.48
N ASP G 93 -28.84 10.78 22.75
CA ASP G 93 -28.13 9.58 23.16
C ASP G 93 -29.04 8.37 23.03
N HIS G 94 -28.53 7.33 22.39
CA HIS G 94 -29.26 6.06 22.27
C HIS G 94 -28.39 4.88 22.68
N SER G 95 -27.18 5.21 23.13
CA SER G 95 -26.17 4.21 23.48
C SER G 95 -26.40 3.62 24.86
N GLY G 96 -25.95 2.40 25.03
CA GLY G 96 -25.93 1.75 26.33
C GLY G 96 -24.86 2.34 27.22
N ASN G 97 -23.69 2.64 26.66
CA ASN G 97 -22.56 3.10 27.46
C ASN G 97 -22.40 4.61 27.60
N GLY G 98 -23.25 5.36 26.91
CA GLY G 98 -23.33 6.79 27.11
C GLY G 98 -22.72 7.64 26.01
N THR G 99 -23.39 8.76 25.73
CA THR G 99 -22.86 9.83 24.91
C THR G 99 -22.71 11.04 25.84
N PHE G 100 -21.53 11.63 25.84
CA PHE G 100 -21.21 12.71 26.77
C PHE G 100 -20.94 14.03 26.05
N VAL G 101 -21.59 15.08 26.52
CA VAL G 101 -21.36 16.43 26.00
C VAL G 101 -20.64 17.22 27.08
N ASN G 102 -19.40 17.57 26.79
CA ASN G 102 -18.52 18.25 27.75
C ASN G 102 -18.54 17.59 29.11
N THR G 103 -18.21 16.30 29.12
CA THR G 103 -18.23 15.47 30.34
C THR G 103 -19.64 14.99 30.69
N GLU G 104 -20.61 15.90 30.64
CA GLU G 104 -21.99 15.60 31.07
C GLU G 104 -22.65 14.55 30.20
N LEU G 105 -23.21 13.54 30.86
CA LEU G 105 -23.88 12.42 30.17
C LEU G 105 -25.23 12.87 29.67
N VAL G 106 -25.52 12.59 28.40
CA VAL G 106 -26.84 12.88 27.84
C VAL G 106 -27.86 11.89 28.39
N GLY G 107 -27.58 10.60 28.26
CA GLY G 107 -28.45 9.56 28.77
C GLY G 107 -29.28 8.87 27.71
N LYS G 108 -29.34 7.54 27.81
CA LYS G 108 -30.16 6.68 26.94
C LYS G 108 -31.57 7.24 26.74
N GLY G 109 -31.88 7.63 25.50
CA GLY G 109 -33.22 8.11 25.16
C GLY G 109 -33.45 9.59 25.40
N LYS G 110 -32.46 10.28 25.99
CA LYS G 110 -32.55 11.73 26.22
C LYS G 110 -31.96 12.53 25.04
N ARG G 111 -32.42 13.77 24.91
CA ARG G 111 -31.82 14.70 23.97
C ARG G 111 -31.46 15.99 24.69
N ARG G 112 -30.61 16.79 24.04
CA ARG G 112 -30.28 18.12 24.56
C ARG G 112 -29.70 18.98 23.44
N PRO G 113 -29.87 20.31 23.57
CA PRO G 113 -29.30 21.24 22.63
C PRO G 113 -27.80 21.07 22.56
N LEU G 114 -27.26 21.21 21.36
CA LEU G 114 -25.84 21.04 21.11
C LEU G 114 -25.25 22.39 20.73
N ASN G 115 -24.57 23.04 21.69
CA ASN G 115 -24.01 24.35 21.44
C ASN G 115 -22.67 24.33 20.70
N ASN G 116 -22.21 25.51 20.29
CA ASN G 116 -20.91 25.64 19.63
C ASN G 116 -19.81 25.15 20.55
N ASN G 117 -18.76 24.55 19.97
CA ASN G 117 -17.61 24.06 20.73
C ASN G 117 -17.97 23.03 21.81
N SER G 118 -18.92 22.16 21.50
CA SER G 118 -19.26 21.06 22.39
C SER G 118 -18.31 19.90 22.12
N GLU G 119 -17.85 19.25 23.19
CA GLU G 119 -17.01 18.06 23.06
C GLU G 119 -17.86 16.81 23.23
N ILE G 120 -17.88 15.98 22.20
CA ILE G 120 -18.63 14.74 22.25
C ILE G 120 -17.72 13.59 22.62
N ALA G 121 -18.07 12.92 23.71
CA ALA G 121 -17.32 11.80 24.24
C ALA G 121 -18.18 10.55 24.17
N LEU G 122 -17.56 9.41 23.89
CA LEU G 122 -18.28 8.15 23.77
C LEU G 122 -17.90 7.12 24.83
N SER G 123 -18.92 6.45 25.39
CA SER G 123 -18.77 5.36 26.38
C SER G 123 -18.10 5.75 27.70
N LEU G 124 -17.05 6.58 27.62
CA LEU G 124 -16.42 7.16 28.79
C LEU G 124 -16.55 8.67 28.76
N SER G 125 -16.67 9.28 29.94
CA SER G 125 -16.71 10.72 30.07
C SER G 125 -15.49 11.40 29.45
N ARG G 126 -14.30 10.84 29.69
CA ARG G 126 -13.05 11.44 29.23
C ARG G 126 -12.70 11.10 27.78
N ASN G 127 -13.38 10.11 27.21
CA ASN G 127 -13.11 9.63 25.85
C ASN G 127 -13.65 10.56 24.75
N LYS G 128 -12.94 11.65 24.50
CA LYS G 128 -13.36 12.67 23.54
C LYS G 128 -13.20 12.17 22.12
N VAL G 129 -14.23 12.34 21.31
CA VAL G 129 -14.20 11.87 19.93
C VAL G 129 -14.37 13.04 18.96
N PHE G 130 -15.33 13.91 19.23
CA PHE G 130 -15.62 15.04 18.35
C PHE G 130 -15.63 16.38 19.06
N VAL G 131 -15.35 17.43 18.31
CA VAL G 131 -15.76 18.77 18.70
C VAL G 131 -16.81 19.24 17.72
N PHE G 132 -17.89 19.77 18.28
CA PHE G 132 -18.99 20.26 17.47
C PHE G 132 -18.92 21.77 17.33
N PHE G 133 -19.04 22.24 16.09
CA PHE G 133 -19.05 23.66 15.82
C PHE G 133 -20.27 24.06 15.02
N ASP G 134 -21.01 25.03 15.53
CA ASP G 134 -22.14 25.61 14.82
C ASP G 134 -21.60 26.55 13.73
N LEU G 135 -22.06 26.35 12.50
CA LEU G 135 -21.59 27.17 11.38
C LEU G 135 -22.55 28.29 11.03
N THR G 136 -23.75 28.24 11.62
CA THR G 136 -24.73 29.31 11.47
C THR G 136 -24.55 30.27 12.65
N VAL G 137 -23.39 30.94 12.65
CA VAL G 137 -23.09 31.93 13.66
C VAL G 137 -22.86 33.27 12.99
N ASP G 138 -21.72 33.42 12.34
CA ASP G 138 -21.47 34.58 11.52
C ASP G 138 -21.54 34.18 10.06
N ASP G 139 -22.61 33.45 9.73
CA ASP G 139 -22.88 33.04 8.37
C ASP G 139 -23.29 34.26 7.54
N GLN G 140 -22.54 34.48 6.45
CA GLN G 140 -22.76 35.63 5.58
C GLN G 140 -23.82 35.35 4.50
N SER G 141 -24.19 34.08 4.33
CA SER G 141 -25.20 33.65 3.36
C SER G 141 -26.54 34.35 3.53
N VAL G 142 -26.83 34.76 4.77
CA VAL G 142 -28.09 35.41 5.12
C VAL G 142 -28.24 36.75 4.42
N TYR G 143 -27.11 37.43 4.28
CA TYR G 143 -27.11 38.77 3.73
C TYR G 143 -27.01 38.75 2.21
N PRO G 144 -27.63 39.74 1.53
CA PRO G 144 -27.60 39.82 0.07
C PRO G 144 -26.21 39.99 -0.52
N LYS G 145 -26.05 39.53 -1.77
CA LYS G 145 -24.78 39.58 -2.49
C LYS G 145 -24.16 40.99 -2.57
N ALA G 146 -24.96 41.97 -3.00
CA ALA G 146 -24.49 43.35 -3.19
C ALA G 146 -23.85 43.97 -1.94
N LEU G 147 -24.33 43.57 -0.77
CA LEU G 147 -23.80 44.05 0.51
C LEU G 147 -22.47 43.38 0.86
N ARG G 148 -22.43 42.06 0.69
CA ARG G 148 -21.27 41.25 1.06
C ARG G 148 -20.02 41.62 0.26
N ASP G 149 -20.23 42.27 -0.88
CA ASP G 149 -19.13 42.68 -1.74
C ASP G 149 -18.42 43.90 -1.19
N GLU G 150 -19.14 44.70 -0.41
CA GLU G 150 -18.58 45.91 0.16
C GLU G 150 -18.32 45.78 1.65
N TYR G 151 -18.98 44.82 2.29
CA TYR G 151 -19.00 44.76 3.74
C TYR G 151 -18.81 43.39 4.37
N ILE G 152 -18.10 43.39 5.48
CA ILE G 152 -17.99 42.21 6.32
C ILE G 152 -18.89 42.45 7.52
N MET G 153 -19.76 41.50 7.81
CA MET G 153 -20.70 41.60 8.92
C MET G 153 -20.13 41.09 10.23
N SER G 154 -20.27 41.90 11.27
CA SER G 154 -19.73 41.54 12.57
C SER G 154 -20.85 41.43 13.61
N LYS G 155 -20.56 41.85 14.83
CA LYS G 155 -21.46 41.67 15.98
C LYS G 155 -22.77 42.44 15.85
N THR G 156 -23.80 41.98 16.56
CA THR G 156 -25.01 42.77 16.75
C THR G 156 -24.69 43.82 17.80
N LEU G 157 -25.03 45.07 17.50
CA LEU G 157 -24.94 46.11 18.50
C LEU G 157 -26.33 46.28 19.13
N GLY G 158 -27.18 45.26 18.97
CA GLY G 158 -28.56 45.30 19.44
C GLY G 158 -29.52 45.81 18.38
N GLU G 164 -32.44 45.94 15.78
CA GLU G 164 -31.60 45.03 15.00
C GLU G 164 -30.53 45.81 14.18
N VAL G 165 -29.46 46.21 14.87
CA VAL G 165 -28.36 46.97 14.24
C VAL G 165 -27.01 46.27 14.45
N LYS G 166 -26.30 46.04 13.33
CA LYS G 166 -25.05 45.29 13.35
C LYS G 166 -23.83 46.13 13.01
N LEU G 167 -22.69 45.77 13.63
CA LEU G 167 -21.41 46.32 13.24
C LEU G 167 -20.95 45.63 11.96
N ALA G 168 -20.39 46.42 11.05
CA ALA G 168 -19.84 45.91 9.79
C ALA G 168 -18.54 46.61 9.43
N PHE G 169 -17.81 46.03 8.49
CA PHE G 169 -16.57 46.62 8.02
C PHE G 169 -16.56 46.74 6.50
N GLU G 170 -15.99 47.83 6.01
CA GLU G 170 -15.77 48.00 4.58
C GLU G 170 -14.69 47.00 4.14
N ARG G 171 -15.00 46.17 3.14
CA ARG G 171 -14.07 45.13 2.68
C ARG G 171 -12.68 45.72 2.38
N LYS G 172 -12.68 46.88 1.73
CA LYS G 172 -11.45 47.50 1.25
C LYS G 172 -10.72 48.28 2.34
N THR G 173 -11.36 49.33 2.85
CA THR G 173 -10.71 50.22 3.82
C THR G 173 -10.68 49.68 5.24
N CYS G 174 -11.48 48.65 5.51
CA CYS G 174 -11.64 48.09 6.86
C CYS G 174 -12.03 49.15 7.89
N LYS G 175 -13.09 49.88 7.57
CA LYS G 175 -13.58 50.93 8.44
C LYS G 175 -14.91 50.47 9.04
N LYS G 176 -15.08 50.70 10.33
CA LYS G 176 -16.30 50.29 11.01
C LYS G 176 -17.48 51.08 10.45
N VAL G 177 -18.60 50.39 10.25
CA VAL G 177 -19.90 51.04 9.97
C VAL G 177 -21.01 50.33 10.75
N ALA G 178 -22.16 50.97 10.85
CA ALA G 178 -23.32 50.33 11.46
C ALA G 178 -24.37 50.06 10.40
N ILE G 179 -25.11 48.98 10.57
CA ILE G 179 -26.18 48.63 9.64
C ILE G 179 -27.53 48.32 10.34
N ARG G 180 -28.52 49.18 10.15
CA ARG G 180 -29.87 48.91 10.63
C ARG G 180 -30.50 47.92 9.66
N ILE G 181 -31.20 46.93 10.22
CA ILE G 181 -31.96 45.94 9.43
C ILE G 181 -33.41 45.95 9.91
N ILE G 182 -34.38 45.90 8.99
CA ILE G 182 -35.78 46.17 9.37
C ILE G 182 -36.76 44.96 9.40
N SER G 183 -37.31 44.56 8.24
CA SER G 183 -38.22 43.38 8.14
C SER G 183 -38.98 43.27 6.81
N LYS G 184 -39.98 42.38 6.76
CA LYS G 184 -40.85 42.24 5.58
C LYS G 184 -41.82 43.40 5.39
N LEU G 199 -43.55 49.81 0.87
CA LEU G 199 -43.65 50.46 -0.43
C LEU G 199 -43.21 51.93 -0.37
N ASN G 200 -43.87 52.73 0.47
CA ASN G 200 -43.63 54.19 0.53
C ASN G 200 -42.46 54.64 1.41
N VAL G 201 -42.22 53.95 2.52
CA VAL G 201 -41.07 54.23 3.41
C VAL G 201 -39.75 53.68 2.78
N GLU G 202 -39.48 54.16 1.56
CA GLU G 202 -38.36 53.70 0.75
C GLU G 202 -37.69 54.91 0.12
N THR G 203 -38.48 55.88 -0.30
CA THR G 203 -37.97 57.16 -0.78
C THR G 203 -37.73 58.09 0.43
N GLU G 204 -38.28 57.70 1.58
CA GLU G 204 -38.02 58.36 2.85
C GLU G 204 -36.54 58.19 3.23
N ILE G 205 -35.94 57.13 2.73
CA ILE G 205 -34.53 56.85 2.91
C ILE G 205 -33.70 57.77 2.03
N GLU G 206 -34.14 57.96 0.80
CA GLU G 206 -33.47 58.87 -0.14
C GLU G 206 -33.31 60.26 0.46
N ILE G 207 -34.39 60.73 1.08
CA ILE G 207 -34.43 62.06 1.69
C ILE G 207 -33.45 62.14 2.87
N LEU G 208 -33.28 61.04 3.59
CA LEU G 208 -32.33 61.00 4.68
C LEU G 208 -30.89 60.94 4.18
N LYS G 209 -30.69 60.32 3.02
CA LYS G 209 -29.36 60.25 2.42
C LYS G 209 -28.96 61.59 1.82
N LYS G 210 -29.94 62.40 1.44
CA LYS G 210 -29.66 63.76 0.97
C LYS G 210 -29.11 64.64 2.08
N LEU G 211 -29.54 64.42 3.32
CA LEU G 211 -29.11 65.24 4.44
C LEU G 211 -27.62 65.20 4.56
N ASN G 212 -27.01 66.37 4.54
CA ASN G 212 -25.57 66.47 4.64
C ASN G 212 -25.13 67.56 5.60
N HIS G 213 -24.86 67.14 6.83
CA HIS G 213 -24.40 68.04 7.89
C HIS G 213 -23.46 67.28 8.80
N PRO G 214 -22.31 67.91 9.15
CA PRO G 214 -21.24 67.35 9.96
C PRO G 214 -21.66 66.96 11.38
N CYS G 215 -22.74 67.56 11.88
CA CYS G 215 -23.25 67.21 13.20
C CYS G 215 -24.43 66.22 13.14
N ILE G 216 -24.54 65.55 12.01
CA ILE G 216 -25.62 64.63 11.72
C ILE G 216 -25.09 63.32 11.10
N ILE G 217 -25.56 62.19 11.63
CA ILE G 217 -25.20 60.86 11.14
C ILE G 217 -25.52 60.71 9.65
N LYS G 218 -24.52 60.31 8.86
CA LYS G 218 -24.72 60.08 7.42
C LYS G 218 -25.27 58.71 7.12
N ILE G 219 -26.19 58.65 6.16
CA ILE G 219 -26.69 57.38 5.66
C ILE G 219 -25.78 56.97 4.54
N LYS G 220 -24.73 56.26 4.93
CA LYS G 220 -23.61 55.91 4.07
C LYS G 220 -24.00 55.03 2.89
N ASN G 221 -25.01 54.19 3.08
CA ASN G 221 -25.46 53.26 2.03
C ASN G 221 -26.80 52.59 2.34
N PHE G 222 -27.50 52.15 1.31
CA PHE G 222 -28.81 51.51 1.47
C PHE G 222 -28.97 50.26 0.61
N PHE G 223 -29.50 49.20 1.22
CA PHE G 223 -29.75 47.95 0.52
C PHE G 223 -31.15 47.41 0.77
N ASP G 224 -31.92 47.30 -0.31
CA ASP G 224 -33.24 46.71 -0.27
C ASP G 224 -33.14 45.35 -0.94
N ALA G 225 -33.16 44.30 -0.13
CA ALA G 225 -33.12 42.94 -0.64
C ALA G 225 -34.35 42.19 -0.20
N GLU G 226 -34.65 42.31 1.09
CA GLU G 226 -35.71 41.55 1.71
C GLU G 226 -35.97 42.09 3.10
N ASP G 227 -34.99 42.83 3.62
CA ASP G 227 -35.06 43.28 5.00
C ASP G 227 -34.74 44.74 5.19
N TYR G 228 -34.22 45.39 4.15
CA TYR G 228 -33.75 46.78 4.27
C TYR G 228 -32.48 46.82 5.09
N TYR G 229 -31.39 47.20 4.46
CA TYR G 229 -30.13 47.33 5.12
C TYR G 229 -29.66 48.75 4.94
N ILE G 230 -29.73 49.52 6.01
CA ILE G 230 -29.30 50.92 5.99
C ILE G 230 -27.94 51.03 6.66
N VAL G 231 -26.90 51.26 5.85
CA VAL G 231 -25.55 51.44 6.37
C VAL G 231 -25.41 52.87 6.87
N LEU G 232 -25.01 52.99 8.13
CA LEU G 232 -24.86 54.27 8.79
C LEU G 232 -23.44 54.45 9.27
N GLU G 233 -23.13 55.63 9.78
CA GLU G 233 -21.77 56.10 9.93
C GLU G 233 -20.94 55.44 11.02
N LEU G 234 -21.55 55.14 12.18
CA LEU G 234 -20.83 54.54 13.33
C LEU G 234 -19.84 55.48 14.04
N MET G 235 -20.31 56.13 15.11
CA MET G 235 -19.44 57.02 15.86
C MET G 235 -18.66 56.24 16.90
N GLU G 236 -17.35 56.46 16.87
CA GLU G 236 -16.41 55.70 17.69
C GLU G 236 -16.49 56.09 19.14
N GLY G 237 -16.61 57.42 19.33
CA GLY G 237 -16.60 58.00 20.66
C GLY G 237 -17.80 57.65 21.49
N GLY G 238 -18.68 56.82 20.94
CA GLY G 238 -19.88 56.35 21.65
C GLY G 238 -20.89 57.45 21.92
N GLU G 239 -21.76 57.22 22.89
CA GLU G 239 -22.83 58.17 23.20
C GLU G 239 -22.38 59.26 24.16
N LEU G 240 -22.91 60.45 23.94
CA LEU G 240 -22.73 61.58 24.86
C LEU G 240 -23.32 61.20 26.22
N PHE G 241 -24.19 60.20 26.24
CA PHE G 241 -24.77 59.69 27.47
C PHE G 241 -23.71 59.14 28.41
N ASP G 242 -22.82 58.30 27.88
CA ASP G 242 -21.74 57.69 28.66
C ASP G 242 -20.82 58.74 29.26
N LYS G 243 -20.82 59.92 28.67
CA LYS G 243 -19.95 61.00 29.10
C LYS G 243 -20.48 61.72 30.34
N VAL G 244 -21.79 61.65 30.57
CA VAL G 244 -22.43 62.29 31.73
C VAL G 244 -22.97 61.30 32.77
N VAL G 245 -22.89 60.01 32.47
CA VAL G 245 -23.37 58.96 33.37
C VAL G 245 -22.56 58.91 34.68
N GLY G 246 -23.24 58.57 35.78
CA GLY G 246 -22.60 58.48 37.09
C GLY G 246 -22.48 59.80 37.82
N ASN G 247 -23.48 60.68 37.60
CA ASN G 247 -23.59 62.00 38.27
C ASN G 247 -22.40 62.96 38.07
N LYS G 248 -21.55 62.67 37.08
CA LYS G 248 -20.42 63.53 36.76
C LYS G 248 -20.81 64.53 35.66
N ARG G 249 -20.23 65.73 35.73
CA ARG G 249 -20.52 66.73 34.73
C ARG G 249 -19.33 66.94 33.80
N LEU G 250 -19.63 67.53 32.65
CA LEU G 250 -18.63 67.87 31.67
C LEU G 250 -18.13 69.28 31.89
N LYS G 251 -16.88 69.49 31.50
CA LYS G 251 -16.26 70.80 31.42
C LYS G 251 -17.17 71.78 30.68
N GLU G 252 -17.33 72.99 31.23
CA GLU G 252 -18.26 73.98 30.66
C GLU G 252 -17.87 74.34 29.23
N ALA G 253 -16.57 74.45 28.98
CA ALA G 253 -16.03 74.71 27.65
C ALA G 253 -16.44 73.62 26.68
N THR G 254 -16.35 72.36 27.13
CA THR G 254 -16.76 71.21 26.33
C THR G 254 -18.28 71.24 26.05
N CYS G 255 -19.07 71.51 27.07
CA CYS G 255 -20.52 71.63 26.90
C CYS G 255 -20.87 72.59 25.76
N LYS G 256 -20.30 73.80 25.83
CA LYS G 256 -20.50 74.81 24.81
C LYS G 256 -20.13 74.29 23.43
N LEU G 257 -18.97 73.65 23.30
CA LEU G 257 -18.53 73.06 22.04
C LEU G 257 -19.56 72.05 21.50
N TYR G 258 -20.01 71.14 22.35
CA TYR G 258 -21.00 70.15 21.94
C TYR G 258 -22.36 70.77 21.69
N PHE G 259 -22.76 71.69 22.58
CA PHE G 259 -24.07 72.29 22.48
C PHE G 259 -24.22 73.18 21.25
N TYR G 260 -23.13 73.87 20.89
CA TYR G 260 -23.11 74.66 19.67
C TYR G 260 -23.43 73.72 18.52
N GLN G 261 -22.64 72.65 18.39
CA GLN G 261 -22.83 71.68 17.34
C GLN G 261 -24.28 71.18 17.32
N MET G 262 -24.78 70.79 18.48
CA MET G 262 -26.14 70.31 18.63
C MET G 262 -27.13 71.30 18.07
N LEU G 263 -26.97 72.56 18.46
CA LEU G 263 -27.84 73.63 17.95
C LEU G 263 -27.81 73.71 16.45
N LEU G 264 -26.60 73.74 15.87
CA LEU G 264 -26.46 73.77 14.42
C LEU G 264 -27.24 72.62 13.77
N ALA G 265 -26.96 71.41 14.24
CA ALA G 265 -27.58 70.22 13.72
C ALA G 265 -29.12 70.31 13.75
N VAL G 266 -29.67 70.58 14.93
CA VAL G 266 -31.11 70.66 15.07
C VAL G 266 -31.68 71.72 14.13
N GLN G 267 -31.05 72.89 14.10
CA GLN G 267 -31.48 73.95 13.20
C GLN G 267 -31.52 73.49 11.74
N TYR G 268 -30.47 72.82 11.30
CA TYR G 268 -30.40 72.31 9.95
C TYR G 268 -31.56 71.35 9.69
N LEU G 269 -31.76 70.39 10.60
CA LEU G 269 -32.89 69.48 10.53
C LEU G 269 -34.23 70.22 10.36
N HIS G 270 -34.42 71.25 11.17
CA HIS G 270 -35.63 72.01 11.13
C HIS G 270 -35.82 72.55 9.75
N GLU G 271 -34.82 73.24 9.19
CA GLU G 271 -35.00 73.85 7.89
C GLU G 271 -34.95 72.84 6.78
N ASN G 272 -34.76 71.60 7.14
CA ASN G 272 -34.98 70.52 6.19
C ASN G 272 -36.23 69.71 6.53
N GLY G 273 -37.19 70.41 7.15
CA GLY G 273 -38.50 69.87 7.42
C GLY G 273 -38.55 68.68 8.33
N ILE G 274 -37.50 68.52 9.13
CA ILE G 274 -37.45 67.42 10.11
C ILE G 274 -37.44 67.97 11.53
N ILE G 275 -38.43 67.54 12.30
CA ILE G 275 -38.45 67.77 13.74
C ILE G 275 -38.06 66.45 14.42
N HIS G 276 -36.98 66.49 15.20
CA HIS G 276 -36.38 65.29 15.78
C HIS G 276 -37.30 64.57 16.74
N ARG G 277 -37.98 65.36 17.57
CA ARG G 277 -39.11 64.87 18.37
C ARG G 277 -38.68 63.99 19.58
N ASP G 278 -37.51 63.37 19.52
CA ASP G 278 -36.95 62.64 20.68
C ASP G 278 -35.42 62.79 20.78
N LEU G 279 -34.98 63.86 21.43
CA LEU G 279 -33.59 64.24 21.40
C LEU G 279 -32.97 64.04 22.78
N LYS G 280 -31.94 63.20 22.87
CA LYS G 280 -31.36 62.89 24.19
C LYS G 280 -29.87 62.55 24.17
N PRO G 281 -29.19 62.64 25.35
CA PRO G 281 -27.78 62.26 25.51
C PRO G 281 -27.35 61.04 24.72
N GLU G 282 -28.19 60.01 24.64
CA GLU G 282 -27.81 58.81 23.89
C GLU G 282 -28.04 58.92 22.38
N ASN G 283 -28.77 59.95 21.94
CA ASN G 283 -28.95 60.25 20.52
C ASN G 283 -27.85 61.13 19.99
N VAL G 284 -27.08 61.72 20.90
CA VAL G 284 -25.95 62.54 20.52
C VAL G 284 -24.72 61.65 20.56
N LEU G 285 -24.05 61.51 19.42
CA LEU G 285 -22.87 60.66 19.35
C LEU G 285 -21.60 61.49 19.22
N LEU G 286 -20.50 60.97 19.77
CA LEU G 286 -19.22 61.66 19.72
C LEU G 286 -18.28 60.98 18.74
N SER G 287 -17.62 61.78 17.91
CA SER G 287 -16.77 61.25 16.83
C SER G 287 -15.49 60.50 17.27
N SER G 288 -14.93 60.86 18.42
CA SER G 288 -13.73 60.21 18.94
C SER G 288 -13.69 60.18 20.47
N GLN G 289 -12.63 59.59 21.02
CA GLN G 289 -12.39 59.58 22.45
C GLN G 289 -12.09 60.98 23.00
N GLU G 290 -11.47 61.81 22.16
CA GLU G 290 -11.02 63.13 22.56
C GLU G 290 -12.18 64.02 22.98
N GLU G 291 -11.94 64.87 23.98
CA GLU G 291 -12.97 65.76 24.51
C GLU G 291 -13.38 66.81 23.47
N ASP G 292 -12.40 67.34 22.74
CA ASP G 292 -12.69 68.21 21.59
C ASP G 292 -12.91 67.32 20.37
N CYS G 293 -14.19 67.18 19.97
CA CYS G 293 -14.54 66.34 18.83
C CYS G 293 -15.85 66.79 18.20
N LEU G 294 -16.16 66.22 17.04
CA LEU G 294 -17.44 66.48 16.39
C LEU G 294 -18.55 65.67 17.04
N ILE G 295 -19.72 66.29 17.12
CA ILE G 295 -20.91 65.69 17.71
C ILE G 295 -21.85 65.34 16.57
N LYS G 296 -22.49 64.18 16.63
CA LYS G 296 -23.42 63.82 15.56
C LYS G 296 -24.73 63.30 16.12
N ILE G 297 -25.84 63.66 15.47
CA ILE G 297 -27.17 63.29 15.96
C ILE G 297 -27.75 62.11 15.17
N THR G 298 -28.45 61.22 15.88
CA THR G 298 -29.07 60.04 15.25
C THR G 298 -30.52 59.88 15.69
N ASP G 299 -31.14 58.79 15.23
CA ASP G 299 -32.51 58.41 15.57
C ASP G 299 -33.55 59.40 15.08
N PHE G 300 -33.88 59.30 13.79
CA PHE G 300 -35.10 59.88 13.18
C PHE G 300 -36.06 58.75 12.76
N PRO G 319 -36.09 59.27 29.28
CA PRO G 319 -37.55 59.22 29.41
C PRO G 319 -38.17 60.60 29.59
N THR G 320 -37.48 61.47 30.34
CA THR G 320 -37.94 62.79 30.76
C THR G 320 -38.42 63.70 29.61
N TYR G 321 -37.61 63.74 28.55
CA TYR G 321 -37.61 64.76 27.48
C TYR G 321 -38.94 65.14 26.82
N LEU G 322 -40.05 64.68 27.39
CA LEU G 322 -41.39 65.06 26.92
C LEU G 322 -41.67 66.52 27.30
N ALA G 323 -42.06 67.32 26.31
CA ALA G 323 -42.30 68.75 26.52
C ALA G 323 -43.57 69.00 27.36
N PRO G 324 -43.59 70.13 28.10
CA PRO G 324 -44.72 70.47 28.95
C PRO G 324 -46.01 70.62 28.18
N GLU G 325 -45.93 71.29 27.04
CA GLU G 325 -47.12 71.52 26.21
C GLU G 325 -47.67 70.20 25.70
N VAL G 326 -46.80 69.21 25.52
CA VAL G 326 -47.20 67.91 25.00
C VAL G 326 -47.68 66.95 26.12
N LEU G 327 -48.13 67.50 27.25
CA LEU G 327 -48.64 66.67 28.34
C LEU G 327 -50.07 67.00 28.71
N VAL G 328 -50.42 68.29 28.69
CA VAL G 328 -51.78 68.73 29.01
C VAL G 328 -52.77 68.31 27.92
N ALA G 333 -51.43 70.81 16.54
CA ALA G 333 -51.27 69.49 17.13
C ALA G 333 -50.45 69.56 18.39
N GLY G 334 -49.38 70.35 18.37
CA GLY G 334 -48.44 70.49 19.49
C GLY G 334 -47.15 69.77 19.17
N TYR G 335 -46.75 69.85 17.90
CA TYR G 335 -45.67 69.04 17.31
C TYR G 335 -44.62 69.93 16.64
N ASN G 336 -44.61 71.20 17.03
CA ASN G 336 -43.78 72.25 16.44
C ASN G 336 -42.28 72.12 16.80
N ARG G 337 -41.43 72.95 16.20
CA ARG G 337 -39.98 72.94 16.45
C ARG G 337 -39.61 73.14 17.92
N ALA G 338 -40.38 73.94 18.63
CA ALA G 338 -40.07 74.30 20.02
C ALA G 338 -39.86 73.12 20.96
N VAL G 339 -40.42 71.96 20.61
CA VAL G 339 -40.23 70.74 21.39
C VAL G 339 -38.75 70.32 21.40
N ASP G 340 -38.08 70.50 20.27
CA ASP G 340 -36.66 70.18 20.16
C ASP G 340 -35.83 71.13 20.99
N CYS G 341 -36.27 72.38 21.07
CA CYS G 341 -35.59 73.35 21.90
C CYS G 341 -35.68 72.95 23.36
N TRP G 342 -36.89 72.63 23.81
CA TRP G 342 -37.08 72.10 25.16
C TRP G 342 -36.09 70.97 25.42
N SER G 343 -36.02 70.00 24.52
CA SER G 343 -35.11 68.87 24.65
C SER G 343 -33.65 69.29 24.80
N LEU G 344 -33.19 70.18 23.92
CA LEU G 344 -31.81 70.69 23.97
C LEU G 344 -31.56 71.38 25.30
N GLY G 345 -32.59 72.07 25.78
CA GLY G 345 -32.53 72.67 27.12
C GLY G 345 -32.20 71.64 28.18
N VAL G 346 -32.94 70.54 28.15
CA VAL G 346 -32.76 69.46 29.10
C VAL G 346 -31.38 68.85 28.93
N ILE G 347 -30.92 68.71 27.69
CA ILE G 347 -29.59 68.14 27.48
C ILE G 347 -28.53 69.06 28.05
N LEU G 348 -28.66 70.36 27.78
CA LEU G 348 -27.74 71.34 28.33
C LEU G 348 -27.70 71.23 29.86
N PHE G 349 -28.88 71.24 30.46
CA PHE G 349 -29.02 71.13 31.91
C PHE G 349 -28.23 69.95 32.47
N ILE G 350 -28.47 68.76 31.92
CA ILE G 350 -27.78 67.55 32.36
C ILE G 350 -26.27 67.68 32.18
N CYS G 351 -25.86 68.29 31.06
CA CYS G 351 -24.44 68.44 30.75
C CYS G 351 -23.68 69.30 31.76
N LEU G 352 -24.23 70.49 31.99
CA LEU G 352 -23.61 71.44 32.89
C LEU G 352 -23.62 70.95 34.34
N SER G 353 -24.75 70.40 34.75
CA SER G 353 -24.98 70.07 36.15
C SER G 353 -24.54 68.65 36.49
N GLY G 354 -24.78 67.71 35.59
CA GLY G 354 -24.46 66.30 35.84
C GLY G 354 -25.61 65.55 36.50
N TYR G 355 -26.76 66.21 36.59
CA TYR G 355 -27.99 65.60 37.08
C TYR G 355 -29.18 66.10 36.27
N PRO G 356 -30.27 65.31 36.22
CA PRO G 356 -31.44 65.72 35.43
C PRO G 356 -32.26 66.81 36.12
N PRO G 357 -32.91 67.68 35.33
CA PRO G 357 -33.75 68.70 35.94
C PRO G 357 -35.04 68.16 36.58
N PHE G 358 -35.39 66.90 36.31
CA PHE G 358 -36.62 66.28 36.87
C PHE G 358 -36.44 64.82 37.28
N SER G 359 -37.00 64.45 38.44
CA SER G 359 -37.07 63.07 38.93
C SER G 359 -37.92 62.99 40.20
N GLU G 360 -38.67 61.90 40.37
CA GLU G 360 -39.76 61.80 41.38
C GLU G 360 -39.35 61.88 42.85
N HIS G 361 -38.37 61.05 43.24
CA HIS G 361 -37.97 60.86 44.64
C HIS G 361 -39.08 60.27 45.53
N ARG G 362 -40.06 61.09 45.89
CA ARG G 362 -41.19 60.64 46.73
C ARG G 362 -42.53 61.22 46.28
N THR G 363 -43.50 61.22 47.21
CA THR G 363 -44.82 61.83 47.03
C THR G 363 -44.70 63.30 46.60
N GLN G 364 -43.65 63.96 47.10
CA GLN G 364 -43.30 65.33 46.72
C GLN G 364 -43.35 65.57 45.21
N VAL G 365 -44.55 65.89 44.71
CA VAL G 365 -44.80 66.25 43.30
C VAL G 365 -44.39 65.17 42.29
N SER G 366 -45.34 64.75 41.45
CA SER G 366 -45.06 63.81 40.36
C SER G 366 -44.13 64.42 39.33
N LEU G 367 -43.37 63.57 38.63
CA LEU G 367 -42.43 64.01 37.58
C LEU G 367 -43.16 64.72 36.44
N LYS G 368 -44.31 64.19 36.05
CA LYS G 368 -45.10 64.77 34.99
C LYS G 368 -45.79 66.07 35.41
N ASP G 369 -45.86 66.30 36.72
CA ASP G 369 -46.37 67.56 37.26
C ASP G 369 -45.28 68.63 37.38
N GLN G 370 -44.07 68.19 37.71
CA GLN G 370 -42.89 69.06 37.80
C GLN G 370 -42.66 69.82 36.50
N ILE G 371 -42.67 69.06 35.41
CA ILE G 371 -42.40 69.58 34.09
C ILE G 371 -43.42 70.65 33.72
N THR G 372 -44.68 70.33 33.97
CA THR G 372 -45.80 71.20 33.61
C THR G 372 -45.78 72.55 34.33
N SER G 373 -45.48 72.55 35.63
CA SER G 373 -45.33 73.79 36.39
C SER G 373 -44.02 74.51 36.03
N GLY G 374 -43.07 73.75 35.51
CA GLY G 374 -41.80 74.28 35.04
C GLY G 374 -40.75 74.42 36.11
N LYS G 375 -41.13 74.09 37.33
CA LYS G 375 -40.24 74.17 38.48
C LYS G 375 -39.23 73.01 38.44
N TYR G 376 -38.06 73.29 37.87
CA TYR G 376 -37.00 72.30 37.74
C TYR G 376 -36.20 72.19 39.02
N ASN G 377 -35.49 71.07 39.18
CA ASN G 377 -34.65 70.82 40.35
C ASN G 377 -33.40 71.69 40.30
N PHE G 378 -33.23 72.56 41.30
CA PHE G 378 -32.12 73.49 41.30
C PHE G 378 -31.24 73.35 42.54
N ILE G 379 -30.09 72.69 42.37
CA ILE G 379 -29.12 72.52 43.47
C ILE G 379 -28.07 73.63 43.39
N PRO G 380 -28.18 74.64 44.27
CA PRO G 380 -27.31 75.82 44.15
C PRO G 380 -25.82 75.48 44.18
N GLU G 381 -25.45 74.49 45.01
CA GLU G 381 -24.05 74.08 45.19
C GLU G 381 -23.44 73.57 43.90
N VAL G 382 -24.24 72.93 43.07
CA VAL G 382 -23.79 72.43 41.79
C VAL G 382 -23.66 73.60 40.83
N TRP G 383 -24.74 74.36 40.69
CA TRP G 383 -24.80 75.50 39.79
C TRP G 383 -23.92 76.68 40.24
N ALA G 384 -23.37 76.55 41.45
CA ALA G 384 -22.44 77.54 41.97
C ALA G 384 -21.19 77.67 41.09
N GLU G 385 -20.76 76.56 40.50
CA GLU G 385 -19.63 76.62 39.58
C GLU G 385 -20.04 76.37 38.12
N VAL G 386 -21.13 77.02 37.73
CA VAL G 386 -21.53 77.11 36.33
C VAL G 386 -21.89 78.57 36.08
N SER G 387 -21.30 79.16 35.04
CA SER G 387 -21.46 80.60 34.75
C SER G 387 -22.92 81.03 34.70
N GLU G 388 -23.17 82.31 34.98
CA GLU G 388 -24.51 82.89 34.95
C GLU G 388 -25.21 82.73 33.60
N LYS G 389 -24.47 83.02 32.52
CA LYS G 389 -25.01 82.95 31.17
C LYS G 389 -25.42 81.53 30.80
N ALA G 390 -24.61 80.55 31.20
CA ALA G 390 -24.94 79.15 30.98
C ALA G 390 -26.28 78.80 31.64
N LEU G 391 -26.43 79.17 32.91
CA LEU G 391 -27.69 78.96 33.63
C LEU G 391 -28.83 79.73 32.99
N ASP G 392 -28.54 80.93 32.49
CA ASP G 392 -29.55 81.76 31.86
C ASP G 392 -30.06 81.19 30.54
N LEU G 393 -29.16 80.60 29.76
CA LEU G 393 -29.54 79.96 28.50
C LEU G 393 -30.51 78.82 28.79
N VAL G 394 -30.08 77.92 29.66
CA VAL G 394 -30.91 76.79 30.11
C VAL G 394 -32.28 77.28 30.56
N LYS G 395 -32.30 78.35 31.37
CA LYS G 395 -33.53 78.95 31.85
C LYS G 395 -34.44 79.33 30.69
N LYS G 396 -33.89 80.10 29.76
CA LYS G 396 -34.66 80.64 28.63
C LYS G 396 -35.09 79.55 27.65
N LEU G 397 -34.44 78.40 27.77
CA LEU G 397 -34.70 77.26 26.92
C LEU G 397 -35.72 76.33 27.53
N LEU G 398 -35.90 76.40 28.85
CA LEU G 398 -36.82 75.50 29.53
C LEU G 398 -38.12 76.20 29.94
N VAL G 399 -38.57 77.16 29.14
CA VAL G 399 -39.83 77.86 29.41
C VAL G 399 -41.02 76.92 29.18
N VAL G 400 -41.97 76.94 30.11
CA VAL G 400 -43.18 76.12 30.01
C VAL G 400 -44.01 76.50 28.79
N ASP G 401 -44.21 77.80 28.57
CA ASP G 401 -44.94 78.30 27.41
C ASP G 401 -44.06 78.22 26.16
N PRO G 402 -44.49 77.42 25.17
CA PRO G 402 -43.66 77.16 23.98
C PRO G 402 -43.47 78.41 23.14
N LYS G 403 -44.49 79.28 23.14
CA LYS G 403 -44.46 80.55 22.42
C LYS G 403 -43.35 81.44 23.01
N ALA G 404 -43.08 81.25 24.30
CA ALA G 404 -42.09 82.06 25.02
C ALA G 404 -40.72 81.40 25.09
N ARG G 405 -40.66 80.10 24.81
CA ARG G 405 -39.40 79.37 24.79
C ARG G 405 -38.46 79.92 23.71
N PHE G 406 -37.17 79.92 24.00
CA PHE G 406 -36.16 80.28 23.01
C PHE G 406 -36.21 79.39 21.79
N THR G 407 -35.90 79.95 20.61
CA THR G 407 -35.73 79.14 19.40
C THR G 407 -34.26 78.88 19.18
N THR G 408 -33.95 77.99 18.24
CA THR G 408 -32.57 77.69 17.89
C THR G 408 -31.82 78.95 17.45
N GLU G 409 -32.46 79.82 16.66
CA GLU G 409 -31.77 81.04 16.27
C GLU G 409 -31.48 81.90 17.50
N GLU G 410 -32.50 82.09 18.35
CA GLU G 410 -32.37 82.89 19.57
C GLU G 410 -31.27 82.35 20.48
N ALA G 411 -31.22 81.03 20.62
CA ALA G 411 -30.21 80.36 21.42
C ALA G 411 -28.81 80.62 20.89
N LEU G 412 -28.64 80.64 19.56
CA LEU G 412 -27.34 80.91 18.96
C LEU G 412 -26.89 82.36 19.14
N ARG G 413 -27.84 83.25 19.41
CA ARG G 413 -27.55 84.66 19.69
C ARG G 413 -27.24 84.90 21.16
N HIS G 414 -27.48 83.88 21.99
CA HIS G 414 -27.36 84.05 23.44
C HIS G 414 -25.92 84.33 23.86
N PRO G 415 -25.72 85.33 24.75
CA PRO G 415 -24.43 85.71 25.29
C PRO G 415 -23.47 84.54 25.53
N TRP G 416 -23.98 83.42 26.06
CA TRP G 416 -23.14 82.28 26.38
C TRP G 416 -22.39 81.75 25.15
N LEU G 417 -23.08 81.70 24.03
CA LEU G 417 -22.50 81.17 22.80
C LEU G 417 -21.77 82.22 21.97
N GLN G 418 -21.74 83.46 22.48
CA GLN G 418 -20.95 84.51 21.88
C GLN G 418 -19.49 84.30 22.26
N ASP G 419 -18.88 83.29 21.66
CA ASP G 419 -17.56 82.82 22.08
C ASP G 419 -16.75 82.34 20.87
N GLU G 420 -16.05 83.26 20.22
CA GLU G 420 -15.29 82.90 19.00
C GLU G 420 -14.12 82.00 19.31
N ASP G 421 -13.75 81.94 20.58
CA ASP G 421 -12.66 81.10 21.05
C ASP G 421 -12.98 79.63 20.78
N MET G 422 -14.18 79.23 21.18
CA MET G 422 -14.66 77.86 20.94
C MET G 422 -15.11 77.68 19.49
N LYS G 423 -15.61 78.75 18.89
CA LYS G 423 -16.05 78.71 17.51
C LYS G 423 -14.90 78.41 16.57
N ARG G 424 -13.73 78.94 16.92
CA ARG G 424 -12.52 78.67 16.18
C ARG G 424 -12.12 77.21 16.37
N LYS G 425 -12.29 76.72 17.61
CA LYS G 425 -12.07 75.30 17.95
C LYS G 425 -12.92 74.39 17.08
N PHE G 426 -14.17 74.79 16.88
CA PHE G 426 -15.13 74.04 16.08
C PHE G 426 -14.69 73.98 14.62
N GLN G 427 -14.32 75.12 14.06
CA GLN G 427 -13.78 75.21 12.70
C GLN G 427 -12.59 74.29 12.50
N ASP G 428 -11.67 74.32 13.47
CA ASP G 428 -10.53 73.42 13.51
C ASP G 428 -10.95 71.96 13.37
N LEU G 429 -12.01 71.59 14.09
CA LEU G 429 -12.47 70.20 14.12
C LEU G 429 -13.07 69.80 12.80
N LEU G 430 -13.61 70.78 12.09
CA LEU G 430 -14.13 70.57 10.74
C LEU G 430 -13.02 70.23 9.77
N SER G 431 -11.81 70.72 10.06
CA SER G 431 -10.63 70.32 9.30
C SER G 431 -10.12 68.96 9.77
N GLU G 432 -10.89 67.93 9.40
CA GLU G 432 -10.56 66.54 9.68
C GLU G 432 -11.50 65.70 8.83
N PRO H 23 -9.42 32.06 27.53
CA PRO H 23 -9.26 31.47 26.20
C PRO H 23 -10.39 31.91 25.25
N TRP H 24 -10.13 32.96 24.48
CA TRP H 24 -11.19 33.57 23.64
C TRP H 24 -11.26 33.04 22.21
N ALA H 25 -10.21 32.34 21.76
CA ALA H 25 -10.17 31.82 20.39
C ALA H 25 -9.31 30.58 20.22
N ARG H 26 -9.73 29.71 19.31
CA ARG H 26 -8.93 28.54 18.96
C ARG H 26 -8.42 28.63 17.55
N LEU H 27 -7.15 28.28 17.36
CA LEU H 27 -6.59 28.12 16.03
C LEU H 27 -6.28 26.67 15.80
N TRP H 28 -6.88 26.11 14.75
CA TRP H 28 -6.71 24.70 14.46
C TRP H 28 -5.82 24.50 13.25
N ALA H 29 -4.63 23.94 13.50
CA ALA H 29 -3.62 23.72 12.46
C ALA H 29 -4.16 22.73 11.45
N LEU H 30 -3.81 22.94 10.18
CA LEU H 30 -4.30 22.11 9.10
C LEU H 30 -3.16 21.48 8.27
N GLN H 31 -1.92 21.77 8.67
CA GLN H 31 -0.74 21.16 8.06
C GLN H 31 0.23 20.71 9.13
N ASP H 32 1.07 19.73 8.79
CA ASP H 32 1.92 19.07 9.78
C ASP H 32 2.84 20.00 10.56
N GLY H 33 3.53 20.88 9.84
CA GLY H 33 4.48 21.80 10.47
C GLY H 33 3.93 22.67 11.59
N PHE H 34 2.61 22.89 11.57
CA PHE H 34 1.96 23.81 12.47
C PHE H 34 1.30 23.13 13.66
N ALA H 35 1.33 23.82 14.80
CA ALA H 35 0.66 23.38 16.02
C ALA H 35 -0.58 24.22 16.27
N ASN H 36 -1.54 23.67 17.02
CA ASN H 36 -2.75 24.41 17.38
C ASN H 36 -2.43 25.56 18.34
N LEU H 37 -3.25 26.60 18.32
CA LEU H 37 -3.08 27.69 19.27
C LEU H 37 -4.36 28.05 19.99
N GLU H 38 -4.25 28.10 21.32
CA GLU H 38 -5.29 28.62 22.17
C GLU H 38 -4.99 30.09 22.40
N CYS H 39 -5.95 30.95 22.11
CA CYS H 39 -5.75 32.39 22.27
C CYS H 39 -6.32 32.86 23.57
N VAL H 40 -5.43 33.18 24.50
CA VAL H 40 -5.84 33.70 25.80
C VAL H 40 -5.39 35.14 25.88
N ASN H 41 -4.22 35.42 25.30
CA ASN H 41 -3.66 36.75 25.33
C ASN H 41 -4.34 37.68 24.33
N ASP H 42 -4.18 38.98 24.54
CA ASP H 42 -4.83 39.96 23.69
C ASP H 42 -4.26 40.10 22.30
N ASN H 43 -3.04 39.61 22.10
CA ASN H 43 -2.36 39.73 20.82
C ASN H 43 -1.44 38.55 20.54
N TYR H 44 -1.42 38.13 19.27
CA TYR H 44 -0.53 37.05 18.83
C TYR H 44 0.07 37.37 17.45
N TRP H 45 1.39 37.45 17.40
CA TRP H 45 2.11 37.63 16.14
C TRP H 45 2.52 36.27 15.56
N PHE H 46 2.40 36.15 14.24
CA PHE H 46 2.79 34.92 13.54
C PHE H 46 3.85 35.23 12.50
N GLY H 47 4.83 34.35 12.39
CA GLY H 47 5.92 34.56 11.46
C GLY H 47 7.15 33.78 11.85
N ARG H 48 8.22 33.96 11.07
CA ARG H 48 9.48 33.24 11.26
C ARG H 48 10.40 33.88 12.30
N ASP H 49 10.13 35.16 12.59
CA ASP H 49 10.90 35.90 13.59
C ASP H 49 10.74 35.29 14.97
N LYS H 50 11.87 35.09 15.65
CA LYS H 50 11.90 34.43 16.96
C LYS H 50 11.07 35.13 18.02
N SER H 51 10.80 36.42 17.81
CA SER H 51 10.02 37.23 18.75
C SER H 51 8.50 37.06 18.60
N CYS H 52 8.07 36.42 17.51
CA CYS H 52 6.66 36.10 17.29
C CYS H 52 6.15 35.13 18.35
N GLU H 53 4.98 35.40 18.89
CA GLU H 53 4.36 34.53 19.89
C GLU H 53 4.13 33.15 19.29
N TYR H 54 3.73 33.14 18.02
CA TYR H 54 3.67 31.91 17.24
C TYR H 54 4.76 32.00 16.18
N CYS H 55 5.85 31.28 16.43
CA CYS H 55 7.00 31.30 15.54
C CYS H 55 7.00 30.09 14.61
N PHE H 56 7.34 30.32 13.35
CA PHE H 56 7.36 29.24 12.35
C PHE H 56 8.66 28.44 12.34
N ASP H 57 9.64 28.87 13.13
CA ASP H 57 11.02 28.33 13.06
C ASP H 57 11.21 26.82 13.30
N GLU H 58 10.12 26.12 13.59
CA GLU H 58 10.15 24.66 13.81
C GLU H 58 10.80 23.90 12.66
N PRO H 59 11.66 22.92 12.98
CA PRO H 59 12.47 22.23 11.98
C PRO H 59 11.67 21.46 10.93
N LEU H 60 10.51 20.93 11.29
CA LEU H 60 9.67 20.23 10.32
C LEU H 60 9.07 21.23 9.33
N LEU H 61 8.69 22.38 9.88
CA LEU H 61 8.12 23.47 9.11
C LEU H 61 9.13 24.13 8.17
N LYS H 62 10.41 24.09 8.57
CA LYS H 62 11.51 24.70 7.80
C LYS H 62 11.77 24.05 6.44
N ARG H 63 11.40 22.79 6.30
CA ARG H 63 11.67 22.06 5.06
C ARG H 63 10.44 21.94 4.14
N THR H 64 9.40 22.71 4.39
CA THR H 64 8.17 22.64 3.59
C THR H 64 8.22 23.52 2.33
N ASP H 65 9.43 23.91 1.92
CA ASP H 65 9.71 24.83 0.78
C ASP H 65 8.89 26.13 0.74
N LYS H 66 7.58 26.01 0.99
CA LYS H 66 6.70 27.16 1.12
C LYS H 66 7.07 27.95 2.37
N TYR H 67 7.97 27.38 3.17
CA TYR H 67 8.48 28.03 4.37
C TYR H 67 9.11 29.37 4.04
N ARG H 68 9.88 29.37 2.96
CA ARG H 68 10.63 30.56 2.55
C ARG H 68 9.74 31.67 2.00
N THR H 69 8.48 31.34 1.72
CA THR H 69 7.53 32.32 1.24
C THR H 69 6.87 33.06 2.41
N TYR H 70 7.02 32.51 3.61
CA TYR H 70 6.45 33.13 4.81
C TYR H 70 7.32 34.28 5.25
N SER H 71 6.69 35.35 5.74
CA SER H 71 7.40 36.53 6.19
C SER H 71 7.97 36.38 7.60
N LYS H 72 8.78 37.37 8.00
CA LYS H 72 9.33 37.41 9.35
C LYS H 72 8.24 37.73 10.36
N LYS H 73 7.50 38.80 10.11
CA LYS H 73 6.27 39.07 10.83
C LYS H 73 5.15 38.95 9.80
N HIS H 74 4.62 37.73 9.64
CA HIS H 74 3.68 37.44 8.56
C HIS H 74 2.28 38.05 8.78
N PHE H 75 1.67 37.77 9.93
CA PHE H 75 0.36 38.35 10.28
C PHE H 75 0.13 38.28 11.78
N ARG H 76 -0.81 39.10 12.27
CA ARG H 76 -1.23 38.99 13.67
C ARG H 76 -2.73 38.91 13.85
N ILE H 77 -3.13 38.11 14.83
CA ILE H 77 -4.50 38.05 15.28
C ILE H 77 -4.52 38.76 16.60
N PHE H 78 -5.55 39.58 16.83
CA PHE H 78 -5.69 40.26 18.10
C PHE H 78 -7.14 40.58 18.46
N ARG H 79 -7.36 40.72 19.75
CA ARG H 79 -8.66 41.02 20.31
C ARG H 79 -8.65 42.48 20.71
N GLU H 80 -9.72 43.19 20.35
CA GLU H 80 -9.83 44.60 20.68
C GLU H 80 -11.20 44.83 21.27
N VAL H 81 -11.23 45.58 22.36
CA VAL H 81 -12.50 45.98 22.95
C VAL H 81 -13.13 47.09 22.10
N GLY H 82 -14.19 46.72 21.38
CA GLY H 82 -15.05 47.71 20.74
C GLY H 82 -15.85 48.40 21.84
N PRO H 83 -15.95 49.74 21.79
CA PRO H 83 -16.58 50.58 22.86
C PRO H 83 -18.08 50.32 23.10
N LYS H 84 -18.45 49.04 23.10
CA LYS H 84 -19.82 48.57 23.29
C LYS H 84 -19.82 47.43 24.32
N ASN H 85 -18.70 47.30 25.04
CA ASN H 85 -18.42 46.16 25.91
C ASN H 85 -18.35 44.84 25.18
N SER H 86 -18.11 44.92 23.87
CA SER H 86 -17.94 43.74 23.02
C SER H 86 -16.49 43.61 22.59
N TYR H 87 -16.03 42.37 22.39
CA TYR H 87 -14.67 42.11 21.95
C TYR H 87 -14.65 41.54 20.56
N ILE H 88 -13.96 42.24 19.66
CA ILE H 88 -13.91 41.86 18.25
C ILE H 88 -12.52 41.32 17.89
N ALA H 89 -12.50 40.20 17.17
CA ALA H 89 -11.25 39.62 16.70
C ALA H 89 -10.86 40.22 15.35
N TYR H 90 -9.60 40.55 15.18
CA TYR H 90 -9.09 41.03 13.90
C TYR H 90 -7.89 40.22 13.48
N ILE H 91 -7.73 40.05 12.18
CA ILE H 91 -6.48 39.58 11.61
C ILE H 91 -5.85 40.75 10.88
N GLU H 92 -4.53 40.78 10.82
CA GLU H 92 -3.82 41.88 10.19
C GLU H 92 -2.63 41.38 9.38
N ASP H 93 -2.69 41.60 8.06
CA ASP H 93 -1.68 41.07 7.16
C ASP H 93 -0.48 42.00 7.11
N HIS H 94 0.71 41.43 7.29
CA HIS H 94 1.95 42.20 7.20
C HIS H 94 2.94 41.51 6.27
N SER H 95 2.49 40.40 5.67
CA SER H 95 3.33 39.58 4.82
C SER H 95 3.45 40.15 3.43
N GLY H 96 4.58 39.83 2.80
CA GLY H 96 4.80 40.14 1.39
C GLY H 96 3.95 39.26 0.49
N ASN H 97 3.84 37.98 0.83
CA ASN H 97 3.16 37.02 -0.05
C ASN H 97 1.66 36.81 0.23
N GLY H 98 1.17 37.45 1.29
CA GLY H 98 -0.26 37.45 1.57
C GLY H 98 -0.74 36.54 2.70
N THR H 99 -1.71 37.06 3.45
CA THR H 99 -2.49 36.30 4.40
C THR H 99 -3.91 36.29 3.88
N PHE H 100 -4.49 35.11 3.78
CA PHE H 100 -5.81 34.94 3.16
C PHE H 100 -6.83 34.42 4.15
N VAL H 101 -7.98 35.09 4.18
CA VAL H 101 -9.09 34.65 5.01
C VAL H 101 -10.16 34.14 4.08
N ASN H 102 -10.42 32.84 4.15
CA ASN H 102 -11.37 32.15 3.28
C ASN H 102 -11.15 32.52 1.82
N THR H 103 -9.93 32.27 1.34
CA THR H 103 -9.52 32.63 -0.02
C THR H 103 -9.17 34.12 -0.14
N GLU H 104 -10.02 35.00 0.39
CA GLU H 104 -9.86 36.43 0.23
C GLU H 104 -8.57 36.94 0.86
N LEU H 105 -7.81 37.71 0.08
CA LEU H 105 -6.55 38.28 0.54
C LEU H 105 -6.80 39.46 1.45
N VAL H 106 -6.15 39.48 2.62
CA VAL H 106 -6.25 40.61 3.52
C VAL H 106 -5.48 41.80 2.96
N GLY H 107 -4.20 41.57 2.64
CA GLY H 107 -3.37 42.60 2.05
C GLY H 107 -2.37 43.21 3.01
N LYS H 108 -1.14 43.41 2.52
CA LYS H 108 -0.07 44.05 3.27
C LYS H 108 -0.53 45.35 3.96
N GLY H 109 -0.51 45.35 5.29
CA GLY H 109 -0.86 46.53 6.06
C GLY H 109 -2.35 46.73 6.33
N LYS H 110 -3.18 45.84 5.78
CA LYS H 110 -4.63 45.90 6.01
C LYS H 110 -5.04 45.00 7.19
N ARG H 111 -6.18 45.33 7.78
CA ARG H 111 -6.78 44.48 8.80
C ARG H 111 -8.21 44.18 8.43
N ARG H 112 -8.80 43.18 9.08
CA ARG H 112 -10.21 42.87 8.92
C ARG H 112 -10.71 42.00 10.06
N PRO H 113 -12.00 42.11 10.38
CA PRO H 113 -12.61 41.28 11.40
C PRO H 113 -12.40 39.82 11.07
N LEU H 114 -12.20 39.02 12.10
CA LEU H 114 -11.97 37.61 11.93
C LEU H 114 -13.15 36.85 12.55
N ASN H 115 -14.03 36.35 11.71
CA ASN H 115 -15.23 35.67 12.21
C ASN H 115 -14.99 34.22 12.58
N ASN H 116 -15.99 33.60 13.19
CA ASN H 116 -15.92 32.18 13.55
C ASN H 116 -15.74 31.34 12.30
N ASN H 117 -15.01 30.24 12.40
CA ASN H 117 -14.78 29.32 11.29
C ASN H 117 -14.13 29.98 10.06
N SER H 118 -13.20 30.89 10.32
CA SER H 118 -12.41 31.48 9.24
C SER H 118 -11.22 30.58 8.92
N GLU H 119 -10.94 30.41 7.63
CA GLU H 119 -9.77 29.65 7.22
C GLU H 119 -8.63 30.59 6.88
N ILE H 120 -7.53 30.44 7.60
CA ILE H 120 -6.38 31.27 7.35
C ILE H 120 -5.41 30.54 6.43
N ALA H 121 -5.09 31.18 5.31
CA ALA H 121 -4.18 30.63 4.32
C ALA H 121 -2.96 31.54 4.22
N LEU H 122 -1.80 30.95 4.00
CA LEU H 122 -0.55 31.72 3.89
C LEU H 122 0.09 31.66 2.50
N SER H 123 0.57 32.80 2.02
CA SER H 123 1.32 32.94 0.75
C SER H 123 0.53 32.56 -0.51
N LEU H 124 -0.23 31.47 -0.43
CA LEU H 124 -1.15 31.08 -1.50
C LEU H 124 -2.57 31.09 -0.98
N SER H 125 -3.50 31.43 -1.87
CA SER H 125 -4.92 31.41 -1.55
C SER H 125 -5.39 30.04 -1.05
N ARG H 126 -4.95 28.97 -1.72
CA ARG H 126 -5.37 27.61 -1.41
C ARG H 126 -4.60 26.98 -0.23
N ASN H 127 -3.48 27.58 0.15
CA ASN H 127 -2.61 27.05 1.20
C ASN H 127 -3.17 27.29 2.61
N LYS H 128 -4.15 26.46 3.00
CA LYS H 128 -4.82 26.57 4.31
C LYS H 128 -3.91 26.11 5.44
N VAL H 129 -3.81 26.94 6.47
CA VAL H 129 -2.94 26.64 7.61
C VAL H 129 -3.74 26.51 8.89
N PHE H 130 -4.65 27.46 9.12
CA PHE H 130 -5.46 27.45 10.34
C PHE H 130 -6.95 27.53 10.08
N VAL H 131 -7.73 27.01 11.04
CA VAL H 131 -9.12 27.40 11.16
C VAL H 131 -9.26 28.19 12.45
N PHE H 132 -9.95 29.33 12.35
CA PHE H 132 -10.15 30.18 13.50
C PHE H 132 -11.55 29.98 14.06
N PHE H 133 -11.61 29.80 15.36
CA PHE H 133 -12.88 29.65 16.05
C PHE H 133 -13.01 30.64 17.20
N ASP H 134 -14.11 31.40 17.19
CA ASP H 134 -14.44 32.30 18.28
C ASP H 134 -14.99 31.48 19.43
N LEU H 135 -14.42 31.66 20.62
CA LEU H 135 -14.86 30.90 21.79
C LEU H 135 -15.82 31.69 22.67
N THR H 136 -15.94 32.98 22.40
CA THR H 136 -16.94 33.82 23.07
C THR H 136 -18.14 33.87 22.13
N VAL H 137 -18.59 32.68 21.67
CA VAL H 137 -19.73 32.57 20.76
C VAL H 137 -20.92 32.16 21.59
N ASP H 138 -20.92 30.92 22.03
CA ASP H 138 -21.92 30.48 22.99
C ASP H 138 -21.26 30.33 24.35
N ASP H 139 -20.51 31.36 24.73
CA ASP H 139 -19.84 31.41 26.02
C ASP H 139 -20.89 31.60 27.11
N GLN H 140 -20.89 30.67 28.06
CA GLN H 140 -21.86 30.68 29.16
C GLN H 140 -21.41 31.54 30.34
N SER H 141 -20.13 31.94 30.34
CA SER H 141 -19.55 32.79 31.38
C SER H 141 -20.29 34.10 31.57
N VAL H 142 -20.93 34.58 30.50
CA VAL H 142 -21.67 35.84 30.52
C VAL H 142 -22.84 35.77 31.50
N TYR H 143 -23.30 34.54 31.77
CA TYR H 143 -24.48 34.35 32.60
C TYR H 143 -24.17 33.98 34.06
N PRO H 144 -25.05 34.42 34.99
CA PRO H 144 -24.93 34.10 36.42
C PRO H 144 -25.13 32.62 36.72
N LYS H 145 -24.40 32.12 37.71
CA LYS H 145 -24.42 30.70 38.08
C LYS H 145 -25.85 30.19 38.33
N ALA H 146 -26.63 30.98 39.07
CA ALA H 146 -28.02 30.62 39.39
C ALA H 146 -28.82 30.23 38.15
N LEU H 147 -28.55 30.93 37.04
CA LEU H 147 -29.23 30.69 35.77
C LEU H 147 -28.70 29.44 35.09
N ARG H 148 -27.37 29.35 35.03
CA ARG H 148 -26.70 28.25 34.38
C ARG H 148 -26.96 26.92 35.03
N ASP H 149 -27.28 26.95 36.33
CA ASP H 149 -27.59 25.73 37.06
C ASP H 149 -28.87 25.09 36.53
N GLU H 150 -29.79 25.92 36.04
CA GLU H 150 -31.08 25.43 35.61
C GLU H 150 -31.29 25.48 34.11
N TYR H 151 -30.51 26.33 33.42
CA TYR H 151 -30.76 26.60 32.01
C TYR H 151 -29.52 26.56 31.13
N ILE H 152 -29.67 25.94 29.97
CA ILE H 152 -28.69 26.02 28.89
C ILE H 152 -29.17 27.12 27.94
N MET H 153 -28.37 28.17 27.77
CA MET H 153 -28.76 29.28 26.90
C MET H 153 -28.49 28.95 25.47
N SER H 154 -29.43 29.30 24.60
CA SER H 154 -29.31 28.98 23.17
C SER H 154 -29.32 30.22 22.30
N LYS H 155 -29.96 30.13 21.14
CA LYS H 155 -29.95 31.19 20.12
C LYS H 155 -30.76 32.40 20.57
N THR H 156 -30.38 33.56 20.07
CA THR H 156 -31.12 34.80 20.33
C THR H 156 -32.37 34.83 19.46
N LEU H 157 -33.36 35.61 19.88
CA LEU H 157 -34.59 35.82 19.12
C LEU H 157 -34.96 37.32 19.10
N GLY H 158 -33.96 38.19 19.15
CA GLY H 158 -34.18 39.64 19.13
C GLY H 158 -34.71 40.16 20.45
N GLU H 164 -33.19 42.23 24.33
CA GLU H 164 -32.69 40.94 23.87
C GLU H 164 -33.41 39.74 24.52
N VAL H 165 -34.07 38.93 23.69
CA VAL H 165 -34.74 37.72 24.19
C VAL H 165 -34.15 36.45 23.59
N LYS H 166 -33.39 35.72 24.40
CA LYS H 166 -32.71 34.50 23.99
C LYS H 166 -33.50 33.24 24.31
N LEU H 167 -33.30 32.21 23.49
CA LEU H 167 -33.86 30.90 23.75
C LEU H 167 -32.97 30.23 24.77
N ALA H 168 -33.58 29.37 25.58
CA ALA H 168 -32.84 28.59 26.56
C ALA H 168 -33.54 27.28 26.80
N PHE H 169 -32.83 26.35 27.40
CA PHE H 169 -33.38 25.03 27.69
C PHE H 169 -33.29 24.70 29.16
N GLU H 170 -34.41 24.27 29.73
CA GLU H 170 -34.44 23.72 31.07
C GLU H 170 -33.49 22.54 31.09
N ARG H 171 -32.54 22.56 32.02
CA ARG H 171 -31.46 21.57 32.03
C ARG H 171 -31.98 20.15 32.16
N LYS H 172 -32.93 19.93 33.08
CA LYS H 172 -33.46 18.58 33.36
C LYS H 172 -34.50 18.11 32.34
N THR H 173 -35.55 18.91 32.13
CA THR H 173 -36.64 18.54 31.22
C THR H 173 -36.30 18.75 29.74
N CYS H 174 -35.45 19.74 29.46
CA CYS H 174 -35.12 20.17 28.09
C CYS H 174 -36.32 20.92 27.46
N LYS H 175 -37.14 21.52 28.31
CA LYS H 175 -38.26 22.34 27.87
C LYS H 175 -37.71 23.66 27.36
N LYS H 176 -38.08 24.01 26.13
CA LYS H 176 -37.70 25.29 25.55
C LYS H 176 -38.41 26.41 26.30
N VAL H 177 -37.65 27.40 26.73
CA VAL H 177 -38.22 28.60 27.33
C VAL H 177 -37.57 29.85 26.75
N ALA H 178 -38.20 30.99 26.96
CA ALA H 178 -37.65 32.26 26.51
C ALA H 178 -37.06 33.00 27.69
N ILE H 179 -35.91 33.63 27.50
CA ILE H 179 -35.31 34.42 28.57
C ILE H 179 -35.07 35.86 28.11
N ARG H 180 -35.84 36.78 28.66
CA ARG H 180 -35.65 38.19 28.36
C ARG H 180 -34.53 38.71 29.24
N ILE H 181 -33.47 39.22 28.61
CA ILE H 181 -32.34 39.87 29.29
C ILE H 181 -32.46 41.39 29.12
N ILE H 182 -32.22 42.17 30.18
CA ILE H 182 -32.31 43.65 30.09
C ILE H 182 -30.97 44.46 30.17
N SER H 183 -30.76 45.28 31.22
CA SER H 183 -29.62 46.23 31.24
C SER H 183 -29.09 46.62 32.64
N LYS H 184 -28.43 47.79 32.73
CA LYS H 184 -27.97 48.31 34.03
C LYS H 184 -29.11 48.87 34.87
N LEU H 199 -34.66 50.08 40.99
CA LEU H 199 -34.35 49.24 42.14
C LEU H 199 -35.47 48.21 42.36
N ASN H 200 -36.70 48.70 42.48
CA ASN H 200 -37.89 47.87 42.75
C ASN H 200 -38.55 47.23 41.52
N VAL H 201 -37.79 47.06 40.45
CA VAL H 201 -38.26 46.49 39.19
C VAL H 201 -38.11 44.98 39.28
N GLU H 202 -38.87 44.38 40.19
CA GLU H 202 -38.55 43.10 40.76
C GLU H 202 -39.80 42.69 41.49
N THR H 203 -40.36 43.67 42.21
CA THR H 203 -41.70 43.61 42.76
C THR H 203 -42.65 43.45 41.58
N GLU H 204 -42.46 44.28 40.55
CA GLU H 204 -43.25 44.20 39.34
C GLU H 204 -43.22 42.78 38.81
N ILE H 205 -42.02 42.20 38.73
CA ILE H 205 -41.87 40.82 38.29
C ILE H 205 -42.68 39.86 39.17
N GLU H 206 -42.59 40.05 40.48
CA GLU H 206 -43.30 39.22 41.42
C GLU H 206 -44.80 39.33 41.24
N ILE H 207 -45.25 40.53 40.88
CA ILE H 207 -46.65 40.78 40.60
C ILE H 207 -47.06 40.03 39.34
N LEU H 208 -46.32 40.25 38.26
CA LEU H 208 -46.62 39.58 37.00
C LEU H 208 -46.58 38.07 37.18
N LYS H 209 -45.78 37.64 38.14
CA LYS H 209 -45.67 36.22 38.45
C LYS H 209 -46.95 35.72 39.12
N LYS H 210 -47.65 36.62 39.81
CA LYS H 210 -48.90 36.27 40.48
C LYS H 210 -50.02 35.92 39.49
N LEU H 211 -49.94 36.49 38.28
CA LEU H 211 -50.93 36.25 37.22
C LEU H 211 -51.01 34.78 36.82
N ASN H 212 -52.19 34.20 36.96
CA ASN H 212 -52.34 32.78 36.68
C ASN H 212 -53.60 32.45 35.89
N HIS H 213 -53.49 32.62 34.58
CA HIS H 213 -54.57 32.38 33.65
C HIS H 213 -53.99 31.63 32.46
N PRO H 214 -54.70 30.61 31.96
CA PRO H 214 -54.23 29.84 30.81
C PRO H 214 -54.07 30.64 29.50
N CYS H 215 -54.63 31.85 29.42
CA CYS H 215 -54.55 32.68 28.23
C CYS H 215 -53.52 33.81 28.35
N ILE H 216 -52.66 33.69 29.34
CA ILE H 216 -51.70 34.72 29.68
C ILE H 216 -50.36 34.08 29.95
N ILE H 217 -49.34 34.56 29.25
CA ILE H 217 -47.98 34.03 29.34
C ILE H 217 -47.47 33.91 30.76
N LYS H 218 -47.07 32.69 31.14
CA LYS H 218 -46.56 32.46 32.49
C LYS H 218 -45.12 32.94 32.60
N ILE H 219 -44.84 33.68 33.67
CA ILE H 219 -43.47 34.07 33.97
C ILE H 219 -42.84 33.00 34.83
N LYS H 220 -42.10 32.13 34.17
CA LYS H 220 -41.56 30.92 34.76
C LYS H 220 -40.47 31.19 35.80
N ASN H 221 -39.81 32.34 35.73
CA ASN H 221 -38.66 32.61 36.61
C ASN H 221 -38.05 34.00 36.42
N PHE H 222 -37.18 34.39 37.36
CA PHE H 222 -36.50 35.69 37.35
C PHE H 222 -35.12 35.62 37.98
N PHE H 223 -34.18 36.39 37.45
CA PHE H 223 -32.83 36.50 37.99
C PHE H 223 -32.37 37.94 37.97
N ASP H 224 -32.11 38.50 39.15
CA ASP H 224 -31.52 39.83 39.26
C ASP H 224 -30.03 39.66 39.55
N ALA H 225 -29.22 39.95 38.54
CA ALA H 225 -27.78 39.89 38.72
C ALA H 225 -27.09 40.95 37.85
N GLU H 226 -26.56 40.49 36.73
CA GLU H 226 -25.83 41.34 35.79
C GLU H 226 -26.81 42.25 35.04
N ASP H 227 -27.96 41.70 34.67
CA ASP H 227 -28.79 42.33 33.64
C ASP H 227 -30.30 42.22 33.82
N TYR H 228 -30.77 41.48 34.81
CA TYR H 228 -32.18 41.08 34.89
C TYR H 228 -32.50 40.06 33.82
N TYR H 229 -32.81 38.86 34.27
CA TYR H 229 -33.17 37.78 33.39
C TYR H 229 -34.57 37.34 33.77
N ILE H 230 -35.45 37.27 32.78
CA ILE H 230 -36.85 36.89 33.02
C ILE H 230 -37.21 35.67 32.19
N VAL H 231 -37.35 34.52 32.83
CA VAL H 231 -37.67 33.27 32.13
C VAL H 231 -39.16 33.18 31.87
N LEU H 232 -39.52 33.01 30.60
CA LEU H 232 -40.91 32.99 30.17
C LEU H 232 -41.24 31.72 29.44
N GLU H 233 -42.54 31.44 29.32
CA GLU H 233 -43.05 30.17 28.78
C GLU H 233 -42.52 29.77 27.41
N LEU H 234 -42.54 30.71 26.46
CA LEU H 234 -42.21 30.45 25.04
C LEU H 234 -43.22 29.56 24.32
N MET H 235 -44.14 30.20 23.59
CA MET H 235 -45.12 29.48 22.79
C MET H 235 -44.48 28.93 21.52
N GLU H 236 -44.90 27.74 21.13
CA GLU H 236 -44.31 27.07 19.97
C GLU H 236 -44.90 27.59 18.67
N GLY H 237 -46.14 28.04 18.72
CA GLY H 237 -46.84 28.40 17.50
C GLY H 237 -46.60 29.79 16.98
N GLY H 238 -45.65 30.51 17.59
CA GLY H 238 -45.31 31.86 17.17
C GLY H 238 -46.41 32.88 17.38
N GLU H 239 -46.32 34.00 16.66
CA GLU H 239 -47.27 35.10 16.84
C GLU H 239 -48.53 34.91 16.02
N LEU H 240 -49.65 35.34 16.58
CA LEU H 240 -50.91 35.40 15.88
C LEU H 240 -50.78 36.34 14.70
N PHE H 241 -49.78 37.21 14.74
CA PHE H 241 -49.46 38.11 13.63
C PHE H 241 -49.12 37.37 12.35
N ASP H 242 -48.23 36.38 12.46
CA ASP H 242 -47.80 35.58 11.32
C ASP H 242 -48.96 34.83 10.68
N LYS H 243 -50.03 34.65 11.46
CA LYS H 243 -51.19 33.91 11.01
C LYS H 243 -52.10 34.75 10.11
N VAL H 244 -52.03 36.08 10.25
CA VAL H 244 -52.85 36.98 9.43
C VAL H 244 -52.05 37.82 8.41
N VAL H 245 -50.73 37.68 8.45
CA VAL H 245 -49.84 38.41 7.54
C VAL H 245 -50.06 38.01 6.07
N GLY H 246 -49.90 38.96 5.17
CA GLY H 246 -50.06 38.71 3.74
C GLY H 246 -51.50 38.79 3.26
N ASN H 247 -52.28 39.66 3.89
CA ASN H 247 -53.70 39.92 3.52
C ASN H 247 -54.63 38.70 3.55
N LYS H 248 -54.21 37.63 4.20
CA LYS H 248 -55.04 36.43 4.35
C LYS H 248 -55.82 36.49 5.67
N ARG H 249 -57.02 35.94 5.66
CA ARG H 249 -57.83 35.91 6.87
C ARG H 249 -57.91 34.51 7.46
N LEU H 250 -58.28 34.47 8.74
CA LEU H 250 -58.46 33.22 9.45
C LEU H 250 -59.91 32.77 9.35
N LYS H 251 -60.07 31.45 9.42
CA LYS H 251 -61.37 30.80 9.56
C LYS H 251 -62.16 31.46 10.68
N GLU H 252 -63.45 31.76 10.42
CA GLU H 252 -64.29 32.45 11.40
C GLU H 252 -64.41 31.68 12.70
N ALA H 253 -64.51 30.36 12.60
CA ALA H 253 -64.54 29.46 13.76
C ALA H 253 -63.28 29.62 14.59
N THR H 254 -62.14 29.70 13.93
CA THR H 254 -60.85 29.88 14.60
C THR H 254 -60.77 31.25 15.27
N CYS H 255 -61.20 32.30 14.59
CA CYS H 255 -61.24 33.65 15.16
C CYS H 255 -61.97 33.64 16.49
N LYS H 256 -63.18 33.08 16.48
CA LYS H 256 -63.99 32.95 17.68
C LYS H 256 -63.24 32.23 18.79
N LEU H 257 -62.63 31.10 18.47
CA LEU H 257 -61.83 30.34 19.44
C LEU H 257 -60.71 31.20 20.06
N TYR H 258 -59.96 31.89 19.21
CA TYR H 258 -58.88 32.75 19.69
C TYR H 258 -59.41 33.97 20.42
N PHE H 259 -60.45 34.59 19.85
CA PHE H 259 -60.98 35.82 20.42
C PHE H 259 -61.63 35.60 21.78
N TYR H 260 -62.28 34.45 21.95
CA TYR H 260 -62.83 34.08 23.24
C TYR H 260 -61.70 34.07 24.26
N GLN H 261 -60.67 33.30 23.96
CA GLN H 261 -59.51 33.21 24.83
C GLN H 261 -58.97 34.60 25.15
N MET H 262 -58.77 35.40 24.11
CA MET H 262 -58.30 36.76 24.26
C MET H 262 -59.14 37.55 25.25
N LEU H 263 -60.46 37.48 25.08
CA LEU H 263 -61.38 38.15 25.98
C LEU H 263 -61.19 37.71 27.41
N LEU H 264 -61.15 36.40 27.62
CA LEU H 264 -60.93 35.86 28.96
C LEU H 264 -59.67 36.44 29.58
N ALA H 265 -58.55 36.33 28.84
CA ALA H 265 -57.27 36.80 29.30
C ALA H 265 -57.31 38.27 29.71
N VAL H 266 -57.77 39.13 28.81
CA VAL H 266 -57.85 40.57 29.08
C VAL H 266 -58.71 40.84 30.31
N GLN H 267 -59.86 40.18 30.38
CA GLN H 267 -60.74 40.33 31.53
C GLN H 267 -60.02 39.98 32.82
N TYR H 268 -59.31 38.86 32.82
CA TYR H 268 -58.56 38.43 33.98
C TYR H 268 -57.56 39.50 34.40
N LEU H 269 -56.79 39.97 33.41
CA LEU H 269 -55.82 41.04 33.64
C LEU H 269 -56.48 42.25 34.28
N HIS H 270 -57.63 42.63 33.76
CA HIS H 270 -58.35 43.76 34.28
C HIS H 270 -58.67 43.60 35.75
N GLU H 271 -59.31 42.50 36.12
CA GLU H 271 -59.64 42.28 37.52
C GLU H 271 -58.42 41.94 38.38
N ASN H 272 -57.25 41.86 37.76
CA ASN H 272 -56.02 41.82 38.52
C ASN H 272 -55.24 43.13 38.41
N GLY H 273 -56.00 44.22 38.21
CA GLY H 273 -55.47 45.57 38.22
C GLY H 273 -54.47 45.89 37.13
N ILE H 274 -54.49 45.12 36.05
CA ILE H 274 -53.58 45.35 34.92
C ILE H 274 -54.36 45.72 33.67
N ILE H 275 -54.04 46.89 33.14
CA ILE H 275 -54.52 47.30 31.83
C ILE H 275 -53.37 47.12 30.85
N HIS H 276 -53.56 46.28 29.83
CA HIS H 276 -52.50 45.90 28.90
C HIS H 276 -51.94 47.08 28.10
N ARG H 277 -52.84 47.96 27.64
CA ARG H 277 -52.48 49.27 27.11
C ARG H 277 -51.84 49.21 25.71
N ASP H 278 -51.26 48.07 25.33
CA ASP H 278 -50.77 47.87 23.95
C ASP H 278 -50.98 46.43 23.46
N LEU H 279 -52.16 46.16 22.93
CA LEU H 279 -52.59 44.81 22.63
C LEU H 279 -52.64 44.60 21.12
N LYS H 280 -51.87 43.66 20.60
CA LYS H 280 -51.81 43.47 19.14
C LYS H 280 -51.52 42.03 18.67
N PRO H 281 -51.83 41.72 17.39
CA PRO H 281 -51.53 40.42 16.78
C PRO H 281 -50.21 39.80 17.20
N GLU H 282 -49.17 40.60 17.32
CA GLU H 282 -47.87 40.06 17.70
C GLU H 282 -47.69 39.86 19.22
N ASN H 283 -48.62 40.41 20.00
CA ASN H 283 -48.65 40.18 21.45
C ASN H 283 -49.43 38.94 21.80
N VAL H 284 -50.21 38.46 20.84
CA VAL H 284 -50.98 37.25 21.03
C VAL H 284 -50.18 36.10 20.48
N LEU H 285 -49.83 35.15 21.33
CA LEU H 285 -49.04 34.01 20.92
C LEU H 285 -49.87 32.75 20.85
N LEU H 286 -49.50 31.85 19.94
CA LEU H 286 -50.21 30.58 19.77
C LEU H 286 -49.39 29.43 20.32
N SER H 287 -50.05 28.53 21.04
CA SER H 287 -49.35 27.44 21.75
C SER H 287 -48.74 26.35 20.86
N SER H 288 -49.31 26.13 19.68
CA SER H 288 -48.80 25.13 18.73
C SER H 288 -49.05 25.52 17.28
N GLN H 289 -48.60 24.66 16.36
CA GLN H 289 -48.86 24.83 14.92
C GLN H 289 -50.33 24.66 14.57
N GLU H 290 -51.02 23.81 15.34
CA GLU H 290 -52.42 23.47 15.09
C GLU H 290 -53.33 24.69 15.17
N GLU H 291 -54.34 24.71 14.32
CA GLU H 291 -55.27 25.83 14.27
C GLU H 291 -56.12 25.92 15.54
N ASP H 292 -56.54 24.77 16.07
CA ASP H 292 -57.17 24.71 17.38
C ASP H 292 -56.08 24.62 18.43
N CYS H 293 -55.82 25.73 19.12
CA CYS H 293 -54.79 25.76 20.16
C CYS H 293 -55.07 26.84 21.20
N LEU H 294 -54.30 26.83 22.27
CA LEU H 294 -54.38 27.86 23.29
C LEU H 294 -53.67 29.13 22.84
N ILE H 295 -54.26 30.26 23.20
CA ILE H 295 -53.74 31.58 22.87
C ILE H 295 -53.17 32.17 24.15
N LYS H 296 -52.01 32.82 24.04
CA LYS H 296 -51.43 33.43 25.24
C LYS H 296 -50.98 34.86 24.98
N ILE H 297 -51.21 35.73 25.95
CA ILE H 297 -50.88 37.15 25.82
C ILE H 297 -49.56 37.52 26.51
N THR H 298 -48.79 38.39 25.87
CA THR H 298 -47.50 38.85 26.41
C THR H 298 -47.37 40.37 26.37
N ASP H 299 -46.20 40.86 26.78
CA ASP H 299 -45.84 42.28 26.76
C ASP H 299 -46.70 43.15 27.68
N PHE H 300 -46.25 43.26 28.93
CA PHE H 300 -46.83 44.20 29.86
C PHE H 300 -45.85 45.36 30.00
N GLY H 301 -45.08 45.57 28.94
CA GLY H 301 -44.08 46.64 28.91
C GLY H 301 -44.69 48.02 28.74
N HIS H 302 -45.95 48.04 28.31
CA HIS H 302 -46.65 49.30 28.10
C HIS H 302 -47.77 49.44 29.10
N SER H 303 -48.13 48.31 29.69
CA SER H 303 -49.27 48.23 30.60
C SER H 303 -49.06 49.05 31.86
N LYS H 304 -50.16 49.35 32.53
CA LYS H 304 -50.08 50.03 33.81
C LYS H 304 -50.54 49.10 34.94
N ILE H 305 -49.59 48.81 35.82
CA ILE H 305 -49.70 47.73 36.79
C ILE H 305 -50.02 48.29 38.15
N LEU H 306 -51.18 47.89 38.65
CA LEU H 306 -51.81 48.53 39.79
C LEU H 306 -51.91 50.03 39.50
N GLY H 307 -51.27 50.85 40.33
CA GLY H 307 -51.31 52.28 40.10
C GLY H 307 -50.54 52.71 38.87
N GLU H 308 -49.31 52.22 38.74
CA GLU H 308 -48.30 52.87 37.90
C GLU H 308 -48.03 52.21 36.55
N THR H 309 -47.29 52.92 35.71
CA THR H 309 -46.83 52.39 34.44
C THR H 309 -45.63 51.50 34.71
N SER H 310 -45.58 50.38 34.00
CA SER H 310 -44.51 49.40 34.18
C SER H 310 -43.17 50.07 34.02
N LEU H 311 -42.27 49.79 34.95
CA LEU H 311 -40.96 50.43 34.97
C LEU H 311 -40.05 49.89 33.87
N MET H 312 -40.59 49.03 33.01
CA MET H 312 -39.85 48.53 31.86
C MET H 312 -39.87 49.59 30.77
N ARG H 313 -40.89 50.43 30.81
CA ARG H 313 -40.97 51.58 29.94
C ARG H 313 -40.11 52.67 30.55
N PRO H 319 -49.02 49.37 15.30
CA PRO H 319 -48.90 50.75 15.75
C PRO H 319 -50.25 51.47 15.92
N THR H 320 -51.26 50.98 15.20
CA THR H 320 -52.58 51.62 15.04
C THR H 320 -53.48 51.64 16.28
N TYR H 321 -53.14 50.84 17.29
CA TYR H 321 -54.08 50.47 18.38
C TYR H 321 -54.34 51.56 19.44
N LEU H 322 -54.19 52.83 19.01
CA LEU H 322 -54.45 54.00 19.85
C LEU H 322 -55.92 54.42 19.84
N ALA H 323 -56.50 54.51 21.02
CA ALA H 323 -57.91 54.89 21.17
C ALA H 323 -58.17 56.37 20.83
N PRO H 324 -59.36 56.67 20.27
CA PRO H 324 -59.80 58.01 19.88
C PRO H 324 -59.75 59.04 21.00
N GLU H 325 -60.17 58.64 22.20
CA GLU H 325 -60.17 59.51 23.37
C GLU H 325 -58.74 59.83 23.82
N VAL H 326 -57.84 58.86 23.64
CA VAL H 326 -56.45 58.99 24.05
C VAL H 326 -55.64 59.76 22.99
N LEU H 327 -56.32 60.38 22.04
CA LEU H 327 -55.66 61.22 21.04
C LEU H 327 -56.00 62.69 21.23
N VAL H 328 -57.26 62.96 21.58
CA VAL H 328 -57.71 64.31 21.83
C VAL H 328 -57.22 64.79 23.20
N ALA H 333 -57.26 60.51 33.45
CA ALA H 333 -56.08 60.57 32.60
C ALA H 333 -56.42 60.12 31.18
N GLY H 334 -57.24 59.08 31.07
CA GLY H 334 -57.61 58.47 29.79
C GLY H 334 -56.88 57.15 29.60
N TYR H 335 -56.72 56.42 30.70
CA TYR H 335 -55.85 55.24 30.79
C TYR H 335 -56.62 54.03 31.29
N ASN H 336 -57.95 54.09 31.15
CA ASN H 336 -58.90 53.10 31.67
C ASN H 336 -58.90 51.78 30.88
N ARG H 337 -59.62 50.78 31.40
CA ARG H 337 -59.69 49.44 30.77
C ARG H 337 -60.16 49.48 29.32
N ALA H 338 -61.04 50.43 29.01
CA ALA H 338 -61.69 50.49 27.71
C ALA H 338 -60.74 50.58 26.53
N VAL H 339 -59.51 51.04 26.79
CA VAL H 339 -58.48 51.10 25.76
C VAL H 339 -58.10 49.69 25.27
N ASP H 340 -58.08 48.73 26.18
CA ASP H 340 -57.78 47.35 25.84
C ASP H 340 -58.90 46.76 25.00
N CYS H 341 -60.13 47.17 25.29
CA CYS H 341 -61.28 46.72 24.52
C CYS H 341 -61.17 47.21 23.09
N TRP H 342 -60.90 48.51 22.93
CA TRP H 342 -60.64 49.08 21.62
C TRP H 342 -59.62 48.23 20.87
N SER H 343 -58.49 47.93 21.52
CA SER H 343 -57.43 47.13 20.91
C SER H 343 -57.91 45.75 20.46
N LEU H 344 -58.64 45.05 21.33
CA LEU H 344 -59.18 43.73 21.00
C LEU H 344 -60.13 43.83 19.82
N GLY H 345 -60.86 44.95 19.77
CA GLY H 345 -61.72 45.24 18.62
C GLY H 345 -60.92 45.26 17.34
N VAL H 346 -59.81 45.98 17.35
CA VAL H 346 -58.95 46.09 16.19
C VAL H 346 -58.36 44.74 15.83
N ILE H 347 -57.98 43.95 16.84
CA ILE H 347 -57.43 42.62 16.58
C ILE H 347 -58.48 41.74 15.92
N LEU H 348 -59.70 41.76 16.47
CA LEU H 348 -60.79 41.00 15.89
C LEU H 348 -60.99 41.39 14.43
N PHE H 349 -61.06 42.70 14.19
CA PHE H 349 -61.24 43.24 12.84
C PHE H 349 -60.22 42.66 11.86
N ILE H 350 -58.94 42.76 12.22
CA ILE H 350 -57.87 42.24 11.38
C ILE H 350 -58.00 40.75 11.17
N CYS H 351 -58.39 40.03 12.21
CA CYS H 351 -58.52 38.57 12.14
C CYS H 351 -59.58 38.11 11.16
N LEU H 352 -60.78 38.66 11.31
CA LEU H 352 -61.92 38.30 10.48
C LEU H 352 -61.71 38.73 9.03
N SER H 353 -61.20 39.94 8.85
CA SER H 353 -61.15 40.56 7.53
C SER H 353 -59.85 40.26 6.80
N GLY H 354 -58.74 40.27 7.53
CA GLY H 354 -57.42 40.07 6.92
C GLY H 354 -56.76 41.37 6.51
N TYR H 355 -57.39 42.49 6.86
CA TYR H 355 -56.84 43.82 6.62
C TYR H 355 -57.13 44.72 7.81
N PRO H 356 -56.32 45.78 8.01
CA PRO H 356 -56.54 46.66 9.15
C PRO H 356 -57.72 47.62 8.94
N PRO H 357 -58.40 48.01 10.02
CA PRO H 357 -59.49 48.97 9.89
C PRO H 357 -59.04 50.40 9.53
N PHE H 358 -57.75 50.69 9.62
CA PHE H 358 -57.22 52.02 9.33
C PHE H 358 -55.87 52.00 8.61
N SER H 359 -55.72 52.87 7.60
CA SER H 359 -54.45 53.11 6.87
C SER H 359 -54.59 54.28 5.90
N GLU H 360 -53.52 55.08 5.74
CA GLU H 360 -53.59 56.40 5.09
C GLU H 360 -53.95 56.41 3.60
N HIS H 361 -53.26 55.59 2.82
CA HIS H 361 -53.35 55.60 1.35
C HIS H 361 -52.90 56.93 0.70
N ARG H 362 -53.74 57.96 0.79
CA ARG H 362 -53.43 59.28 0.22
C ARG H 362 -53.88 60.44 1.12
N THR H 363 -54.01 61.62 0.52
CA THR H 363 -54.54 62.83 1.18
C THR H 363 -55.90 62.57 1.82
N GLN H 364 -56.69 61.68 1.20
CA GLN H 364 -57.98 61.20 1.73
C GLN H 364 -57.91 60.83 3.21
N VAL H 365 -58.10 61.83 4.07
CA VAL H 365 -58.16 61.67 5.54
C VAL H 365 -56.91 61.02 6.17
N SER H 366 -56.32 61.71 7.14
CA SER H 366 -55.19 61.17 7.90
C SER H 366 -55.62 59.96 8.74
N LEU H 367 -54.67 59.07 9.01
CA LEU H 367 -54.93 57.87 9.82
C LEU H 367 -55.40 58.23 11.23
N LYS H 368 -54.75 59.24 11.82
CA LYS H 368 -55.09 59.69 13.16
C LYS H 368 -56.43 60.43 13.20
N ASP H 369 -56.91 60.85 12.03
CA ASP H 369 -58.23 61.47 11.90
C ASP H 369 -59.34 60.42 11.70
N GLN H 370 -59.01 59.37 10.96
CA GLN H 370 -59.91 58.24 10.72
C GLN H 370 -60.41 57.64 12.02
N ILE H 371 -59.46 57.36 12.91
CA ILE H 371 -59.73 56.72 14.19
C ILE H 371 -60.67 57.58 15.03
N THR H 372 -60.36 58.88 15.09
CA THR H 372 -61.11 59.83 15.90
C THR H 372 -62.58 59.98 15.48
N SER H 373 -62.84 60.05 14.17
CA SER H 373 -64.21 60.08 13.64
C SER H 373 -64.89 58.71 13.76
N GLY H 374 -64.07 57.66 13.84
CA GLY H 374 -64.54 56.30 14.06
C GLY H 374 -64.91 55.59 12.77
N LYS H 375 -64.82 56.31 11.66
CA LYS H 375 -65.14 55.77 10.35
C LYS H 375 -64.02 54.82 9.89
N TYR H 376 -64.21 53.53 10.17
CA TYR H 376 -63.26 52.48 9.80
C TYR H 376 -63.43 52.07 8.33
N ASN H 377 -62.38 51.47 7.78
CA ASN H 377 -62.40 51.00 6.40
C ASN H 377 -63.28 49.76 6.26
N PHE H 378 -64.32 49.86 5.45
CA PHE H 378 -65.28 48.76 5.33
C PHE H 378 -65.40 48.26 3.88
N ILE H 379 -64.76 47.14 3.59
CA ILE H 379 -64.84 46.52 2.27
C ILE H 379 -65.93 45.45 2.27
N PRO H 380 -67.10 45.77 1.66
CA PRO H 380 -68.25 44.88 1.75
C PRO H 380 -67.97 43.46 1.25
N GLU H 381 -67.18 43.36 0.17
CA GLU H 381 -66.84 42.08 -0.47
C GLU H 381 -66.13 41.14 0.48
N VAL H 382 -65.32 41.71 1.36
CA VAL H 382 -64.59 40.92 2.35
C VAL H 382 -65.54 40.50 3.46
N TRP H 383 -66.24 41.49 4.03
CA TRP H 383 -67.19 41.26 5.11
C TRP H 383 -68.45 40.52 4.68
N ALA H 384 -68.58 40.31 3.36
CA ALA H 384 -69.69 39.54 2.80
C ALA H 384 -69.68 38.10 3.29
N GLU H 385 -68.50 37.55 3.53
CA GLU H 385 -68.41 36.21 4.10
C GLU H 385 -67.87 36.21 5.53
N VAL H 386 -68.39 37.12 6.33
CA VAL H 386 -68.19 37.14 7.78
C VAL H 386 -69.57 37.38 8.40
N SER H 387 -69.97 36.51 9.32
CA SER H 387 -71.30 36.55 9.92
C SER H 387 -71.68 37.93 10.46
N GLU H 388 -72.98 38.20 10.52
CA GLU H 388 -73.50 39.47 11.02
C GLU H 388 -73.07 39.77 12.45
N LYS H 389 -73.16 38.75 13.31
CA LYS H 389 -72.82 38.91 14.72
C LYS H 389 -71.34 39.22 14.92
N ALA H 390 -70.48 38.57 14.13
CA ALA H 390 -69.05 38.87 14.14
C ALA H 390 -68.80 40.34 13.83
N LEU H 391 -69.40 40.84 12.74
CA LEU H 391 -69.30 42.25 12.36
C LEU H 391 -69.89 43.16 13.43
N ASP H 392 -70.98 42.70 14.06
CA ASP H 392 -71.65 43.47 15.10
C ASP H 392 -70.81 43.60 16.37
N LEU H 393 -70.11 42.53 16.74
CA LEU H 393 -69.22 42.57 17.90
C LEU H 393 -68.14 43.61 17.68
N VAL H 394 -67.43 43.48 16.55
CA VAL H 394 -66.38 44.42 16.15
C VAL H 394 -66.91 45.85 16.19
N LYS H 395 -68.10 46.06 15.64
CA LYS H 395 -68.76 47.36 15.66
C LYS H 395 -68.87 47.91 17.09
N LYS H 396 -69.45 47.11 17.98
CA LYS H 396 -69.75 47.52 19.35
C LYS H 396 -68.49 47.69 20.18
N LEU H 397 -67.41 47.12 19.66
CA LEU H 397 -66.12 47.15 20.32
C LEU H 397 -65.29 48.34 19.84
N LEU H 398 -65.60 48.87 18.66
CA LEU H 398 -64.83 49.98 18.09
C LEU H 398 -65.55 51.32 18.19
N VAL H 399 -66.32 51.50 19.26
CA VAL H 399 -67.02 52.77 19.49
C VAL H 399 -66.03 53.87 19.87
N VAL H 400 -66.19 55.04 19.25
CA VAL H 400 -65.34 56.20 19.52
C VAL H 400 -65.43 56.66 20.97
N ASP H 401 -66.66 56.75 21.47
CA ASP H 401 -66.90 57.12 22.87
C ASP H 401 -66.61 55.93 23.78
N PRO H 402 -65.61 56.07 24.68
CA PRO H 402 -65.16 54.96 25.53
C PRO H 402 -66.21 54.51 26.54
N LYS H 403 -67.04 55.47 26.98
CA LYS H 403 -68.16 55.21 27.88
C LYS H 403 -69.18 54.30 27.20
N ALA H 404 -69.28 54.40 25.87
CA ALA H 404 -70.22 53.62 25.07
C ALA H 404 -69.63 52.34 24.49
N ARG H 405 -68.30 52.24 24.49
CA ARG H 405 -67.61 51.04 24.03
C ARG H 405 -67.97 49.83 24.89
N PHE H 406 -68.08 48.66 24.26
CA PHE H 406 -68.27 47.39 24.97
C PHE H 406 -67.15 47.14 25.97
N THR H 407 -67.50 46.51 27.09
CA THR H 407 -66.49 46.03 28.04
C THR H 407 -66.22 44.56 27.78
N THR H 408 -65.17 44.02 28.39
CA THR H 408 -64.86 42.58 28.29
C THR H 408 -66.03 41.71 28.74
N GLU H 409 -66.70 42.08 29.83
CA GLU H 409 -67.88 41.31 30.25
C GLU H 409 -68.95 41.36 29.18
N GLU H 410 -69.26 42.56 28.71
CA GLU H 410 -70.28 42.75 27.67
C GLU H 410 -69.95 41.96 26.41
N ALA H 411 -68.68 41.99 26.01
CA ALA H 411 -68.21 41.25 24.85
C ALA H 411 -68.40 39.75 25.00
N LEU H 412 -68.19 39.23 26.20
CA LEU H 412 -68.38 37.80 26.46
C LEU H 412 -69.86 37.38 26.46
N ARG H 413 -70.75 38.35 26.65
CA ARG H 413 -72.20 38.11 26.56
C ARG H 413 -72.72 38.21 25.14
N HIS H 414 -71.89 38.70 24.22
CA HIS H 414 -72.33 38.98 22.86
C HIS H 414 -72.72 37.71 22.12
N PRO H 415 -73.88 37.75 21.43
CA PRO H 415 -74.41 36.63 20.64
C PRO H 415 -73.34 35.80 19.91
N TRP H 416 -72.34 36.47 19.34
CA TRP H 416 -71.30 35.78 18.58
C TRP H 416 -70.56 34.74 19.42
N LEU H 417 -70.27 35.09 20.67
CA LEU H 417 -69.54 34.21 21.58
C LEU H 417 -70.43 33.26 22.35
N GLN H 418 -71.74 33.34 22.10
CA GLN H 418 -72.68 32.38 22.65
C GLN H 418 -72.59 31.09 21.84
N ASP H 419 -71.50 30.37 22.05
CA ASP H 419 -71.16 29.23 21.20
C ASP H 419 -70.49 28.14 22.03
N GLU H 420 -71.29 27.25 22.62
CA GLU H 420 -70.74 26.19 23.48
C GLU H 420 -69.95 25.17 22.70
N ASP H 421 -70.15 25.16 21.38
CA ASP H 421 -69.44 24.27 20.48
C ASP H 421 -67.94 24.55 20.53
N MET H 422 -67.58 25.81 20.40
CA MET H 422 -66.18 26.24 20.50
C MET H 422 -65.71 26.26 21.95
N LYS H 423 -66.63 26.55 22.87
CA LYS H 423 -66.31 26.61 24.29
C LYS H 423 -65.86 25.25 24.80
N ARG H 424 -66.48 24.21 24.26
CA ARG H 424 -66.11 22.84 24.54
C ARG H 424 -64.73 22.54 23.96
N LYS H 425 -64.48 23.06 22.75
CA LYS H 425 -63.17 22.96 22.10
C LYS H 425 -62.07 23.57 22.97
N PHE H 426 -62.40 24.70 23.60
CA PHE H 426 -61.48 25.43 24.46
C PHE H 426 -61.14 24.60 25.70
N GLN H 427 -62.18 24.05 26.34
CA GLN H 427 -62.03 23.17 27.50
C GLN H 427 -61.12 21.99 27.18
N ASP H 428 -61.35 21.38 26.02
CA ASP H 428 -60.51 20.31 25.48
C ASP H 428 -59.03 20.71 25.44
N LEU H 429 -58.78 21.93 24.98
CA LEU H 429 -57.42 22.41 24.82
C LEU H 429 -56.76 22.64 26.16
N LEU H 430 -57.56 22.96 27.17
CA LEU H 430 -57.08 23.09 28.54
C LEU H 430 -56.60 21.75 29.09
N SER H 431 -57.16 20.65 28.58
CA SER H 431 -56.66 19.32 28.87
C SER H 431 -55.43 18.99 28.02
N GLU H 432 -54.32 19.64 28.38
CA GLU H 432 -53.02 19.44 27.76
C GLU H 432 -51.99 20.12 28.66
#